data_4XH2
#
_entry.id   4XH2
#
_cell.length_a   117.580
_cell.length_b   138.120
_cell.length_c   223.510
_cell.angle_alpha   90.00
_cell.angle_beta   90.00
_cell.angle_gamma   90.00
#
_symmetry.space_group_name_H-M   'P 21 21 21'
#
loop_
_entity.id
_entity.type
_entity.pdbx_description
1 polymer 'Fab Heavy Chain'
2 polymer 'Fab Light Chain'
3 polymer 'paxillin LD4'
4 non-polymer GLYCEROL
5 non-polymer 'PHOSPHATE ION'
6 non-polymer 'ACETATE ION'
7 non-polymer 'LAURYL DIMETHYLAMINE-N-OXIDE'
8 non-polymer 'ACETYL GROUP'
9 water water
#
loop_
_entity_poly.entity_id
_entity_poly.type
_entity_poly.pdbx_seq_one_letter_code
_entity_poly.pdbx_strand_id
1 'polypeptide(L)'
;EISEVQLVESGGGLVQPGGSLRLSCAASGFNVSSYSIHWVRQAPGKGLEWVAYISSSSGYTYYADSVKGRFTISADTSKN
TAYLQMNSLRAEDTAVYYCARTWYYGFDYWGQGTLVTVSSASTKGPSVFPLAPSSKSTSGGTAALGCLVKDYFPEPVTVS
WNSGALTSGVHTFPAVLQSSGLYSLSSVVTVPSSSLGTQTYICNVNHKPSNTKVDKKVEPKSCDKTHT
;
A,C,E,G,H,J
2 'polypeptide(L)'
;SDIQMTQSPSSLSASVGDRVTITCRASQSVSSAVAWYQQKPGKAPKLLIYSASSLYSGVPSRFSGSRSGTDFTLTISSLQ
PEDFATYYCQQFKRQKEPITFGQGTKVEIKRTVAAPSVFIFPPSDSQLKSGTASVVCLLNNFYPREAKVQWKVDNALQSG
NSQESVTEQDSKDSTYSLSSTLTLSKADYEKHKVYACEVTHQGLSSPVTKSFNRGEC
;
B,D,F,I,K,L
3 'polypeptide(L)' WGGSATRELDELMASLSD a,c,e,g,h,j
#
loop_
_chem_comp.id
_chem_comp.type
_chem_comp.name
_chem_comp.formula
ACE non-polymer 'ACETYL GROUP' 'C2 H4 O'
ACT non-polymer 'ACETATE ION' 'C2 H3 O2 -1'
GOL non-polymer GLYCEROL 'C3 H8 O3'
LDA non-polymer 'LAURYL DIMETHYLAMINE-N-OXIDE' 'C14 H31 N O'
PO4 non-polymer 'PHOSPHATE ION' 'O4 P -3'
#
# COMPACT_ATOMS: atom_id res chain seq x y z
N SER A 3 -15.43 -45.35 -2.67
CA SER A 3 -15.14 -45.68 -1.25
C SER A 3 -15.26 -47.18 -0.99
N GLU A 4 -14.16 -47.80 -0.56
CA GLU A 4 -14.11 -49.23 -0.25
C GLU A 4 -13.65 -49.50 1.19
N VAL A 5 -12.57 -48.85 1.62
CA VAL A 5 -12.19 -48.81 3.03
C VAL A 5 -12.94 -47.67 3.72
N GLN A 6 -13.43 -47.93 4.93
CA GLN A 6 -14.15 -46.92 5.69
C GLN A 6 -13.96 -47.09 7.21
N LEU A 7 -13.96 -45.96 7.91
CA LEU A 7 -13.89 -45.93 9.37
C LEU A 7 -15.06 -45.13 9.88
N VAL A 8 -15.90 -45.75 10.70
CA VAL A 8 -17.11 -45.10 11.19
C VAL A 8 -17.07 -45.01 12.71
N GLU A 9 -17.11 -43.78 13.22
CA GLU A 9 -17.02 -43.55 14.65
C GLU A 9 -18.37 -43.27 15.27
N SER A 10 -18.45 -43.53 16.57
CA SER A 10 -19.65 -43.24 17.34
C SER A 10 -19.27 -43.23 18.81
N GLY A 11 -20.21 -42.84 19.65
CA GLY A 11 -20.05 -42.85 21.09
C GLY A 11 -19.69 -41.50 21.68
N GLY A 12 -19.59 -40.48 20.83
CA GLY A 12 -19.29 -39.13 21.28
C GLY A 12 -20.48 -38.42 21.89
N GLY A 13 -20.35 -37.12 22.09
CA GLY A 13 -21.39 -36.32 22.71
C GLY A 13 -20.93 -35.74 24.03
N LEU A 14 -21.85 -35.68 24.99
CA LEU A 14 -21.67 -34.84 26.17
C LEU A 14 -21.25 -35.65 27.39
N VAL A 15 -20.49 -35.00 28.27
CA VAL A 15 -19.99 -35.62 29.49
C VAL A 15 -19.52 -34.50 30.42
N GLN A 16 -19.46 -34.79 31.71
CA GLN A 16 -19.04 -33.78 32.68
C GLN A 16 -17.61 -34.02 33.11
N PRO A 17 -16.92 -32.96 33.58
CA PRO A 17 -15.57 -33.16 34.08
C PRO A 17 -15.57 -34.26 35.14
N GLY A 18 -14.62 -35.19 35.03
CA GLY A 18 -14.56 -36.36 35.90
C GLY A 18 -15.26 -37.58 35.35
N GLY A 19 -16.15 -37.39 34.37
CA GLY A 19 -16.88 -38.51 33.76
C GLY A 19 -16.07 -39.30 32.74
N SER A 20 -16.75 -40.24 32.09
CA SER A 20 -16.13 -41.17 31.14
C SER A 20 -17.00 -41.34 29.90
N LEU A 21 -16.35 -41.57 28.76
CA LEU A 21 -17.04 -41.91 27.52
C LEU A 21 -16.25 -42.99 26.80
N ARG A 22 -16.93 -43.76 25.98
CA ARG A 22 -16.26 -44.76 25.17
C ARG A 22 -16.55 -44.48 23.70
N LEU A 23 -15.49 -44.24 22.92
CA LEU A 23 -15.65 -44.08 21.48
C LEU A 23 -15.40 -45.42 20.80
N SER A 24 -16.05 -45.60 19.66
CA SER A 24 -15.91 -46.77 18.80
C SER A 24 -15.41 -46.33 17.44
N CYS A 25 -14.66 -47.20 16.79
CA CYS A 25 -14.20 -46.99 15.42
C CYS A 25 -14.39 -48.29 14.64
N ALA A 26 -15.51 -48.37 13.91
CA ALA A 26 -15.86 -49.56 13.16
C ALA A 26 -15.20 -49.50 11.79
N ALA A 27 -14.40 -50.51 11.47
CA ALA A 27 -13.65 -50.53 10.23
C ALA A 27 -14.31 -51.47 9.22
N SER A 28 -14.33 -51.06 7.95
CA SER A 28 -14.73 -51.95 6.87
C SER A 28 -13.82 -51.79 5.67
N GLY A 29 -13.66 -52.88 4.92
CA GLY A 29 -12.79 -52.92 3.75
C GLY A 29 -11.37 -53.34 4.05
N PHE A 30 -11.07 -53.60 5.32
CA PHE A 30 -9.77 -54.08 5.73
C PHE A 30 -9.88 -54.68 7.13
N ASN A 31 -8.94 -55.55 7.46
CA ASN A 31 -8.91 -56.22 8.75
C ASN A 31 -8.08 -55.41 9.73
N VAL A 32 -8.63 -55.16 10.93
CA VAL A 32 -7.88 -54.39 11.95
C VAL A 32 -6.60 -55.09 12.38
N SER A 33 -6.54 -56.41 12.19
CA SER A 33 -5.34 -57.17 12.52
C SER A 33 -4.24 -57.03 11.46
N SER A 34 -4.56 -56.41 10.32
CA SER A 34 -3.57 -56.14 9.26
C SER A 34 -2.98 -54.72 9.28
N TYR A 35 -3.69 -53.77 9.88
CA TYR A 35 -3.23 -52.37 9.97
C TYR A 35 -3.43 -51.81 11.36
N SER A 36 -2.41 -51.14 11.88
CA SER A 36 -2.53 -50.44 13.16
C SER A 36 -3.48 -49.23 13.04
N ILE A 37 -4.05 -48.84 14.16
CA ILE A 37 -5.06 -47.79 14.20
C ILE A 37 -4.74 -46.77 15.28
N HIS A 38 -5.08 -45.51 15.01
CA HIS A 38 -4.76 -44.40 15.88
C HIS A 38 -5.99 -43.61 16.19
N TRP A 39 -5.96 -42.94 17.34
CA TRP A 39 -6.91 -41.86 17.60
C TRP A 39 -6.20 -40.55 17.54
N VAL A 40 -6.85 -39.56 16.93
CA VAL A 40 -6.32 -38.21 16.81
C VAL A 40 -7.45 -37.25 17.15
N ARG A 41 -7.15 -36.19 17.89
CA ARG A 41 -8.17 -35.23 18.24
C ARG A 41 -7.85 -33.79 17.87
N GLN A 42 -8.89 -32.96 17.86
CA GLN A 42 -8.76 -31.57 17.46
C GLN A 42 -9.73 -30.70 18.22
N ALA A 43 -9.20 -29.84 19.08
CA ALA A 43 -10.03 -28.85 19.78
C ALA A 43 -10.53 -27.81 18.77
N PRO A 44 -11.72 -27.23 19.01
CA PRO A 44 -12.27 -26.21 18.10
C PRO A 44 -11.23 -25.13 17.77
N GLY A 45 -11.03 -24.86 16.49
CA GLY A 45 -10.06 -23.85 16.05
C GLY A 45 -8.58 -24.16 16.27
N LYS A 46 -8.28 -25.37 16.73
CA LYS A 46 -6.89 -25.74 17.05
C LYS A 46 -6.40 -26.82 16.10
N GLY A 47 -5.13 -27.21 16.26
CA GLY A 47 -4.50 -28.21 15.42
C GLY A 47 -4.86 -29.64 15.78
N LEU A 48 -4.29 -30.57 15.02
CA LEU A 48 -4.44 -32.00 15.26
C LEU A 48 -3.51 -32.46 16.36
N GLU A 49 -4.03 -33.27 17.29
CA GLU A 49 -3.22 -33.88 18.34
C GLU A 49 -3.35 -35.39 18.32
N TRP A 50 -2.24 -36.07 18.06
CA TRP A 50 -2.21 -37.52 18.13
C TRP A 50 -2.30 -37.91 19.59
N VAL A 51 -3.12 -38.91 19.89
CA VAL A 51 -3.33 -39.29 21.31
C VAL A 51 -3.10 -40.78 21.62
N ALA A 52 -3.43 -41.69 20.71
CA ALA A 52 -3.19 -43.11 20.98
C ALA A 52 -2.99 -43.95 19.74
N TYR A 53 -2.39 -45.13 19.96
CA TYR A 53 -2.02 -46.06 18.90
C TYR A 53 -2.26 -47.49 19.39
N ILE A 54 -2.74 -48.35 18.50
CA ILE A 54 -2.82 -49.79 18.77
C ILE A 54 -2.54 -50.67 17.54
N SER A 55 -1.64 -51.63 17.72
CA SER A 55 -1.57 -52.79 16.85
C SER A 55 -2.50 -53.86 17.40
N SER A 56 -3.55 -54.19 16.66
CA SER A 56 -4.50 -55.22 17.09
C SER A 56 -3.88 -56.61 17.07
N SER A 57 -3.01 -56.88 16.09
CA SER A 57 -2.37 -58.19 16.01
C SER A 57 -1.37 -58.44 17.15
N SER A 58 -0.43 -57.52 17.36
CA SER A 58 0.53 -57.63 18.47
C SER A 58 -0.07 -57.30 19.83
N GLY A 59 -0.98 -56.33 19.87
CA GLY A 59 -1.53 -55.81 21.11
C GLY A 59 -0.84 -54.58 21.66
N TYR A 60 0.27 -54.19 21.04
CA TYR A 60 1.03 -53.04 21.47
C TYR A 60 0.16 -51.76 21.47
N THR A 61 0.23 -51.00 22.57
CA THR A 61 -0.50 -49.76 22.69
C THR A 61 0.45 -48.66 23.16
N TYR A 62 0.16 -47.43 22.75
CA TYR A 62 0.94 -46.27 23.16
C TYR A 62 0.00 -45.08 23.28
N TYR A 63 0.28 -44.23 24.25
CA TYR A 63 -0.51 -43.03 24.51
C TYR A 63 0.35 -41.80 24.56
N ALA A 64 -0.19 -40.69 24.06
CA ALA A 64 0.40 -39.37 24.31
C ALA A 64 0.31 -39.09 25.80
N ASP A 65 1.35 -38.45 26.35
CA ASP A 65 1.36 -38.05 27.77
C ASP A 65 0.17 -37.22 28.19
N SER A 66 -0.43 -36.47 27.24
CA SER A 66 -1.61 -35.68 27.54
C SER A 66 -2.82 -36.52 27.93
N VAL A 67 -2.84 -37.80 27.57
CA VAL A 67 -3.94 -38.70 27.93
C VAL A 67 -3.51 -39.94 28.74
N LYS A 68 -2.21 -40.14 28.87
CA LYS A 68 -1.67 -41.34 29.52
C LYS A 68 -2.23 -41.47 30.92
N GLY A 69 -2.64 -42.69 31.28
CA GLY A 69 -3.23 -42.95 32.58
C GLY A 69 -4.73 -42.71 32.65
N ARG A 70 -5.28 -41.99 31.67
CA ARG A 70 -6.72 -41.68 31.66
C ARG A 70 -7.48 -42.39 30.55
N PHE A 71 -6.85 -42.52 29.37
CA PHE A 71 -7.50 -43.15 28.22
C PHE A 71 -6.97 -44.58 28.04
N THR A 72 -7.83 -45.48 27.58
CA THR A 72 -7.39 -46.82 27.18
C THR A 72 -7.84 -47.10 25.76
N ILE A 73 -6.89 -47.52 24.92
CA ILE A 73 -7.19 -47.91 23.55
C ILE A 73 -7.24 -49.42 23.52
N SER A 74 -8.16 -49.96 22.74
CA SER A 74 -8.32 -51.41 22.64
C SER A 74 -9.00 -51.77 21.32
N ALA A 75 -9.04 -53.06 21.01
CA ALA A 75 -9.72 -53.51 19.79
C ALA A 75 -10.37 -54.86 19.97
N ASP A 76 -11.49 -55.04 19.27
CA ASP A 76 -12.14 -56.33 19.20
C ASP A 76 -12.05 -56.78 17.75
N THR A 77 -11.14 -57.71 17.48
CA THR A 77 -10.88 -58.13 16.09
C THR A 77 -12.09 -58.84 15.48
N SER A 78 -12.93 -59.45 16.30
CA SER A 78 -14.09 -60.18 15.81
C SER A 78 -15.18 -59.22 15.30
N LYS A 79 -15.32 -58.06 15.95
CA LYS A 79 -16.18 -56.99 15.43
C LYS A 79 -15.42 -55.99 14.54
N ASN A 80 -14.14 -56.23 14.30
CA ASN A 80 -13.33 -55.34 13.47
C ASN A 80 -13.47 -53.87 13.91
N THR A 81 -13.44 -53.64 15.23
CA THR A 81 -13.67 -52.33 15.79
C THR A 81 -12.59 -51.96 16.81
N ALA A 82 -12.13 -50.71 16.76
CA ALA A 82 -11.22 -50.17 17.78
C ALA A 82 -12.01 -49.28 18.72
N TYR A 83 -11.53 -49.15 19.96
CA TYR A 83 -12.20 -48.33 20.96
C TYR A 83 -11.24 -47.37 21.67
N LEU A 84 -11.77 -46.25 22.14
CA LEU A 84 -11.06 -45.37 23.06
C LEU A 84 -11.90 -45.15 24.33
N GLN A 85 -11.45 -45.76 25.43
CA GLN A 85 -12.07 -45.55 26.73
C GLN A 85 -11.44 -44.30 27.35
N MET A 86 -12.26 -43.28 27.61
CA MET A 86 -11.78 -42.02 28.16
C MET A 86 -12.35 -41.83 29.56
N ASN A 87 -11.49 -41.95 30.59
CA ASN A 87 -11.88 -41.65 31.97
C ASN A 87 -11.30 -40.31 32.42
N SER A 88 -11.76 -39.85 33.59
CA SER A 88 -11.30 -38.60 34.22
C SER A 88 -11.21 -37.45 33.21
N LEU A 89 -12.30 -37.23 32.49
CA LEU A 89 -12.32 -36.21 31.45
C LEU A 89 -12.29 -34.78 32.01
N ARG A 90 -11.68 -33.89 31.25
CA ARG A 90 -11.53 -32.47 31.60
C ARG A 90 -12.07 -31.60 30.46
N ALA A 91 -12.35 -30.34 30.76
CA ALA A 91 -12.76 -29.35 29.75
C ALA A 91 -11.85 -29.40 28.52
N GLU A 92 -10.55 -29.52 28.76
CA GLU A 92 -9.53 -29.49 27.71
C GLU A 92 -9.48 -30.73 26.83
N ASP A 93 -10.26 -31.75 27.15
CA ASP A 93 -10.44 -32.91 26.29
C ASP A 93 -11.55 -32.71 25.26
N THR A 94 -12.24 -31.57 25.33
CA THR A 94 -13.26 -31.21 24.36
C THR A 94 -12.62 -31.11 22.98
N ALA A 95 -13.13 -31.89 22.03
CA ALA A 95 -12.57 -31.93 20.70
C ALA A 95 -13.38 -32.86 19.78
N VAL A 96 -13.04 -32.81 18.50
CA VAL A 96 -13.49 -33.81 17.57
C VAL A 96 -12.46 -34.93 17.63
N TYR A 97 -12.90 -36.15 17.89
CA TYR A 97 -12.04 -37.33 17.93
C TYR A 97 -12.14 -38.08 16.62
N TYR A 98 -10.99 -38.34 16.00
CA TYR A 98 -10.89 -39.14 14.79
C TYR A 98 -10.14 -40.44 15.08
N CYS A 99 -10.53 -41.51 14.40
CA CYS A 99 -9.63 -42.64 14.27
C CYS A 99 -9.07 -42.67 12.86
N ALA A 100 -7.92 -43.30 12.70
CA ALA A 100 -7.22 -43.27 11.43
C ALA A 100 -6.32 -44.48 11.31
N ARG A 101 -6.08 -44.91 10.09
CA ARG A 101 -5.34 -46.12 9.80
C ARG A 101 -3.92 -45.82 9.35
N THR A 102 -2.98 -46.66 9.80
CA THR A 102 -1.58 -46.60 9.37
C THR A 102 -1.40 -46.90 7.90
N TRP A 103 -0.59 -46.06 7.24
CA TRP A 103 -0.20 -46.27 5.86
C TRP A 103 1.24 -45.84 5.70
N TYR A 104 2.15 -46.82 5.80
CA TYR A 104 3.59 -46.53 5.81
C TYR A 104 3.82 -45.43 6.86
N TYR A 105 4.69 -44.45 6.60
CA TYR A 105 4.74 -43.30 7.50
C TYR A 105 3.68 -42.27 7.13
N GLY A 106 2.47 -42.50 7.62
CA GLY A 106 1.30 -41.70 7.26
C GLY A 106 0.04 -42.39 7.73
N PHE A 107 -1.05 -41.61 7.84
CA PHE A 107 -2.37 -42.16 8.15
C PHE A 107 -3.24 -41.97 6.91
N ASP A 108 -3.62 -43.06 6.22
CA ASP A 108 -4.40 -42.90 4.97
C ASP A 108 -5.89 -42.67 5.13
N TYR A 109 -6.58 -43.55 5.87
CA TYR A 109 -8.02 -43.44 6.04
C TYR A 109 -8.36 -42.88 7.40
N TRP A 110 -9.34 -41.98 7.43
CA TRP A 110 -9.75 -41.29 8.64
C TRP A 110 -11.23 -41.42 8.78
N GLY A 111 -11.71 -41.56 10.01
CA GLY A 111 -13.15 -41.55 10.26
C GLY A 111 -13.69 -40.13 10.12
N GLN A 112 -15.00 -39.99 10.26
CA GLN A 112 -15.67 -38.70 10.03
C GLN A 112 -15.51 -37.72 11.20
N GLY A 113 -15.08 -38.22 12.35
CA GLY A 113 -14.98 -37.41 13.55
C GLY A 113 -16.26 -37.49 14.36
N THR A 114 -16.12 -37.50 15.68
CA THR A 114 -17.25 -37.38 16.60
C THR A 114 -16.88 -36.33 17.64
N LEU A 115 -17.79 -35.38 17.89
CA LEU A 115 -17.53 -34.28 18.81
C LEU A 115 -17.72 -34.78 20.23
N VAL A 116 -16.76 -34.47 21.09
CA VAL A 116 -16.88 -34.75 22.51
C VAL A 116 -16.82 -33.41 23.22
N THR A 117 -17.88 -33.10 23.98
CA THR A 117 -17.90 -31.87 24.73
C THR A 117 -17.93 -32.19 26.22
N VAL A 118 -16.87 -31.80 26.90
CA VAL A 118 -16.75 -32.00 28.35
C VAL A 118 -17.07 -30.68 29.03
N SER A 119 -18.24 -30.62 29.65
CA SER A 119 -18.70 -29.43 30.35
C SER A 119 -19.60 -29.79 31.53
N SER A 120 -19.73 -28.87 32.49
CA SER A 120 -20.70 -29.05 33.56
C SER A 120 -22.07 -28.50 33.17
N ALA A 121 -22.17 -27.89 31.98
CA ALA A 121 -23.45 -27.35 31.49
C ALA A 121 -24.44 -28.44 31.16
N SER A 122 -25.71 -28.13 31.38
CA SER A 122 -26.83 -28.97 30.93
C SER A 122 -27.35 -28.47 29.60
N THR A 123 -27.96 -29.37 28.84
CA THR A 123 -28.49 -29.05 27.50
C THR A 123 -29.59 -27.99 27.59
N LYS A 124 -29.42 -26.91 26.84
CA LYS A 124 -30.33 -25.76 26.93
C LYS A 124 -30.53 -25.11 25.55
N GLY A 125 -31.78 -24.84 25.21
CA GLY A 125 -32.12 -24.17 23.95
C GLY A 125 -31.76 -22.70 24.00
N PRO A 126 -31.52 -22.09 22.81
CA PRO A 126 -31.15 -20.67 22.75
C PRO A 126 -32.33 -19.72 22.93
N SER A 127 -32.07 -18.55 23.51
CA SER A 127 -32.92 -17.39 23.35
C SER A 127 -32.49 -16.68 22.07
N VAL A 128 -33.45 -16.25 21.27
CA VAL A 128 -33.16 -15.59 19.99
C VAL A 128 -33.66 -14.15 20.02
N PHE A 129 -32.79 -13.20 19.68
CA PHE A 129 -33.12 -11.79 19.73
C PHE A 129 -32.85 -11.15 18.37
N PRO A 130 -33.69 -10.19 17.95
CA PRO A 130 -33.49 -9.56 16.65
C PRO A 130 -32.35 -8.54 16.69
N LEU A 131 -31.62 -8.46 15.58
CA LEU A 131 -30.65 -7.39 15.34
C LEU A 131 -31.32 -6.50 14.30
N ALA A 132 -31.98 -5.46 14.79
CA ALA A 132 -32.88 -4.64 13.96
C ALA A 132 -32.09 -3.75 13.02
N PRO A 133 -32.52 -3.67 11.75
CA PRO A 133 -31.80 -2.82 10.81
C PRO A 133 -31.89 -1.34 11.17
N SER A 134 -30.83 -0.61 10.83
CA SER A 134 -30.76 0.81 11.08
C SER A 134 -31.84 1.53 10.27
N SER A 135 -32.72 2.24 10.99
CA SER A 135 -33.74 3.07 10.36
C SER A 135 -33.12 4.24 9.58
N LYS A 136 -31.93 4.66 10.01
CA LYS A 136 -31.13 5.64 9.28
C LYS A 136 -30.32 4.92 8.18
N SER A 137 -31.03 4.27 7.25
CA SER A 137 -30.41 3.50 6.17
C SER A 137 -30.33 4.33 4.86
N THR A 138 -31.43 4.70 4.20
CA THR A 138 -32.84 4.36 4.54
C THR A 138 -33.60 3.83 3.30
N SER A 139 -33.59 4.62 2.22
CA SER A 139 -34.14 4.19 0.92
C SER A 139 -33.09 3.43 0.11
N GLY A 140 -31.86 3.92 0.13
CA GLY A 140 -30.68 3.18 -0.35
C GLY A 140 -29.57 3.24 0.70
N GLY A 141 -28.49 2.46 0.55
CA GLY A 141 -28.31 1.48 -0.51
C GLY A 141 -28.41 0.08 0.07
N THR A 142 -27.51 -0.23 1.02
CA THR A 142 -27.45 -1.57 1.65
C THR A 142 -27.64 -1.51 3.15
N ALA A 143 -28.56 -2.35 3.64
CA ALA A 143 -28.83 -2.48 5.07
C ALA A 143 -28.38 -3.85 5.57
N ALA A 144 -28.12 -3.92 6.88
CA ALA A 144 -27.81 -5.18 7.54
C ALA A 144 -28.84 -5.44 8.63
N LEU A 145 -29.12 -6.72 8.83
CA LEU A 145 -29.97 -7.16 9.91
C LEU A 145 -29.55 -8.57 10.26
N GLY A 146 -30.00 -9.03 11.41
CA GLY A 146 -29.58 -10.33 11.90
C GLY A 146 -30.38 -10.84 13.09
N CYS A 147 -29.95 -11.97 13.63
CA CYS A 147 -30.45 -12.49 14.90
C CYS A 147 -29.29 -12.87 15.80
N LEU A 148 -29.43 -12.58 17.10
CA LEU A 148 -28.51 -13.04 18.13
C LEU A 148 -29.05 -14.31 18.76
N VAL A 149 -28.30 -15.40 18.62
CA VAL A 149 -28.67 -16.72 19.14
C VAL A 149 -27.83 -16.99 20.40
N LYS A 150 -28.45 -16.86 21.57
CA LYS A 150 -27.71 -16.70 22.81
C LYS A 150 -28.07 -17.72 23.89
N ASP A 151 -27.05 -18.14 24.63
CA ASP A 151 -27.17 -18.97 25.84
C ASP A 151 -27.69 -20.37 25.57
N TYR A 152 -27.00 -21.09 24.69
CA TYR A 152 -27.37 -22.46 24.37
C TYR A 152 -26.22 -23.43 24.62
N PHE A 153 -26.58 -24.68 24.85
CA PHE A 153 -25.61 -25.75 25.02
C PHE A 153 -26.21 -27.09 24.63
N PRO A 154 -25.46 -27.94 23.89
CA PRO A 154 -24.14 -27.76 23.30
C PRO A 154 -24.24 -27.23 21.88
N GLU A 155 -23.12 -27.16 21.17
CA GLU A 155 -23.13 -27.00 19.72
C GLU A 155 -23.74 -28.26 19.09
N PRO A 156 -24.32 -28.14 17.88
CA PRO A 156 -24.41 -26.94 17.06
C PRO A 156 -25.80 -26.32 17.01
N VAL A 157 -25.87 -25.12 16.43
CA VAL A 157 -27.13 -24.49 16.03
C VAL A 157 -27.07 -24.30 14.52
N THR A 158 -28.21 -24.42 13.84
CA THR A 158 -28.29 -23.99 12.43
C THR A 158 -29.20 -22.77 12.35
N VAL A 159 -28.85 -21.83 11.48
CA VAL A 159 -29.72 -20.69 11.20
C VAL A 159 -29.96 -20.57 9.69
N SER A 160 -31.23 -20.48 9.30
CA SER A 160 -31.59 -20.14 7.94
C SER A 160 -32.39 -18.84 7.97
N TRP A 161 -32.64 -18.28 6.78
CA TRP A 161 -33.40 -17.04 6.63
C TRP A 161 -34.52 -17.23 5.65
N ASN A 162 -35.68 -16.69 6.01
CA ASN A 162 -36.91 -16.86 5.25
C ASN A 162 -37.07 -18.31 4.76
N SER A 163 -36.89 -19.24 5.69
CA SER A 163 -37.03 -20.68 5.46
C SER A 163 -36.13 -21.21 4.34
N GLY A 164 -34.99 -20.57 4.12
CA GLY A 164 -34.03 -21.00 3.09
C GLY A 164 -34.20 -20.32 1.75
N ALA A 165 -35.19 -19.43 1.66
CA ALA A 165 -35.42 -18.65 0.44
C ALA A 165 -34.38 -17.53 0.31
N LEU A 166 -33.85 -17.08 1.45
CA LEU A 166 -32.84 -16.03 1.48
C LEU A 166 -31.49 -16.60 1.91
N THR A 167 -30.54 -16.61 0.97
CA THR A 167 -29.21 -17.19 1.19
C THR A 167 -28.06 -16.25 0.79
N SER A 168 -28.29 -15.39 -0.18
CA SER A 168 -27.26 -14.45 -0.62
C SER A 168 -27.01 -13.40 0.46
N GLY A 169 -25.74 -13.23 0.83
CA GLY A 169 -25.36 -12.22 1.80
C GLY A 169 -25.50 -12.63 3.24
N VAL A 170 -25.85 -13.88 3.51
CA VAL A 170 -25.97 -14.39 4.88
C VAL A 170 -24.60 -14.74 5.45
N HIS A 171 -24.32 -14.29 6.68
CA HIS A 171 -23.15 -14.74 7.45
C HIS A 171 -23.58 -15.22 8.81
N THR A 172 -23.41 -16.51 9.08
CA THR A 172 -23.64 -17.04 10.41
C THR A 172 -22.27 -17.29 11.04
N PHE A 173 -21.99 -16.58 12.12
CA PHE A 173 -20.67 -16.56 12.72
C PHE A 173 -20.41 -17.80 13.56
N PRO A 174 -19.13 -18.20 13.68
CA PRO A 174 -18.78 -19.24 14.66
C PRO A 174 -19.19 -18.85 16.07
N ALA A 175 -19.72 -19.82 16.81
CA ALA A 175 -20.13 -19.57 18.19
C ALA A 175 -18.92 -19.29 19.07
N VAL A 176 -19.11 -18.46 20.08
CA VAL A 176 -18.15 -18.28 21.15
C VAL A 176 -18.70 -18.90 22.44
N LEU A 177 -17.83 -19.55 23.19
CA LEU A 177 -18.18 -20.09 24.48
C LEU A 177 -18.04 -18.96 25.50
N GLN A 178 -19.15 -18.58 26.12
CA GLN A 178 -19.13 -17.55 27.16
C GLN A 178 -18.63 -18.13 28.47
N SER A 179 -18.31 -17.25 29.42
CA SER A 179 -17.83 -17.68 30.74
C SER A 179 -18.90 -18.44 31.53
N SER A 180 -20.17 -18.25 31.17
CA SER A 180 -21.26 -19.06 31.72
C SER A 180 -21.17 -20.54 31.32
N GLY A 181 -20.36 -20.87 30.31
CA GLY A 181 -20.30 -22.22 29.77
C GLY A 181 -21.36 -22.47 28.72
N LEU A 182 -22.14 -21.45 28.37
CA LEU A 182 -23.14 -21.50 27.33
C LEU A 182 -22.58 -20.81 26.08
N TYR A 183 -23.08 -21.21 24.90
CA TYR A 183 -22.63 -20.63 23.64
C TYR A 183 -23.50 -19.47 23.17
N SER A 184 -22.95 -18.70 22.24
CA SER A 184 -23.65 -17.58 21.65
C SER A 184 -23.10 -17.29 20.28
N LEU A 185 -23.99 -17.06 19.31
CA LEU A 185 -23.58 -16.66 17.97
C LEU A 185 -24.59 -15.68 17.35
N SER A 186 -24.15 -14.97 16.32
CA SER A 186 -25.03 -14.10 15.56
C SER A 186 -25.09 -14.60 14.13
N SER A 187 -26.24 -14.37 13.50
CA SER A 187 -26.38 -14.57 12.08
C SER A 187 -26.87 -13.26 11.50
N VAL A 188 -26.26 -12.83 10.40
CA VAL A 188 -26.60 -11.54 9.80
C VAL A 188 -26.83 -11.71 8.30
N VAL A 189 -27.51 -10.74 7.70
CA VAL A 189 -27.67 -10.72 6.24
C VAL A 189 -27.76 -9.27 5.77
N THR A 190 -27.16 -8.98 4.61
CA THR A 190 -27.29 -7.68 3.99
C THR A 190 -28.33 -7.74 2.86
N VAL A 191 -29.20 -6.74 2.82
CA VAL A 191 -30.26 -6.63 1.83
C VAL A 191 -30.34 -5.17 1.34
N PRO A 192 -31.01 -4.94 0.21
CA PRO A 192 -31.26 -3.54 -0.16
C PRO A 192 -32.03 -2.80 0.92
N SER A 193 -31.68 -1.55 1.17
CA SER A 193 -32.37 -0.72 2.16
C SER A 193 -33.82 -0.44 1.77
N SER A 194 -34.07 -0.37 0.46
CA SER A 194 -35.41 -0.17 -0.07
C SER A 194 -36.35 -1.33 0.29
N SER A 195 -35.77 -2.53 0.44
CA SER A 195 -36.53 -3.73 0.82
C SER A 195 -36.93 -3.82 2.31
N LEU A 196 -36.42 -2.92 3.15
CA LEU A 196 -36.72 -2.97 4.59
C LEU A 196 -38.18 -2.68 4.93
N GLY A 197 -38.85 -1.88 4.10
CA GLY A 197 -40.25 -1.56 4.32
C GLY A 197 -41.20 -2.49 3.56
N THR A 198 -40.65 -3.34 2.70
CA THR A 198 -41.45 -4.09 1.73
C THR A 198 -41.31 -5.62 1.81
N GLN A 199 -40.34 -6.11 2.60
CA GLN A 199 -40.10 -7.55 2.71
C GLN A 199 -39.87 -7.96 4.17
N THR A 200 -40.58 -8.99 4.62
CA THR A 200 -40.39 -9.55 5.96
C THR A 200 -39.13 -10.44 6.01
N TYR A 201 -38.36 -10.31 7.08
CA TYR A 201 -37.15 -11.10 7.28
C TYR A 201 -37.29 -11.86 8.58
N ILE A 202 -37.13 -13.18 8.50
CA ILE A 202 -37.32 -14.07 9.65
C ILE A 202 -36.15 -15.02 9.71
N CYS A 203 -35.47 -15.08 10.86
CA CYS A 203 -34.43 -16.09 11.04
C CYS A 203 -35.05 -17.34 11.63
N ASN A 204 -34.64 -18.50 11.13
CA ASN A 204 -35.15 -19.79 11.60
C ASN A 204 -34.01 -20.52 12.29
N VAL A 205 -34.06 -20.52 13.61
CA VAL A 205 -33.00 -21.06 14.45
C VAL A 205 -33.41 -22.44 14.97
N ASN A 206 -32.58 -23.44 14.69
CA ASN A 206 -32.83 -24.81 15.09
C ASN A 206 -31.72 -25.29 16.02
N HIS A 207 -32.10 -25.68 17.24
CA HIS A 207 -31.16 -26.31 18.18
C HIS A 207 -31.59 -27.73 18.46
N LYS A 208 -31.06 -28.64 17.64
CA LYS A 208 -31.49 -30.03 17.63
C LYS A 208 -31.28 -30.76 18.97
N PRO A 209 -30.14 -30.49 19.65
CA PRO A 209 -29.89 -31.16 20.93
C PRO A 209 -30.97 -30.96 21.99
N SER A 210 -31.64 -29.81 21.97
CA SER A 210 -32.67 -29.48 22.94
C SER A 210 -34.08 -29.64 22.39
N ASN A 211 -34.17 -30.01 21.11
CA ASN A 211 -35.45 -30.03 20.39
C ASN A 211 -36.14 -28.67 20.45
N THR A 212 -35.35 -27.62 20.21
CA THR A 212 -35.83 -26.23 20.18
C THR A 212 -35.71 -25.73 18.76
N LYS A 213 -36.76 -25.06 18.29
CA LYS A 213 -36.73 -24.34 17.00
C LYS A 213 -37.46 -23.01 17.18
N VAL A 214 -36.77 -21.92 16.89
CA VAL A 214 -37.34 -20.57 17.02
C VAL A 214 -37.26 -19.82 15.68
N ASP A 215 -38.39 -19.27 15.23
CA ASP A 215 -38.41 -18.29 14.14
C ASP A 215 -38.61 -16.91 14.73
N LYS A 216 -37.74 -15.97 14.37
CA LYS A 216 -37.83 -14.61 14.87
C LYS A 216 -37.94 -13.66 13.69
N LYS A 217 -38.98 -12.84 13.71
CA LYS A 217 -39.19 -11.78 12.75
C LYS A 217 -38.27 -10.63 13.11
N VAL A 218 -37.50 -10.15 12.15
CA VAL A 218 -36.58 -9.04 12.39
C VAL A 218 -37.05 -7.82 11.61
N GLU A 219 -37.53 -6.80 12.31
CA GLU A 219 -38.10 -5.61 11.66
C GLU A 219 -37.42 -4.31 12.10
N PRO A 220 -37.52 -3.25 11.28
CA PRO A 220 -36.82 -1.98 11.57
C PRO A 220 -37.21 -1.34 12.90
N LYS A 221 -36.49 -0.27 13.26
CA LYS A 221 -36.58 0.36 14.58
C LYS A 221 -38.02 0.66 15.07
N SER A 222 -38.75 1.62 14.47
CA SER A 222 -38.31 2.43 13.34
C SER A 222 -37.80 3.81 13.80
N MET B 5 0.29 -25.99 22.45
CA MET B 5 0.34 -27.42 22.85
C MET B 5 -1.06 -27.99 23.13
N THR B 6 -1.94 -28.09 22.13
CA THR B 6 -1.71 -27.64 20.74
C THR B 6 -2.15 -26.17 20.59
N GLN B 7 -2.24 -25.67 19.36
CA GLN B 7 -2.52 -24.24 19.14
C GLN B 7 -3.22 -23.95 17.81
N SER B 8 -3.54 -22.68 17.60
CA SER B 8 -4.18 -22.22 16.37
C SER B 8 -3.21 -22.24 15.18
N PRO B 9 -3.75 -22.45 13.97
CA PRO B 9 -2.89 -22.48 12.78
C PRO B 9 -2.30 -21.11 12.49
N SER B 10 -1.10 -21.08 11.92
CA SER B 10 -0.51 -19.86 11.42
C SER B 10 -1.06 -19.60 10.02
N SER B 11 -0.78 -18.42 9.48
CA SER B 11 -1.44 -17.99 8.25
C SER B 11 -0.42 -17.63 7.17
N LEU B 12 -0.76 -17.95 5.94
CA LEU B 12 0.05 -17.66 4.78
C LEU B 12 -0.88 -17.20 3.66
N SER B 13 -0.65 -16.00 3.14
CA SER B 13 -1.47 -15.46 2.06
C SER B 13 -0.78 -15.74 0.75
N ALA B 14 -1.54 -16.25 -0.23
CA ALA B 14 -1.01 -16.51 -1.54
C ALA B 14 -2.08 -16.30 -2.61
N SER B 15 -1.63 -15.95 -3.81
CA SER B 15 -2.50 -15.79 -4.97
C SER B 15 -2.64 -17.12 -5.70
N VAL B 16 -3.77 -17.31 -6.35
CA VAL B 16 -3.94 -18.47 -7.20
C VAL B 16 -2.77 -18.49 -8.19
N GLY B 17 -2.23 -19.68 -8.43
CA GLY B 17 -1.07 -19.81 -9.29
C GLY B 17 0.27 -19.76 -8.56
N ASP B 18 0.33 -19.23 -7.33
CA ASP B 18 1.61 -19.13 -6.62
C ASP B 18 2.19 -20.49 -6.29
N ARG B 19 3.50 -20.51 -6.11
CA ARG B 19 4.23 -21.69 -5.67
C ARG B 19 4.46 -21.54 -4.17
N VAL B 20 4.20 -22.61 -3.42
CA VAL B 20 4.32 -22.61 -1.96
C VAL B 20 5.13 -23.82 -1.50
N THR B 21 6.12 -23.56 -0.64
CA THR B 21 6.91 -24.60 -0.03
C THR B 21 6.83 -24.46 1.49
N ILE B 22 6.23 -25.44 2.17
CA ILE B 22 6.09 -25.41 3.61
C ILE B 22 7.18 -26.31 4.21
N THR B 23 7.86 -25.81 5.24
CA THR B 23 8.89 -26.57 5.94
C THR B 23 8.35 -27.09 7.28
N CYS B 24 8.57 -28.36 7.57
CA CYS B 24 8.08 -28.96 8.82
C CYS B 24 8.95 -28.48 9.98
N ARG B 25 8.33 -27.73 10.91
CA ARG B 25 9.09 -27.03 11.96
C ARG B 25 9.74 -28.00 12.92
N SER B 29 15.34 -32.59 18.24
CA SER B 29 14.80 -33.93 18.01
C SER B 29 14.50 -34.18 16.52
N VAL B 30 15.39 -34.90 15.84
CA VAL B 30 15.30 -35.11 14.40
C VAL B 30 14.37 -36.29 14.08
N SER B 31 13.64 -36.17 12.97
CA SER B 31 12.60 -37.11 12.59
C SER B 31 13.08 -38.11 11.55
N SER B 32 12.57 -39.33 11.64
CA SER B 32 12.88 -40.38 10.68
C SER B 32 12.12 -40.13 9.37
N ALA B 33 10.84 -39.78 9.51
CA ALA B 33 9.96 -39.60 8.37
C ALA B 33 8.89 -38.56 8.70
N VAL B 34 8.23 -38.04 7.67
CA VAL B 34 7.21 -37.02 7.83
C VAL B 34 6.06 -37.32 6.86
N ALA B 35 4.84 -36.99 7.26
CA ALA B 35 3.68 -37.07 6.37
C ALA B 35 3.03 -35.70 6.32
N TRP B 36 2.32 -35.42 5.23
CA TRP B 36 1.64 -34.15 5.05
C TRP B 36 0.18 -34.30 4.81
N TYR B 37 -0.60 -33.43 5.44
CA TYR B 37 -2.04 -33.47 5.35
C TYR B 37 -2.63 -32.12 4.95
N GLN B 38 -3.74 -32.20 4.22
CA GLN B 38 -4.60 -31.08 3.92
C GLN B 38 -5.91 -31.25 4.69
N GLN B 39 -6.41 -30.17 5.27
CA GLN B 39 -7.71 -30.19 5.93
C GLN B 39 -8.50 -28.94 5.62
N LYS B 40 -9.78 -29.12 5.34
CA LYS B 40 -10.71 -28.03 5.12
C LYS B 40 -11.74 -28.01 6.24
N PRO B 41 -12.34 -26.83 6.52
CA PRO B 41 -13.28 -26.68 7.63
C PRO B 41 -14.38 -27.74 7.66
N GLY B 42 -14.58 -28.32 8.83
CA GLY B 42 -15.60 -29.33 9.04
C GLY B 42 -15.32 -30.66 8.35
N LYS B 43 -14.10 -30.85 7.86
CA LYS B 43 -13.74 -32.10 7.20
C LYS B 43 -12.59 -32.79 7.91
N ALA B 44 -12.50 -34.10 7.70
CA ALA B 44 -11.37 -34.89 8.15
C ALA B 44 -10.12 -34.50 7.38
N PRO B 45 -8.94 -34.56 8.03
CA PRO B 45 -7.69 -34.40 7.28
C PRO B 45 -7.59 -35.40 6.15
N LYS B 46 -6.85 -35.01 5.10
CA LYS B 46 -6.65 -35.82 3.92
C LYS B 46 -5.14 -35.97 3.73
N LEU B 47 -4.67 -37.20 3.53
CA LEU B 47 -3.24 -37.48 3.36
C LEU B 47 -2.76 -37.08 1.96
N LEU B 48 -1.66 -36.33 1.89
CA LEU B 48 -1.10 -35.89 0.61
C LEU B 48 0.16 -36.67 0.26
N ILE B 49 1.11 -36.62 1.18
CA ILE B 49 2.42 -37.20 1.00
C ILE B 49 2.70 -38.07 2.23
N TYR B 50 3.14 -39.30 2.02
CA TYR B 50 3.62 -40.16 3.11
C TYR B 50 5.10 -40.50 2.93
N SER B 51 5.74 -40.92 4.02
CA SER B 51 7.14 -41.32 4.02
C SER B 51 8.02 -40.27 3.33
N ALA B 52 7.87 -39.02 3.75
CA ALA B 52 8.68 -37.90 3.29
C ALA B 52 8.34 -37.43 1.88
N SER B 53 8.28 -38.35 0.92
CA SER B 53 8.24 -37.98 -0.49
C SER B 53 7.29 -38.78 -1.39
N SER B 54 6.48 -39.68 -0.82
CA SER B 54 5.58 -40.47 -1.67
C SER B 54 4.21 -39.81 -1.80
N LEU B 55 3.80 -39.59 -3.05
CA LEU B 55 2.50 -38.99 -3.35
C LEU B 55 1.43 -40.05 -3.11
N TYR B 56 0.46 -39.74 -2.27
CA TYR B 56 -0.64 -40.65 -2.00
C TYR B 56 -1.52 -40.77 -3.24
N SER B 57 -1.99 -42.00 -3.47
CA SER B 57 -2.87 -42.32 -4.59
C SER B 57 -3.97 -41.28 -4.77
N GLY B 58 -4.04 -40.69 -5.96
CA GLY B 58 -5.11 -39.75 -6.31
C GLY B 58 -4.85 -38.29 -5.98
N VAL B 59 -3.74 -38.00 -5.31
CA VAL B 59 -3.37 -36.63 -5.04
C VAL B 59 -2.68 -36.06 -6.29
N PRO B 60 -3.04 -34.82 -6.68
CA PRO B 60 -2.46 -34.18 -7.86
C PRO B 60 -0.94 -34.04 -7.82
N SER B 61 -0.33 -34.14 -8.99
CA SER B 61 1.12 -34.14 -9.13
C SER B 61 1.76 -32.79 -8.82
N ARG B 62 0.99 -31.71 -8.75
CA ARG B 62 1.54 -30.44 -8.31
C ARG B 62 1.95 -30.46 -6.82
N PHE B 63 1.48 -31.45 -6.05
CA PHE B 63 1.89 -31.68 -4.66
C PHE B 63 3.11 -32.60 -4.62
N SER B 64 4.16 -32.16 -3.95
CA SER B 64 5.34 -32.98 -3.82
C SER B 64 5.95 -32.79 -2.44
N GLY B 65 6.74 -33.77 -2.01
CA GLY B 65 7.41 -33.72 -0.70
C GLY B 65 8.85 -34.10 -0.87
N SER B 66 9.70 -33.56 0.00
CA SER B 66 11.13 -33.73 -0.15
C SER B 66 11.84 -33.59 1.21
N ARG B 67 12.93 -34.34 1.39
CA ARG B 67 13.79 -34.19 2.56
C ARG B 67 15.14 -33.61 2.14
N SER B 68 15.65 -32.69 2.96
CA SER B 68 17.01 -32.18 2.81
C SER B 68 17.65 -32.07 4.20
N GLY B 69 18.61 -32.94 4.47
CA GLY B 69 19.24 -33.00 5.77
C GLY B 69 18.22 -33.43 6.79
N THR B 70 17.87 -32.54 7.71
CA THR B 70 16.87 -32.83 8.74
C THR B 70 15.59 -32.04 8.49
N ASP B 71 15.49 -31.36 7.35
CA ASP B 71 14.37 -30.50 7.03
C ASP B 71 13.49 -31.13 5.96
N PHE B 72 12.21 -31.25 6.29
CA PHE B 72 11.23 -31.87 5.41
C PHE B 72 10.34 -30.77 4.86
N THR B 73 10.08 -30.80 3.54
CA THR B 73 9.22 -29.81 2.94
C THR B 73 8.10 -30.42 2.11
N LEU B 74 7.01 -29.67 1.99
CA LEU B 74 5.95 -29.95 1.04
C LEU B 74 5.89 -28.76 0.11
N THR B 75 5.85 -29.04 -1.20
CA THR B 75 5.71 -27.99 -2.20
C THR B 75 4.45 -28.20 -3.05
N ILE B 76 3.69 -27.12 -3.18
CA ILE B 76 2.58 -27.04 -4.12
C ILE B 76 3.10 -26.15 -5.23
N SER B 77 3.32 -26.74 -6.40
CA SER B 77 4.01 -26.06 -7.50
C SER B 77 3.24 -24.82 -8.01
N SER B 78 1.92 -24.92 -8.07
CA SER B 78 1.08 -23.82 -8.53
C SER B 78 -0.29 -23.97 -7.93
N LEU B 79 -0.67 -23.03 -7.05
CA LEU B 79 -1.89 -23.15 -6.26
C LEU B 79 -3.14 -22.98 -7.11
N GLN B 80 -4.16 -23.80 -6.86
CA GLN B 80 -5.47 -23.59 -7.41
C GLN B 80 -6.43 -23.37 -6.25
N PRO B 81 -7.64 -22.85 -6.52
CA PRO B 81 -8.61 -22.54 -5.48
C PRO B 81 -8.85 -23.65 -4.46
N GLU B 82 -8.88 -24.88 -4.94
CA GLU B 82 -9.22 -26.01 -4.08
C GLU B 82 -8.07 -26.37 -3.13
N ASP B 83 -6.90 -25.77 -3.32
CA ASP B 83 -5.73 -26.01 -2.45
C ASP B 83 -5.66 -25.06 -1.26
N PHE B 84 -6.51 -24.04 -1.22
CA PHE B 84 -6.53 -23.14 -0.07
C PHE B 84 -7.22 -23.87 1.10
N ALA B 85 -6.43 -24.12 2.14
CA ALA B 85 -6.82 -24.99 3.23
C ALA B 85 -5.70 -24.97 4.28
N THR B 86 -5.85 -25.76 5.32
CA THR B 86 -4.84 -25.84 6.38
C THR B 86 -4.00 -27.10 6.18
N TYR B 87 -2.68 -26.93 6.26
CA TYR B 87 -1.73 -28.00 6.01
C TYR B 87 -1.03 -28.35 7.33
N TYR B 88 -0.70 -29.63 7.50
CA TYR B 88 -0.02 -30.13 8.70
C TYR B 88 1.08 -31.09 8.31
N CYS B 89 2.24 -30.97 8.94
CA CYS B 89 3.22 -32.02 8.84
C CYS B 89 3.08 -32.92 10.06
N GLN B 90 3.39 -34.20 9.87
CA GLN B 90 3.36 -35.20 10.92
C GLN B 90 4.76 -35.79 11.06
N GLN B 91 5.37 -35.63 12.22
CA GLN B 91 6.70 -36.18 12.44
C GLN B 91 6.64 -37.55 13.10
N PHE B 92 7.40 -38.49 12.56
CA PHE B 92 7.62 -39.78 13.18
C PHE B 92 9.06 -39.79 13.67
N LYS B 93 9.26 -40.17 14.93
CA LYS B 93 10.59 -40.29 15.51
C LYS B 93 10.68 -41.38 16.56
N ARG B 94 11.89 -41.88 16.81
CA ARG B 94 12.10 -43.07 17.65
C ARG B 94 12.38 -42.64 19.09
N GLN B 95 11.41 -41.92 19.66
CA GLN B 95 11.59 -41.25 20.93
C GLN B 95 10.25 -40.60 21.25
N LYS B 96 9.96 -40.39 22.52
CA LYS B 96 8.68 -39.79 22.91
C LYS B 96 8.67 -38.29 22.57
N GLU B 97 7.57 -37.73 22.06
CA GLU B 97 6.40 -38.47 21.56
C GLU B 97 6.75 -38.97 20.18
N PRO B 98 6.40 -40.23 19.86
CA PRO B 98 6.84 -40.79 18.57
C PRO B 98 6.10 -40.25 17.34
N ILE B 99 4.83 -39.86 17.51
CA ILE B 99 4.03 -39.28 16.43
C ILE B 99 3.55 -37.90 16.90
N THR B 100 3.90 -36.85 16.16
CA THR B 100 3.43 -35.50 16.48
C THR B 100 3.04 -34.72 15.21
N PHE B 101 1.86 -34.08 15.25
CA PHE B 101 1.45 -33.16 14.19
C PHE B 101 1.95 -31.77 14.49
N GLY B 102 2.58 -31.12 13.52
CA GLY B 102 3.04 -29.76 13.70
C GLY B 102 1.87 -28.78 13.75
N GLN B 103 2.18 -27.52 14.06
CA GLN B 103 1.19 -26.47 13.98
C GLN B 103 0.63 -26.38 12.56
N GLY B 104 -0.68 -26.16 12.44
CA GLY B 104 -1.29 -26.02 11.12
C GLY B 104 -0.82 -24.78 10.38
N THR B 105 -0.75 -24.87 9.06
CA THR B 105 -0.44 -23.72 8.22
C THR B 105 -1.63 -23.47 7.28
N LYS B 106 -2.39 -22.41 7.58
CA LYS B 106 -3.59 -22.09 6.84
C LYS B 106 -3.26 -21.20 5.63
N VAL B 107 -3.25 -21.80 4.44
CA VAL B 107 -3.01 -21.04 3.21
C VAL B 107 -4.32 -20.38 2.76
N GLU B 108 -4.36 -19.05 2.82
CA GLU B 108 -5.58 -18.31 2.45
C GLU B 108 -5.35 -17.55 1.15
N ILE B 109 -6.45 -17.11 0.52
CA ILE B 109 -6.38 -16.48 -0.81
C ILE B 109 -6.07 -15.01 -0.69
N LYS B 110 -5.03 -14.58 -1.39
CA LYS B 110 -4.69 -13.17 -1.49
C LYS B 110 -5.60 -12.52 -2.52
N ARG B 111 -6.23 -11.45 -2.09
CA ARG B 111 -7.29 -10.78 -2.81
C ARG B 111 -6.96 -9.29 -2.75
N THR B 112 -7.55 -8.46 -3.61
CA THR B 112 -7.38 -7.02 -3.46
C THR B 112 -8.01 -6.56 -2.12
N VAL B 113 -7.39 -5.54 -1.52
CA VAL B 113 -7.90 -4.95 -0.29
C VAL B 113 -9.31 -4.40 -0.48
N ALA B 114 -10.18 -4.72 0.47
CA ALA B 114 -11.58 -4.26 0.46
C ALA B 114 -11.97 -3.82 1.87
N ALA B 115 -12.42 -2.58 1.99
CA ALA B 115 -12.85 -2.03 3.26
C ALA B 115 -14.15 -2.69 3.70
N PRO B 116 -14.31 -2.91 5.02
CA PRO B 116 -15.55 -3.46 5.53
C PRO B 116 -16.69 -2.45 5.52
N SER B 117 -17.91 -2.94 5.27
CA SER B 117 -19.10 -2.18 5.60
C SER B 117 -19.41 -2.44 7.05
N VAL B 118 -19.69 -1.39 7.80
CA VAL B 118 -19.85 -1.48 9.23
C VAL B 118 -21.29 -1.15 9.63
N PHE B 119 -21.85 -1.98 10.50
CA PHE B 119 -23.21 -1.79 11.02
C PHE B 119 -23.20 -2.06 12.52
N ILE B 120 -23.92 -1.24 13.28
CA ILE B 120 -24.09 -1.43 14.71
C ILE B 120 -25.56 -1.76 15.01
N PHE B 121 -25.77 -2.57 16.05
CA PHE B 121 -27.11 -3.04 16.43
C PHE B 121 -27.34 -2.85 17.92
N PRO B 122 -28.36 -2.07 18.29
CA PRO B 122 -28.70 -1.99 19.71
C PRO B 122 -29.27 -3.32 20.23
N PRO B 123 -29.32 -3.47 21.56
CA PRO B 123 -29.99 -4.63 22.15
C PRO B 123 -31.50 -4.56 21.97
N SER B 124 -32.14 -5.72 21.83
CA SER B 124 -33.58 -5.78 21.67
C SER B 124 -34.25 -5.48 23.02
N ASP B 125 -35.48 -4.98 22.97
CA ASP B 125 -36.28 -4.77 24.18
C ASP B 125 -36.52 -6.09 24.92
N SER B 126 -36.75 -7.16 24.17
CA SER B 126 -36.95 -8.49 24.78
C SER B 126 -35.72 -8.95 25.56
N GLN B 127 -34.52 -8.76 25.01
CA GLN B 127 -33.32 -9.12 25.75
C GLN B 127 -33.21 -8.29 27.04
N LEU B 128 -33.50 -7.00 26.95
CA LEU B 128 -33.39 -6.12 28.12
C LEU B 128 -34.29 -6.57 29.28
N LYS B 129 -35.47 -7.12 28.96
CA LYS B 129 -36.35 -7.74 29.95
C LYS B 129 -35.61 -8.77 30.81
N SER B 130 -34.72 -9.55 30.19
CA SER B 130 -34.00 -10.61 30.90
C SER B 130 -32.78 -10.12 31.70
N GLY B 131 -32.50 -8.81 31.69
CA GLY B 131 -31.45 -8.25 32.55
C GLY B 131 -30.07 -8.13 31.92
N THR B 132 -29.97 -8.34 30.61
CA THR B 132 -28.69 -8.20 29.92
C THR B 132 -28.86 -7.43 28.61
N ALA B 133 -27.83 -6.64 28.27
CA ALA B 133 -27.77 -5.91 27.00
C ALA B 133 -26.58 -6.41 26.19
N SER B 134 -26.85 -6.92 25.00
CA SER B 134 -25.79 -7.29 24.07
C SER B 134 -25.82 -6.31 22.90
N VAL B 135 -24.69 -5.66 22.64
CA VAL B 135 -24.56 -4.73 21.52
C VAL B 135 -23.64 -5.37 20.49
N VAL B 136 -24.06 -5.40 19.23
CA VAL B 136 -23.31 -6.11 18.19
C VAL B 136 -22.83 -5.15 17.11
N CYS B 137 -21.58 -5.30 16.73
CA CYS B 137 -21.00 -4.52 15.63
C CYS B 137 -20.56 -5.51 14.56
N LEU B 138 -21.04 -5.28 13.34
CA LEU B 138 -20.75 -6.13 12.19
C LEU B 138 -19.77 -5.45 11.24
N LEU B 139 -18.73 -6.19 10.84
CA LEU B 139 -17.81 -5.78 9.78
C LEU B 139 -18.03 -6.75 8.63
N ASN B 140 -18.55 -6.26 7.52
CA ASN B 140 -19.04 -7.12 6.43
C ASN B 140 -18.13 -7.11 5.21
N ASN B 141 -17.75 -8.33 4.79
CA ASN B 141 -17.07 -8.58 3.52
C ASN B 141 -15.83 -7.73 3.25
N PHE B 142 -14.80 -7.95 4.07
CA PHE B 142 -13.58 -7.19 3.95
C PHE B 142 -12.38 -8.08 3.72
N TYR B 143 -11.29 -7.46 3.28
CA TYR B 143 -10.02 -8.14 3.12
C TYR B 143 -8.89 -7.09 3.24
N PRO B 144 -7.82 -7.39 3.99
CA PRO B 144 -7.50 -8.65 4.65
C PRO B 144 -8.21 -8.85 5.99
N ARG B 145 -8.04 -10.05 6.53
CA ARG B 145 -8.72 -10.52 7.75
C ARG B 145 -8.51 -9.61 8.97
N GLU B 146 -7.34 -8.96 9.01
CA GLU B 146 -6.91 -8.24 10.19
C GLU B 146 -7.65 -6.91 10.28
N ALA B 147 -8.40 -6.73 11.36
CA ALA B 147 -9.18 -5.51 11.57
C ALA B 147 -9.16 -5.20 13.05
N LYS B 148 -9.31 -3.93 13.41
CA LYS B 148 -9.38 -3.54 14.82
C LYS B 148 -10.74 -2.93 15.12
N VAL B 149 -11.45 -3.53 16.07
CA VAL B 149 -12.74 -3.03 16.52
C VAL B 149 -12.61 -2.51 17.96
N GLN B 150 -12.96 -1.25 18.15
CA GLN B 150 -12.86 -0.61 19.46
C GLN B 150 -14.21 -0.04 19.87
N TRP B 151 -14.69 -0.48 21.03
CA TRP B 151 -15.96 -0.02 21.56
C TRP B 151 -15.81 1.21 22.41
N LYS B 152 -16.74 2.13 22.26
CA LYS B 152 -16.82 3.29 23.14
C LYS B 152 -18.24 3.41 23.71
N VAL B 153 -18.33 3.66 25.00
CA VAL B 153 -19.59 3.91 25.66
C VAL B 153 -19.47 5.29 26.32
N ASP B 154 -20.31 6.23 25.88
CA ASP B 154 -20.19 7.63 26.26
C ASP B 154 -18.74 8.12 26.12
N ASN B 155 -18.10 7.73 25.02
CA ASN B 155 -16.70 8.09 24.76
C ASN B 155 -15.64 7.47 25.72
N ALA B 156 -16.04 6.59 26.64
CA ALA B 156 -15.07 5.80 27.38
C ALA B 156 -14.70 4.55 26.58
N LEU B 157 -13.41 4.41 26.27
CA LEU B 157 -12.91 3.24 25.54
C LEU B 157 -13.05 1.98 26.39
N GLN B 158 -13.64 0.95 25.81
CA GLN B 158 -13.91 -0.30 26.53
C GLN B 158 -12.85 -1.37 26.28
N SER B 159 -12.67 -2.23 27.28
CA SER B 159 -11.86 -3.42 27.14
C SER B 159 -12.29 -4.46 28.16
N GLY B 160 -12.37 -5.71 27.71
CA GLY B 160 -12.66 -6.85 28.57
C GLY B 160 -14.13 -7.21 28.67
N ASN B 161 -14.99 -6.53 27.92
CA ASN B 161 -16.43 -6.82 27.95
C ASN B 161 -17.00 -7.11 26.56
N SER B 162 -16.11 -7.48 25.64
CA SER B 162 -16.52 -7.85 24.28
C SER B 162 -15.87 -9.15 23.83
N GLN B 163 -16.50 -9.82 22.85
CA GLN B 163 -15.96 -11.03 22.22
C GLN B 163 -16.13 -10.92 20.71
N GLU B 164 -15.12 -11.37 19.95
CA GLU B 164 -15.16 -11.36 18.48
C GLU B 164 -15.32 -12.76 17.90
N SER B 165 -15.83 -12.82 16.67
CA SER B 165 -15.92 -14.04 15.91
C SER B 165 -15.76 -13.66 14.44
N VAL B 166 -15.02 -14.45 13.67
CA VAL B 166 -14.76 -14.14 12.26
C VAL B 166 -15.16 -15.32 11.40
N THR B 167 -15.72 -15.07 10.22
CA THR B 167 -16.09 -16.18 9.33
C THR B 167 -14.88 -16.78 8.64
N GLU B 168 -15.05 -17.97 8.06
CA GLU B 168 -14.09 -18.54 7.12
C GLU B 168 -14.11 -17.70 5.83
N GLN B 169 -12.98 -17.63 5.14
CA GLN B 169 -12.87 -16.84 3.90
C GLN B 169 -13.97 -17.23 2.90
N ASP B 170 -14.75 -16.25 2.46
CA ASP B 170 -15.91 -16.52 1.59
C ASP B 170 -15.51 -17.22 0.28
N SER B 171 -16.22 -18.28 -0.06
CA SER B 171 -15.88 -19.10 -1.24
C SER B 171 -16.07 -18.38 -2.57
N LYS B 172 -16.89 -17.35 -2.62
CA LYS B 172 -17.18 -16.64 -3.86
C LYS B 172 -16.33 -15.39 -4.04
N ASP B 173 -16.21 -14.57 -2.99
CA ASP B 173 -15.50 -13.30 -3.10
C ASP B 173 -14.22 -13.18 -2.24
N SER B 174 -13.86 -14.24 -1.51
CA SER B 174 -12.60 -14.31 -0.75
C SER B 174 -12.46 -13.25 0.35
N THR B 175 -13.58 -12.74 0.87
CA THR B 175 -13.55 -11.79 1.98
C THR B 175 -13.85 -12.49 3.31
N TYR B 176 -13.61 -11.75 4.40
CA TYR B 176 -13.97 -12.16 5.74
C TYR B 176 -15.08 -11.25 6.24
N SER B 177 -15.83 -11.73 7.22
CA SER B 177 -16.73 -10.88 7.97
C SER B 177 -16.51 -11.14 9.47
N LEU B 178 -16.84 -10.15 10.29
CA LEU B 178 -16.53 -10.20 11.72
C LEU B 178 -17.66 -9.59 12.54
N SER B 179 -18.00 -10.26 13.65
CA SER B 179 -18.92 -9.74 14.64
C SER B 179 -18.15 -9.48 15.91
N SER B 180 -18.42 -8.34 16.54
CA SER B 180 -17.97 -8.08 17.91
C SER B 180 -19.22 -7.83 18.74
N THR B 181 -19.35 -8.53 19.86
CA THR B 181 -20.48 -8.36 20.76
C THR B 181 -20.02 -7.74 22.06
N LEU B 182 -20.57 -6.59 22.42
CA LEU B 182 -20.33 -5.96 23.71
C LEU B 182 -21.47 -6.39 24.62
N THR B 183 -21.16 -6.90 25.80
CA THR B 183 -22.18 -7.40 26.72
C THR B 183 -22.15 -6.60 28.01
N LEU B 184 -23.28 -6.00 28.37
CA LEU B 184 -23.44 -5.29 29.65
C LEU B 184 -24.67 -5.79 30.39
N SER B 185 -24.75 -5.48 31.68
CA SER B 185 -26.00 -5.62 32.43
C SER B 185 -26.99 -4.54 31.97
N LYS B 186 -28.28 -4.83 32.11
CA LYS B 186 -29.36 -3.88 31.86
C LYS B 186 -29.13 -2.57 32.60
N ALA B 187 -28.80 -2.67 33.88
CA ALA B 187 -28.49 -1.51 34.70
C ALA B 187 -27.37 -0.64 34.10
N ASP B 188 -26.29 -1.27 33.66
CA ASP B 188 -25.14 -0.55 33.10
C ASP B 188 -25.50 0.07 31.77
N TYR B 189 -26.16 -0.71 30.92
CA TYR B 189 -26.63 -0.20 29.63
C TYR B 189 -27.46 1.08 29.78
N GLU B 190 -28.34 1.10 30.78
CA GLU B 190 -29.24 2.22 30.99
C GLU B 190 -28.58 3.44 31.61
N LYS B 191 -27.38 3.28 32.16
CA LYS B 191 -26.60 4.40 32.71
C LYS B 191 -25.88 5.24 31.64
N HIS B 192 -25.99 4.87 30.37
CA HIS B 192 -25.22 5.55 29.31
C HIS B 192 -26.05 5.82 28.09
N LYS B 193 -25.54 6.71 27.24
CA LYS B 193 -26.28 7.23 26.11
C LYS B 193 -25.78 6.68 24.78
N VAL B 194 -24.51 6.97 24.48
CA VAL B 194 -23.94 6.76 23.15
C VAL B 194 -23.14 5.47 23.09
N TYR B 195 -23.52 4.61 22.15
CA TYR B 195 -22.83 3.36 21.94
C TYR B 195 -22.18 3.39 20.58
N ALA B 196 -20.86 3.21 20.57
CA ALA B 196 -20.10 3.34 19.33
C ALA B 196 -19.08 2.22 19.12
N CYS B 197 -18.93 1.88 17.84
CA CYS B 197 -18.02 0.85 17.41
C CYS B 197 -17.08 1.51 16.42
N GLU B 198 -15.79 1.57 16.73
CA GLU B 198 -14.80 2.18 15.83
C GLU B 198 -13.94 1.12 15.16
N VAL B 199 -13.92 1.15 13.82
CA VAL B 199 -13.24 0.14 13.01
C VAL B 199 -12.03 0.72 12.27
N THR B 200 -10.90 0.02 12.37
CA THR B 200 -9.65 0.39 11.72
C THR B 200 -9.24 -0.79 10.85
N HIS B 201 -8.87 -0.49 9.60
CA HIS B 201 -8.62 -1.52 8.60
C HIS B 201 -7.81 -0.96 7.45
N GLN B 202 -7.05 -1.83 6.78
CA GLN B 202 -6.13 -1.44 5.71
C GLN B 202 -6.84 -0.72 4.55
N GLY B 203 -8.11 -1.04 4.32
CA GLY B 203 -8.91 -0.43 3.27
C GLY B 203 -9.61 0.88 3.66
N LEU B 204 -9.43 1.34 4.89
CA LEU B 204 -10.02 2.60 5.34
C LEU B 204 -8.91 3.62 5.60
N SER B 205 -9.00 4.79 4.98
CA SER B 205 -7.98 5.84 5.11
C SER B 205 -7.96 6.47 6.51
N SER B 206 -9.11 6.48 7.16
CA SER B 206 -9.20 6.76 8.58
C SER B 206 -10.31 5.91 9.17
N PRO B 207 -10.32 5.72 10.49
CA PRO B 207 -11.30 4.82 11.10
C PRO B 207 -12.76 5.22 10.90
N VAL B 208 -13.62 4.22 10.75
CA VAL B 208 -15.04 4.45 10.64
C VAL B 208 -15.73 4.07 11.94
N THR B 209 -16.59 4.97 12.42
CA THR B 209 -17.37 4.78 13.62
C THR B 209 -18.85 4.69 13.28
N LYS B 210 -19.51 3.66 13.81
CA LYS B 210 -20.95 3.55 13.74
C LYS B 210 -21.46 3.61 15.16
N SER B 211 -22.52 4.38 15.37
CA SER B 211 -23.06 4.60 16.69
C SER B 211 -24.59 4.71 16.71
N PHE B 212 -25.14 4.50 17.88
CA PHE B 212 -26.55 4.83 18.14
C PHE B 212 -26.64 5.42 19.53
N ASN B 213 -27.76 6.09 19.80
CA ASN B 213 -28.04 6.63 21.12
C ASN B 213 -29.26 5.92 21.71
N ARG B 214 -29.14 5.51 22.97
CA ARG B 214 -30.17 4.72 23.63
C ARG B 214 -31.48 5.52 23.75
N GLY B 215 -32.58 4.93 23.31
CA GLY B 215 -33.88 5.61 23.34
C GLY B 215 -34.31 6.20 22.00
N GLU B 216 -33.36 6.37 21.08
CA GLU B 216 -33.66 6.73 19.70
C GLU B 216 -33.67 5.49 18.79
N CYS B 217 -32.85 4.50 19.12
CA CYS B 217 -32.78 3.24 18.38
C CYS B 217 -32.38 2.09 19.31
N GLU C 4 9.74 3.12 53.04
CA GLU C 4 10.41 2.33 54.12
C GLU C 4 10.28 0.83 53.86
N VAL C 5 9.04 0.38 53.67
CA VAL C 5 8.75 -1.04 53.47
C VAL C 5 9.39 -1.55 52.17
N GLN C 6 9.99 -2.73 52.22
CA GLN C 6 10.63 -3.31 51.04
C GLN C 6 10.74 -4.83 51.14
N LEU C 7 10.73 -5.48 49.97
CA LEU C 7 10.95 -6.91 49.84
C LEU C 7 12.06 -7.15 48.81
N VAL C 8 13.13 -7.82 49.23
CA VAL C 8 14.19 -8.22 48.32
C VAL C 8 14.19 -9.74 48.20
N GLU C 9 14.44 -10.24 47.00
CA GLU C 9 14.37 -11.65 46.72
C GLU C 9 15.74 -12.21 46.37
N SER C 10 15.84 -13.54 46.42
CA SER C 10 17.05 -14.23 46.03
C SER C 10 16.74 -15.72 45.93
N GLY C 11 17.70 -16.48 45.41
CA GLY C 11 17.55 -17.93 45.25
C GLY C 11 17.24 -18.32 43.81
N GLY C 12 17.00 -17.33 42.96
CA GLY C 12 16.62 -17.58 41.57
C GLY C 12 17.81 -17.72 40.64
N GLY C 13 17.55 -18.31 39.49
CA GLY C 13 18.59 -18.59 38.51
C GLY C 13 18.23 -19.82 37.70
N LEU C 14 19.24 -20.59 37.33
CA LEU C 14 19.08 -21.71 36.41
C LEU C 14 18.85 -23.05 37.13
N VAL C 15 18.10 -23.93 36.50
CA VAL C 15 17.79 -25.26 37.03
C VAL C 15 17.37 -26.17 35.88
N GLN C 16 17.53 -27.48 36.07
CA GLN C 16 17.16 -28.45 35.05
C GLN C 16 15.79 -29.07 35.33
N PRO C 17 15.11 -29.57 34.28
CA PRO C 17 13.83 -30.26 34.42
C PRO C 17 13.94 -31.43 35.40
N GLY C 18 13.07 -31.47 36.40
CA GLY C 18 13.15 -32.46 37.46
C GLY C 18 13.86 -31.93 38.69
N GLY C 19 14.71 -30.92 38.50
CA GLY C 19 15.48 -30.35 39.59
C GLY C 19 14.66 -29.50 40.54
N SER C 20 15.34 -28.89 41.51
CA SER C 20 14.70 -28.11 42.54
C SER C 20 15.41 -26.79 42.76
N LEU C 21 14.69 -25.83 43.32
CA LEU C 21 15.24 -24.52 43.61
C LEU C 21 14.46 -23.92 44.77
N ARG C 22 15.13 -23.10 45.59
CA ARG C 22 14.47 -22.50 46.74
C ARG C 22 14.63 -20.98 46.73
N LEU C 23 13.53 -20.26 46.48
CA LEU C 23 13.54 -18.81 46.49
C LEU C 23 13.31 -18.31 47.89
N SER C 24 13.80 -17.11 48.16
CA SER C 24 13.61 -16.47 49.47
C SER C 24 13.24 -15.00 49.28
N CYS C 25 12.46 -14.48 50.23
CA CYS C 25 11.97 -13.10 50.20
C CYS C 25 12.21 -12.47 51.56
N ALA C 26 13.15 -11.53 51.62
CA ALA C 26 13.53 -10.86 52.86
C ALA C 26 12.72 -9.57 53.06
N ALA C 27 11.81 -9.59 54.02
CA ALA C 27 11.01 -8.41 54.36
C ALA C 27 11.83 -7.42 55.19
N SER C 28 11.54 -6.13 55.03
CA SER C 28 12.24 -5.08 55.76
C SER C 28 11.41 -3.80 55.75
N GLY C 29 11.20 -3.24 56.94
CA GLY C 29 10.28 -2.11 57.12
C GLY C 29 8.91 -2.56 57.60
N PHE C 30 8.71 -3.87 57.75
CA PHE C 30 7.47 -4.43 58.29
C PHE C 30 7.69 -5.84 58.83
N ASN C 31 6.80 -6.25 59.73
CA ASN C 31 6.89 -7.55 60.40
C ASN C 31 6.15 -8.62 59.59
N VAL C 32 6.82 -9.73 59.30
CA VAL C 32 6.24 -10.84 58.53
C VAL C 32 5.04 -11.51 59.23
N SER C 33 5.04 -11.53 60.56
CA SER C 33 3.92 -12.07 61.33
C SER C 33 2.67 -11.18 61.27
N SER C 34 2.87 -9.89 60.98
CA SER C 34 1.76 -8.92 60.89
C SER C 34 1.07 -8.88 59.52
N TYR C 35 1.74 -9.38 58.47
CA TYR C 35 1.22 -9.37 57.10
C TYR C 35 1.56 -10.66 56.36
N SER C 36 0.54 -11.38 55.89
CA SER C 36 0.76 -12.60 55.11
C SER C 36 1.42 -12.31 53.76
N ILE C 37 2.20 -13.27 53.26
CA ILE C 37 3.01 -13.09 52.05
C ILE C 37 2.62 -14.05 50.93
N HIS C 38 2.66 -13.55 49.69
CA HIS C 38 2.27 -14.32 48.49
C HIS C 38 3.42 -14.49 47.54
N TRP C 39 3.35 -15.55 46.72
CA TRP C 39 4.24 -15.72 45.56
C TRP C 39 3.44 -15.69 44.28
N VAL C 40 3.89 -14.86 43.33
CA VAL C 40 3.23 -14.68 42.04
C VAL C 40 4.29 -14.70 40.94
N ARG C 41 4.03 -15.45 39.86
CA ARG C 41 5.01 -15.59 38.79
C ARG C 41 4.48 -15.13 37.43
N GLN C 42 5.40 -14.79 36.54
CA GLN C 42 5.07 -14.24 35.24
C GLN C 42 6.04 -14.78 34.20
N ALA C 43 5.56 -15.67 33.34
CA ALA C 43 6.36 -16.16 32.21
C ALA C 43 6.63 -14.99 31.27
N PRO C 44 7.75 -15.06 30.51
CA PRO C 44 8.12 -13.93 29.65
C PRO C 44 7.06 -13.65 28.60
N GLY C 45 6.65 -12.39 28.49
CA GLY C 45 5.63 -11.99 27.51
C GLY C 45 4.21 -12.35 27.90
N LYS C 46 4.01 -12.92 29.08
CA LYS C 46 2.69 -13.37 29.54
C LYS C 46 2.24 -12.61 30.78
N GLY C 47 1.06 -12.96 31.29
CA GLY C 47 0.49 -12.30 32.45
C GLY C 47 0.96 -12.82 33.80
N LEU C 48 0.43 -12.21 34.86
CA LEU C 48 0.72 -12.62 36.23
C LEU C 48 -0.07 -13.87 36.59
N GLU C 49 0.56 -14.81 37.30
CA GLU C 49 -0.11 -15.99 37.80
C GLU C 49 0.19 -16.16 39.28
N TRP C 50 -0.85 -16.12 40.11
CA TRP C 50 -0.73 -16.36 41.54
C TRP C 50 -0.43 -17.81 41.78
N VAL C 51 0.50 -18.10 42.70
CA VAL C 51 0.97 -19.48 42.93
C VAL C 51 0.80 -19.98 44.38
N ALA C 52 1.11 -19.13 45.36
CA ALA C 52 1.14 -19.58 46.75
C ALA C 52 0.93 -18.44 47.75
N TYR C 53 0.39 -18.81 48.91
CA TYR C 53 0.05 -17.88 50.00
C TYR C 53 0.52 -18.46 51.33
N ILE C 54 0.81 -17.60 52.29
CA ILE C 54 1.17 -18.05 53.65
C ILE C 54 0.85 -17.00 54.72
N SER C 55 0.08 -17.42 55.73
CA SER C 55 -0.09 -16.63 56.95
C SER C 55 1.02 -17.02 57.93
N SER C 56 1.88 -16.05 58.27
CA SER C 56 3.13 -16.33 58.99
C SER C 56 2.94 -16.69 60.46
N SER C 57 2.15 -15.90 61.18
CA SER C 57 1.94 -16.12 62.62
C SER C 57 1.07 -17.35 62.92
N SER C 58 0.05 -17.59 62.07
CA SER C 58 -0.82 -18.76 62.24
C SER C 58 -0.25 -20.02 61.59
N GLY C 59 0.61 -19.86 60.59
CA GLY C 59 1.23 -20.99 59.90
C GLY C 59 0.23 -21.75 59.04
N TYR C 60 -0.45 -21.03 58.15
CA TYR C 60 -1.45 -21.60 57.25
C TYR C 60 -1.12 -21.20 55.81
N THR C 61 -1.24 -22.15 54.87
CA THR C 61 -0.84 -21.92 53.48
C THR C 61 -1.82 -22.47 52.44
N TYR C 62 -1.69 -21.98 51.20
CA TYR C 62 -2.53 -22.42 50.08
C TYR C 62 -1.75 -22.27 48.77
N TYR C 63 -1.81 -23.29 47.91
CA TYR C 63 -1.18 -23.30 46.59
C TYR C 63 -2.20 -23.19 45.45
N ALA C 64 -1.71 -22.90 44.26
CA ALA C 64 -2.50 -22.99 43.03
C ALA C 64 -2.36 -24.40 42.47
N ASP C 65 -3.30 -24.81 41.63
CA ASP C 65 -3.32 -26.19 41.11
C ASP C 65 -2.19 -26.48 40.12
N SER C 66 -1.69 -25.43 39.47
CA SER C 66 -0.54 -25.57 38.57
C SER C 66 0.70 -26.06 39.32
N VAL C 67 0.85 -25.64 40.57
CA VAL C 67 2.03 -25.96 41.37
C VAL C 67 1.75 -26.88 42.58
N LYS C 68 0.49 -27.21 42.83
CA LYS C 68 0.12 -28.00 44.02
C LYS C 68 0.77 -29.38 44.02
N GLY C 69 1.41 -29.74 45.14
CA GLY C 69 2.10 -31.01 45.29
C GLY C 69 3.61 -30.90 45.11
N ARG C 70 4.04 -29.98 44.25
CA ARG C 70 5.46 -29.81 43.91
C ARG C 70 6.10 -28.65 44.67
N PHE C 71 5.34 -27.60 44.91
CA PHE C 71 5.86 -26.40 45.56
C PHE C 71 5.45 -26.37 47.02
N THR C 72 6.31 -25.80 47.86
CA THR C 72 6.06 -25.68 49.29
C THR C 72 6.43 -24.28 49.75
N ILE C 73 5.52 -23.65 50.49
CA ILE C 73 5.74 -22.28 50.98
C ILE C 73 5.92 -22.28 52.50
N SER C 74 6.88 -21.51 52.99
CA SER C 74 7.18 -21.44 54.42
C SER C 74 7.67 -20.05 54.80
N ALA C 75 7.92 -19.84 56.09
CA ALA C 75 8.42 -18.56 56.58
C ALA C 75 9.32 -18.73 57.82
N ASP C 76 10.17 -17.73 58.05
CA ASP C 76 11.04 -17.70 59.21
C ASP C 76 10.84 -16.37 59.92
N THR C 77 9.99 -16.39 60.94
CA THR C 77 9.58 -15.18 61.66
C THR C 77 10.74 -14.48 62.35
N SER C 78 11.75 -15.24 62.78
CA SER C 78 12.94 -14.65 63.41
C SER C 78 13.74 -13.84 62.38
N LYS C 79 14.07 -14.46 61.26
CA LYS C 79 14.80 -13.78 60.18
C LYS C 79 13.93 -12.83 59.36
N ASN C 80 12.61 -12.89 59.55
CA ASN C 80 11.66 -12.02 58.84
C ASN C 80 11.73 -12.27 57.33
N THR C 81 11.49 -13.53 56.94
CA THR C 81 11.71 -13.98 55.57
C THR C 81 10.79 -15.13 55.16
N ALA C 82 10.18 -15.01 53.98
CA ALA C 82 9.35 -16.07 53.40
C ALA C 82 10.14 -16.86 52.36
N TYR C 83 9.75 -18.11 52.14
CA TYR C 83 10.49 -19.01 51.26
C TYR C 83 9.54 -19.79 50.36
N LEU C 84 10.04 -20.18 49.18
CA LEU C 84 9.31 -21.03 48.25
C LEU C 84 10.22 -22.15 47.76
N GLN C 85 9.95 -23.37 48.23
CA GLN C 85 10.68 -24.57 47.82
C GLN C 85 9.98 -25.14 46.59
N MET C 86 10.70 -25.20 45.47
CA MET C 86 10.16 -25.68 44.21
C MET C 86 10.82 -27.00 43.81
N ASN C 87 10.00 -28.02 43.53
CA ASN C 87 10.50 -29.33 43.14
C ASN C 87 9.88 -29.80 41.84
N SER C 88 10.51 -30.78 41.21
CA SER C 88 9.99 -31.39 39.99
C SER C 88 9.65 -30.34 38.94
N LEU C 89 10.57 -29.39 38.74
CA LEU C 89 10.35 -28.28 37.83
C LEU C 89 10.30 -28.73 36.38
N ARG C 90 9.51 -28.01 35.58
CA ARG C 90 9.39 -28.23 34.13
C ARG C 90 9.67 -26.94 33.40
N ALA C 91 9.88 -27.04 32.08
CA ALA C 91 10.09 -25.87 31.21
C ALA C 91 9.09 -24.76 31.48
N GLU C 92 7.81 -25.15 31.63
CA GLU C 92 6.69 -24.22 31.83
C GLU C 92 6.77 -23.42 33.12
N ASP C 93 7.55 -23.89 34.08
CA ASP C 93 7.74 -23.17 35.33
C ASP C 93 8.71 -21.98 35.15
N THR C 94 9.30 -21.84 33.96
CA THR C 94 10.15 -20.70 33.67
C THR C 94 9.37 -19.39 33.82
N ALA C 95 9.86 -18.50 34.68
CA ALA C 95 9.17 -17.24 34.93
C ALA C 95 9.98 -16.32 35.82
N VAL C 96 9.59 -15.05 35.84
CA VAL C 96 10.01 -14.15 36.89
C VAL C 96 9.08 -14.46 38.05
N TYR C 97 9.65 -14.74 39.23
CA TYR C 97 8.87 -15.01 40.43
C TYR C 97 8.92 -13.79 41.36
N TYR C 98 7.77 -13.40 41.89
CA TYR C 98 7.65 -12.25 42.79
C TYR C 98 7.10 -12.72 44.12
N CYS C 99 7.54 -12.07 45.19
CA CYS C 99 6.84 -12.15 46.47
C CYS C 99 6.08 -10.83 46.67
N ALA C 100 4.91 -10.90 47.30
CA ALA C 100 4.10 -9.72 47.55
C ALA C 100 3.33 -9.77 48.88
N ARG C 101 3.17 -8.59 49.49
CA ARG C 101 2.52 -8.44 50.80
C ARG C 101 1.05 -8.05 50.66
N THR C 102 0.18 -8.71 51.43
CA THR C 102 -1.25 -8.44 51.41
C THR C 102 -1.57 -7.04 51.99
N TRP C 103 -2.64 -6.44 51.47
CA TRP C 103 -3.14 -5.14 51.94
C TRP C 103 -4.60 -5.07 51.64
N TYR C 104 -5.41 -5.55 52.58
CA TYR C 104 -6.85 -5.79 52.36
C TYR C 104 -7.02 -6.78 51.20
N TYR C 105 -7.90 -6.48 50.24
CA TYR C 105 -8.02 -7.28 49.02
C TYR C 105 -7.11 -6.67 47.95
N GLY C 106 -5.87 -7.17 47.88
CA GLY C 106 -4.84 -6.63 47.00
C GLY C 106 -3.46 -6.83 47.61
N PHE C 107 -2.42 -6.66 46.79
CA PHE C 107 -1.04 -6.75 47.24
C PHE C 107 -0.36 -5.40 47.04
N ASP C 108 0.14 -4.79 48.12
CA ASP C 108 0.73 -3.44 48.01
C ASP C 108 2.21 -3.43 47.65
N TYR C 109 3.03 -4.20 48.36
CA TYR C 109 4.48 -4.21 48.10
C TYR C 109 4.91 -5.50 47.41
N TRP C 110 5.77 -5.32 46.41
CA TRP C 110 6.23 -6.41 45.56
C TRP C 110 7.72 -6.38 45.52
N GLY C 111 8.32 -7.55 45.32
CA GLY C 111 9.76 -7.65 45.18
C GLY C 111 10.21 -7.19 43.80
N GLN C 112 11.53 -7.13 43.62
CA GLN C 112 12.11 -6.78 42.32
C GLN C 112 11.85 -7.84 41.25
N GLY C 113 11.54 -9.06 41.68
CA GLY C 113 11.34 -10.17 40.75
C GLY C 113 12.65 -10.85 40.41
N THR C 114 12.65 -12.19 40.44
CA THR C 114 13.83 -12.98 40.11
C THR C 114 13.51 -14.00 39.02
N LEU C 115 14.30 -13.99 37.95
CA LEU C 115 14.09 -14.90 36.82
C LEU C 115 14.55 -16.31 37.16
N VAL C 116 13.63 -17.28 37.04
CA VAL C 116 13.96 -18.69 37.14
C VAL C 116 13.76 -19.31 35.77
N THR C 117 14.82 -19.94 35.25
CA THR C 117 14.77 -20.61 33.95
C THR C 117 14.98 -22.09 34.18
N VAL C 118 14.01 -22.89 33.75
CA VAL C 118 14.10 -24.34 33.81
C VAL C 118 14.43 -24.85 32.43
N SER C 119 15.59 -25.46 32.27
CA SER C 119 16.04 -25.95 30.97
C SER C 119 17.13 -26.99 31.14
N SER C 120 17.24 -27.88 30.15
CA SER C 120 18.36 -28.81 30.06
C SER C 120 19.65 -28.15 29.53
N ALA C 121 19.55 -26.93 29.02
CA ALA C 121 20.69 -26.29 28.37
C ALA C 121 21.77 -25.88 29.38
N SER C 122 23.04 -25.97 28.96
CA SER C 122 24.17 -25.43 29.72
C SER C 122 24.47 -24.00 29.29
N THR C 123 24.94 -23.16 30.22
CA THR C 123 25.26 -21.78 29.92
C THR C 123 26.29 -21.69 28.78
N LYS C 124 25.97 -20.87 27.78
CA LYS C 124 26.76 -20.77 26.56
C LYS C 124 26.64 -19.35 25.98
N GLY C 125 27.79 -18.77 25.60
CA GLY C 125 27.83 -17.46 24.97
C GLY C 125 27.47 -17.51 23.50
N PRO C 126 26.96 -16.38 22.96
CA PRO C 126 26.48 -16.35 21.59
C PRO C 126 27.58 -16.35 20.55
N SER C 127 27.22 -16.80 19.34
CA SER C 127 27.96 -16.44 18.13
C SER C 127 27.37 -15.12 17.64
N VAL C 128 28.22 -14.23 17.13
CA VAL C 128 27.79 -12.90 16.70
C VAL C 128 28.17 -12.66 15.25
N PHE C 129 27.17 -12.34 14.43
CA PHE C 129 27.37 -12.15 12.99
C PHE C 129 26.88 -10.78 12.55
N PRO C 130 27.62 -10.12 11.64
CA PRO C 130 27.17 -8.82 11.16
C PRO C 130 25.91 -8.91 10.30
N LEU C 131 25.09 -7.88 10.38
CA LEU C 131 24.04 -7.64 9.40
C LEU C 131 24.50 -6.45 8.55
N ALA C 132 25.12 -6.79 7.42
CA ALA C 132 25.71 -5.81 6.50
C ALA C 132 24.69 -5.50 5.43
N PRO C 133 24.26 -4.23 5.33
CA PRO C 133 23.29 -3.94 4.29
C PRO C 133 23.95 -3.81 2.92
N SER C 134 23.15 -3.93 1.86
CA SER C 134 23.65 -3.68 0.51
C SER C 134 24.05 -2.22 0.41
N SER C 135 25.02 -1.92 -0.44
CA SER C 135 25.39 -0.53 -0.60
C SER C 135 24.19 0.25 -1.18
N LYS C 136 23.45 -0.34 -2.12
CA LYS C 136 22.35 0.41 -2.74
C LYS C 136 21.24 0.78 -1.74
N SER C 137 21.05 -0.03 -0.71
CA SER C 137 20.05 0.28 0.33
C SER C 137 20.42 1.54 1.12
N THR C 138 21.71 1.93 1.07
CA THR C 138 22.21 3.09 1.79
C THR C 138 22.09 4.37 0.97
N SER C 139 21.78 4.24 -0.32
CA SER C 139 21.63 5.41 -1.17
C SER C 139 20.41 6.22 -0.69
N GLY C 140 20.55 7.54 -0.73
CA GLY C 140 19.54 8.42 -0.17
C GLY C 140 19.62 8.62 1.33
N GLY C 141 20.69 8.15 1.96
CA GLY C 141 21.09 8.65 3.28
C GLY C 141 20.80 7.82 4.52
N THR C 142 20.00 6.76 4.41
CA THR C 142 19.73 5.90 5.57
C THR C 142 20.42 4.55 5.42
N ALA C 143 21.31 4.22 6.37
CA ALA C 143 22.02 2.96 6.37
C ALA C 143 21.62 2.13 7.60
N ALA C 144 21.00 0.97 7.36
CA ALA C 144 20.62 0.06 8.44
C ALA C 144 21.74 -0.93 8.67
N LEU C 145 22.29 -0.95 9.89
CA LEU C 145 23.37 -1.88 10.28
C LEU C 145 22.84 -2.74 11.42
N GLY C 146 23.30 -3.98 11.52
CA GLY C 146 22.92 -4.82 12.65
C GLY C 146 23.91 -5.90 13.02
N CYS C 147 23.59 -6.63 14.09
CA CYS C 147 24.29 -7.86 14.46
C CYS C 147 23.27 -8.94 14.83
N LEU C 148 23.53 -10.15 14.36
CA LEU C 148 22.73 -11.32 14.70
C LEU C 148 23.45 -12.02 15.86
N VAL C 149 22.72 -12.24 16.96
CA VAL C 149 23.25 -12.79 18.19
C VAL C 149 22.62 -14.17 18.41
N LYS C 150 23.37 -15.22 18.07
CA LYS C 150 22.79 -16.54 17.89
C LYS C 150 23.30 -17.59 18.89
N ASP C 151 22.40 -18.47 19.33
CA ASP C 151 22.72 -19.69 20.06
C ASP C 151 23.39 -19.45 21.40
N TYR C 152 22.71 -18.73 22.28
CA TYR C 152 23.18 -18.50 23.63
C TYR C 152 22.18 -19.02 24.65
N PHE C 153 22.64 -19.17 25.89
CA PHE C 153 21.79 -19.54 27.00
C PHE C 153 22.48 -19.14 28.28
N PRO C 154 21.74 -18.60 29.27
CA PRO C 154 20.33 -18.25 29.28
C PRO C 154 20.14 -16.80 28.86
N GLU C 155 18.92 -16.29 28.96
CA GLU C 155 18.70 -14.84 28.96
C GLU C 155 19.32 -14.26 30.22
N PRO C 156 19.74 -12.99 30.19
CA PRO C 156 19.65 -12.06 29.07
C PRO C 156 21.00 -11.80 28.40
N VAL C 157 20.95 -11.25 27.18
CA VAL C 157 22.13 -10.69 26.51
C VAL C 157 21.92 -9.19 26.44
N THR C 158 23.00 -8.44 26.57
CA THR C 158 22.93 -6.99 26.51
C THR C 158 23.70 -6.59 25.24
N VAL C 159 23.02 -5.91 24.34
CA VAL C 159 23.67 -5.40 23.14
C VAL C 159 23.82 -3.90 23.24
N SER C 160 25.02 -3.42 22.99
CA SER C 160 25.24 -1.98 22.92
C SER C 160 25.89 -1.67 21.59
N TRP C 161 25.91 -0.39 21.24
CA TRP C 161 26.62 0.07 20.04
C TRP C 161 27.64 1.12 20.42
N ASN C 162 28.81 1.03 19.79
CA ASN C 162 29.94 1.95 20.06
C ASN C 162 30.18 2.09 21.56
N SER C 163 30.29 0.94 22.22
CA SER C 163 30.53 0.86 23.68
C SER C 163 29.51 1.65 24.49
N GLY C 164 28.26 1.67 24.04
CA GLY C 164 27.19 2.33 24.77
C GLY C 164 26.97 3.80 24.44
N ALA C 165 27.85 4.36 23.62
CA ALA C 165 27.73 5.76 23.23
C ALA C 165 26.52 5.97 22.32
N LEU C 166 26.26 5.01 21.45
CA LEU C 166 25.18 5.15 20.45
C LEU C 166 23.95 4.41 20.93
N THR C 167 22.90 5.15 21.28
CA THR C 167 21.63 4.57 21.70
C THR C 167 20.47 4.94 20.79
N SER C 168 20.57 6.09 20.13
CA SER C 168 19.49 6.61 19.29
C SER C 168 19.37 5.77 18.03
N GLY C 169 18.15 5.36 17.72
CA GLY C 169 17.85 4.55 16.53
C GLY C 169 18.18 3.06 16.62
N VAL C 170 18.63 2.62 17.79
CA VAL C 170 18.96 1.23 18.05
C VAL C 170 17.69 0.48 18.39
N HIS C 171 17.50 -0.69 17.77
CA HIS C 171 16.41 -1.60 18.13
C HIS C 171 17.03 -2.92 18.37
N THR C 172 16.99 -3.37 19.63
CA THR C 172 17.38 -4.73 20.00
C THR C 172 16.10 -5.52 20.27
N PHE C 173 15.89 -6.57 19.49
CA PHE C 173 14.62 -7.27 19.48
C PHE C 173 14.53 -8.28 20.63
N PRO C 174 13.31 -8.60 21.10
CA PRO C 174 13.16 -9.70 22.06
C PRO C 174 13.73 -11.01 21.52
N ALA C 175 14.42 -11.76 22.38
CA ALA C 175 14.97 -13.06 21.98
C ALA C 175 13.87 -14.05 21.65
N VAL C 176 14.15 -14.96 20.73
CA VAL C 176 13.29 -16.11 20.46
C VAL C 176 14.01 -17.36 20.93
N LEU C 177 13.30 -18.22 21.66
CA LEU C 177 13.86 -19.48 22.11
C LEU C 177 13.76 -20.48 20.97
N GLN C 178 14.91 -20.90 20.44
CA GLN C 178 14.93 -21.86 19.33
C GLN C 178 14.58 -23.27 19.81
N SER C 179 14.29 -24.16 18.85
CA SER C 179 13.95 -25.56 19.16
C SER C 179 15.13 -26.27 19.84
N SER C 180 16.34 -25.84 19.51
CA SER C 180 17.55 -26.34 20.15
C SER C 180 17.65 -26.04 21.65
N GLY C 181 16.79 -25.17 22.16
CA GLY C 181 16.85 -24.73 23.55
C GLY C 181 17.75 -23.52 23.75
N LEU C 182 18.37 -23.04 22.68
CA LEU C 182 19.21 -21.85 22.74
C LEU C 182 18.44 -20.61 22.26
N TYR C 183 18.89 -19.44 22.68
CA TYR C 183 18.22 -18.19 22.34
C TYR C 183 18.86 -17.50 21.14
N SER C 184 18.10 -16.62 20.50
CA SER C 184 18.59 -15.91 19.34
C SER C 184 17.90 -14.55 19.19
N LEU C 185 18.67 -13.52 18.87
CA LEU C 185 18.10 -12.21 18.65
C LEU C 185 18.95 -11.40 17.67
N SER C 186 18.40 -10.26 17.27
CA SER C 186 19.11 -9.31 16.43
C SER C 186 19.05 -7.93 17.06
N SER C 187 20.09 -7.14 16.82
CA SER C 187 20.13 -5.74 17.19
C SER C 187 20.46 -4.93 15.94
N VAL C 188 19.74 -3.85 15.72
CA VAL C 188 19.96 -3.05 14.51
C VAL C 188 20.04 -1.59 14.89
N VAL C 189 20.65 -0.79 14.03
CA VAL C 189 20.68 0.64 14.19
C VAL C 189 20.63 1.26 12.80
N THR C 190 19.92 2.37 12.66
CA THR C 190 19.99 3.13 11.42
C THR C 190 20.86 4.35 11.65
N VAL C 191 21.78 4.59 10.72
CA VAL C 191 22.75 5.67 10.83
C VAL C 191 22.79 6.46 9.51
N PRO C 192 23.29 7.70 9.54
CA PRO C 192 23.39 8.45 8.30
C PRO C 192 24.43 7.82 7.39
N SER C 193 24.02 7.47 6.17
CA SER C 193 24.96 6.99 5.16
C SER C 193 26.19 7.87 4.99
N SER C 194 26.01 9.18 5.17
CA SER C 194 27.09 10.14 5.01
C SER C 194 28.14 10.05 6.12
N SER C 195 27.77 9.41 7.24
CA SER C 195 28.68 9.20 8.38
C SER C 195 29.66 8.04 8.16
N LEU C 196 29.41 7.18 7.19
CA LEU C 196 30.18 5.92 7.09
C LEU C 196 31.69 6.09 6.84
N GLY C 197 32.09 7.19 6.20
CA GLY C 197 33.52 7.49 6.00
C GLY C 197 34.17 8.14 7.23
N THR C 198 33.37 8.42 8.25
CA THR C 198 33.80 9.15 9.43
C THR C 198 33.75 8.32 10.70
N GLN C 199 32.71 7.52 10.83
CA GLN C 199 32.38 6.85 12.09
C GLN C 199 32.37 5.33 11.88
N THR C 200 33.11 4.59 12.69
CA THR C 200 33.01 3.13 12.69
C THR C 200 31.83 2.74 13.59
N TYR C 201 31.09 1.72 13.18
CA TYR C 201 29.94 1.23 13.96
C TYR C 201 30.24 -0.19 14.41
N ILE C 202 30.26 -0.39 15.73
CA ILE C 202 30.59 -1.68 16.33
C ILE C 202 29.47 -2.09 17.28
N CYS C 203 28.97 -3.32 17.18
CA CYS C 203 28.03 -3.82 18.18
C CYS C 203 28.82 -4.56 19.25
N ASN C 204 28.50 -4.27 20.51
CA ASN C 204 29.12 -4.95 21.64
C ASN C 204 28.12 -5.91 22.29
N VAL C 205 28.34 -7.20 22.15
CA VAL C 205 27.40 -8.19 22.66
C VAL C 205 27.95 -8.81 23.94
N ASN C 206 27.43 -8.39 25.08
CA ASN C 206 27.86 -8.90 26.38
C ASN C 206 26.83 -9.87 26.98
N HIS C 207 27.24 -11.13 27.13
CA HIS C 207 26.40 -12.17 27.72
C HIS C 207 26.95 -12.46 29.09
N LYS C 208 26.43 -11.74 30.08
CA LYS C 208 26.96 -11.77 31.45
C LYS C 208 26.94 -13.16 32.10
N PRO C 209 25.89 -13.95 31.87
CA PRO C 209 25.86 -15.31 32.42
C PRO C 209 27.06 -16.19 32.04
N SER C 210 27.62 -15.99 30.85
CA SER C 210 28.80 -16.74 30.41
C SER C 210 30.10 -15.95 30.51
N ASN C 211 30.01 -14.69 30.93
CA ASN C 211 31.13 -13.76 30.98
C ASN C 211 31.84 -13.59 29.64
N THR C 212 31.08 -13.63 28.54
CA THR C 212 31.65 -13.42 27.21
C THR C 212 31.20 -12.07 26.67
N LYS C 213 32.03 -11.51 25.79
CA LYS C 213 31.71 -10.25 25.12
C LYS C 213 32.38 -10.23 23.77
N VAL C 214 31.58 -10.02 22.73
CA VAL C 214 32.05 -10.03 21.37
C VAL C 214 31.74 -8.67 20.75
N ASP C 215 32.75 -8.08 20.11
CA ASP C 215 32.59 -6.83 19.38
C ASP C 215 32.68 -7.15 17.91
N LYS C 216 31.77 -6.59 17.13
CA LYS C 216 31.75 -6.81 15.70
C LYS C 216 31.52 -5.47 15.00
N LYS C 217 32.46 -5.12 14.12
CA LYS C 217 32.36 -3.93 13.29
C LYS C 217 31.42 -4.24 12.14
N VAL C 218 30.52 -3.33 11.83
CA VAL C 218 29.53 -3.57 10.78
C VAL C 218 29.51 -2.41 9.80
N GLU C 219 29.49 -2.74 8.51
CA GLU C 219 29.38 -1.73 7.45
C GLU C 219 28.74 -2.34 6.19
N PRO C 220 28.26 -1.48 5.26
CA PRO C 220 27.66 -2.00 4.04
C PRO C 220 28.64 -2.85 3.22
N LYS C 221 28.07 -3.77 2.43
CA LYS C 221 28.84 -4.56 1.48
C LYS C 221 29.05 -3.72 0.21
N SER C 222 30.30 -3.32 -0.04
CA SER C 222 30.62 -2.50 -1.22
C SER C 222 30.45 -3.29 -2.53
N CYS C 223 30.04 -2.57 -3.59
CA CYS C 223 29.74 -3.20 -4.88
C CYS C 223 30.18 -2.30 -6.03
N MET D 5 1.89 -21.01 29.18
CA MET D 5 0.55 -21.63 28.96
C MET D 5 -0.52 -20.58 28.60
N THR D 6 -0.65 -19.55 29.45
CA THR D 6 -1.64 -18.49 29.28
C THR D 6 -1.27 -17.29 30.18
N GLN D 7 -1.41 -16.04 29.74
CA GLN D 7 -1.81 -15.61 28.39
C GLN D 7 -1.07 -14.32 28.04
N SER D 8 -0.93 -14.04 26.75
CA SER D 8 -0.35 -12.76 26.31
C SER D 8 -1.41 -11.66 26.44
N PRO D 9 -1.00 -10.44 26.82
CA PRO D 9 -2.00 -9.40 27.09
C PRO D 9 -2.73 -8.91 25.84
N SER D 10 -3.97 -8.49 26.02
CA SER D 10 -4.72 -7.86 24.94
C SER D 10 -4.23 -6.43 24.75
N SER D 11 -4.59 -5.82 23.63
CA SER D 11 -4.11 -4.49 23.29
C SER D 11 -5.26 -3.51 23.12
N LEU D 12 -5.12 -2.33 23.72
CA LEU D 12 -6.06 -1.24 23.54
C LEU D 12 -5.29 -0.01 23.04
N SER D 13 -5.73 0.59 21.94
CA SER D 13 -5.14 1.84 21.44
C SER D 13 -5.92 3.03 21.99
N ALA D 14 -5.20 4.06 22.42
CA ALA D 14 -5.80 5.26 22.96
C ALA D 14 -4.87 6.48 22.82
N SER D 15 -5.40 7.66 23.13
CA SER D 15 -4.65 8.91 23.09
C SER D 15 -4.62 9.55 24.46
N VAL D 16 -3.61 10.39 24.72
CA VAL D 16 -3.59 11.19 25.95
C VAL D 16 -4.86 12.03 25.99
N GLY D 17 -5.51 12.07 27.15
CA GLY D 17 -6.79 12.76 27.27
C GLY D 17 -8.00 11.86 27.21
N ASP D 18 -7.84 10.62 26.74
CA ASP D 18 -8.97 9.68 26.62
C ASP D 18 -9.40 9.12 27.96
N ARG D 19 -10.68 8.80 28.04
CA ARG D 19 -11.25 8.05 29.16
C ARG D 19 -11.22 6.57 28.77
N VAL D 20 -10.72 5.71 29.66
CA VAL D 20 -10.68 4.29 29.38
C VAL D 20 -11.28 3.52 30.56
N THR D 21 -12.19 2.60 30.26
CA THR D 21 -12.80 1.75 31.29
C THR D 21 -12.55 0.30 30.95
N ILE D 22 -11.79 -0.39 31.80
CA ILE D 22 -11.47 -1.80 31.61
C ILE D 22 -12.35 -2.62 32.54
N THR D 23 -12.89 -3.72 32.01
CA THR D 23 -13.80 -4.58 32.75
C THR D 23 -13.10 -5.89 33.07
N CYS D 24 -13.18 -6.33 34.31
CA CYS D 24 -12.53 -7.56 34.74
C CYS D 24 -13.32 -8.76 34.21
N ARG D 25 -12.66 -9.56 33.36
CA ARG D 25 -13.29 -10.66 32.62
C ARG D 25 -13.96 -11.68 33.55
N SER D 29 -17.90 -16.98 37.46
CA SER D 29 -17.03 -15.82 37.57
C SER D 29 -17.58 -14.79 38.56
N VAL D 30 -18.15 -15.25 39.67
CA VAL D 30 -18.70 -14.37 40.69
C VAL D 30 -17.74 -14.23 41.88
N SER D 31 -17.03 -13.11 41.91
CA SER D 31 -15.98 -12.86 42.92
C SER D 31 -16.43 -11.82 43.94
N SER D 32 -15.91 -11.93 45.17
CA SER D 32 -16.32 -11.04 46.26
C SER D 32 -15.61 -9.69 46.22
N ALA D 33 -14.33 -9.68 45.85
CA ALA D 33 -13.55 -8.44 45.76
C ALA D 33 -12.57 -8.49 44.59
N VAL D 34 -12.11 -7.31 44.16
CA VAL D 34 -11.17 -7.20 43.03
C VAL D 34 -10.14 -6.08 43.23
N ALA D 35 -8.89 -6.35 42.87
CA ALA D 35 -7.83 -5.33 42.88
C ALA D 35 -7.29 -5.12 41.47
N TRP D 36 -6.70 -3.95 41.22
CA TRP D 36 -6.16 -3.61 39.91
C TRP D 36 -4.72 -3.20 40.00
N TYR D 37 -3.94 -3.58 38.98
CA TYR D 37 -2.50 -3.32 38.93
C TYR D 37 -2.04 -2.72 37.61
N GLN D 38 -0.96 -1.95 37.68
CA GLN D 38 -0.27 -1.44 36.51
C GLN D 38 1.13 -2.04 36.47
N GLN D 39 1.59 -2.40 35.27
CA GLN D 39 2.95 -2.93 35.09
C GLN D 39 3.59 -2.36 33.83
N LYS D 40 4.83 -1.89 33.95
CA LYS D 40 5.60 -1.37 32.82
C LYS D 40 6.73 -2.36 32.49
N PRO D 41 7.17 -2.40 31.22
CA PRO D 41 7.98 -3.48 30.65
C PRO D 41 8.88 -4.29 31.61
N GLY D 42 9.81 -3.64 32.29
CA GLY D 42 10.80 -4.38 33.09
C GLY D 42 10.66 -4.21 34.59
N LYS D 43 9.42 -4.06 35.06
CA LYS D 43 9.15 -3.62 36.42
C LYS D 43 8.12 -4.48 37.14
N ALA D 44 8.09 -4.38 38.46
CA ALA D 44 7.11 -5.10 39.28
C ALA D 44 5.72 -4.46 39.10
N PRO D 45 4.64 -5.24 39.32
CA PRO D 45 3.32 -4.61 39.32
C PRO D 45 3.19 -3.57 40.43
N LYS D 46 2.39 -2.54 40.19
CA LYS D 46 2.02 -1.55 41.20
C LYS D 46 0.52 -1.59 41.45
N LEU D 47 0.11 -1.56 42.71
CA LEU D 47 -1.30 -1.59 43.09
C LEU D 47 -1.93 -0.22 42.86
N LEU D 48 -3.06 -0.20 42.15
CA LEU D 48 -3.77 1.04 41.85
C LEU D 48 -5.03 1.16 42.70
N ILE D 49 -5.84 0.11 42.66
CA ILE D 49 -7.11 0.05 43.35
C ILE D 49 -7.14 -1.26 44.14
N TYR D 50 -7.57 -1.19 45.41
CA TYR D 50 -7.78 -2.39 46.22
C TYR D 50 -9.19 -2.42 46.77
N SER D 51 -9.70 -3.62 47.05
CA SER D 51 -11.05 -3.81 47.60
C SER D 51 -12.10 -3.13 46.73
N ALA D 52 -12.08 -3.45 45.43
CA ALA D 52 -13.07 -2.93 44.47
C ALA D 52 -12.82 -1.47 44.08
N SER D 53 -12.79 -0.57 45.06
CA SER D 53 -12.84 0.86 44.76
C SER D 53 -11.90 1.76 45.58
N SER D 54 -11.06 1.21 46.44
CA SER D 54 -10.18 2.04 47.26
C SER D 54 -8.90 2.44 46.51
N LEU D 55 -8.67 3.74 46.39
CA LEU D 55 -7.51 4.28 45.71
C LEU D 55 -6.29 4.15 46.65
N TYR D 56 -5.32 3.33 46.27
CA TYR D 56 -4.13 3.11 47.12
C TYR D 56 -3.30 4.40 47.27
N SER D 57 -2.75 4.57 48.48
CA SER D 57 -2.09 5.79 48.91
C SER D 57 -1.61 6.75 47.82
N GLY D 58 -0.49 6.43 47.17
CA GLY D 58 0.18 7.40 46.29
C GLY D 58 -0.36 7.50 44.88
N VAL D 59 -1.44 6.80 44.59
CA VAL D 59 -1.96 6.70 43.23
C VAL D 59 -2.82 7.93 42.88
N PRO D 60 -2.60 8.55 41.69
CA PRO D 60 -3.38 9.74 41.36
C PRO D 60 -4.88 9.50 41.30
N SER D 61 -5.66 10.57 41.43
CA SER D 61 -7.11 10.45 41.60
C SER D 61 -7.86 10.10 40.32
N ARG D 62 -7.22 10.30 39.15
CA ARG D 62 -7.83 9.91 37.86
C ARG D 62 -8.08 8.40 37.73
N PHE D 63 -7.42 7.60 38.56
CA PHE D 63 -7.71 6.18 38.65
C PHE D 63 -8.86 5.96 39.63
N SER D 64 -9.84 5.16 39.23
CA SER D 64 -10.93 4.80 40.12
C SER D 64 -11.44 3.40 39.80
N GLY D 65 -11.97 2.73 40.82
CA GLY D 65 -12.53 1.39 40.67
C GLY D 65 -13.99 1.37 41.12
N SER D 66 -14.76 0.45 40.57
CA SER D 66 -16.18 0.37 40.87
C SER D 66 -16.75 -1.00 40.58
N ARG D 67 -17.65 -1.45 41.44
CA ARG D 67 -18.41 -2.68 41.22
C ARG D 67 -19.83 -2.32 40.77
N SER D 68 -20.33 -3.08 39.79
CA SER D 68 -21.70 -2.95 39.32
C SER D 68 -22.23 -4.36 39.13
N GLY D 69 -23.17 -4.75 39.98
CA GLY D 69 -23.63 -6.13 39.99
C GLY D 69 -22.46 -7.04 40.24
N THR D 70 -22.19 -7.93 39.29
CA THR D 70 -21.02 -8.82 39.38
C THR D 70 -19.83 -8.28 38.58
N ASP D 71 -19.96 -7.11 37.97
CA ASP D 71 -18.92 -6.59 37.08
C ASP D 71 -18.06 -5.54 37.76
N PHE D 72 -16.75 -5.74 37.73
CA PHE D 72 -15.80 -4.83 38.35
C PHE D 72 -15.03 -4.10 37.26
N THR D 73 -14.84 -2.79 37.42
CA THR D 73 -14.20 -2.01 36.37
C THR D 73 -13.15 -1.05 36.93
N LEU D 74 -12.14 -0.77 36.12
CA LEU D 74 -11.15 0.26 36.42
C LEU D 74 -11.35 1.33 35.37
N THR D 75 -11.57 2.56 35.81
CA THR D 75 -11.63 3.69 34.88
C THR D 75 -10.47 4.65 35.15
N ILE D 76 -9.83 5.07 34.07
CA ILE D 76 -8.84 6.13 34.07
C ILE D 76 -9.55 7.30 33.40
N SER D 77 -9.77 8.37 34.15
CA SER D 77 -10.66 9.45 33.70
C SER D 77 -10.11 10.21 32.50
N SER D 78 -8.81 10.49 32.52
CA SER D 78 -8.14 11.15 31.41
C SER D 78 -6.70 10.64 31.35
N LEU D 79 -6.39 9.84 30.32
CA LEU D 79 -5.08 9.19 30.19
C LEU D 79 -3.96 10.23 30.08
N GLN D 80 -2.92 10.05 30.91
CA GLN D 80 -1.69 10.82 30.79
C GLN D 80 -0.64 9.95 30.10
N PRO D 81 0.47 10.57 29.62
CA PRO D 81 1.51 9.80 28.91
C PRO D 81 2.12 8.65 29.71
N GLU D 82 2.22 8.82 31.03
CA GLU D 82 2.76 7.78 31.90
C GLU D 82 1.79 6.63 32.19
N ASP D 83 0.55 6.74 31.71
CA ASP D 83 -0.47 5.70 31.97
C ASP D 83 -0.42 4.58 30.93
N PHE D 84 0.35 4.76 29.87
CA PHE D 84 0.47 3.73 28.86
C PHE D 84 1.31 2.59 29.43
N ALA D 85 0.65 1.45 29.63
CA ALA D 85 1.23 0.33 30.34
C ALA D 85 0.25 -0.83 30.25
N THR D 86 0.56 -1.92 30.94
CA THR D 86 -0.34 -3.07 30.99
C THR D 86 -1.07 -3.11 32.33
N TYR D 87 -2.36 -3.41 32.28
CA TYR D 87 -3.20 -3.44 33.48
C TYR D 87 -3.77 -4.83 33.73
N TYR D 88 -3.85 -5.20 35.00
CA TYR D 88 -4.38 -6.50 35.40
C TYR D 88 -5.41 -6.30 36.50
N CYS D 89 -6.53 -7.01 36.41
CA CYS D 89 -7.44 -7.12 37.56
C CYS D 89 -7.08 -8.40 38.32
N GLN D 90 -7.33 -8.39 39.61
CA GLN D 90 -7.06 -9.55 40.46
C GLN D 90 -8.36 -9.94 41.18
N GLN D 91 -8.84 -11.16 40.93
CA GLN D 91 -10.06 -11.66 41.55
C GLN D 91 -9.78 -12.39 42.85
N PHE D 92 -10.46 -11.98 43.92
CA PHE D 92 -10.47 -12.72 45.19
C PHE D 92 -11.85 -13.35 45.38
N LYS D 93 -11.89 -14.61 45.79
CA LYS D 93 -13.18 -15.29 46.00
C LYS D 93 -13.11 -16.47 46.97
N ARG D 94 -14.29 -16.93 47.39
CA ARG D 94 -14.43 -18.05 48.33
C ARG D 94 -14.65 -19.36 47.58
N GLN D 95 -13.79 -19.64 46.61
CA GLN D 95 -13.92 -20.80 45.74
C GLN D 95 -12.63 -21.01 44.96
N LYS D 96 -12.21 -22.26 44.81
CA LYS D 96 -10.95 -22.59 44.14
C LYS D 96 -11.09 -22.30 42.64
N GLU D 97 -10.16 -21.53 42.04
CA GLU D 97 -8.96 -20.98 42.69
C GLU D 97 -9.27 -19.68 43.45
N PRO D 98 -8.75 -19.54 44.69
CA PRO D 98 -9.08 -18.38 45.54
C PRO D 98 -8.58 -17.03 45.00
N ILE D 99 -7.36 -17.01 44.47
CA ILE D 99 -6.78 -15.82 43.85
C ILE D 99 -6.49 -16.09 42.37
N THR D 100 -6.91 -15.18 41.50
CA THR D 100 -6.66 -15.29 40.06
C THR D 100 -6.43 -13.90 39.48
N PHE D 101 -5.45 -13.81 38.57
CA PHE D 101 -5.20 -12.60 37.81
C PHE D 101 -5.81 -12.76 36.43
N GLY D 102 -6.47 -11.70 35.96
CA GLY D 102 -7.00 -11.68 34.60
C GLY D 102 -5.93 -11.44 33.56
N GLN D 103 -6.31 -11.60 32.30
CA GLN D 103 -5.41 -11.33 31.18
C GLN D 103 -5.00 -9.86 31.19
N GLY D 104 -3.74 -9.59 30.92
CA GLY D 104 -3.28 -8.22 30.88
C GLY D 104 -3.97 -7.45 29.77
N THR D 105 -4.28 -6.19 30.03
CA THR D 105 -4.72 -5.26 29.01
C THR D 105 -3.64 -4.21 28.79
N LYS D 106 -3.00 -4.27 27.62
CA LYS D 106 -1.87 -3.39 27.30
C LYS D 106 -2.37 -2.15 26.60
N VAL D 107 -2.27 -1.00 27.27
CA VAL D 107 -2.74 0.24 26.68
C VAL D 107 -1.59 0.93 25.95
N GLU D 108 -1.76 1.13 24.64
CA GLU D 108 -0.72 1.69 23.78
C GLU D 108 -1.19 3.00 23.16
N ILE D 109 -0.25 3.80 22.70
CA ILE D 109 -0.54 5.16 22.29
C ILE D 109 -0.79 5.23 20.78
N LYS D 110 -1.79 6.02 20.40
CA LYS D 110 -2.16 6.20 19.02
C LYS D 110 -1.20 7.22 18.40
N ARG D 111 -0.91 7.04 17.11
CA ARG D 111 -0.16 8.02 16.33
C ARG D 111 -0.58 7.86 14.88
N THR D 112 -0.01 8.65 13.97
CA THR D 112 -0.38 8.53 12.56
C THR D 112 0.20 7.24 11.98
N VAL D 113 -0.38 6.80 10.87
CA VAL D 113 0.12 5.64 10.17
C VAL D 113 1.52 5.96 9.59
N ALA D 114 2.42 5.00 9.67
CA ALA D 114 3.79 5.14 9.22
C ALA D 114 4.19 3.81 8.60
N ALA D 115 4.55 3.85 7.33
CA ALA D 115 4.97 2.67 6.60
C ALA D 115 6.34 2.22 7.10
N PRO D 116 6.58 0.90 7.17
CA PRO D 116 7.93 0.40 7.50
C PRO D 116 8.97 0.74 6.44
N SER D 117 10.21 0.99 6.89
CA SER D 117 11.37 0.87 6.01
C SER D 117 11.81 -0.56 6.09
N VAL D 118 12.02 -1.19 4.95
CA VAL D 118 12.35 -2.60 4.85
C VAL D 118 13.80 -2.74 4.37
N PHE D 119 14.54 -3.61 5.04
CA PHE D 119 15.94 -3.89 4.68
C PHE D 119 16.14 -5.39 4.74
N ILE D 120 16.87 -5.93 3.78
CA ILE D 120 17.14 -7.37 3.74
C ILE D 120 18.65 -7.59 3.86
N PHE D 121 19.04 -8.39 4.85
CA PHE D 121 20.45 -8.73 5.07
C PHE D 121 20.73 -10.19 4.73
N PRO D 122 21.72 -10.44 3.86
CA PRO D 122 22.10 -11.82 3.56
C PRO D 122 22.90 -12.42 4.71
N PRO D 123 23.06 -13.76 4.73
CA PRO D 123 23.93 -14.37 5.75
C PRO D 123 25.38 -13.90 5.61
N SER D 124 26.11 -13.86 6.71
CA SER D 124 27.53 -13.55 6.67
C SER D 124 28.32 -14.75 6.20
N ASP D 125 29.51 -14.50 5.66
CA ASP D 125 30.45 -15.54 5.30
C ASP D 125 30.85 -16.42 6.48
N SER D 126 31.04 -15.81 7.65
CA SER D 126 31.39 -16.56 8.86
C SER D 126 30.31 -17.55 9.25
N GLN D 127 29.04 -17.14 9.18
CA GLN D 127 27.95 -18.06 9.52
C GLN D 127 27.93 -19.24 8.55
N LEU D 128 28.04 -18.95 7.24
CA LEU D 128 27.97 -20.01 6.23
C LEU D 128 29.02 -21.11 6.43
N LYS D 129 30.22 -20.72 6.84
CA LYS D 129 31.28 -21.68 7.20
C LYS D 129 30.81 -22.70 8.22
N SER D 130 29.95 -22.26 9.15
CA SER D 130 29.45 -23.10 10.23
C SER D 130 28.27 -24.01 9.82
N GLY D 131 27.80 -23.90 8.58
CA GLY D 131 26.77 -24.80 8.06
C GLY D 131 25.34 -24.28 8.03
N THR D 132 25.14 -23.03 8.43
CA THR D 132 23.80 -22.43 8.54
C THR D 132 23.75 -21.05 7.89
N ALA D 133 22.62 -20.73 7.28
CA ALA D 133 22.38 -19.42 6.69
C ALA D 133 21.14 -18.80 7.31
N SER D 134 21.33 -17.69 8.02
CA SER D 134 20.24 -16.89 8.56
C SER D 134 20.12 -15.65 7.68
N VAL D 135 18.92 -15.43 7.13
CA VAL D 135 18.62 -14.25 6.33
C VAL D 135 17.65 -13.40 7.15
N VAL D 136 17.94 -12.11 7.24
CA VAL D 136 17.16 -11.24 8.11
C VAL D 136 16.48 -10.13 7.32
N CYS D 137 15.21 -9.96 7.62
CA CYS D 137 14.43 -8.88 7.06
C CYS D 137 14.04 -7.98 8.21
N LEU D 138 14.40 -6.71 8.10
CA LEU D 138 14.06 -5.72 9.11
C LEU D 138 12.94 -4.83 8.57
N LEU D 139 11.90 -4.65 9.38
CA LEU D 139 10.87 -3.64 9.14
C LEU D 139 11.04 -2.61 10.24
N ASN D 140 11.43 -1.39 9.87
CA ASN D 140 11.83 -0.37 10.83
C ASN D 140 10.82 0.76 10.98
N ASN D 141 10.52 1.11 12.23
CA ASN D 141 9.79 2.33 12.60
C ASN D 141 8.43 2.50 11.91
N PHE D 142 7.50 1.59 12.21
CA PHE D 142 6.19 1.57 11.57
C PHE D 142 5.07 1.65 12.60
N TYR D 143 3.91 2.11 12.14
CA TYR D 143 2.68 2.12 12.92
C TYR D 143 1.50 2.00 11.98
N PRO D 144 0.49 1.17 12.33
CA PRO D 144 0.35 0.33 13.53
C PRO D 144 1.20 -0.95 13.51
N ARG D 145 1.15 -1.66 14.64
CA ARG D 145 1.95 -2.85 14.92
C ARG D 145 1.78 -4.03 13.96
N GLU D 146 0.58 -4.15 13.38
CA GLU D 146 0.24 -5.30 12.55
C GLU D 146 0.93 -5.22 11.19
N ALA D 147 1.79 -6.18 10.90
CA ALA D 147 2.42 -6.29 9.59
C ALA D 147 2.60 -7.76 9.26
N LYS D 148 2.47 -8.10 7.97
CA LYS D 148 2.77 -9.44 7.48
C LYS D 148 4.10 -9.37 6.73
N VAL D 149 5.01 -10.29 7.05
CA VAL D 149 6.25 -10.49 6.31
C VAL D 149 6.17 -11.86 5.70
N GLN D 150 6.36 -11.94 4.39
CA GLN D 150 6.30 -13.19 3.64
C GLN D 150 7.62 -13.43 2.91
N TRP D 151 8.31 -14.52 3.25
CA TRP D 151 9.55 -14.90 2.56
C TRP D 151 9.27 -15.63 1.28
N LYS D 152 10.01 -15.28 0.23
CA LYS D 152 10.01 -16.05 -1.01
C LYS D 152 11.44 -16.43 -1.40
N VAL D 153 11.65 -17.69 -1.77
CA VAL D 153 12.95 -18.16 -2.25
C VAL D 153 12.76 -18.73 -3.65
N ASP D 154 13.43 -18.13 -4.64
CA ASP D 154 13.18 -18.43 -6.06
C ASP D 154 11.68 -18.42 -6.39
N ASN D 155 10.99 -17.40 -5.89
CA ASN D 155 9.55 -17.24 -6.07
C ASN D 155 8.64 -18.29 -5.42
N ALA D 156 9.21 -19.17 -4.60
CA ALA D 156 8.43 -20.10 -3.79
C ALA D 156 8.16 -19.45 -2.43
N LEU D 157 6.88 -19.22 -2.12
CA LEU D 157 6.49 -18.70 -0.81
C LEU D 157 6.82 -19.70 0.28
N GLN D 158 7.40 -19.21 1.38
CA GLN D 158 7.91 -20.06 2.45
C GLN D 158 7.00 -20.06 3.67
N SER D 159 7.10 -21.13 4.44
CA SER D 159 6.44 -21.19 5.74
C SER D 159 7.08 -22.25 6.60
N GLY D 160 7.22 -21.94 7.87
CA GLY D 160 7.72 -22.90 8.85
C GLY D 160 9.22 -22.86 9.05
N ASN D 161 9.92 -21.97 8.35
CA ASN D 161 11.38 -21.83 8.48
C ASN D 161 11.83 -20.38 8.77
N SER D 162 10.95 -19.61 9.40
CA SER D 162 11.29 -18.27 9.90
C SER D 162 10.74 -18.05 11.28
N GLN D 163 11.23 -17.00 11.95
CA GLN D 163 10.68 -16.54 13.22
C GLN D 163 10.65 -15.01 13.21
N GLU D 164 9.59 -14.44 13.80
CA GLU D 164 9.45 -12.98 13.95
C GLU D 164 9.70 -12.55 15.38
N SER D 165 10.20 -11.33 15.54
CA SER D 165 10.23 -10.68 16.84
C SER D 165 9.87 -9.21 16.64
N VAL D 166 9.04 -8.67 17.53
CA VAL D 166 8.61 -7.27 17.49
C VAL D 166 9.07 -6.54 18.75
N THR D 167 9.49 -5.29 18.60
CA THR D 167 9.83 -4.44 19.75
C THR D 167 8.58 -3.92 20.45
N GLU D 168 8.73 -3.53 21.71
CA GLU D 168 7.73 -2.72 22.38
C GLU D 168 7.57 -1.40 21.65
N GLN D 169 6.44 -0.72 21.87
CA GLN D 169 6.21 0.59 21.26
C GLN D 169 7.32 1.54 21.71
N ASP D 170 7.93 2.23 20.74
CA ASP D 170 9.02 3.15 21.05
C ASP D 170 8.52 4.32 21.91
N SER D 171 9.26 4.64 22.96
CA SER D 171 8.89 5.72 23.88
C SER D 171 8.96 7.10 23.26
N LYS D 172 9.80 7.28 22.24
CA LYS D 172 9.99 8.60 21.64
C LYS D 172 9.11 8.84 20.41
N ASP D 173 9.01 7.87 19.51
CA ASP D 173 8.26 8.08 18.27
C ASP D 173 7.02 7.19 18.11
N SER D 174 6.72 6.39 19.13
CA SER D 174 5.48 5.60 19.17
C SER D 174 5.32 4.57 18.04
N THR D 175 6.42 4.22 17.38
CA THR D 175 6.43 3.16 16.36
C THR D 175 6.92 1.83 16.90
N TYR D 176 6.78 0.82 16.05
CA TYR D 176 7.29 -0.52 16.29
C TYR D 176 8.33 -0.88 15.25
N SER D 177 9.15 -1.86 15.57
CA SER D 177 10.06 -2.47 14.59
C SER D 177 9.94 -3.99 14.70
N LEU D 178 10.29 -4.67 13.62
CA LEU D 178 10.12 -6.12 13.54
C LEU D 178 11.28 -6.73 12.78
N SER D 179 11.75 -7.86 13.25
CA SER D 179 12.75 -8.64 12.54
C SER D 179 12.15 -10.00 12.21
N SER D 180 12.36 -10.47 10.99
CA SER D 180 12.01 -11.82 10.60
C SER D 180 13.29 -12.49 10.13
N THR D 181 13.59 -13.65 10.69
CA THR D 181 14.78 -14.40 10.33
C THR D 181 14.41 -15.71 9.65
N LEU D 182 14.89 -15.86 8.42
CA LEU D 182 14.76 -17.10 7.68
C LEU D 182 16.03 -17.91 7.89
N THR D 183 15.87 -19.14 8.38
CA THR D 183 17.00 -20.00 8.62
C THR D 183 16.97 -21.23 7.72
N LEU D 184 18.05 -21.41 6.97
CA LEU D 184 18.24 -22.59 6.13
C LEU D 184 19.58 -23.23 6.41
N SER D 185 19.71 -24.50 6.02
CA SER D 185 21.02 -25.13 5.99
C SER D 185 21.84 -24.43 4.90
N LYS D 186 23.16 -24.45 5.06
CA LYS D 186 24.05 -23.92 4.03
C LYS D 186 23.75 -24.61 2.72
N ALA D 187 23.52 -25.92 2.77
CA ALA D 187 23.24 -26.71 1.57
C ALA D 187 22.00 -26.19 0.84
N ASP D 188 20.90 -25.99 1.58
CA ASP D 188 19.68 -25.46 0.98
C ASP D 188 19.88 -24.02 0.51
N TYR D 189 20.55 -23.21 1.33
CA TYR D 189 20.83 -21.82 0.95
C TYR D 189 21.47 -21.73 -0.43
N GLU D 190 22.47 -22.57 -0.67
CA GLU D 190 23.25 -22.54 -1.90
C GLU D 190 22.55 -23.16 -3.12
N LYS D 191 21.38 -23.76 -2.92
CA LYS D 191 20.59 -24.32 -4.02
C LYS D 191 19.73 -23.29 -4.71
N HIS D 192 19.59 -22.10 -4.11
CA HIS D 192 18.70 -21.06 -4.64
C HIS D 192 19.40 -19.76 -4.85
N LYS D 193 18.75 -18.90 -5.64
CA LYS D 193 19.32 -17.63 -6.06
C LYS D 193 18.64 -16.45 -5.39
N VAL D 194 17.35 -16.25 -5.67
CA VAL D 194 16.64 -15.05 -5.24
C VAL D 194 16.04 -15.23 -3.85
N TYR D 195 16.45 -14.38 -2.92
CA TYR D 195 15.90 -14.34 -1.56
C TYR D 195 15.15 -13.04 -1.40
N ALA D 196 13.89 -13.13 -1.01
CA ALA D 196 13.01 -11.97 -1.02
C ALA D 196 12.13 -11.94 0.21
N CYS D 197 11.95 -10.73 0.71
CA CYS D 197 11.15 -10.49 1.88
C CYS D 197 10.03 -9.56 1.41
N GLU D 198 8.77 -10.03 1.48
CA GLU D 198 7.62 -9.24 1.02
C GLU D 198 6.80 -8.75 2.20
N VAL D 199 6.61 -7.44 2.28
CA VAL D 199 5.97 -6.82 3.42
C VAL D 199 4.65 -6.18 3.04
N THR D 200 3.62 -6.46 3.84
CA THR D 200 2.28 -5.87 3.69
C THR D 200 1.98 -5.12 4.99
N HIS D 201 1.40 -3.93 4.87
CA HIS D 201 1.14 -3.07 6.03
C HIS D 201 0.15 -1.99 5.68
N GLN D 202 -0.55 -1.43 6.66
CA GLN D 202 -1.56 -0.41 6.39
C GLN D 202 -1.00 0.82 5.68
N GLY D 203 0.20 1.25 6.07
CA GLY D 203 0.86 2.37 5.42
C GLY D 203 1.42 2.08 4.04
N LEU D 204 1.37 0.83 3.61
CA LEU D 204 1.85 0.42 2.31
C LEU D 204 0.65 0.15 1.40
N SER D 205 0.47 0.96 0.38
CA SER D 205 -0.66 0.81 -0.55
C SER D 205 -0.41 -0.31 -1.58
N SER D 206 0.83 -0.78 -1.66
CA SER D 206 1.09 -2.07 -2.27
C SER D 206 2.28 -2.72 -1.55
N PRO D 207 2.38 -4.06 -1.61
CA PRO D 207 3.43 -4.78 -0.87
C PRO D 207 4.85 -4.36 -1.29
N VAL D 208 5.76 -4.29 -0.34
CA VAL D 208 7.16 -3.99 -0.64
C VAL D 208 7.97 -5.28 -0.59
N THR D 209 8.81 -5.49 -1.60
CA THR D 209 9.65 -6.66 -1.65
C THR D 209 11.08 -6.17 -1.72
N LYS D 210 11.88 -6.57 -0.75
CA LYS D 210 13.31 -6.36 -0.81
C LYS D 210 13.94 -7.72 -1.06
N SER D 211 14.94 -7.76 -1.93
CA SER D 211 15.55 -9.01 -2.30
C SER D 211 17.02 -8.85 -2.65
N PHE D 212 17.73 -9.97 -2.63
CA PHE D 212 19.07 -10.05 -3.18
C PHE D 212 19.18 -11.37 -3.93
N ASN D 213 20.13 -11.42 -4.86
CA ASN D 213 20.51 -12.66 -5.51
C ASN D 213 21.82 -13.14 -4.92
N ARG D 214 21.81 -14.38 -4.43
CA ARG D 214 22.97 -14.95 -3.76
C ARG D 214 24.16 -14.88 -4.71
N GLY D 215 25.30 -14.37 -4.22
CA GLY D 215 26.52 -14.27 -5.02
C GLY D 215 26.68 -13.01 -5.86
N GLU D 216 25.66 -12.15 -5.88
CA GLU D 216 25.74 -10.85 -6.55
C GLU D 216 25.51 -9.72 -5.56
N CYS D 217 26.13 -8.57 -5.79
CA CYS D 217 25.93 -7.40 -4.95
C CYS D 217 25.28 -6.26 -5.74
N ILE E 2 -8.67 24.29 33.40
CA ILE E 2 -9.69 25.15 32.74
C ILE E 2 -9.52 26.60 33.19
N SER E 3 -9.53 27.51 32.22
CA SER E 3 -9.13 28.90 32.45
C SER E 3 -10.22 29.76 33.10
N GLU E 4 -9.82 30.57 34.08
CA GLU E 4 -10.71 31.53 34.76
C GLU E 4 -10.50 32.94 34.19
N VAL E 5 -9.25 33.38 34.18
CA VAL E 5 -8.87 34.66 33.57
C VAL E 5 -8.52 34.42 32.10
N GLN E 6 -8.87 35.36 31.24
CA GLN E 6 -8.52 35.25 29.84
C GLN E 6 -8.37 36.62 29.18
N LEU E 7 -7.33 36.75 28.36
CA LEU E 7 -7.14 37.94 27.53
C LEU E 7 -7.23 37.51 26.07
N VAL E 8 -8.17 38.07 25.33
CA VAL E 8 -8.39 37.71 23.94
C VAL E 8 -8.11 38.90 23.03
N GLU E 9 -7.14 38.74 22.13
CA GLU E 9 -6.72 39.82 21.25
C GLU E 9 -7.35 39.75 19.88
N SER E 10 -7.45 40.90 19.22
CA SER E 10 -7.86 40.97 17.83
C SER E 10 -7.37 42.28 17.23
N GLY E 11 -7.63 42.49 15.94
CA GLY E 11 -7.29 43.73 15.26
C GLY E 11 -5.95 43.70 14.52
N GLY E 12 -5.28 42.54 14.55
CA GLY E 12 -4.01 42.39 13.86
C GLY E 12 -4.23 42.19 12.37
N GLY E 13 -3.17 41.83 11.65
CA GLY E 13 -3.26 41.64 10.21
C GLY E 13 -2.22 42.44 9.45
N LEU E 14 -2.60 42.91 8.27
CA LEU E 14 -1.67 43.52 7.33
C LEU E 14 -1.78 45.05 7.34
N VAL E 15 -0.66 45.71 7.08
CA VAL E 15 -0.59 47.16 7.04
C VAL E 15 0.68 47.56 6.26
N GLN E 16 0.67 48.75 5.66
CA GLN E 16 1.85 49.26 4.94
C GLN E 16 2.65 50.23 5.78
N PRO E 17 3.93 50.44 5.43
CA PRO E 17 4.71 51.43 6.16
C PRO E 17 4.01 52.79 6.13
N GLY E 18 4.03 53.49 7.27
CA GLY E 18 3.33 54.75 7.42
C GLY E 18 1.87 54.63 7.81
N GLY E 19 1.31 53.43 7.70
CA GLY E 19 -0.09 53.19 8.05
C GLY E 19 -0.32 52.97 9.53
N SER E 20 -1.59 52.75 9.87
CA SER E 20 -2.03 52.61 11.27
C SER E 20 -2.87 51.35 11.46
N LEU E 21 -2.81 50.79 12.66
CA LEU E 21 -3.63 49.65 13.07
C LEU E 21 -3.99 49.81 14.53
N ARG E 22 -5.15 49.27 14.92
CA ARG E 22 -5.54 49.26 16.32
C ARG E 22 -5.77 47.83 16.82
N LEU E 23 -5.00 47.45 17.84
CA LEU E 23 -5.17 46.15 18.46
C LEU E 23 -6.07 46.30 19.68
N SER E 24 -6.83 45.25 19.97
CA SER E 24 -7.72 45.21 21.13
C SER E 24 -7.35 44.00 21.98
N CYS E 25 -7.52 44.16 23.29
CA CYS E 25 -7.23 43.11 24.27
C CYS E 25 -8.43 43.05 25.20
N ALA E 26 -9.31 42.07 24.99
CA ALA E 26 -10.55 41.92 25.75
C ALA E 26 -10.32 41.00 26.94
N ALA E 27 -10.53 41.51 28.14
CA ALA E 27 -10.27 40.76 29.38
C ALA E 27 -11.55 40.19 29.99
N SER E 28 -11.46 39.00 30.53
CA SER E 28 -12.56 38.42 31.29
C SER E 28 -12.03 37.67 32.50
N GLY E 29 -12.87 37.53 33.53
CA GLY E 29 -12.47 36.85 34.75
C GLY E 29 -11.81 37.77 35.75
N PHE E 30 -11.52 38.99 35.33
CA PHE E 30 -11.04 40.04 36.22
C PHE E 30 -11.37 41.38 35.61
N ASN E 31 -11.26 42.42 36.43
CA ASN E 31 -11.56 43.76 36.02
C ASN E 31 -10.30 44.54 35.68
N VAL E 32 -10.30 45.14 34.51
CA VAL E 32 -9.17 45.93 34.01
C VAL E 32 -8.74 47.04 34.98
N SER E 33 -9.66 47.59 35.76
CA SER E 33 -9.30 48.63 36.70
C SER E 33 -8.72 48.10 38.03
N SER E 34 -8.62 46.78 38.19
CA SER E 34 -7.95 46.17 39.35
C SER E 34 -6.52 45.69 39.08
N TYR E 35 -6.16 45.60 37.80
CA TYR E 35 -4.85 45.11 37.37
C TYR E 35 -4.38 45.91 36.17
N SER E 36 -3.14 46.40 36.19
CA SER E 36 -2.61 47.04 35.00
C SER E 36 -2.28 46.00 33.92
N ILE E 37 -2.16 46.49 32.69
CA ILE E 37 -2.05 45.65 31.51
C ILE E 37 -0.88 46.15 30.64
N HIS E 38 -0.20 45.24 29.97
CA HIS E 38 0.92 45.60 29.12
C HIS E 38 0.75 45.05 27.74
N TRP E 39 1.46 45.64 26.78
CA TRP E 39 1.67 45.04 25.49
C TRP E 39 3.11 44.62 25.36
N VAL E 40 3.32 43.43 24.82
CA VAL E 40 4.65 42.88 24.58
C VAL E 40 4.67 42.32 23.17
N ARG E 41 5.77 42.50 22.45
CA ARG E 41 5.86 41.95 21.09
C ARG E 41 7.04 41.03 20.83
N GLN E 42 6.93 40.24 19.77
CA GLN E 42 7.91 39.25 19.41
C GLN E 42 8.02 39.16 17.91
N ALA E 43 9.13 39.68 17.37
CA ALA E 43 9.42 39.57 15.94
C ALA E 43 9.75 38.12 15.63
N PRO E 44 9.40 37.63 14.43
CA PRO E 44 9.65 36.23 14.11
C PRO E 44 11.09 35.79 14.40
N GLY E 45 11.24 34.70 15.15
CA GLY E 45 12.53 34.14 15.50
C GLY E 45 13.35 34.94 16.48
N LYS E 46 12.74 35.97 17.09
CA LYS E 46 13.42 36.85 18.03
C LYS E 46 12.78 36.79 19.42
N GLY E 47 13.35 37.55 20.36
CA GLY E 47 12.92 37.55 21.74
C GLY E 47 11.74 38.48 22.00
N LEU E 48 11.31 38.50 23.26
CA LEU E 48 10.19 39.33 23.67
C LEU E 48 10.64 40.76 23.83
N GLU E 49 9.79 41.70 23.45
CA GLU E 49 10.05 43.13 23.68
C GLU E 49 8.85 43.77 24.33
N TRP E 50 9.06 44.30 25.53
CA TRP E 50 8.04 45.06 26.22
C TRP E 50 7.89 46.37 25.49
N VAL E 51 6.65 46.78 25.21
CA VAL E 51 6.46 48.05 24.51
C VAL E 51 5.57 49.09 25.18
N ALA E 52 4.55 48.68 25.94
CA ALA E 52 3.62 49.65 26.53
C ALA E 52 2.94 49.13 27.80
N TYR E 53 2.53 50.07 28.66
CA TYR E 53 1.85 49.77 29.92
C TYR E 53 0.74 50.77 30.18
N ILE E 54 -0.36 50.31 30.78
CA ILE E 54 -1.42 51.19 31.26
C ILE E 54 -2.06 50.70 32.56
N SER E 55 -2.28 51.62 33.49
CA SER E 55 -3.20 51.40 34.60
C SER E 55 -4.53 52.03 34.25
N SER E 56 -5.56 51.20 34.04
CA SER E 56 -6.88 51.70 33.69
C SER E 56 -7.50 52.57 34.78
N SER E 57 -7.22 52.28 36.04
CA SER E 57 -7.80 53.08 37.12
C SER E 57 -7.22 54.50 37.13
N SER E 58 -5.90 54.63 37.09
CA SER E 58 -5.28 55.95 37.16
C SER E 58 -5.18 56.63 35.80
N GLY E 59 -5.07 55.83 34.74
CA GLY E 59 -4.86 56.35 33.39
C GLY E 59 -3.39 56.48 33.01
N TYR E 60 -2.49 56.20 33.96
CA TYR E 60 -1.06 56.31 33.73
C TYR E 60 -0.62 55.35 32.64
N THR E 61 0.17 55.87 31.70
CA THR E 61 0.68 55.10 30.58
C THR E 61 2.19 55.32 30.43
N TYR E 62 2.86 54.31 29.88
CA TYR E 62 4.28 54.37 29.63
C TYR E 62 4.60 53.55 28.40
N TYR E 63 5.55 54.05 27.61
CA TYR E 63 5.94 53.41 26.37
C TYR E 63 7.44 53.18 26.34
N ALA E 64 7.88 52.10 25.71
CA ALA E 64 9.29 51.89 25.42
C ALA E 64 9.71 52.88 24.33
N ASP E 65 10.97 53.29 24.33
CA ASP E 65 11.45 54.29 23.36
C ASP E 65 11.26 53.85 21.92
N SER E 66 11.34 52.54 21.68
CA SER E 66 11.14 51.99 20.34
C SER E 66 9.79 52.35 19.71
N VAL E 67 8.81 52.73 20.53
CA VAL E 67 7.47 53.08 20.02
C VAL E 67 6.91 54.43 20.49
N LYS E 68 7.56 55.06 21.45
CA LYS E 68 7.10 56.34 21.98
C LYS E 68 6.92 57.34 20.85
N GLY E 69 5.80 58.06 20.87
CA GLY E 69 5.46 59.01 19.81
C GLY E 69 4.62 58.44 18.69
N ARG E 70 4.65 57.11 18.50
CA ARG E 70 3.87 56.47 17.44
C ARG E 70 2.69 55.63 17.97
N PHE E 71 2.86 55.04 19.15
CA PHE E 71 1.86 54.11 19.68
C PHE E 71 1.12 54.77 20.84
N THR E 72 -0.14 54.38 21.04
CA THR E 72 -0.95 54.88 22.14
C THR E 72 -1.73 53.73 22.77
N ILE E 73 -1.50 53.51 24.06
CA ILE E 73 -2.21 52.49 24.82
C ILE E 73 -3.36 53.18 25.53
N SER E 74 -4.50 52.50 25.58
CA SER E 74 -5.69 53.06 26.20
C SER E 74 -6.58 51.92 26.64
N ALA E 75 -7.63 52.26 27.37
CA ALA E 75 -8.56 51.27 27.90
C ALA E 75 -9.97 51.83 27.97
N ASP E 76 -10.94 50.91 27.92
CA ASP E 76 -12.34 51.24 28.10
C ASP E 76 -12.84 50.26 29.14
N THR E 77 -12.98 50.73 30.37
CA THR E 77 -13.30 49.85 31.49
C THR E 77 -14.75 49.32 31.42
N SER E 78 -15.62 49.98 30.66
CA SER E 78 -16.99 49.48 30.46
C SER E 78 -17.02 48.27 29.53
N LYS E 79 -16.13 48.25 28.52
CA LYS E 79 -15.94 47.07 27.68
C LYS E 79 -14.90 46.11 28.27
N ASN E 80 -14.23 46.53 29.34
CA ASN E 80 -13.19 45.74 30.00
C ASN E 80 -12.10 45.31 29.01
N THR E 81 -11.68 46.27 28.18
CA THR E 81 -10.80 46.01 27.06
C THR E 81 -9.70 47.08 27.01
N ALA E 82 -8.47 46.65 26.75
CA ALA E 82 -7.34 47.55 26.53
C ALA E 82 -7.07 47.61 25.03
N TYR E 83 -6.43 48.70 24.58
CA TYR E 83 -6.15 48.90 23.16
C TYR E 83 -4.72 49.36 22.94
N LEU E 84 -4.20 49.14 21.73
CA LEU E 84 -2.93 49.70 21.31
C LEU E 84 -3.09 50.27 19.92
N GLN E 85 -3.13 51.60 19.85
CA GLN E 85 -3.20 52.31 18.57
C GLN E 85 -1.78 52.46 18.04
N MET E 86 -1.50 51.78 16.94
CA MET E 86 -0.19 51.85 16.32
C MET E 86 -0.26 52.75 15.07
N ASN E 87 0.55 53.81 15.07
CA ASN E 87 0.64 54.73 13.94
C ASN E 87 2.08 54.80 13.45
N SER E 88 2.27 55.33 12.25
CA SER E 88 3.60 55.47 11.63
C SER E 88 4.38 54.15 11.64
N LEU E 89 3.69 53.06 11.32
CA LEU E 89 4.28 51.75 11.37
C LEU E 89 5.42 51.58 10.37
N ARG E 90 6.40 50.76 10.75
CA ARG E 90 7.56 50.43 9.93
C ARG E 90 7.64 48.92 9.79
N ALA E 91 8.43 48.47 8.81
CA ALA E 91 8.74 47.05 8.64
C ALA E 91 9.17 46.37 9.94
N GLU E 92 10.07 47.01 10.69
CA GLU E 92 10.58 46.41 11.93
C GLU E 92 9.57 46.33 13.11
N ASP E 93 8.37 46.87 12.92
CA ASP E 93 7.28 46.67 13.88
C ASP E 93 6.53 45.37 13.62
N THR E 94 6.93 44.64 12.57
CA THR E 94 6.34 43.35 12.26
C THR E 94 6.62 42.39 13.42
N ALA E 95 5.58 41.76 13.94
CA ALA E 95 5.71 40.93 15.14
C ALA E 95 4.37 40.34 15.56
N VAL E 96 4.44 39.32 16.41
CA VAL E 96 3.28 38.90 17.18
C VAL E 96 3.14 39.82 18.39
N TYR E 97 1.96 40.38 18.57
CA TYR E 97 1.71 41.30 19.68
C TYR E 97 0.88 40.59 20.72
N TYR E 98 1.36 40.56 21.96
CA TYR E 98 0.62 40.00 23.07
C TYR E 98 0.21 41.11 24.02
N CYS E 99 -0.92 40.93 24.69
CA CYS E 99 -1.22 41.74 25.86
C CYS E 99 -1.08 40.85 27.06
N ALA E 100 -0.84 41.43 28.22
CA ALA E 100 -0.59 40.64 29.42
C ALA E 100 -0.92 41.45 30.65
N ARG E 101 -1.17 40.74 31.76
CA ARG E 101 -1.65 41.33 32.99
C ARG E 101 -0.57 41.32 34.07
N THR E 102 -0.52 42.38 34.86
CA THR E 102 0.43 42.48 35.96
C THR E 102 0.11 41.50 37.08
N TRP E 103 1.17 40.85 37.58
CA TRP E 103 1.08 40.00 38.77
C TRP E 103 2.33 40.17 39.61
N TYR E 104 2.25 41.02 40.62
CA TYR E 104 3.41 41.41 41.43
C TYR E 104 4.51 41.87 40.48
N TYR E 105 5.77 41.50 40.71
CA TYR E 105 6.79 41.72 39.68
C TYR E 105 6.77 40.54 38.72
N GLY E 106 5.87 40.61 37.74
CA GLY E 106 5.64 39.53 36.79
C GLY E 106 4.39 39.80 35.98
N PHE E 107 4.22 39.08 34.88
CA PHE E 107 3.02 39.15 34.05
C PHE E 107 2.42 37.76 34.06
N ASP E 108 1.22 37.58 34.63
CA ASP E 108 0.66 36.23 34.77
C ASP E 108 -0.14 35.73 33.57
N TYR E 109 -1.21 36.41 33.22
CA TYR E 109 -2.02 35.96 32.11
C TYR E 109 -1.62 36.73 30.86
N TRP E 110 -1.50 36.00 29.75
CA TRP E 110 -1.11 36.51 28.44
C TRP E 110 -2.18 36.18 27.45
N GLY E 111 -2.35 37.04 26.44
CA GLY E 111 -3.22 36.72 25.32
C GLY E 111 -2.62 35.65 24.44
N GLN E 112 -3.37 35.25 23.43
CA GLN E 112 -2.93 34.23 22.47
C GLN E 112 -1.94 34.82 21.46
N GLY E 113 -1.93 36.15 21.36
CA GLY E 113 -1.05 36.88 20.46
C GLY E 113 -1.71 37.05 19.10
N THR E 114 -1.40 38.15 18.42
CA THR E 114 -1.91 38.39 17.07
C THR E 114 -0.81 38.94 16.17
N LEU E 115 -0.70 38.39 14.97
CA LEU E 115 0.40 38.75 14.06
C LEU E 115 0.08 40.07 13.38
N VAL E 116 1.05 40.98 13.41
CA VAL E 116 0.98 42.21 12.64
C VAL E 116 2.14 42.21 11.65
N THR E 117 1.82 42.34 10.36
CA THR E 117 2.86 42.40 9.30
C THR E 117 2.85 43.73 8.58
N VAL E 118 3.99 44.41 8.65
CA VAL E 118 4.15 45.72 8.04
C VAL E 118 4.99 45.56 6.77
N SER E 119 4.36 45.83 5.63
CA SER E 119 4.98 45.61 4.35
C SER E 119 4.24 46.37 3.23
N SER E 120 4.99 46.74 2.18
CA SER E 120 4.42 47.29 0.97
C SER E 120 3.71 46.25 0.12
N ALA E 121 3.98 44.97 0.37
CA ALA E 121 3.47 43.92 -0.50
C ALA E 121 1.94 43.79 -0.41
N SER E 122 1.32 43.41 -1.53
CA SER E 122 -0.09 43.07 -1.59
C SER E 122 -0.23 41.58 -1.45
N THR E 123 -1.33 41.15 -0.85
CA THR E 123 -1.61 39.74 -0.70
C THR E 123 -1.54 38.99 -2.01
N LYS E 124 -0.78 37.91 -2.02
CA LYS E 124 -0.52 37.16 -3.25
C LYS E 124 -0.35 35.69 -2.93
N GLY E 125 -1.01 34.85 -3.72
CA GLY E 125 -0.88 33.40 -3.61
C GLY E 125 0.45 32.93 -4.14
N PRO E 126 0.93 31.78 -3.65
CA PRO E 126 2.20 31.24 -4.08
C PRO E 126 2.12 30.56 -5.43
N SER E 127 3.26 30.51 -6.11
CA SER E 127 3.50 29.54 -7.18
C SER E 127 4.08 28.31 -6.50
N VAL E 128 3.67 27.13 -6.92
CA VAL E 128 4.14 25.91 -6.27
C VAL E 128 4.94 25.10 -7.27
N PHE E 129 6.21 24.86 -6.95
CA PHE E 129 7.10 24.14 -7.85
C PHE E 129 7.55 22.85 -7.23
N PRO E 130 7.55 21.75 -8.02
CA PRO E 130 8.09 20.49 -7.57
C PRO E 130 9.57 20.56 -7.23
N LEU E 131 9.95 19.85 -6.19
CA LEU E 131 11.33 19.55 -5.89
C LEU E 131 11.48 18.09 -6.27
N ALA E 132 12.13 17.85 -7.41
CA ALA E 132 12.14 16.52 -8.08
C ALA E 132 12.80 15.44 -7.24
N PRO E 133 12.23 14.20 -7.28
CA PRO E 133 12.80 13.11 -6.53
C PRO E 133 14.29 12.94 -6.76
N SER E 134 15.02 12.76 -5.65
CA SER E 134 16.47 12.78 -5.67
C SER E 134 17.09 11.47 -6.15
N SER E 135 16.28 10.46 -6.44
CA SER E 135 16.78 9.22 -7.02
C SER E 135 15.77 8.68 -8.00
N LYS E 136 16.23 7.76 -8.84
CA LYS E 136 15.35 6.96 -9.67
C LYS E 136 14.65 5.95 -8.79
N SER E 137 13.52 5.44 -9.27
CA SER E 137 12.76 4.42 -8.57
C SER E 137 13.53 3.09 -8.44
N THR E 138 14.61 2.96 -9.20
CA THR E 138 15.41 1.74 -9.23
C THR E 138 16.70 1.85 -8.41
N SER E 139 16.88 2.97 -7.69
CA SER E 139 18.11 3.19 -6.91
C SER E 139 18.32 2.12 -5.83
N GLY E 140 17.22 1.65 -5.25
CA GLY E 140 17.28 0.59 -4.25
C GLY E 140 17.36 1.12 -2.83
N GLY E 141 17.20 2.44 -2.67
CA GLY E 141 17.39 3.09 -1.38
C GLY E 141 16.28 4.05 -1.05
N THR E 142 16.67 5.27 -0.73
CA THR E 142 15.79 6.31 -0.22
C THR E 142 15.82 7.48 -1.20
N ALA E 143 14.68 8.16 -1.32
CA ALA E 143 14.55 9.35 -2.15
C ALA E 143 14.01 10.46 -1.28
N ALA E 144 14.48 11.67 -1.53
CA ALA E 144 13.83 12.87 -0.98
C ALA E 144 13.08 13.56 -2.12
N LEU E 145 11.90 14.10 -1.82
CA LEU E 145 11.14 14.90 -2.76
C LEU E 145 10.42 16.02 -2.01
N GLY E 146 9.81 16.95 -2.73
CA GLY E 146 9.23 18.11 -2.07
C GLY E 146 8.54 19.11 -2.96
N CYS E 147 8.11 20.21 -2.34
CA CYS E 147 7.52 21.32 -3.04
C CYS E 147 8.12 22.62 -2.56
N LEU E 148 8.49 23.47 -3.52
CA LEU E 148 8.90 24.82 -3.24
C LEU E 148 7.68 25.69 -3.39
N VAL E 149 7.31 26.36 -2.31
CA VAL E 149 6.12 27.20 -2.25
C VAL E 149 6.57 28.64 -2.30
N LYS E 150 6.47 29.26 -3.48
CA LYS E 150 7.25 30.46 -3.76
C LYS E 150 6.46 31.74 -4.03
N ASP E 151 6.99 32.85 -3.52
CA ASP E 151 6.49 34.20 -3.81
C ASP E 151 5.05 34.45 -3.35
N TYR E 152 4.80 34.25 -2.07
CA TYR E 152 3.49 34.57 -1.52
C TYR E 152 3.60 35.65 -0.46
N PHE E 153 2.44 36.20 -0.11
CA PHE E 153 2.32 37.17 0.97
C PHE E 153 0.86 37.23 1.42
N PRO E 154 0.61 37.28 2.73
CA PRO E 154 1.52 37.20 3.88
C PRO E 154 1.71 35.76 4.32
N GLU E 155 2.38 35.56 5.45
CA GLU E 155 2.32 34.27 6.14
C GLU E 155 0.91 34.08 6.68
N PRO E 156 0.47 32.83 6.92
CA PRO E 156 1.16 31.56 6.74
C PRO E 156 0.67 30.77 5.55
N VAL E 157 1.42 29.73 5.22
CA VAL E 157 1.03 28.70 4.27
C VAL E 157 1.01 27.39 5.06
N THR E 158 0.16 26.45 4.65
CA THR E 158 0.19 25.10 5.22
C THR E 158 0.40 24.11 4.12
N VAL E 159 1.18 23.07 4.43
CA VAL E 159 1.41 22.00 3.46
C VAL E 159 1.07 20.65 4.08
N SER E 160 0.30 19.84 3.36
CA SER E 160 0.13 18.45 3.70
C SER E 160 0.64 17.61 2.54
N TRP E 161 0.85 16.32 2.77
CA TRP E 161 1.22 15.40 1.73
C TRP E 161 0.20 14.33 1.56
N ASN E 162 -0.16 14.06 0.30
CA ASN E 162 -1.21 13.08 0.01
C ASN E 162 -2.42 13.25 0.91
N SER E 163 -2.89 14.49 1.04
CA SER E 163 -4.09 14.84 1.78
C SER E 163 -4.04 14.40 3.25
N GLY E 164 -2.85 14.45 3.83
CA GLY E 164 -2.65 14.07 5.24
C GLY E 164 -2.33 12.60 5.45
N ALA E 165 -2.41 11.77 4.41
CA ALA E 165 -2.06 10.35 4.51
C ALA E 165 -0.57 10.13 4.81
N LEU E 166 0.28 10.98 4.25
CA LEU E 166 1.73 10.88 4.42
C LEU E 166 2.23 11.90 5.44
N THR E 167 2.69 11.42 6.59
CA THR E 167 3.12 12.28 7.70
C THR E 167 4.56 11.99 8.15
N SER E 168 5.01 10.75 8.00
CA SER E 168 6.33 10.31 8.42
C SER E 168 7.44 10.86 7.50
N GLY E 169 8.49 11.42 8.09
CA GLY E 169 9.58 12.01 7.32
C GLY E 169 9.32 13.38 6.69
N VAL E 170 8.14 13.94 6.91
CA VAL E 170 7.80 15.26 6.37
C VAL E 170 8.48 16.38 7.16
N HIS E 171 9.23 17.25 6.49
CA HIS E 171 9.67 18.51 7.10
C HIS E 171 9.21 19.68 6.29
N THR E 172 8.45 20.58 6.92
CA THR E 172 8.02 21.84 6.31
C THR E 172 8.79 22.94 7.02
N PHE E 173 9.56 23.71 6.24
CA PHE E 173 10.51 24.66 6.83
C PHE E 173 9.89 26.03 7.09
N PRO E 174 10.51 26.79 7.99
CA PRO E 174 10.09 28.18 8.13
C PRO E 174 10.34 28.95 6.83
N ALA E 175 9.42 29.83 6.48
CA ALA E 175 9.55 30.65 5.29
C ALA E 175 10.74 31.57 5.44
N VAL E 176 11.38 31.91 4.33
CA VAL E 176 12.33 33.03 4.33
C VAL E 176 11.65 34.18 3.64
N LEU E 177 11.92 35.38 4.12
CA LEU E 177 11.44 36.61 3.47
C LEU E 177 12.48 37.05 2.43
N GLN E 178 12.09 37.03 1.16
CA GLN E 178 12.99 37.38 0.05
C GLN E 178 13.13 38.89 -0.08
N SER E 179 14.13 39.31 -0.84
CA SER E 179 14.40 40.75 -1.02
C SER E 179 13.20 41.43 -1.69
N SER E 180 12.48 40.67 -2.52
CA SER E 180 11.27 41.15 -3.17
C SER E 180 10.11 41.50 -2.23
N GLY E 181 10.17 41.08 -0.97
CA GLY E 181 9.06 41.29 -0.03
C GLY E 181 8.10 40.12 0.04
N LEU E 182 8.33 39.12 -0.79
CA LEU E 182 7.50 37.91 -0.81
C LEU E 182 8.21 36.79 -0.06
N TYR E 183 7.42 35.86 0.48
CA TYR E 183 7.94 34.74 1.24
C TYR E 183 8.16 33.56 0.32
N SER E 184 9.06 32.68 0.73
CA SER E 184 9.27 31.41 0.06
C SER E 184 9.53 30.33 1.10
N LEU E 185 8.91 29.16 0.93
CA LEU E 185 9.13 28.04 1.84
C LEU E 185 9.19 26.70 1.12
N SER E 186 9.86 25.74 1.75
CA SER E 186 9.96 24.38 1.21
C SER E 186 9.30 23.37 2.15
N SER E 187 8.65 22.36 1.57
CA SER E 187 8.24 21.18 2.34
C SER E 187 8.86 19.97 1.66
N VAL E 188 9.51 19.11 2.44
CA VAL E 188 10.11 17.90 1.87
C VAL E 188 9.62 16.64 2.54
N VAL E 189 9.92 15.50 1.94
CA VAL E 189 9.65 14.21 2.57
C VAL E 189 10.62 13.20 1.99
N THR E 190 11.02 12.22 2.79
CA THR E 190 11.82 11.13 2.28
C THR E 190 10.94 9.90 2.20
N VAL E 191 11.15 9.11 1.16
CA VAL E 191 10.35 7.92 0.93
C VAL E 191 11.26 6.87 0.32
N PRO E 192 10.88 5.59 0.41
CA PRO E 192 11.63 4.55 -0.28
C PRO E 192 11.66 4.83 -1.78
N SER E 193 12.80 4.61 -2.42
CA SER E 193 12.96 4.93 -3.86
C SER E 193 12.00 4.15 -4.75
N SER E 194 11.78 2.88 -4.40
CA SER E 194 10.86 2.03 -5.15
C SER E 194 9.43 2.57 -5.17
N SER E 195 9.04 3.29 -4.14
CA SER E 195 7.69 3.86 -4.05
C SER E 195 7.44 4.96 -5.10
N LEU E 196 8.50 5.55 -5.63
CA LEU E 196 8.37 6.55 -6.69
C LEU E 196 7.68 5.99 -7.93
N GLY E 197 7.85 4.70 -8.18
CA GLY E 197 7.22 4.04 -9.32
C GLY E 197 5.89 3.38 -9.03
N THR E 198 5.54 3.22 -7.76
CA THR E 198 4.30 2.53 -7.39
C THR E 198 3.19 3.47 -6.97
N GLN E 199 3.52 4.70 -6.60
CA GLN E 199 2.49 5.65 -6.16
C GLN E 199 2.83 7.10 -6.40
N THR E 200 1.82 7.96 -6.31
CA THR E 200 1.99 9.37 -6.57
C THR E 200 2.15 10.15 -5.27
N TYR E 201 2.99 11.18 -5.31
CA TYR E 201 3.16 12.08 -4.18
C TYR E 201 2.69 13.47 -4.61
N ILE E 202 1.80 14.04 -3.81
CA ILE E 202 1.19 15.33 -4.07
C ILE E 202 1.28 16.18 -2.81
N CYS E 203 1.79 17.39 -2.95
CA CYS E 203 1.78 18.34 -1.84
C CYS E 203 0.51 19.21 -1.97
N ASN E 204 -0.21 19.36 -0.87
CA ASN E 204 -1.42 20.17 -0.82
C ASN E 204 -1.08 21.45 -0.10
N VAL E 205 -0.95 22.53 -0.87
CA VAL E 205 -0.50 23.82 -0.37
C VAL E 205 -1.69 24.75 -0.22
N ASN E 206 -1.86 25.30 0.97
CA ASN E 206 -2.96 26.18 1.27
C ASN E 206 -2.43 27.54 1.69
N HIS E 207 -2.93 28.59 1.02
CA HIS E 207 -2.63 29.96 1.41
C HIS E 207 -3.94 30.69 1.65
N LYS E 208 -4.42 30.55 2.88
CA LYS E 208 -5.71 31.07 3.28
C LYS E 208 -5.87 32.58 3.05
N PRO E 209 -4.84 33.38 3.38
CA PRO E 209 -4.97 34.82 3.14
C PRO E 209 -5.40 35.22 1.71
N SER E 210 -4.99 34.46 0.71
CA SER E 210 -5.32 34.77 -0.70
C SER E 210 -6.44 33.90 -1.26
N ASN E 211 -6.95 32.98 -0.45
CA ASN E 211 -7.88 31.96 -0.92
C ASN E 211 -7.26 31.14 -2.06
N THR E 212 -6.00 30.77 -1.89
CA THR E 212 -5.30 29.92 -2.86
C THR E 212 -5.04 28.55 -2.27
N LYS E 213 -5.29 27.53 -3.09
CA LYS E 213 -5.07 26.14 -2.71
C LYS E 213 -4.49 25.46 -3.95
N VAL E 214 -3.30 24.88 -3.81
CA VAL E 214 -2.64 24.20 -4.93
C VAL E 214 -2.29 22.78 -4.54
N ASP E 215 -2.65 21.82 -5.40
CA ASP E 215 -2.24 20.43 -5.27
C ASP E 215 -1.26 20.17 -6.39
N LYS E 216 0.00 19.96 -6.05
CA LYS E 216 1.03 19.75 -7.05
C LYS E 216 1.58 18.34 -6.95
N LYS E 217 1.44 17.62 -8.06
CA LYS E 217 1.97 16.28 -8.23
C LYS E 217 3.49 16.38 -8.40
N VAL E 218 4.25 15.61 -7.61
CA VAL E 218 5.71 15.63 -7.69
C VAL E 218 6.20 14.32 -8.29
N GLU E 219 6.57 14.35 -9.58
CA GLU E 219 6.99 13.11 -10.24
C GLU E 219 8.45 13.09 -10.61
N PRO E 220 8.98 11.88 -10.89
CA PRO E 220 10.33 11.73 -11.41
C PRO E 220 10.55 12.59 -12.66
N LYS E 221 11.74 13.18 -12.78
CA LYS E 221 12.04 14.12 -13.87
C LYS E 221 12.37 13.41 -15.19
N THR F 6 15.87 41.94 16.99
CA THR F 6 16.85 41.23 17.86
C THR F 6 16.27 41.00 19.27
N GLN F 7 16.79 40.03 20.01
CA GLN F 7 17.84 39.10 19.57
C GLN F 7 17.28 37.71 19.35
N SER F 8 18.03 36.90 18.61
CA SER F 8 17.80 35.46 18.59
C SER F 8 18.29 34.89 19.93
N PRO F 9 17.62 33.85 20.44
CA PRO F 9 18.03 33.33 21.75
C PRO F 9 19.38 32.63 21.70
N SER F 10 20.12 32.67 22.81
CA SER F 10 21.31 31.84 22.94
C SER F 10 20.87 30.41 23.18
N SER F 11 21.80 29.48 23.05
CA SER F 11 21.50 28.06 23.14
C SER F 11 22.21 27.37 24.31
N LEU F 12 21.49 26.47 24.96
CA LEU F 12 22.04 25.64 26.04
C LEU F 12 21.64 24.19 25.77
N SER F 13 22.62 23.30 25.65
CA SER F 13 22.38 21.87 25.43
C SER F 13 22.39 21.12 26.76
N ALA F 14 21.37 20.30 26.99
CA ALA F 14 21.24 19.60 28.26
C ALA F 14 20.55 18.25 28.10
N SER F 15 20.58 17.45 29.16
CA SER F 15 19.93 16.13 29.17
C SER F 15 18.91 16.06 30.28
N VAL F 16 17.93 15.18 30.12
CA VAL F 16 16.95 14.94 31.17
C VAL F 16 17.69 14.61 32.49
N GLY F 17 17.29 15.24 33.57
CA GLY F 17 17.88 15.01 34.87
C GLY F 17 19.01 15.97 35.23
N ASP F 18 19.47 16.76 34.27
CA ASP F 18 20.45 17.82 34.54
C ASP F 18 19.87 18.91 35.40
N ARG F 19 20.73 19.49 36.23
CA ARG F 19 20.42 20.70 36.96
C ARG F 19 20.87 21.86 36.08
N VAL F 20 20.00 22.84 35.87
CA VAL F 20 20.36 24.01 35.08
C VAL F 20 20.15 25.28 35.91
N THR F 21 21.09 26.20 35.85
CA THR F 21 20.93 27.50 36.48
C THR F 21 21.25 28.59 35.46
N ILE F 22 20.23 29.37 35.13
CA ILE F 22 20.35 30.49 34.21
C ILE F 22 20.50 31.78 35.02
N THR F 23 21.45 32.62 34.62
CA THR F 23 21.71 33.89 35.28
C THR F 23 21.18 35.08 34.50
N CYS F 24 20.65 36.04 35.25
CA CYS F 24 20.28 37.34 34.75
C CYS F 24 20.87 38.40 35.72
N ARG F 25 21.66 39.40 35.29
CA ARG F 25 22.14 39.70 33.93
C ARG F 25 22.47 41.19 33.91
N SER F 29 20.34 44.73 37.93
CA SER F 29 21.67 45.31 37.72
C SER F 29 22.19 46.13 38.93
N VAL F 30 21.55 47.20 39.41
CA VAL F 30 20.50 48.03 38.78
C VAL F 30 19.21 47.34 38.31
N SER F 31 18.59 46.55 39.19
CA SER F 31 17.26 45.96 38.95
C SER F 31 16.64 45.57 40.28
N SER F 32 15.47 46.12 40.58
CA SER F 32 14.81 45.86 41.85
C SER F 32 14.35 44.39 41.95
N ALA F 33 13.67 43.92 40.91
CA ALA F 33 13.15 42.56 40.90
C ALA F 33 13.15 41.94 39.49
N VAL F 34 12.90 40.64 39.42
CA VAL F 34 13.00 39.87 38.18
C VAL F 34 11.91 38.81 38.12
N ALA F 35 11.32 38.60 36.94
CA ALA F 35 10.46 37.45 36.69
C ALA F 35 11.09 36.54 35.65
N TRP F 36 10.66 35.29 35.64
CA TRP F 36 11.16 34.29 34.70
C TRP F 36 10.05 33.65 33.96
N TYR F 37 10.25 33.46 32.66
CA TYR F 37 9.24 32.89 31.78
C TYR F 37 9.79 31.71 30.99
N GLN F 38 8.86 30.83 30.61
CA GLN F 38 9.12 29.72 29.70
C GLN F 38 8.30 29.93 28.44
N GLN F 39 8.90 29.75 27.26
CA GLN F 39 8.14 29.82 26.00
C GLN F 39 8.47 28.64 25.08
N LYS F 40 7.43 28.07 24.48
CA LYS F 40 7.55 27.00 23.49
C LYS F 40 7.06 27.52 22.13
N PRO F 41 7.59 26.98 21.02
CA PRO F 41 7.44 27.55 19.68
C PRO F 41 6.15 28.29 19.33
N GLY F 42 5.01 27.64 19.34
CA GLY F 42 3.81 28.32 18.83
C GLY F 42 3.01 29.10 19.86
N LYS F 43 3.59 29.33 21.04
CA LYS F 43 2.81 29.61 22.23
C LYS F 43 3.22 30.88 22.95
N ALA F 44 2.28 31.45 23.69
CA ALA F 44 2.56 32.59 24.55
C ALA F 44 3.51 32.15 25.68
N PRO F 45 4.31 33.09 26.19
CA PRO F 45 5.15 32.79 27.36
C PRO F 45 4.31 32.45 28.59
N LYS F 46 4.87 31.65 29.50
CA LYS F 46 4.22 31.32 30.76
C LYS F 46 5.08 31.77 31.93
N LEU F 47 4.47 32.44 32.90
CA LEU F 47 5.17 32.89 34.10
C LEU F 47 5.56 31.73 35.00
N LEU F 48 6.81 31.73 35.45
CA LEU F 48 7.35 30.67 36.30
C LEU F 48 7.63 31.19 37.70
N ILE F 49 8.43 32.25 37.77
CA ILE F 49 8.86 32.87 39.02
C ILE F 49 8.57 34.35 38.91
N TYR F 50 7.93 34.91 39.94
CA TYR F 50 7.68 36.34 40.00
C TYR F 50 8.33 36.91 41.25
N SER F 51 8.63 38.21 41.22
CA SER F 51 9.26 38.87 42.37
C SER F 51 10.52 38.15 42.84
N ALA F 52 11.37 37.80 41.88
CA ALA F 52 12.69 37.19 42.12
C ALA F 52 12.65 35.70 42.49
N SER F 53 11.77 35.30 43.41
CA SER F 53 11.85 33.98 44.00
C SER F 53 10.51 33.35 44.39
N SER F 54 9.39 33.92 43.96
CA SER F 54 8.08 33.34 44.25
C SER F 54 7.63 32.50 43.08
N LEU F 55 7.37 31.23 43.37
CA LEU F 55 6.91 30.25 42.41
C LEU F 55 5.46 30.51 42.05
N TYR F 56 5.18 30.70 40.77
CA TYR F 56 3.82 30.97 40.34
C TYR F 56 2.92 29.75 40.56
N SER F 57 1.67 30.02 40.87
CA SER F 57 0.69 28.98 41.16
C SER F 57 0.63 27.95 40.03
N GLY F 58 0.88 26.69 40.36
CA GLY F 58 0.77 25.61 39.40
C GLY F 58 2.09 25.20 38.79
N VAL F 59 3.13 26.02 38.97
CA VAL F 59 4.43 25.70 38.37
C VAL F 59 5.14 24.66 39.23
N PRO F 60 5.69 23.61 38.59
CA PRO F 60 6.31 22.55 39.39
C PRO F 60 7.43 23.05 40.31
N SER F 61 7.57 22.39 41.47
CA SER F 61 8.50 22.83 42.50
C SER F 61 9.98 22.67 42.12
N ARG F 62 10.28 21.97 41.03
CA ARG F 62 11.66 21.89 40.54
C ARG F 62 12.17 23.24 40.00
N PHE F 63 11.26 24.17 39.76
CA PHE F 63 11.62 25.54 39.38
C PHE F 63 11.79 26.38 40.64
N SER F 64 12.87 27.15 40.68
CA SER F 64 13.07 28.13 41.75
C SER F 64 13.84 29.34 41.21
N GLY F 65 13.64 30.48 41.86
CA GLY F 65 14.38 31.70 41.57
C GLY F 65 15.08 32.18 42.83
N SER F 66 16.21 32.85 42.64
CA SER F 66 16.99 33.36 43.75
C SER F 66 17.76 34.60 43.35
N ARG F 67 18.04 35.45 44.34
CA ARG F 67 18.89 36.62 44.17
C ARG F 67 20.17 36.43 44.97
N SER F 68 21.30 36.82 44.39
CA SER F 68 22.55 36.90 45.12
C SER F 68 23.21 38.21 44.72
N GLY F 69 23.26 39.15 45.67
CA GLY F 69 23.74 40.49 45.39
C GLY F 69 22.85 41.11 44.33
N THR F 70 23.42 41.36 43.15
CA THR F 70 22.70 41.92 42.01
C THR F 70 22.46 40.87 40.91
N ASP F 71 22.72 39.60 41.22
CA ASP F 71 22.56 38.51 40.26
C ASP F 71 21.32 37.71 40.60
N PHE F 72 20.43 37.58 39.61
CA PHE F 72 19.20 36.80 39.75
C PHE F 72 19.31 35.53 38.91
N THR F 73 18.88 34.41 39.46
CA THR F 73 19.00 33.13 38.75
C THR F 73 17.70 32.34 38.77
N LEU F 74 17.47 31.56 37.72
CA LEU F 74 16.43 30.55 37.66
C LEU F 74 17.12 29.21 37.68
N THR F 75 16.69 28.34 38.58
CA THR F 75 17.24 27.00 38.66
C THR F 75 16.14 25.98 38.41
N ILE F 76 16.43 25.04 37.50
CA ILE F 76 15.59 23.86 37.31
C ILE F 76 16.42 22.75 37.91
N SER F 77 15.91 22.18 39.01
CA SER F 77 16.70 21.25 39.81
C SER F 77 17.02 19.98 39.01
N SER F 78 16.09 19.56 38.17
CA SER F 78 16.20 18.32 37.44
C SER F 78 15.32 18.40 36.18
N LEU F 79 15.96 18.61 35.03
CA LEU F 79 15.23 18.79 33.77
C LEU F 79 14.33 17.61 33.40
N GLN F 80 13.08 17.90 33.11
CA GLN F 80 12.17 16.92 32.54
C GLN F 80 12.02 17.14 31.04
N PRO F 81 11.52 16.14 30.31
CA PRO F 81 11.30 16.31 28.86
C PRO F 81 10.52 17.58 28.47
N GLU F 82 9.49 17.93 29.23
CA GLU F 82 8.64 19.09 28.92
C GLU F 82 9.31 20.46 29.20
N ASP F 83 10.52 20.45 29.78
CA ASP F 83 11.19 21.68 30.19
C ASP F 83 12.08 22.24 29.08
N PHE F 84 12.31 21.48 28.02
CA PHE F 84 13.09 21.98 26.89
C PHE F 84 12.26 23.03 26.16
N ALA F 85 12.76 24.26 26.20
CA ALA F 85 12.00 25.46 25.86
C ALA F 85 12.93 26.65 25.88
N THR F 86 12.40 27.83 25.60
CA THR F 86 13.16 29.07 25.71
C THR F 86 12.76 29.79 26.99
N TYR F 87 13.76 30.22 27.74
CA TYR F 87 13.57 30.91 29.01
C TYR F 87 13.99 32.37 28.88
N TYR F 88 13.23 33.23 29.52
CA TYR F 88 13.44 34.68 29.49
C TYR F 88 13.44 35.22 30.90
N CYS F 89 14.44 36.04 31.20
CA CYS F 89 14.45 36.90 32.37
C CYS F 89 13.78 38.24 32.03
N GLN F 90 12.97 38.74 32.94
CA GLN F 90 12.35 40.04 32.80
C GLN F 90 12.85 40.91 33.95
N GLN F 91 13.52 42.01 33.60
CA GLN F 91 14.09 42.94 34.61
C GLN F 91 13.12 44.09 34.87
N PHE F 92 12.88 44.35 36.15
CA PHE F 92 12.16 45.53 36.58
C PHE F 92 13.17 46.48 37.23
N LYS F 93 13.12 47.75 36.84
CA LYS F 93 14.00 48.74 37.46
C LYS F 93 13.36 50.13 37.47
N ARG F 94 13.77 50.93 38.44
CA ARG F 94 13.18 52.24 38.69
C ARG F 94 13.93 53.28 37.86
N GLN F 95 13.84 53.13 36.55
CA GLN F 95 14.67 53.85 35.60
C GLN F 95 14.31 53.39 34.19
N LYS F 96 14.36 54.28 33.21
CA LYS F 96 14.03 53.94 31.82
C LYS F 96 15.15 53.09 31.18
N GLU F 97 14.85 51.94 30.57
CA GLU F 97 13.51 51.37 30.42
C GLU F 97 13.18 50.53 31.65
N PRO F 98 11.99 50.73 32.24
CA PRO F 98 11.67 50.09 33.50
C PRO F 98 11.39 48.57 33.39
N ILE F 99 11.02 48.09 32.21
CA ILE F 99 10.71 46.68 32.01
C ILE F 99 11.44 46.17 30.78
N THR F 100 12.27 45.16 30.98
CA THR F 100 13.15 44.66 29.93
C THR F 100 13.20 43.14 29.96
N PHE F 101 12.88 42.52 28.82
CA PHE F 101 13.07 41.10 28.68
C PHE F 101 14.48 40.87 28.17
N GLY F 102 15.23 40.04 28.88
CA GLY F 102 16.55 39.62 28.43
C GLY F 102 16.46 38.72 27.20
N GLN F 103 17.64 38.41 26.65
CA GLN F 103 17.75 37.51 25.50
C GLN F 103 17.27 36.14 25.92
N GLY F 104 16.53 35.47 25.04
CA GLY F 104 16.05 34.12 25.34
C GLY F 104 17.21 33.15 25.50
N THR F 105 17.03 32.17 26.39
CA THR F 105 17.95 31.04 26.49
C THR F 105 17.22 29.78 26.06
N LYS F 106 17.53 29.33 24.84
CA LYS F 106 16.88 28.16 24.30
C LYS F 106 17.56 26.90 24.83
N VAL F 107 16.89 26.17 25.70
CA VAL F 107 17.39 24.90 26.21
C VAL F 107 16.96 23.76 25.28
N GLU F 108 17.94 23.18 24.62
CA GLU F 108 17.70 22.15 23.62
C GLU F 108 18.22 20.83 24.16
N ILE F 109 17.72 19.73 23.62
CA ILE F 109 18.10 18.41 24.14
C ILE F 109 19.32 17.82 23.44
N LYS F 110 20.23 17.32 24.26
CA LYS F 110 21.44 16.66 23.79
C LYS F 110 21.13 15.26 23.27
N ARG F 111 21.78 14.92 22.17
CA ARG F 111 21.82 13.55 21.66
C ARG F 111 23.16 13.38 20.99
N THR F 112 23.49 12.18 20.53
CA THR F 112 24.74 11.98 19.82
C THR F 112 24.73 12.68 18.46
N VAL F 113 25.92 13.04 18.01
CA VAL F 113 26.11 13.64 16.70
C VAL F 113 25.56 12.75 15.58
N ALA F 114 24.86 13.38 14.64
CA ALA F 114 24.29 12.70 13.48
C ALA F 114 24.63 13.57 12.26
N ALA F 115 25.42 13.06 11.33
CA ALA F 115 25.75 13.81 10.13
C ALA F 115 24.46 13.93 9.32
N PRO F 116 24.31 15.03 8.55
CA PRO F 116 23.12 15.21 7.72
C PRO F 116 23.06 14.28 6.51
N SER F 117 21.86 13.92 6.09
CA SER F 117 21.66 13.31 4.79
C SER F 117 21.40 14.47 3.83
N VAL F 118 22.10 14.48 2.70
CA VAL F 118 22.10 15.64 1.84
C VAL F 118 21.39 15.34 0.53
N PHE F 119 20.58 16.27 0.05
CA PHE F 119 19.89 16.13 -1.24
C PHE F 119 19.87 17.46 -1.99
N ILE F 120 19.98 17.41 -3.32
CA ILE F 120 19.90 18.62 -4.14
C ILE F 120 18.75 18.51 -5.13
N PHE F 121 18.03 19.60 -5.32
CA PHE F 121 16.89 19.65 -6.23
C PHE F 121 17.10 20.73 -7.30
N PRO F 122 16.97 20.37 -8.58
CA PRO F 122 17.06 21.36 -9.63
C PRO F 122 15.79 22.20 -9.71
N PRO F 123 15.87 23.36 -10.36
CA PRO F 123 14.65 24.12 -10.63
C PRO F 123 13.74 23.37 -11.60
N SER F 124 12.44 23.60 -11.46
CA SER F 124 11.47 22.97 -12.33
C SER F 124 11.39 23.70 -13.66
N ASP F 125 10.96 22.99 -14.70
CA ASP F 125 10.73 23.62 -16.00
C ASP F 125 9.68 24.71 -15.88
N SER F 126 8.63 24.50 -15.10
CA SER F 126 7.60 25.54 -14.95
C SER F 126 8.16 26.83 -14.35
N GLN F 127 9.02 26.75 -13.34
CA GLN F 127 9.65 27.96 -12.80
C GLN F 127 10.56 28.66 -13.82
N LEU F 128 11.34 27.87 -14.55
CA LEU F 128 12.26 28.42 -15.54
C LEU F 128 11.58 29.26 -16.62
N LYS F 129 10.35 28.89 -16.98
CA LYS F 129 9.51 29.68 -17.89
C LYS F 129 9.28 31.11 -17.40
N SER F 130 9.36 31.31 -16.08
CA SER F 130 9.09 32.62 -15.46
C SER F 130 10.30 33.56 -15.39
N GLY F 131 11.50 33.09 -15.71
CA GLY F 131 12.70 33.92 -15.68
C GLY F 131 13.57 33.80 -14.44
N THR F 132 13.12 33.04 -13.43
CA THR F 132 13.93 32.82 -12.23
C THR F 132 14.19 31.33 -12.04
N ALA F 133 15.34 31.01 -11.48
CA ALA F 133 15.73 29.64 -11.18
C ALA F 133 16.05 29.52 -9.69
N SER F 134 15.30 28.65 -8.99
CA SER F 134 15.56 28.30 -7.58
C SER F 134 16.12 26.89 -7.47
N VAL F 135 17.33 26.77 -6.92
CA VAL F 135 17.99 25.48 -6.67
C VAL F 135 17.97 25.26 -5.15
N VAL F 136 17.61 24.06 -4.71
CA VAL F 136 17.36 23.80 -3.27
C VAL F 136 18.22 22.65 -2.79
N CYS F 137 18.87 22.85 -1.64
CA CYS F 137 19.64 21.80 -0.98
C CYS F 137 19.02 21.45 0.37
N LEU F 138 18.85 20.16 0.66
CA LEU F 138 18.25 19.69 1.91
C LEU F 138 19.28 18.99 2.76
N LEU F 139 19.44 19.43 4.00
CA LEU F 139 20.26 18.73 4.99
C LEU F 139 19.30 18.15 6.02
N ASN F 140 19.23 16.82 6.09
CA ASN F 140 18.12 16.17 6.78
C ASN F 140 18.55 15.44 8.07
N ASN F 141 17.85 15.74 9.16
CA ASN F 141 17.94 14.98 10.41
C ASN F 141 19.37 14.91 10.96
N PHE F 142 19.93 16.07 11.28
CA PHE F 142 21.30 16.12 11.79
C PHE F 142 21.33 16.67 13.21
N TYR F 143 22.47 16.47 13.87
CA TYR F 143 22.70 17.03 15.19
C TYR F 143 24.22 17.17 15.40
N PRO F 144 24.68 18.30 15.95
CA PRO F 144 23.95 19.49 16.44
C PRO F 144 23.45 20.38 15.31
N ARG F 145 22.78 21.47 15.68
CA ARG F 145 22.10 22.40 14.75
C ARG F 145 23.05 23.13 13.79
N GLU F 146 24.28 23.36 14.22
CA GLU F 146 25.25 24.10 13.42
C GLU F 146 25.67 23.26 12.21
N ALA F 147 25.39 23.76 11.03
CA ALA F 147 25.81 23.11 9.79
C ALA F 147 26.08 24.23 8.81
N LYS F 148 26.84 23.95 7.77
CA LYS F 148 27.26 24.97 6.83
C LYS F 148 27.00 24.45 5.42
N VAL F 149 26.25 25.22 4.65
CA VAL F 149 26.01 24.91 3.25
C VAL F 149 26.88 25.86 2.42
N GLN F 150 27.65 25.30 1.50
CA GLN F 150 28.39 26.08 0.51
C GLN F 150 27.90 25.71 -0.91
N TRP F 151 27.17 26.62 -1.55
CA TRP F 151 26.82 26.47 -2.96
C TRP F 151 28.00 26.65 -3.87
N LYS F 152 28.13 25.78 -4.88
CA LYS F 152 29.10 25.93 -5.96
C LYS F 152 28.41 25.79 -7.32
N VAL F 153 28.73 26.68 -8.26
CA VAL F 153 28.23 26.55 -9.64
C VAL F 153 29.42 26.59 -10.60
N ASP F 154 29.55 25.50 -11.37
CA ASP F 154 30.77 25.17 -12.10
C ASP F 154 32.01 25.33 -11.21
N ASN F 155 31.92 24.81 -10.00
CA ASN F 155 32.99 24.88 -8.99
C ASN F 155 33.32 26.26 -8.39
N ALA F 156 32.64 27.32 -8.85
CA ALA F 156 32.76 28.63 -8.23
C ALA F 156 31.96 28.68 -6.94
N LEU F 157 32.63 28.96 -5.80
CA LEU F 157 31.98 29.07 -4.49
C LEU F 157 31.10 30.31 -4.48
N GLN F 158 29.82 30.13 -4.14
CA GLN F 158 28.87 31.25 -4.17
C GLN F 158 28.75 31.91 -2.82
N SER F 159 28.32 33.17 -2.83
CA SER F 159 27.96 33.89 -1.61
C SER F 159 27.09 35.08 -1.95
N GLY F 160 26.03 35.25 -1.17
CA GLY F 160 25.12 36.38 -1.34
C GLY F 160 23.90 36.08 -2.18
N ASN F 161 23.84 34.90 -2.78
CA ASN F 161 22.71 34.55 -3.63
C ASN F 161 21.89 33.38 -3.08
N SER F 162 21.96 33.16 -1.76
CA SER F 162 21.14 32.12 -1.13
C SER F 162 20.50 32.56 0.17
N GLN F 163 19.48 31.82 0.58
CA GLN F 163 18.83 31.99 1.87
C GLN F 163 18.56 30.61 2.44
N GLU F 164 18.59 30.48 3.75
CA GLU F 164 18.33 29.19 4.37
C GLU F 164 17.43 29.28 5.60
N SER F 165 16.97 28.12 6.03
CA SER F 165 16.00 28.02 7.11
C SER F 165 16.22 26.70 7.83
N VAL F 166 15.99 26.66 9.15
CA VAL F 166 16.19 25.45 9.94
C VAL F 166 14.92 25.14 10.74
N THR F 167 14.59 23.86 10.86
CA THR F 167 13.42 23.44 11.63
C THR F 167 13.71 23.52 13.14
N GLU F 168 12.64 23.57 13.93
CA GLU F 168 12.75 23.37 15.38
C GLU F 168 13.27 21.97 15.61
N GLN F 169 13.99 21.79 16.72
CA GLN F 169 14.48 20.47 17.09
C GLN F 169 13.30 19.51 17.10
N ASP F 170 13.46 18.34 16.50
CA ASP F 170 12.33 17.43 16.38
C ASP F 170 12.02 16.84 17.76
N SER F 171 10.74 16.77 18.10
CA SER F 171 10.33 16.25 19.42
C SER F 171 10.54 14.74 19.57
N LYS F 172 10.67 14.02 18.47
CA LYS F 172 10.81 12.57 18.52
C LYS F 172 12.24 12.09 18.50
N ASP F 173 13.08 12.68 17.63
CA ASP F 173 14.45 12.20 17.50
C ASP F 173 15.55 13.22 17.84
N SER F 174 15.16 14.43 18.24
CA SER F 174 16.07 15.50 18.66
C SER F 174 17.03 16.02 17.57
N THR F 175 16.64 15.87 16.30
CA THR F 175 17.45 16.36 15.18
C THR F 175 16.92 17.68 14.62
N TYR F 176 17.70 18.26 13.71
CA TYR F 176 17.33 19.45 13.00
C TYR F 176 17.41 19.12 11.53
N SER F 177 16.68 19.87 10.71
CA SER F 177 16.84 19.83 9.27
C SER F 177 17.00 21.25 8.76
N LEU F 178 17.69 21.39 7.62
CA LEU F 178 17.98 22.69 7.04
C LEU F 178 17.64 22.68 5.55
N SER F 179 17.03 23.76 5.08
CA SER F 179 16.73 23.95 3.67
C SER F 179 17.44 25.22 3.20
N SER F 180 18.21 25.11 2.12
CA SER F 180 18.85 26.29 1.50
C SER F 180 18.45 26.43 0.02
N THR F 181 18.14 27.66 -0.37
CA THR F 181 17.73 27.97 -1.74
C THR F 181 18.75 28.92 -2.37
N LEU F 182 19.31 28.51 -3.49
CA LEU F 182 20.12 29.38 -4.34
C LEU F 182 19.21 29.92 -5.43
N THR F 183 19.22 31.24 -5.64
CA THR F 183 18.37 31.88 -6.63
C THR F 183 19.24 32.61 -7.64
N LEU F 184 18.95 32.37 -8.92
CA LEU F 184 19.68 32.98 -10.03
C LEU F 184 18.64 33.35 -11.05
N SER F 185 18.94 34.37 -11.85
CA SER F 185 18.11 34.63 -13.02
C SER F 185 18.21 33.44 -13.95
N LYS F 186 17.19 33.24 -14.79
CA LYS F 186 17.21 32.19 -15.82
C LYS F 186 18.45 32.32 -16.71
N ALA F 187 18.75 33.54 -17.12
CA ALA F 187 19.90 33.77 -18.00
C ALA F 187 21.16 33.23 -17.35
N ASP F 188 21.39 33.56 -16.07
CA ASP F 188 22.56 33.05 -15.36
C ASP F 188 22.52 31.56 -15.19
N TYR F 189 21.39 31.03 -14.75
CA TYR F 189 21.26 29.61 -14.54
C TYR F 189 21.68 28.82 -15.79
N GLU F 190 21.24 29.30 -16.94
CA GLU F 190 21.47 28.62 -18.21
C GLU F 190 22.87 28.84 -18.83
N LYS F 191 23.74 29.59 -18.14
CA LYS F 191 25.16 29.69 -18.54
C LYS F 191 26.06 28.60 -17.97
N HIS F 192 25.55 27.80 -17.02
CA HIS F 192 26.39 26.91 -16.24
C HIS F 192 25.97 25.47 -16.31
N LYS F 193 26.91 24.59 -15.94
CA LYS F 193 26.71 23.15 -16.04
C LYS F 193 26.44 22.50 -14.67
N VAL F 194 27.40 22.60 -13.77
CA VAL F 194 27.34 21.85 -12.52
C VAL F 194 26.82 22.68 -11.35
N TYR F 195 25.74 22.21 -10.73
CA TYR F 195 25.20 22.83 -9.55
C TYR F 195 25.41 21.89 -8.37
N ALA F 196 26.07 22.40 -7.33
CA ALA F 196 26.51 21.56 -6.23
C ALA F 196 26.29 22.22 -4.87
N CYS F 197 25.93 21.37 -3.92
CA CYS F 197 25.70 21.75 -2.55
C CYS F 197 26.75 21.03 -1.72
N GLU F 198 27.68 21.78 -1.15
CA GLU F 198 28.76 21.23 -0.30
C GLU F 198 28.46 21.49 1.17
N VAL F 199 28.48 20.43 1.99
CA VAL F 199 28.00 20.50 3.35
C VAL F 199 29.10 20.16 4.33
N THR F 200 29.23 20.95 5.37
CA THR F 200 30.16 20.64 6.46
C THR F 200 29.39 20.59 7.77
N HIS F 201 29.85 19.74 8.67
CA HIS F 201 29.14 19.45 9.92
C HIS F 201 30.03 18.66 10.81
N GLN F 202 29.81 18.75 12.12
CA GLN F 202 30.61 18.02 13.13
C GLN F 202 30.71 16.51 12.84
N GLY F 203 29.64 15.94 12.28
CA GLY F 203 29.59 14.52 11.97
C GLY F 203 30.25 14.09 10.68
N LEU F 204 30.86 15.04 9.96
CA LEU F 204 31.46 14.78 8.65
C LEU F 204 32.94 15.15 8.68
N SER F 205 33.80 14.13 8.59
CA SER F 205 35.24 14.32 8.67
C SER F 205 35.79 15.08 7.46
N SER F 206 35.14 14.92 6.31
CA SER F 206 35.37 15.77 5.15
C SER F 206 34.00 16.15 4.56
N PRO F 207 33.95 17.23 3.74
CA PRO F 207 32.65 17.71 3.32
C PRO F 207 31.91 16.73 2.41
N VAL F 208 30.58 16.77 2.42
CA VAL F 208 29.76 15.93 1.57
C VAL F 208 29.12 16.82 0.54
N THR F 209 29.32 16.48 -0.73
CA THR F 209 28.80 17.30 -1.83
C THR F 209 27.78 16.52 -2.65
N LYS F 210 26.59 17.09 -2.85
CA LYS F 210 25.63 16.55 -3.81
C LYS F 210 25.47 17.52 -4.96
N SER F 211 25.32 16.99 -6.17
CA SER F 211 25.29 17.83 -7.36
C SER F 211 24.44 17.25 -8.49
N PHE F 212 24.09 18.11 -9.43
CA PHE F 212 23.50 17.66 -10.69
C PHE F 212 24.10 18.48 -11.83
N ASN F 213 24.06 17.92 -13.04
CA ASN F 213 24.46 18.65 -14.25
C ASN F 213 23.24 19.04 -15.06
N ARG F 214 23.12 20.33 -15.36
CA ARG F 214 22.06 20.82 -16.24
C ARG F 214 21.99 20.01 -17.53
N GLY F 215 20.79 19.56 -17.87
CA GLY F 215 20.58 18.81 -19.11
C GLY F 215 21.11 17.40 -19.09
N GLU F 216 20.87 16.68 -18.00
CA GLU F 216 21.18 15.25 -17.90
C GLU F 216 20.08 14.54 -17.10
N CYS F 217 19.64 13.38 -17.61
CA CYS F 217 18.49 12.64 -17.06
C CYS F 217 17.20 13.46 -17.08
N SER G 3 17.22 -43.70 -34.25
CA SER G 3 17.12 -42.22 -34.35
C SER G 3 15.68 -41.76 -34.10
N GLU G 4 15.53 -40.63 -33.43
CA GLU G 4 14.22 -40.08 -33.08
C GLU G 4 13.70 -39.22 -34.23
N VAL G 5 12.40 -39.35 -34.52
CA VAL G 5 11.78 -38.67 -35.65
C VAL G 5 11.40 -37.24 -35.30
N GLN G 6 11.56 -36.32 -36.26
CA GLN G 6 11.12 -34.94 -36.10
C GLN G 6 10.77 -34.29 -37.45
N LEU G 7 9.84 -33.34 -37.41
CA LEU G 7 9.47 -32.55 -38.57
C LEU G 7 9.55 -31.07 -38.21
N VAL G 8 10.38 -30.32 -38.94
CA VAL G 8 10.57 -28.90 -38.66
C VAL G 8 10.15 -28.07 -39.86
N GLU G 9 9.21 -27.15 -39.65
CA GLU G 9 8.67 -26.33 -40.72
C GLU G 9 9.25 -24.92 -40.72
N SER G 10 9.05 -24.23 -41.84
CA SER G 10 9.46 -22.85 -42.01
C SER G 10 8.79 -22.29 -43.25
N GLY G 11 8.88 -20.97 -43.42
CA GLY G 11 8.36 -20.31 -44.62
C GLY G 11 7.13 -19.44 -44.40
N GLY G 12 6.41 -19.66 -43.30
CA GLY G 12 5.19 -18.91 -43.05
C GLY G 12 5.45 -17.44 -42.80
N GLY G 13 4.39 -16.65 -42.74
CA GLY G 13 4.50 -15.24 -42.44
C GLY G 13 3.43 -14.43 -43.11
N LEU G 14 3.73 -13.17 -43.37
CA LEU G 14 2.78 -12.23 -43.95
C LEU G 14 2.81 -12.29 -45.47
N VAL G 15 1.64 -12.21 -46.10
CA VAL G 15 1.52 -12.25 -47.55
C VAL G 15 0.18 -11.61 -47.91
N GLN G 16 0.14 -10.96 -49.07
CA GLN G 16 -1.06 -10.24 -49.49
C GLN G 16 -1.95 -11.17 -50.31
N PRO G 17 -3.24 -10.82 -50.45
CA PRO G 17 -4.11 -11.65 -51.26
C PRO G 17 -3.66 -11.62 -52.72
N GLY G 18 -3.70 -12.77 -53.38
CA GLY G 18 -3.12 -12.91 -54.71
C GLY G 18 -1.66 -13.34 -54.69
N GLY G 19 -1.01 -13.25 -53.52
CA GLY G 19 0.42 -13.52 -53.39
C GLY G 19 0.76 -15.00 -53.30
N SER G 20 2.06 -15.28 -53.17
CA SER G 20 2.56 -16.65 -53.08
C SER G 20 3.47 -16.82 -51.87
N LEU G 21 3.50 -18.02 -51.31
CA LEU G 21 4.43 -18.40 -50.24
C LEU G 21 4.78 -19.86 -50.38
N ARG G 22 6.04 -20.20 -50.13
CA ARG G 22 6.46 -21.59 -50.14
C ARG G 22 6.81 -22.03 -48.73
N LEU G 23 6.08 -23.02 -48.21
CA LEU G 23 6.42 -23.61 -46.94
C LEU G 23 7.32 -24.81 -47.16
N SER G 24 8.17 -25.07 -46.18
CA SER G 24 9.05 -26.22 -46.21
C SER G 24 8.83 -27.03 -44.96
N CYS G 25 9.08 -28.32 -45.06
CA CYS G 25 8.93 -29.25 -43.95
C CYS G 25 10.11 -30.21 -43.97
N ALA G 26 11.18 -29.83 -43.26
CA ALA G 26 12.41 -30.64 -43.19
C ALA G 26 12.23 -31.80 -42.21
N ALA G 27 12.45 -33.01 -42.72
CA ALA G 27 12.25 -34.24 -41.93
C ALA G 27 13.58 -34.78 -41.47
N SER G 28 13.57 -35.45 -40.32
CA SER G 28 14.77 -36.07 -39.74
C SER G 28 14.38 -37.30 -38.94
N GLY G 29 15.25 -38.30 -38.94
CA GLY G 29 15.01 -39.55 -38.20
C GLY G 29 14.21 -40.58 -38.99
N PHE G 30 13.86 -40.25 -40.22
CA PHE G 30 13.17 -41.18 -41.11
C PHE G 30 13.33 -40.70 -42.54
N ASN G 31 13.15 -41.62 -43.48
CA ASN G 31 13.31 -41.30 -44.88
C ASN G 31 11.99 -40.84 -45.51
N VAL G 32 11.98 -39.63 -46.06
CA VAL G 32 10.82 -39.08 -46.76
C VAL G 32 10.30 -40.02 -47.85
N SER G 33 11.21 -40.74 -48.51
CA SER G 33 10.83 -41.70 -49.55
C SER G 33 10.13 -42.94 -48.98
N SER G 34 10.30 -43.20 -47.69
CA SER G 34 9.69 -44.36 -47.01
C SER G 34 8.30 -44.08 -46.42
N TYR G 35 8.00 -42.82 -46.10
CA TYR G 35 6.70 -42.45 -45.54
C TYR G 35 6.06 -41.30 -46.32
N SER G 36 4.80 -41.43 -46.69
CA SER G 36 4.05 -40.35 -47.31
C SER G 36 3.78 -39.23 -46.29
N ILE G 37 3.53 -38.03 -46.81
CA ILE G 37 3.49 -36.82 -46.00
C ILE G 37 2.31 -35.93 -46.38
N HIS G 38 1.68 -35.33 -45.36
CA HIS G 38 0.51 -34.50 -45.56
C HIS G 38 0.70 -33.12 -45.01
N TRP G 39 -0.04 -32.17 -45.61
CA TRP G 39 -0.21 -30.86 -45.03
C TRP G 39 -1.60 -30.74 -44.47
N VAL G 40 -1.69 -30.19 -43.25
CA VAL G 40 -2.95 -29.96 -42.57
C VAL G 40 -2.94 -28.55 -41.98
N ARG G 41 -4.02 -27.82 -42.14
CA ARG G 41 -4.06 -26.43 -41.66
C ARG G 41 -5.20 -26.17 -40.66
N GLN G 42 -5.06 -25.07 -39.93
CA GLN G 42 -5.97 -24.71 -38.85
C GLN G 42 -6.13 -23.20 -38.80
N ALA G 43 -7.29 -22.71 -39.21
CA ALA G 43 -7.64 -21.30 -39.06
C ALA G 43 -7.79 -20.98 -37.57
N PRO G 44 -7.48 -19.74 -37.15
CA PRO G 44 -7.58 -19.40 -35.72
C PRO G 44 -8.96 -19.71 -35.14
N GLY G 45 -8.99 -20.44 -34.03
CA GLY G 45 -10.25 -20.82 -33.38
C GLY G 45 -11.02 -21.94 -34.06
N LYS G 46 -10.51 -22.46 -35.17
CA LYS G 46 -11.24 -23.44 -35.97
C LYS G 46 -10.58 -24.82 -35.90
N GLY G 47 -11.18 -25.77 -36.60
CA GLY G 47 -10.70 -27.14 -36.59
C GLY G 47 -9.58 -27.38 -37.58
N LEU G 48 -9.13 -28.63 -37.64
CA LEU G 48 -8.09 -29.07 -38.56
C LEU G 48 -8.70 -29.34 -39.92
N GLU G 49 -8.04 -28.85 -40.97
CA GLU G 49 -8.44 -29.14 -42.35
C GLU G 49 -7.27 -29.77 -43.11
N TRP G 50 -7.42 -31.04 -43.46
CA TRP G 50 -6.46 -31.71 -44.31
C TRP G 50 -6.48 -31.11 -45.69
N VAL G 51 -5.32 -30.80 -46.27
CA VAL G 51 -5.27 -30.12 -47.58
C VAL G 51 -4.47 -30.82 -48.69
N ALA G 52 -3.41 -31.56 -48.37
CA ALA G 52 -2.61 -32.23 -49.41
C ALA G 52 -1.80 -33.44 -48.93
N TYR G 53 -1.53 -34.34 -49.86
CA TYR G 53 -0.80 -35.59 -49.62
C TYR G 53 0.26 -35.76 -50.72
N ILE G 54 1.46 -36.19 -50.34
CA ILE G 54 2.47 -36.64 -51.30
C ILE G 54 3.10 -37.98 -50.91
N SER G 55 3.15 -38.90 -51.87
CA SER G 55 4.03 -40.06 -51.80
C SER G 55 5.30 -39.65 -52.53
N SER G 56 6.36 -39.36 -51.77
CA SER G 56 7.63 -38.86 -52.34
C SER G 56 8.28 -39.84 -53.31
N SER G 57 8.16 -41.14 -53.01
CA SER G 57 8.74 -42.19 -53.85
C SER G 57 8.22 -42.21 -55.30
N SER G 58 7.02 -41.68 -55.53
CA SER G 58 6.45 -41.61 -56.89
C SER G 58 6.18 -40.19 -57.38
N GLY G 59 6.17 -39.22 -56.45
CA GLY G 59 5.71 -37.87 -56.75
C GLY G 59 4.20 -37.75 -56.87
N TYR G 60 3.47 -38.83 -56.59
CA TYR G 60 2.01 -38.80 -56.61
C TYR G 60 1.45 -37.86 -55.53
N THR G 61 0.49 -37.03 -55.93
CA THR G 61 -0.06 -35.99 -55.09
C THR G 61 -1.59 -36.04 -55.12
N TYR G 62 -2.21 -35.66 -54.02
CA TYR G 62 -3.66 -35.52 -53.95
C TYR G 62 -4.01 -34.30 -53.11
N TYR G 63 -5.04 -33.57 -53.54
CA TYR G 63 -5.39 -32.28 -52.94
C TYR G 63 -6.85 -32.24 -52.51
N ALA G 64 -7.13 -31.44 -51.49
CA ALA G 64 -8.50 -31.10 -51.13
C ALA G 64 -8.98 -30.06 -52.12
N ASP G 65 -10.28 -30.06 -52.39
CA ASP G 65 -10.83 -29.12 -53.36
C ASP G 65 -10.62 -27.67 -52.96
N SER G 66 -10.50 -27.42 -51.65
CA SER G 66 -10.24 -26.07 -51.13
C SER G 66 -8.95 -25.41 -51.66
N VAL G 67 -7.94 -26.22 -51.97
CA VAL G 67 -6.64 -25.68 -52.44
C VAL G 67 -6.21 -26.16 -53.83
N LYS G 68 -6.96 -27.12 -54.39
CA LYS G 68 -6.65 -27.67 -55.71
C LYS G 68 -6.58 -26.54 -56.73
N GLY G 69 -5.53 -26.54 -57.55
CA GLY G 69 -5.38 -25.54 -58.60
C GLY G 69 -4.60 -24.31 -58.16
N ARG G 70 -4.43 -24.16 -56.85
CA ARG G 70 -3.72 -23.02 -56.27
C ARG G 70 -2.46 -23.44 -55.50
N PHE G 71 -2.50 -24.58 -54.81
CA PHE G 71 -1.38 -25.06 -54.01
C PHE G 71 -0.74 -26.28 -54.67
N THR G 72 0.58 -26.39 -54.54
CA THR G 72 1.33 -27.52 -55.07
C THR G 72 2.17 -28.12 -53.97
N ILE G 73 1.98 -29.42 -53.75
CA ILE G 73 2.77 -30.17 -52.80
C ILE G 73 3.87 -30.91 -53.56
N SER G 74 5.08 -30.94 -52.98
CA SER G 74 6.22 -31.58 -53.61
C SER G 74 7.22 -31.99 -52.54
N ALA G 75 8.21 -32.79 -52.93
CA ALA G 75 9.27 -33.21 -52.02
C ALA G 75 10.62 -33.24 -52.72
N ASP G 76 11.68 -33.13 -51.94
CA ASP G 76 13.05 -33.32 -52.40
C ASP G 76 13.62 -34.44 -51.56
N THR G 77 13.65 -35.65 -52.12
CA THR G 77 14.12 -36.84 -51.41
C THR G 77 15.58 -36.73 -50.97
N SER G 78 16.39 -36.03 -51.77
CA SER G 78 17.81 -35.84 -51.44
C SER G 78 17.97 -35.02 -50.16
N LYS G 79 17.17 -33.96 -50.01
CA LYS G 79 17.22 -33.10 -48.84
C LYS G 79 16.27 -33.54 -47.72
N ASN G 80 15.54 -34.63 -47.92
CA ASN G 80 14.59 -35.15 -46.95
C ASN G 80 13.64 -34.04 -46.46
N THR G 81 13.09 -33.29 -47.41
CA THR G 81 12.20 -32.17 -47.09
C THR G 81 11.02 -32.10 -48.08
N ALA G 82 9.85 -31.73 -47.54
CA ALA G 82 8.63 -31.59 -48.33
C ALA G 82 8.24 -30.12 -48.39
N TYR G 83 7.51 -29.72 -49.43
CA TYR G 83 7.13 -28.32 -49.62
C TYR G 83 5.65 -28.14 -49.95
N LEU G 84 5.14 -26.96 -49.67
CA LEU G 84 3.82 -26.55 -50.11
C LEU G 84 3.97 -25.18 -50.73
N GLN G 85 3.85 -25.12 -52.06
CA GLN G 85 3.83 -23.87 -52.78
C GLN G 85 2.40 -23.38 -52.82
N MET G 86 2.17 -22.21 -52.22
CA MET G 86 0.84 -21.64 -52.13
C MET G 86 0.75 -20.44 -53.04
N ASN G 87 -0.10 -20.52 -54.07
CA ASN G 87 -0.32 -19.40 -54.98
C ASN G 87 -1.75 -18.90 -54.87
N SER G 88 -1.99 -17.71 -55.42
CA SER G 88 -3.33 -17.11 -55.46
C SER G 88 -4.01 -17.12 -54.08
N LEU G 89 -3.25 -16.75 -53.06
CA LEU G 89 -3.74 -16.82 -51.68
C LEU G 89 -4.91 -15.86 -51.42
N ARG G 90 -5.84 -16.31 -50.59
CA ARG G 90 -6.98 -15.48 -50.15
C ARG G 90 -6.92 -15.36 -48.63
N ALA G 91 -7.67 -14.40 -48.11
CA ALA G 91 -7.74 -14.17 -46.66
C ALA G 91 -8.02 -15.48 -45.90
N GLU G 92 -8.87 -16.32 -46.48
CA GLU G 92 -9.33 -17.57 -45.85
C GLU G 92 -8.27 -18.67 -45.79
N ASP G 93 -7.11 -18.46 -46.41
CA ASP G 93 -5.99 -19.39 -46.29
C ASP G 93 -5.16 -19.13 -45.01
N THR G 94 -5.48 -18.04 -44.31
CA THR G 94 -4.81 -17.72 -43.04
C THR G 94 -4.99 -18.87 -42.07
N ALA G 95 -3.87 -19.36 -41.54
CA ALA G 95 -3.89 -20.54 -40.69
C ALA G 95 -2.49 -20.95 -40.22
N VAL G 96 -2.46 -21.79 -39.19
CA VAL G 96 -1.26 -22.54 -38.86
C VAL G 96 -1.23 -23.75 -39.78
N TYR G 97 -0.14 -23.92 -40.52
CA TYR G 97 0.02 -25.05 -41.42
C TYR G 97 0.96 -26.07 -40.80
N TYR G 98 0.49 -27.30 -40.65
CA TYR G 98 1.28 -28.40 -40.14
C TYR G 98 1.61 -29.34 -41.28
N CYS G 99 2.78 -29.96 -41.22
CA CYS G 99 3.06 -31.13 -42.05
C CYS G 99 3.08 -32.32 -41.12
N ALA G 100 2.66 -33.47 -41.64
CA ALA G 100 2.49 -34.67 -40.82
C ALA G 100 2.80 -35.94 -41.60
N ARG G 101 3.26 -36.97 -40.89
CA ARG G 101 3.70 -38.23 -41.49
C ARG G 101 2.65 -39.34 -41.32
N THR G 102 2.54 -40.22 -42.32
CA THR G 102 1.62 -41.36 -42.24
C THR G 102 2.09 -42.42 -41.25
N TRP G 103 1.14 -42.93 -40.47
CA TRP G 103 1.36 -44.04 -39.57
C TRP G 103 0.12 -44.88 -39.58
N TYR G 104 0.12 -45.92 -40.41
CA TYR G 104 -1.05 -46.75 -40.65
C TYR G 104 -2.24 -45.84 -41.00
N TYR G 105 -3.40 -46.04 -40.37
CA TYR G 105 -4.48 -45.08 -40.51
C TYR G 105 -4.39 -44.04 -39.39
N GLY G 106 -3.59 -43.01 -39.65
CA GLY G 106 -3.32 -41.94 -38.69
C GLY G 106 -2.03 -41.23 -39.05
N PHE G 107 -1.82 -40.04 -38.49
CA PHE G 107 -0.57 -39.30 -38.67
C PHE G 107 0.13 -39.26 -37.30
N ASP G 108 1.35 -39.77 -37.21
CA ASP G 108 2.01 -39.87 -35.90
C ASP G 108 2.86 -38.63 -35.54
N TYR G 109 3.75 -38.24 -36.44
CA TYR G 109 4.61 -37.08 -36.18
C TYR G 109 4.11 -35.86 -36.93
N TRP G 110 4.03 -34.76 -36.21
CA TRP G 110 3.57 -33.49 -36.74
C TRP G 110 4.64 -32.48 -36.59
N GLY G 111 4.72 -31.54 -37.51
CA GLY G 111 5.61 -30.40 -37.32
C GLY G 111 5.08 -29.47 -36.23
N GLN G 112 5.86 -28.44 -35.91
CA GLN G 112 5.45 -27.48 -34.88
C GLN G 112 4.41 -26.50 -35.41
N GLY G 113 4.29 -26.40 -36.73
CA GLY G 113 3.33 -25.50 -37.36
C GLY G 113 3.98 -24.17 -37.71
N THR G 114 3.56 -23.60 -38.83
CA THR G 114 3.99 -22.26 -39.21
C THR G 114 2.75 -21.45 -39.62
N LEU G 115 2.66 -20.22 -39.12
CA LEU G 115 1.48 -19.38 -39.31
C LEU G 115 1.61 -18.60 -40.61
N VAL G 116 0.58 -18.68 -41.44
CA VAL G 116 0.48 -17.89 -42.66
C VAL G 116 -0.67 -16.92 -42.49
N THR G 117 -0.37 -15.63 -42.60
CA THR G 117 -1.41 -14.60 -42.49
C THR G 117 -1.57 -13.89 -43.83
N VAL G 118 -2.76 -14.01 -44.42
CA VAL G 118 -3.04 -13.39 -45.70
C VAL G 118 -3.88 -12.14 -45.46
N SER G 119 -3.31 -10.98 -45.77
CA SER G 119 -3.99 -9.71 -45.58
C SER G 119 -3.43 -8.59 -46.47
N SER G 120 -4.29 -7.65 -46.82
CA SER G 120 -3.88 -6.44 -47.50
C SER G 120 -3.25 -5.42 -46.55
N ALA G 121 -3.39 -5.63 -45.25
CA ALA G 121 -2.94 -4.64 -44.27
C ALA G 121 -1.42 -4.51 -44.26
N SER G 122 -0.94 -3.30 -44.03
CA SER G 122 0.47 -3.03 -43.75
C SER G 122 0.75 -3.09 -42.25
N THR G 123 1.97 -3.48 -41.89
CA THR G 123 2.38 -3.51 -40.48
C THR G 123 2.21 -2.13 -39.87
N LYS G 124 1.50 -2.07 -38.75
CA LYS G 124 1.19 -0.81 -38.09
C LYS G 124 1.13 -1.07 -36.58
N GLY G 125 1.81 -0.22 -35.81
CA GLY G 125 1.81 -0.36 -34.35
C GLY G 125 0.48 0.08 -33.75
N PRO G 126 0.18 -0.38 -32.52
CA PRO G 126 -1.09 -0.01 -31.93
C PRO G 126 -1.13 1.40 -31.37
N SER G 127 -2.35 1.93 -31.26
CA SER G 127 -2.63 3.06 -30.39
C SER G 127 -3.13 2.46 -29.09
N VAL G 128 -2.67 3.00 -27.96
CA VAL G 128 -3.04 2.48 -26.64
C VAL G 128 -3.85 3.52 -25.88
N PHE G 129 -5.01 3.10 -25.37
CA PHE G 129 -5.92 4.04 -24.69
C PHE G 129 -6.28 3.50 -23.31
N PRO G 130 -6.38 4.38 -22.31
CA PRO G 130 -6.69 3.87 -20.97
C PRO G 130 -8.16 3.46 -20.86
N LEU G 131 -8.41 2.41 -20.08
CA LEU G 131 -9.75 2.05 -19.64
C LEU G 131 -9.78 2.45 -18.16
N ALA G 132 -10.30 3.65 -17.91
CA ALA G 132 -10.15 4.32 -16.62
C ALA G 132 -11.10 3.71 -15.58
N PRO G 133 -10.60 3.46 -14.35
CA PRO G 133 -11.47 2.86 -13.34
C PRO G 133 -12.58 3.80 -12.92
N SER G 134 -13.78 3.28 -12.77
CA SER G 134 -14.91 4.07 -12.27
C SER G 134 -14.64 4.49 -10.82
N SER G 135 -14.83 5.77 -10.55
CA SER G 135 -14.62 6.32 -9.21
C SER G 135 -15.67 5.81 -8.22
N LYS G 136 -16.94 5.90 -8.62
CA LYS G 136 -18.07 5.53 -7.76
C LYS G 136 -18.28 4.02 -7.60
N SER G 137 -18.50 3.31 -8.70
CA SER G 137 -19.03 1.94 -8.66
C SER G 137 -17.95 0.86 -8.45
N THR G 138 -18.34 -0.26 -7.84
CA THR G 138 -17.45 -1.41 -7.62
C THR G 138 -18.22 -2.74 -7.79
N SER G 139 -17.59 -3.73 -8.42
CA SER G 139 -18.22 -5.04 -8.67
C SER G 139 -17.43 -6.18 -8.02
N GLY G 140 -18.11 -7.00 -7.22
CA GLY G 140 -17.47 -8.07 -6.46
C GLY G 140 -16.56 -7.56 -5.35
N GLY G 141 -16.84 -6.35 -4.86
CA GLY G 141 -16.03 -5.69 -3.84
C GLY G 141 -14.74 -5.10 -4.38
N THR G 142 -14.72 -4.78 -5.67
CA THR G 142 -13.47 -4.49 -6.39
C THR G 142 -13.65 -3.45 -7.49
N ALA G 143 -12.57 -2.74 -7.84
CA ALA G 143 -12.51 -1.92 -9.05
C ALA G 143 -11.69 -2.62 -10.14
N ALA G 144 -11.88 -2.18 -11.38
CA ALA G 144 -11.09 -2.69 -12.51
C ALA G 144 -10.64 -1.56 -13.40
N LEU G 145 -9.54 -1.78 -14.10
CA LEU G 145 -9.03 -0.81 -15.07
C LEU G 145 -8.30 -1.58 -16.16
N GLY G 146 -7.87 -0.89 -17.20
CA GLY G 146 -7.26 -1.58 -18.31
C GLY G 146 -6.67 -0.69 -19.38
N CYS G 147 -6.27 -1.33 -20.47
CA CYS G 147 -5.81 -0.64 -21.68
C CYS G 147 -6.44 -1.24 -22.93
N LEU G 148 -6.93 -0.38 -23.81
CA LEU G 148 -7.37 -0.79 -25.15
C LEU G 148 -6.19 -0.67 -26.10
N VAL G 149 -5.83 -1.80 -26.73
CA VAL G 149 -4.72 -1.83 -27.69
C VAL G 149 -5.31 -2.02 -29.09
N LYS G 150 -5.30 -0.95 -29.87
CA LYS G 150 -6.18 -0.84 -31.03
C LYS G 150 -5.46 -0.50 -32.33
N ASP G 151 -5.95 -1.09 -33.43
CA ASP G 151 -5.53 -0.78 -34.82
C ASP G 151 -4.09 -1.13 -35.14
N TYR G 152 -3.72 -2.36 -34.83
CA TYR G 152 -2.37 -2.84 -35.12
C TYR G 152 -2.42 -4.03 -36.05
N PHE G 153 -1.28 -4.28 -36.69
CA PHE G 153 -1.11 -5.43 -37.56
C PHE G 153 0.37 -5.72 -37.75
N PRO G 154 0.75 -7.01 -37.76
CA PRO G 154 -0.05 -8.21 -37.51
C PRO G 154 -0.06 -8.59 -36.02
N GLU G 155 -0.69 -9.69 -35.65
CA GLU G 155 -0.47 -10.29 -34.33
C GLU G 155 1.01 -10.65 -34.17
N PRO G 156 1.49 -10.78 -32.93
CA PRO G 156 0.82 -10.53 -31.66
C PRO G 156 1.29 -9.22 -31.04
N VAL G 157 0.57 -8.79 -30.01
CA VAL G 157 1.05 -7.77 -29.10
C VAL G 157 1.13 -8.43 -27.70
N THR G 158 2.06 -7.99 -26.85
CA THR G 158 2.09 -8.44 -25.45
C THR G 158 1.83 -7.27 -24.50
N VAL G 159 1.10 -7.53 -23.42
CA VAL G 159 0.80 -6.51 -22.43
C VAL G 159 1.23 -7.00 -21.04
N SER G 160 2.02 -6.20 -20.36
CA SER G 160 2.31 -6.43 -18.96
C SER G 160 1.81 -5.23 -18.17
N TRP G 161 1.81 -5.35 -16.85
CA TRP G 161 1.35 -4.28 -15.96
C TRP G 161 2.41 -3.99 -14.93
N ASN G 162 2.76 -2.72 -14.79
CA ASN G 162 3.80 -2.28 -13.87
C ASN G 162 5.09 -3.06 -14.06
N SER G 163 5.46 -3.19 -15.33
CA SER G 163 6.68 -3.87 -15.77
C SER G 163 6.82 -5.28 -15.22
N GLY G 164 5.69 -5.98 -15.09
CA GLY G 164 5.68 -7.35 -14.61
C GLY G 164 5.44 -7.51 -13.11
N ALA G 165 5.40 -6.39 -12.39
CA ALA G 165 5.18 -6.43 -10.93
C ALA G 165 3.73 -6.76 -10.60
N LEU G 166 2.83 -6.56 -11.56
CA LEU G 166 1.42 -6.85 -11.33
C LEU G 166 0.95 -7.94 -12.28
N THR G 167 0.60 -9.10 -11.73
CA THR G 167 0.17 -10.24 -12.55
C THR G 167 -1.13 -10.87 -12.07
N SER G 168 -1.37 -10.85 -10.76
CA SER G 168 -2.59 -11.42 -10.22
C SER G 168 -3.80 -10.61 -10.70
N GLY G 169 -4.77 -11.31 -11.25
CA GLY G 169 -6.03 -10.70 -11.68
C GLY G 169 -5.99 -10.08 -13.07
N VAL G 170 -4.90 -10.27 -13.81
CA VAL G 170 -4.79 -9.73 -15.16
C VAL G 170 -5.47 -10.65 -16.16
N HIS G 171 -6.22 -10.06 -17.09
CA HIS G 171 -6.75 -10.80 -18.23
C HIS G 171 -6.46 -9.99 -19.44
N THR G 172 -5.62 -10.51 -20.33
CA THR G 172 -5.39 -9.92 -21.63
C THR G 172 -6.13 -10.77 -22.65
N PHE G 173 -7.06 -10.15 -23.37
CA PHE G 173 -8.04 -10.90 -24.18
C PHE G 173 -7.50 -11.23 -25.57
N PRO G 174 -8.01 -12.33 -26.16
CA PRO G 174 -7.77 -12.61 -27.57
C PRO G 174 -8.14 -11.41 -28.43
N ALA G 175 -7.27 -11.06 -29.37
CA ALA G 175 -7.54 -9.94 -30.25
C ALA G 175 -8.69 -10.28 -31.18
N VAL G 176 -9.39 -9.26 -31.65
CA VAL G 176 -10.40 -9.40 -32.69
C VAL G 176 -9.90 -8.68 -33.93
N LEU G 177 -10.22 -9.24 -35.09
CA LEU G 177 -9.90 -8.62 -36.37
C LEU G 177 -11.06 -7.72 -36.74
N GLN G 178 -10.82 -6.41 -36.82
CA GLN G 178 -11.86 -5.48 -37.20
C GLN G 178 -12.02 -5.50 -38.72
N SER G 179 -13.10 -4.91 -39.22
CA SER G 179 -13.38 -4.83 -40.65
C SER G 179 -12.31 -4.06 -41.41
N SER G 180 -11.55 -3.24 -40.71
CA SER G 180 -10.42 -2.51 -41.30
C SER G 180 -9.24 -3.41 -41.69
N GLY G 181 -9.24 -4.66 -41.24
CA GLY G 181 -8.08 -5.54 -41.40
C GLY G 181 -7.05 -5.37 -40.27
N LEU G 182 -7.33 -4.46 -39.33
CA LEU G 182 -6.46 -4.22 -38.19
C LEU G 182 -7.02 -4.94 -36.96
N TYR G 183 -6.15 -5.19 -35.98
CA TYR G 183 -6.55 -5.91 -34.76
C TYR G 183 -6.84 -4.97 -33.60
N SER G 184 -7.63 -5.45 -32.63
CA SER G 184 -7.91 -4.73 -31.40
C SER G 184 -8.04 -5.69 -30.21
N LEU G 185 -7.46 -5.32 -29.09
CA LEU G 185 -7.64 -6.08 -27.86
C LEU G 185 -7.56 -5.20 -26.63
N SER G 186 -8.10 -5.74 -25.54
CA SER G 186 -8.09 -5.10 -24.23
C SER G 186 -7.32 -5.94 -23.23
N SER G 187 -6.65 -5.28 -22.29
CA SER G 187 -6.05 -5.95 -21.13
C SER G 187 -6.61 -5.26 -19.92
N VAL G 188 -7.07 -6.06 -18.96
CA VAL G 188 -7.71 -5.50 -17.78
C VAL G 188 -7.09 -6.10 -16.53
N VAL G 189 -7.23 -5.41 -15.41
CA VAL G 189 -6.79 -5.95 -14.13
C VAL G 189 -7.70 -5.43 -13.03
N THR G 190 -8.00 -6.29 -12.06
CA THR G 190 -8.81 -5.89 -10.90
C THR G 190 -7.89 -5.28 -9.85
N VAL G 191 -8.31 -4.15 -9.27
CA VAL G 191 -7.49 -3.39 -8.34
C VAL G 191 -8.36 -2.90 -7.18
N PRO G 192 -7.73 -2.61 -6.03
CA PRO G 192 -8.49 -2.10 -4.89
C PRO G 192 -9.03 -0.68 -5.11
N SER G 193 -10.30 -0.47 -4.75
CA SER G 193 -10.94 0.84 -4.88
C SER G 193 -10.35 1.88 -3.94
N SER G 194 -9.91 1.44 -2.77
CA SER G 194 -9.45 2.38 -1.73
C SER G 194 -8.27 3.22 -2.19
N SER G 195 -7.34 2.61 -2.91
CA SER G 195 -6.06 3.27 -3.26
C SER G 195 -6.00 3.83 -4.70
N LEU G 196 -7.15 3.90 -5.37
CA LEU G 196 -7.20 4.44 -6.74
C LEU G 196 -6.60 5.86 -6.84
N GLY G 197 -6.65 6.60 -5.74
CA GLY G 197 -6.14 7.97 -5.72
C GLY G 197 -4.63 8.10 -5.87
N THR G 198 -3.90 7.10 -5.43
CA THR G 198 -2.45 7.20 -5.35
C THR G 198 -1.65 6.12 -6.10
N GLN G 199 -2.16 4.89 -6.16
CA GLN G 199 -1.38 3.78 -6.74
CA GLN G 199 -1.40 3.79 -6.76
C GLN G 199 -1.29 3.97 -8.26
N THR G 200 -0.09 3.75 -8.79
CA THR G 200 0.12 3.94 -10.22
C THR G 200 -0.06 2.61 -10.92
N TYR G 201 -0.70 2.67 -12.08
CA TYR G 201 -0.97 1.51 -12.89
C TYR G 201 -0.60 1.88 -14.31
N ILE G 202 0.32 1.13 -14.90
CA ILE G 202 0.85 1.37 -16.22
C ILE G 202 0.80 0.08 -17.01
N CYS G 203 0.19 0.11 -18.20
CA CYS G 203 0.26 -1.02 -19.09
C CYS G 203 1.43 -0.85 -20.06
N ASN G 204 2.25 -1.89 -20.15
CA ASN G 204 3.43 -1.91 -21.03
C ASN G 204 3.07 -2.73 -22.23
N VAL G 205 2.75 -2.04 -23.32
CA VAL G 205 2.28 -2.67 -24.55
C VAL G 205 3.45 -2.76 -25.53
N ASN G 206 3.77 -3.99 -25.92
CA ASN G 206 4.82 -4.22 -26.91
C ASN G 206 4.24 -4.80 -28.22
N HIS G 207 4.59 -4.16 -29.34
CA HIS G 207 4.28 -4.66 -30.68
C HIS G 207 5.55 -4.85 -31.46
N LYS G 208 6.12 -6.04 -31.34
CA LYS G 208 7.42 -6.34 -31.91
C LYS G 208 7.44 -6.21 -33.44
N PRO G 209 6.38 -6.67 -34.12
CA PRO G 209 6.39 -6.56 -35.58
C PRO G 209 6.71 -5.15 -36.08
N SER G 210 6.17 -4.12 -35.44
CA SER G 210 6.41 -2.74 -35.87
C SER G 210 7.53 -2.02 -35.11
N ASN G 211 8.07 -2.66 -34.08
CA ASN G 211 9.07 -2.03 -33.18
C ASN G 211 8.42 -0.87 -32.42
N THR G 212 7.16 -1.07 -32.02
CA THR G 212 6.41 -0.10 -31.23
C THR G 212 6.31 -0.60 -29.79
N LYS G 213 6.51 0.29 -28.84
CA LYS G 213 6.29 0.00 -27.44
C LYS G 213 5.67 1.24 -26.78
N VAL G 214 4.64 1.02 -25.97
CA VAL G 214 3.90 2.10 -25.33
C VAL G 214 3.64 1.77 -23.86
N ASP G 215 3.96 2.72 -22.99
CA ASP G 215 3.62 2.61 -21.57
C ASP G 215 2.56 3.66 -21.30
N LYS G 216 1.34 3.20 -21.00
CA LYS G 216 0.24 4.10 -20.72
C LYS G 216 -0.17 4.04 -19.25
N LYS G 217 -0.11 5.20 -18.59
CA LYS G 217 -0.63 5.34 -17.24
C LYS G 217 -2.14 5.32 -17.29
N VAL G 218 -2.75 4.58 -16.38
CA VAL G 218 -4.20 4.46 -16.32
C VAL G 218 -4.65 4.96 -14.95
N GLU G 219 -5.40 6.04 -14.94
CA GLU G 219 -5.84 6.66 -13.69
C GLU G 219 -7.31 7.09 -13.78
N PRO G 220 -7.95 7.32 -12.62
CA PRO G 220 -9.35 7.78 -12.65
C PRO G 220 -9.46 9.11 -13.38
N LYS G 221 -10.58 9.34 -14.05
CA LYS G 221 -10.75 10.54 -14.89
C LYS G 221 -10.80 11.81 -14.06
N SER G 222 -11.53 11.75 -12.94
CA SER G 222 -11.79 12.89 -12.06
C SER G 222 -11.13 14.21 -12.48
N ILE H 2 -55.03 -5.94 -51.74
CA ILE H 2 -54.98 -6.44 -53.15
C ILE H 2 -53.70 -5.95 -53.83
N SER H 3 -52.94 -6.90 -54.39
CA SER H 3 -51.67 -6.60 -55.07
C SER H 3 -51.85 -6.51 -56.58
N GLU H 4 -50.94 -5.78 -57.22
CA GLU H 4 -50.94 -5.63 -58.68
C GLU H 4 -49.71 -6.30 -59.30
N VAL H 5 -48.52 -5.88 -58.84
CA VAL H 5 -47.26 -6.49 -59.25
C VAL H 5 -47.12 -7.87 -58.58
N GLN H 6 -46.56 -8.84 -59.29
CA GLN H 6 -46.43 -10.20 -58.77
C GLN H 6 -45.34 -11.01 -59.48
N LEU H 7 -44.69 -11.91 -58.75
CA LEU H 7 -43.67 -12.81 -59.30
C LEU H 7 -44.01 -14.24 -58.89
N VAL H 8 -44.21 -15.10 -59.89
CA VAL H 8 -44.63 -16.50 -59.65
C VAL H 8 -43.53 -17.46 -60.08
N GLU H 9 -43.06 -18.26 -59.13
CA GLU H 9 -41.95 -19.18 -59.40
C GLU H 9 -42.41 -20.59 -59.60
N SER H 10 -41.66 -21.32 -60.41
CA SER H 10 -41.87 -22.74 -60.61
C SER H 10 -40.56 -23.39 -61.05
N GLY H 11 -40.58 -24.71 -61.17
CA GLY H 11 -39.43 -25.47 -61.67
C GLY H 11 -38.50 -26.01 -60.60
N GLY H 12 -38.83 -25.78 -59.33
CA GLY H 12 -38.04 -26.27 -58.22
C GLY H 12 -38.23 -27.75 -58.00
N GLY H 13 -38.00 -28.20 -56.77
CA GLY H 13 -38.14 -29.59 -56.40
C GLY H 13 -36.81 -30.30 -56.25
N LEU H 14 -36.81 -31.59 -56.62
CA LEU H 14 -35.72 -32.50 -56.31
C LEU H 14 -34.73 -32.69 -57.46
N VAL H 15 -33.46 -32.80 -57.12
CA VAL H 15 -32.39 -33.04 -58.09
C VAL H 15 -31.23 -33.75 -57.39
N GLN H 16 -30.39 -34.46 -58.15
CA GLN H 16 -29.22 -35.12 -57.58
C GLN H 16 -27.96 -34.29 -57.81
N PRO H 17 -26.91 -34.52 -56.99
CA PRO H 17 -25.62 -33.85 -57.20
C PRO H 17 -25.11 -34.03 -58.63
N GLY H 18 -24.68 -32.93 -59.24
CA GLY H 18 -24.23 -32.91 -60.63
C GLY H 18 -25.36 -32.69 -61.62
N GLY H 19 -26.60 -32.76 -61.15
CA GLY H 19 -27.76 -32.57 -62.02
C GLY H 19 -28.05 -31.10 -62.27
N SER H 20 -29.10 -30.88 -63.07
CA SER H 20 -29.52 -29.54 -63.48
C SER H 20 -31.00 -29.33 -63.21
N LEU H 21 -31.36 -28.09 -62.92
CA LEU H 21 -32.76 -27.69 -62.76
C LEU H 21 -32.88 -26.30 -63.33
N ARG H 22 -34.01 -25.99 -63.95
CA ARG H 22 -34.28 -24.63 -64.39
C ARG H 22 -35.46 -24.03 -63.63
N LEU H 23 -35.22 -22.92 -62.96
CA LEU H 23 -36.26 -22.19 -62.26
C LEU H 23 -36.83 -21.09 -63.16
N SER H 24 -38.15 -20.87 -63.06
CA SER H 24 -38.81 -19.77 -63.75
C SER H 24 -39.37 -18.75 -62.77
N CYS H 25 -39.37 -17.49 -63.18
CA CYS H 25 -39.96 -16.41 -62.42
C CYS H 25 -40.86 -15.64 -63.37
N ALA H 26 -42.15 -16.01 -63.38
CA ALA H 26 -43.16 -15.37 -64.23
C ALA H 26 -43.65 -14.09 -63.57
N ALA H 27 -43.46 -12.97 -64.26
CA ALA H 27 -43.81 -11.66 -63.72
C ALA H 27 -45.09 -11.11 -64.32
N SER H 28 -45.89 -10.42 -63.50
CA SER H 28 -47.08 -9.69 -63.96
C SER H 28 -47.25 -8.39 -63.17
N GLY H 29 -47.98 -7.44 -63.75
CA GLY H 29 -48.12 -6.10 -63.19
C GLY H 29 -47.01 -5.15 -63.61
N PHE H 30 -45.98 -5.68 -64.27
CA PHE H 30 -44.89 -4.86 -64.78
C PHE H 30 -44.13 -5.62 -65.87
N ASN H 31 -43.20 -4.92 -66.52
CA ASN H 31 -42.44 -5.50 -67.61
C ASN H 31 -40.99 -5.78 -67.21
N VAL H 32 -40.54 -7.00 -67.48
CA VAL H 32 -39.19 -7.46 -67.13
C VAL H 32 -38.09 -6.68 -67.83
N SER H 33 -38.42 -6.00 -68.93
CA SER H 33 -37.48 -5.10 -69.60
C SER H 33 -37.41 -3.72 -68.93
N SER H 34 -38.42 -3.39 -68.13
CA SER H 34 -38.46 -2.12 -67.41
C SER H 34 -37.75 -2.17 -66.05
N TYR H 35 -37.59 -3.37 -65.49
CA TYR H 35 -36.88 -3.55 -64.22
C TYR H 35 -35.87 -4.68 -64.32
N SER H 36 -34.86 -4.63 -63.45
CA SER H 36 -33.95 -5.75 -63.29
C SER H 36 -34.54 -6.77 -62.33
N ILE H 37 -34.14 -8.03 -62.49
CA ILE H 37 -34.63 -9.12 -61.67
C ILE H 37 -33.44 -9.85 -61.04
N HIS H 38 -33.57 -10.23 -59.78
CA HIS H 38 -32.50 -10.95 -59.09
C HIS H 38 -33.00 -12.26 -58.57
N TRP H 39 -32.07 -13.19 -58.35
CA TRP H 39 -32.33 -14.43 -57.61
C TRP H 39 -31.58 -14.38 -56.30
N VAL H 40 -32.27 -14.80 -55.25
CA VAL H 40 -31.75 -14.83 -53.88
C VAL H 40 -32.20 -16.14 -53.28
N ARG H 41 -31.34 -16.80 -52.51
CA ARG H 41 -31.67 -18.10 -51.94
C ARG H 41 -31.44 -18.15 -50.43
N GLN H 42 -32.05 -19.12 -49.77
CA GLN H 42 -31.98 -19.24 -48.31
C GLN H 42 -31.97 -20.71 -47.90
N ALA H 43 -30.84 -21.18 -47.38
CA ALA H 43 -30.75 -22.52 -46.84
C ALA H 43 -31.58 -22.60 -45.56
N PRO H 44 -32.13 -23.77 -45.25
CA PRO H 44 -33.05 -23.85 -44.11
C PRO H 44 -32.38 -23.41 -42.81
N GLY H 45 -33.03 -22.51 -42.08
CA GLY H 45 -32.51 -21.96 -40.83
C GLY H 45 -31.38 -20.96 -40.99
N LYS H 46 -31.10 -20.58 -42.24
CA LYS H 46 -29.97 -19.70 -42.53
C LYS H 46 -30.46 -18.39 -43.13
N GLY H 47 -29.52 -17.49 -43.42
CA GLY H 47 -29.85 -16.17 -43.94
C GLY H 47 -29.99 -16.11 -45.44
N LEU H 48 -30.35 -14.93 -45.94
CA LEU H 48 -30.50 -14.68 -47.38
C LEU H 48 -29.14 -14.61 -48.07
N GLU H 49 -29.02 -15.26 -49.23
CA GLU H 49 -27.83 -15.16 -50.08
C GLU H 49 -28.25 -14.70 -51.47
N TRP H 50 -27.79 -13.51 -51.87
CA TRP H 50 -27.97 -13.04 -53.25
C TRP H 50 -27.11 -13.87 -54.15
N VAL H 51 -27.65 -14.29 -55.30
CA VAL H 51 -26.93 -15.21 -56.18
C VAL H 51 -26.74 -14.70 -57.61
N ALA H 52 -27.73 -14.00 -58.17
CA ALA H 52 -27.64 -13.56 -59.56
C ALA H 52 -28.56 -12.40 -59.88
N TYR H 53 -28.28 -11.76 -61.02
CA TYR H 53 -28.93 -10.54 -61.47
C TYR H 53 -28.95 -10.50 -63.00
N ILE H 54 -30.06 -10.02 -63.57
CA ILE H 54 -30.11 -9.74 -65.01
C ILE H 54 -30.84 -8.42 -65.27
N SER H 55 -30.28 -7.64 -66.20
CA SER H 55 -30.98 -6.51 -66.80
C SER H 55 -31.40 -6.96 -68.20
N SER H 56 -32.69 -7.21 -68.41
CA SER H 56 -33.19 -7.74 -69.69
C SER H 56 -32.96 -6.76 -70.82
N SER H 57 -33.15 -5.46 -70.55
CA SER H 57 -33.04 -4.42 -71.58
C SER H 57 -31.62 -4.32 -72.17
N SER H 58 -30.60 -4.48 -71.33
CA SER H 58 -29.19 -4.45 -71.77
C SER H 58 -28.58 -5.85 -71.91
N GLY H 59 -29.27 -6.86 -71.40
CA GLY H 59 -28.73 -8.22 -71.36
C GLY H 59 -27.64 -8.47 -70.32
N TYR H 60 -27.22 -7.44 -69.60
CA TYR H 60 -26.14 -7.57 -68.63
C TYR H 60 -26.52 -8.53 -67.50
N THR H 61 -25.58 -9.38 -67.10
CA THR H 61 -25.80 -10.36 -66.03
C THR H 61 -24.59 -10.45 -65.07
N TYR H 62 -24.87 -10.69 -63.79
CA TYR H 62 -23.83 -10.79 -62.77
C TYR H 62 -24.16 -11.92 -61.79
N TYR H 63 -23.13 -12.67 -61.38
CA TYR H 63 -23.29 -13.82 -60.49
C TYR H 63 -22.44 -13.69 -59.24
N ALA H 64 -22.91 -14.27 -58.14
CA ALA H 64 -22.11 -14.42 -56.93
C ALA H 64 -21.09 -15.51 -57.19
N ASP H 65 -19.89 -15.36 -56.61
CA ASP H 65 -18.81 -16.35 -56.74
C ASP H 65 -19.27 -17.77 -56.40
N SER H 66 -20.20 -17.90 -55.44
CA SER H 66 -20.71 -19.21 -55.05
C SER H 66 -21.37 -19.97 -56.20
N VAL H 67 -21.91 -19.25 -57.17
CA VAL H 67 -22.60 -19.89 -58.29
C VAL H 67 -21.98 -19.64 -59.68
N LYS H 68 -20.98 -18.76 -59.76
CA LYS H 68 -20.38 -18.40 -61.06
C LYS H 68 -19.88 -19.65 -61.79
N GLY H 69 -20.23 -19.77 -63.07
CA GLY H 69 -19.76 -20.89 -63.89
C GLY H 69 -20.63 -22.12 -63.80
N ARG H 70 -21.66 -22.08 -62.96
CA ARG H 70 -22.62 -23.20 -62.82
C ARG H 70 -24.03 -22.77 -63.17
N PHE H 71 -24.40 -21.57 -62.74
CA PHE H 71 -25.75 -21.06 -62.94
C PHE H 71 -25.74 -20.07 -64.11
N THR H 72 -26.86 -19.98 -64.81
CA THR H 72 -27.02 -19.00 -65.89
C THR H 72 -28.39 -18.35 -65.74
N ILE H 73 -28.39 -17.02 -65.61
CA ILE H 73 -29.64 -16.27 -65.51
C ILE H 73 -30.01 -15.70 -66.88
N SER H 74 -31.26 -15.89 -67.28
CA SER H 74 -31.75 -15.37 -68.58
C SER H 74 -33.16 -14.79 -68.44
N ALA H 75 -33.65 -14.22 -69.54
CA ALA H 75 -34.97 -13.59 -69.56
C ALA H 75 -35.60 -13.65 -70.95
N ASP H 76 -36.85 -14.11 -70.99
CA ASP H 76 -37.64 -14.16 -72.22
C ASP H 76 -38.66 -13.02 -72.13
N THR H 77 -38.32 -11.88 -72.72
CA THR H 77 -39.16 -10.68 -72.64
C THR H 77 -40.55 -10.88 -73.23
N SER H 78 -40.73 -11.88 -74.09
CA SER H 78 -42.03 -12.14 -74.71
C SER H 78 -42.99 -12.83 -73.76
N LYS H 79 -42.46 -13.74 -72.94
CA LYS H 79 -43.25 -14.39 -71.90
C LYS H 79 -43.16 -13.62 -70.56
N ASN H 80 -42.38 -12.54 -70.55
CA ASN H 80 -42.21 -11.72 -69.35
C ASN H 80 -41.67 -12.53 -68.16
N THR H 81 -40.76 -13.44 -68.45
CA THR H 81 -40.27 -14.41 -67.48
C THR H 81 -38.75 -14.38 -67.39
N ALA H 82 -38.23 -14.50 -66.17
CA ALA H 82 -36.80 -14.64 -65.93
C ALA H 82 -36.52 -16.07 -65.53
N TYR H 83 -35.34 -16.59 -65.88
CA TYR H 83 -34.96 -17.96 -65.57
C TYR H 83 -33.62 -18.06 -64.89
N LEU H 84 -33.50 -19.03 -63.99
CA LEU H 84 -32.22 -19.45 -63.47
C LEU H 84 -31.98 -20.91 -63.86
N GLN H 85 -31.05 -21.11 -64.80
CA GLN H 85 -30.54 -22.43 -65.16
C GLN H 85 -29.43 -22.77 -64.19
N MET H 86 -29.62 -23.86 -63.45
CA MET H 86 -28.68 -24.29 -62.45
C MET H 86 -28.06 -25.61 -62.88
N ASN H 87 -26.75 -25.61 -63.10
CA ASN H 87 -26.03 -26.81 -63.51
C ASN H 87 -25.03 -27.21 -62.45
N SER H 88 -24.58 -28.45 -62.52
CA SER H 88 -23.55 -28.97 -61.62
C SER H 88 -23.93 -28.70 -60.16
N LEU H 89 -25.17 -29.05 -59.80
CA LEU H 89 -25.69 -28.73 -58.49
C LEU H 89 -24.98 -29.53 -57.40
N ARG H 90 -24.83 -28.91 -56.23
CA ARG H 90 -24.23 -29.56 -55.06
C ARG H 90 -25.25 -29.56 -53.91
N ALA H 91 -25.03 -30.43 -52.93
CA ALA H 91 -25.89 -30.49 -51.76
C ALA H 91 -26.05 -29.13 -51.09
N GLU H 92 -25.00 -28.31 -51.15
CA GLU H 92 -25.01 -26.98 -50.51
C GLU H 92 -25.88 -25.97 -51.24
N ASP H 93 -26.33 -26.29 -52.44
CA ASP H 93 -27.27 -25.44 -53.17
C ASP H 93 -28.70 -25.65 -52.69
N THR H 94 -28.91 -26.62 -51.80
CA THR H 94 -30.23 -26.85 -51.25
C THR H 94 -30.71 -25.60 -50.56
N ALA H 95 -31.87 -25.11 -50.98
CA ALA H 95 -32.36 -23.83 -50.50
C ALA H 95 -33.75 -23.54 -51.04
N VAL H 96 -34.41 -22.56 -50.43
CA VAL H 96 -35.57 -21.92 -51.01
C VAL H 96 -35.02 -20.81 -51.90
N TYR H 97 -35.41 -20.81 -53.17
CA TYR H 97 -34.93 -19.80 -54.12
C TYR H 97 -36.05 -18.79 -54.37
N TYR H 98 -35.73 -17.51 -54.22
CA TYR H 98 -36.66 -16.42 -54.50
C TYR H 98 -36.13 -15.68 -55.70
N CYS H 99 -37.05 -15.17 -56.52
CA CYS H 99 -36.71 -14.12 -57.47
C CYS H 99 -37.27 -12.82 -56.93
N ALA H 100 -36.63 -11.70 -57.28
CA ALA H 100 -37.01 -10.40 -56.75
C ALA H 100 -36.72 -9.25 -57.72
N ARG H 101 -37.52 -8.19 -57.61
CA ARG H 101 -37.42 -7.04 -58.51
C ARG H 101 -36.67 -5.87 -57.90
N THR H 102 -35.86 -5.20 -58.73
CA THR H 102 -35.19 -3.96 -58.33
C THR H 102 -36.18 -2.84 -58.02
N TRP H 103 -35.87 -2.09 -56.97
CA TRP H 103 -36.59 -0.86 -56.65
C TRP H 103 -35.62 0.05 -55.96
N TYR H 104 -35.03 0.96 -56.73
CA TYR H 104 -33.91 1.78 -56.29
C TYR H 104 -32.83 0.90 -55.64
N TYR H 105 -32.36 1.28 -54.46
CA TYR H 105 -31.44 0.42 -53.73
C TYR H 105 -32.25 -0.43 -52.76
N GLY H 106 -32.79 -1.52 -53.28
CA GLY H 106 -33.64 -2.44 -52.54
C GLY H 106 -34.37 -3.35 -53.51
N PHE H 107 -34.95 -4.43 -52.99
CA PHE H 107 -35.78 -5.34 -53.77
C PHE H 107 -37.19 -5.27 -53.22
N ASP H 108 -38.17 -4.81 -54.01
CA ASP H 108 -39.51 -4.56 -53.46
C ASP H 108 -40.45 -5.76 -53.58
N TYR H 109 -40.57 -6.36 -54.76
CA TYR H 109 -41.45 -7.52 -54.94
C TYR H 109 -40.66 -8.82 -55.00
N TRP H 110 -41.13 -9.79 -54.21
CA TRP H 110 -40.50 -11.09 -54.10
C TRP H 110 -41.47 -12.14 -54.47
N GLY H 111 -40.99 -13.18 -55.15
CA GLY H 111 -41.81 -14.37 -55.37
C GLY H 111 -42.08 -15.12 -54.08
N GLN H 112 -42.89 -16.15 -54.18
CA GLN H 112 -43.27 -16.99 -53.02
C GLN H 112 -42.15 -17.96 -52.61
N GLY H 113 -41.15 -18.12 -53.48
CA GLY H 113 -40.03 -19.00 -53.19
C GLY H 113 -40.34 -20.43 -53.56
N THR H 114 -39.35 -21.16 -54.06
CA THR H 114 -39.52 -22.57 -54.32
C THR H 114 -38.34 -23.37 -53.78
N LEU H 115 -38.63 -24.42 -53.04
CA LEU H 115 -37.60 -25.26 -52.44
C LEU H 115 -36.90 -26.11 -53.49
N VAL H 116 -35.57 -26.10 -53.45
CA VAL H 116 -34.74 -26.97 -54.27
C VAL H 116 -33.92 -27.83 -53.32
N THR H 117 -34.07 -29.14 -53.42
CA THR H 117 -33.33 -30.07 -52.57
C THR H 117 -32.40 -30.83 -53.48
N VAL H 118 -31.10 -30.67 -53.25
CA VAL H 118 -30.08 -31.42 -53.98
C VAL H 118 -29.62 -32.58 -53.12
N SER H 119 -29.93 -33.80 -53.55
CA SER H 119 -29.62 -34.98 -52.76
C SER H 119 -29.55 -36.23 -53.61
N SER H 120 -28.73 -37.19 -53.19
CA SER H 120 -28.72 -38.52 -53.80
C SER H 120 -29.91 -39.40 -53.38
N ALA H 121 -30.66 -38.99 -52.35
CA ALA H 121 -31.74 -39.82 -51.83
C ALA H 121 -32.96 -39.87 -52.76
N SER H 122 -33.66 -41.01 -52.73
CA SER H 122 -34.93 -41.15 -53.43
C SER H 122 -36.08 -40.81 -52.51
N THR H 123 -37.18 -40.31 -53.08
CA THR H 123 -38.36 -39.99 -52.31
C THR H 123 -38.80 -41.23 -51.53
N LYS H 124 -39.06 -41.05 -50.23
CA LYS H 124 -39.35 -42.16 -49.33
C LYS H 124 -40.16 -41.64 -48.15
N GLY H 125 -41.22 -42.38 -47.81
CA GLY H 125 -42.09 -42.02 -46.71
C GLY H 125 -41.48 -42.40 -45.36
N PRO H 126 -41.96 -41.75 -44.28
CA PRO H 126 -41.38 -41.98 -42.97
C PRO H 126 -41.91 -43.24 -42.30
N SER H 127 -41.09 -43.81 -41.41
CA SER H 127 -41.60 -44.75 -40.41
C SER H 127 -41.98 -43.92 -39.19
N VAL H 128 -43.09 -44.28 -38.56
CA VAL H 128 -43.58 -43.54 -37.41
C VAL H 128 -43.55 -44.43 -36.17
N PHE H 129 -42.89 -43.95 -35.12
CA PHE H 129 -42.73 -44.69 -33.88
C PHE H 129 -43.31 -43.90 -32.72
N PRO H 130 -43.97 -44.58 -31.78
CA PRO H 130 -44.54 -43.88 -30.63
C PRO H 130 -43.47 -43.41 -29.65
N LEU H 131 -43.69 -42.24 -29.06
CA LEU H 131 -42.93 -41.80 -27.91
C LEU H 131 -43.89 -41.99 -26.75
N ALA H 132 -43.80 -43.15 -26.09
CA ALA H 132 -44.82 -43.58 -25.14
C ALA H 132 -44.75 -42.79 -23.83
N PRO H 133 -45.92 -42.48 -23.24
CA PRO H 133 -45.96 -41.71 -21.99
C PRO H 133 -45.51 -42.51 -20.77
N SER H 134 -45.22 -41.79 -19.69
CA SER H 134 -44.61 -42.38 -18.49
C SER H 134 -45.60 -43.27 -17.69
N GLY H 141 -49.16 -34.65 -12.26
CA GLY H 141 -50.06 -33.81 -13.04
C GLY H 141 -49.98 -34.05 -14.55
N THR H 142 -48.83 -33.66 -15.14
CA THR H 142 -48.65 -33.66 -16.59
C THR H 142 -47.76 -34.79 -17.13
N ALA H 143 -48.26 -35.47 -18.17
CA ALA H 143 -47.50 -36.50 -18.89
C ALA H 143 -47.20 -35.98 -20.30
N ALA H 144 -46.08 -36.43 -20.87
CA ALA H 144 -45.71 -36.08 -22.25
C ALA H 144 -45.69 -37.33 -23.10
N LEU H 145 -46.15 -37.20 -24.34
CA LEU H 145 -46.15 -38.30 -25.30
C LEU H 145 -45.97 -37.72 -26.68
N GLY H 146 -45.65 -38.59 -27.64
CA GLY H 146 -45.39 -38.12 -28.99
C GLY H 146 -45.19 -39.20 -30.04
N CYS H 147 -44.76 -38.76 -31.22
CA CYS H 147 -44.40 -39.64 -32.31
C CYS H 147 -43.06 -39.23 -32.89
N LEU H 148 -42.21 -40.21 -33.14
CA LEU H 148 -40.98 -39.99 -33.90
C LEU H 148 -41.25 -40.31 -35.38
N VAL H 149 -40.98 -39.33 -36.24
CA VAL H 149 -41.19 -39.45 -37.68
C VAL H 149 -39.81 -39.55 -38.34
N LYS H 150 -39.39 -40.77 -38.63
CA LYS H 150 -38.01 -41.04 -38.99
C LYS H 150 -37.82 -41.48 -40.43
N ASP H 151 -36.67 -41.09 -40.99
CA ASP H 151 -36.14 -41.61 -42.24
C ASP H 151 -37.02 -41.34 -43.46
N TYR H 152 -37.42 -40.09 -43.65
CA TYR H 152 -38.18 -39.71 -44.85
C TYR H 152 -37.38 -38.75 -45.73
N PHE H 153 -37.84 -38.59 -46.97
CA PHE H 153 -37.25 -37.65 -47.88
C PHE H 153 -38.22 -37.39 -49.02
N PRO H 154 -38.36 -36.13 -49.45
CA PRO H 154 -37.75 -34.89 -48.96
C PRO H 154 -38.61 -34.28 -47.87
N GLU H 155 -38.30 -33.07 -47.43
CA GLU H 155 -39.25 -32.26 -46.67
C GLU H 155 -40.43 -31.91 -47.58
N PRO H 156 -41.60 -31.58 -47.00
CA PRO H 156 -41.92 -31.55 -45.57
C PRO H 156 -42.80 -32.71 -45.16
N VAL H 157 -42.97 -32.89 -43.84
CA VAL H 157 -44.06 -33.70 -43.28
C VAL H 157 -44.98 -32.79 -42.49
N THR H 158 -46.23 -33.19 -42.34
CA THR H 158 -47.13 -32.53 -41.40
C THR H 158 -47.59 -33.54 -40.36
N VAL H 159 -47.79 -33.07 -39.13
CA VAL H 159 -48.26 -33.93 -38.04
C VAL H 159 -49.41 -33.21 -37.35
N SER H 160 -50.56 -33.87 -37.27
CA SER H 160 -51.64 -33.39 -36.42
C SER H 160 -51.88 -34.42 -35.32
N TRP H 161 -52.73 -34.07 -34.35
CA TRP H 161 -53.08 -34.99 -33.26
C TRP H 161 -54.58 -35.13 -33.12
N ASN H 162 -55.01 -36.39 -33.00
CA ASN H 162 -56.42 -36.76 -32.98
C ASN H 162 -57.20 -36.02 -34.07
N SER H 163 -56.68 -36.11 -35.29
CA SER H 163 -57.28 -35.51 -36.50
C SER H 163 -57.51 -33.99 -36.41
N GLY H 164 -56.64 -33.29 -35.68
CA GLY H 164 -56.76 -31.84 -35.50
C GLY H 164 -57.63 -31.42 -34.32
N ALA H 165 -58.16 -32.38 -33.58
CA ALA H 165 -58.95 -32.09 -32.37
C ALA H 165 -58.05 -31.65 -31.21
N LEU H 166 -56.82 -32.16 -31.18
CA LEU H 166 -55.87 -31.85 -30.11
C LEU H 166 -54.78 -30.93 -30.65
N THR H 167 -54.84 -29.65 -30.30
CA THR H 167 -53.81 -28.68 -30.68
C THR H 167 -53.04 -28.10 -29.50
N SER H 168 -53.67 -28.01 -28.34
CA SER H 168 -53.07 -27.33 -27.20
C SER H 168 -51.95 -28.20 -26.61
N GLY H 169 -50.77 -27.59 -26.42
CA GLY H 169 -49.62 -28.26 -25.83
C GLY H 169 -48.79 -29.08 -26.82
N VAL H 170 -49.14 -29.04 -28.10
CA VAL H 170 -48.42 -29.80 -29.12
C VAL H 170 -47.19 -29.00 -29.58
N HIS H 171 -46.07 -29.69 -29.72
CA HIS H 171 -44.87 -29.09 -30.31
C HIS H 171 -44.38 -30.05 -31.35
N THR H 172 -44.34 -29.59 -32.60
CA THR H 172 -43.77 -30.36 -33.69
C THR H 172 -42.46 -29.67 -34.08
N PHE H 173 -41.37 -30.41 -34.00
CA PHE H 173 -40.04 -29.81 -34.05
C PHE H 173 -39.54 -29.69 -35.48
N PRO H 174 -38.60 -28.76 -35.73
CA PRO H 174 -38.00 -28.75 -37.07
C PRO H 174 -37.24 -30.06 -37.32
N ALA H 175 -37.33 -30.56 -38.55
CA ALA H 175 -36.64 -31.76 -38.94
C ALA H 175 -35.15 -31.54 -38.86
N VAL H 176 -34.40 -32.62 -38.62
CA VAL H 176 -32.95 -32.62 -38.76
C VAL H 176 -32.58 -33.56 -39.89
N LEU H 177 -31.53 -33.21 -40.64
CA LEU H 177 -31.07 -34.05 -41.73
C LEU H 177 -30.03 -34.99 -41.16
N GLN H 178 -30.31 -36.29 -41.24
CA GLN H 178 -29.37 -37.30 -40.74
C GLN H 178 -28.28 -37.54 -41.77
N SER H 179 -27.17 -38.12 -41.32
CA SER H 179 -26.03 -38.37 -42.21
C SER H 179 -26.32 -39.46 -43.23
N SER H 180 -27.44 -40.17 -43.07
CA SER H 180 -27.99 -41.03 -44.12
C SER H 180 -28.55 -40.25 -45.30
N GLY H 181 -28.84 -38.96 -45.12
CA GLY H 181 -29.50 -38.15 -46.15
C GLY H 181 -31.02 -38.11 -46.02
N LEU H 182 -31.55 -38.79 -45.02
CA LEU H 182 -32.98 -38.80 -44.74
C LEU H 182 -33.27 -37.94 -43.52
N TYR H 183 -34.49 -37.41 -43.45
CA TYR H 183 -34.90 -36.51 -42.37
C TYR H 183 -35.51 -37.27 -41.19
N SER H 184 -35.50 -36.62 -40.03
CA SER H 184 -36.16 -37.15 -38.84
C SER H 184 -36.73 -36.01 -38.02
N LEU H 185 -37.86 -36.25 -37.41
CA LEU H 185 -38.64 -35.21 -36.77
C LEU H 185 -39.41 -35.81 -35.59
N SER H 186 -39.68 -35.02 -34.56
CA SER H 186 -40.54 -35.46 -33.45
C SER H 186 -41.70 -34.50 -33.28
N SER H 187 -42.85 -35.04 -32.89
CA SER H 187 -43.99 -34.23 -32.51
C SER H 187 -44.44 -34.72 -31.14
N VAL H 188 -44.58 -33.80 -30.21
CA VAL H 188 -44.93 -34.16 -28.84
C VAL H 188 -46.18 -33.41 -28.40
N VAL H 189 -46.81 -33.92 -27.35
CA VAL H 189 -47.89 -33.19 -26.70
C VAL H 189 -47.84 -33.52 -25.21
N THR H 190 -48.14 -32.52 -24.37
CA THR H 190 -48.28 -32.74 -22.93
C THR H 190 -49.76 -32.81 -22.61
N VAL H 191 -50.14 -33.77 -21.78
CA VAL H 191 -51.54 -33.96 -21.40
C VAL H 191 -51.62 -34.26 -19.90
N PRO H 192 -52.84 -34.24 -19.32
CA PRO H 192 -52.95 -34.63 -17.92
C PRO H 192 -52.70 -36.13 -17.75
N SER H 193 -51.89 -36.50 -16.75
CA SER H 193 -51.61 -37.91 -16.47
C SER H 193 -52.89 -38.73 -16.25
N SER H 194 -53.91 -38.06 -15.71
CA SER H 194 -55.21 -38.68 -15.47
C SER H 194 -55.93 -39.11 -16.76
N SER H 195 -55.59 -38.49 -17.89
CA SER H 195 -56.26 -38.78 -19.16
C SER H 195 -55.69 -40.03 -19.88
N LEU H 196 -54.51 -40.49 -19.46
CA LEU H 196 -53.83 -41.59 -20.16
C LEU H 196 -54.59 -42.91 -20.17
N GLY H 197 -55.44 -43.14 -19.17
CA GLY H 197 -56.27 -44.33 -19.12
C GLY H 197 -57.42 -44.28 -20.10
N THR H 198 -58.06 -43.12 -20.21
CA THR H 198 -59.35 -43.01 -20.87
C THR H 198 -59.34 -42.26 -22.21
N GLN H 199 -58.36 -41.41 -22.47
CA GLN H 199 -58.28 -40.69 -23.74
C GLN H 199 -57.30 -41.36 -24.72
N THR H 200 -57.73 -41.45 -25.98
CA THR H 200 -56.93 -42.05 -27.04
C THR H 200 -56.12 -40.95 -27.74
N TYR H 201 -54.85 -41.22 -27.96
CA TYR H 201 -53.95 -40.26 -28.59
C TYR H 201 -53.40 -40.85 -29.87
N ILE H 202 -53.78 -40.24 -30.99
CA ILE H 202 -53.37 -40.67 -32.32
C ILE H 202 -52.65 -39.53 -33.03
N CYS H 203 -51.43 -39.78 -33.51
CA CYS H 203 -50.73 -38.80 -34.36
C CYS H 203 -50.95 -39.15 -35.83
N ASN H 204 -51.28 -38.13 -36.61
CA ASN H 204 -51.58 -38.26 -38.03
C ASN H 204 -50.42 -37.64 -38.80
N VAL H 205 -49.56 -38.49 -39.35
CA VAL H 205 -48.34 -38.04 -40.01
C VAL H 205 -48.54 -38.12 -41.53
N ASN H 206 -48.44 -37.00 -42.21
CA ASN H 206 -48.64 -36.96 -43.65
C ASN H 206 -47.39 -36.50 -44.40
N HIS H 207 -46.97 -37.30 -45.39
CA HIS H 207 -45.82 -37.00 -46.21
C HIS H 207 -46.24 -37.00 -47.66
N LYS H 208 -46.70 -35.84 -48.12
CA LYS H 208 -47.28 -35.68 -49.46
C LYS H 208 -46.36 -36.11 -50.62
N PRO H 209 -45.06 -35.78 -50.53
CA PRO H 209 -44.14 -36.19 -51.61
C PRO H 209 -44.13 -37.70 -51.94
N SER H 210 -44.32 -38.56 -50.95
CA SER H 210 -44.35 -40.00 -51.18
C SER H 210 -45.77 -40.55 -51.24
N ASN H 211 -46.75 -39.70 -51.00
CA ASN H 211 -48.15 -40.11 -50.83
C ASN H 211 -48.35 -41.12 -49.68
N THR H 212 -47.63 -40.88 -48.58
CA THR H 212 -47.72 -41.67 -47.36
C THR H 212 -48.49 -40.91 -46.31
N LYS H 213 -49.37 -41.61 -45.61
CA LYS H 213 -50.02 -41.06 -44.41
C LYS H 213 -50.15 -42.15 -43.37
N VAL H 214 -49.58 -41.91 -42.18
CA VAL H 214 -49.63 -42.90 -41.11
C VAL H 214 -50.37 -42.31 -39.89
N ASP H 215 -51.33 -43.08 -39.36
CA ASP H 215 -52.00 -42.74 -38.11
C ASP H 215 -51.51 -43.72 -37.06
N LYS H 216 -50.78 -43.23 -36.06
CA LYS H 216 -50.24 -44.10 -35.01
C LYS H 216 -50.86 -43.75 -33.66
N LYS H 217 -51.35 -44.78 -32.97
CA LYS H 217 -51.90 -44.62 -31.63
C LYS H 217 -50.75 -44.69 -30.64
N VAL H 218 -50.69 -43.71 -29.74
CA VAL H 218 -49.63 -43.64 -28.73
C VAL H 218 -50.26 -43.92 -27.36
N GLU H 219 -49.83 -45.00 -26.72
CA GLU H 219 -50.40 -45.42 -25.43
C GLU H 219 -49.34 -45.93 -24.45
N PRO H 220 -49.68 -46.02 -23.15
CA PRO H 220 -48.73 -46.62 -22.22
C PRO H 220 -48.76 -48.14 -22.31
N MET I 5 -16.81 -26.82 -41.61
CA MET I 5 -16.07 -26.79 -42.90
C MET I 5 -15.28 -25.49 -43.11
N THR I 6 -14.48 -25.06 -42.13
CA THR I 6 -14.35 -25.70 -40.81
C THR I 6 -15.03 -24.83 -39.75
N GLN I 7 -15.41 -25.44 -38.63
CA GLN I 7 -16.14 -24.76 -37.56
C GLN I 7 -15.32 -24.64 -36.28
N SER I 8 -15.83 -23.84 -35.34
CA SER I 8 -15.31 -23.86 -33.97
C SER I 8 -15.68 -25.21 -33.36
N PRO I 9 -14.84 -25.72 -32.44
CA PRO I 9 -15.19 -26.99 -31.80
C PRO I 9 -16.48 -26.90 -30.97
N SER I 10 -17.18 -28.01 -30.84
CA SER I 10 -18.31 -28.11 -29.90
C SER I 10 -17.73 -28.28 -28.50
N SER I 11 -18.60 -28.20 -27.49
CA SER I 11 -18.15 -28.21 -26.12
C SER I 11 -18.80 -29.33 -25.32
N LEU I 12 -18.05 -29.90 -24.39
CA LEU I 12 -18.55 -30.93 -23.48
C LEU I 12 -17.96 -30.67 -22.09
N SER I 13 -18.83 -30.53 -21.09
CA SER I 13 -18.43 -30.24 -19.72
C SER I 13 -18.33 -31.55 -18.94
N ALA I 14 -17.17 -31.78 -18.31
CA ALA I 14 -16.96 -32.99 -17.52
C ALA I 14 -16.12 -32.71 -16.27
N SER I 15 -15.98 -33.74 -15.44
CA SER I 15 -15.22 -33.65 -14.19
C SER I 15 -14.13 -34.70 -14.20
N VAL I 16 -13.03 -34.44 -13.50
CA VAL I 16 -12.02 -35.45 -13.26
C VAL I 16 -12.73 -36.68 -12.70
N GLY I 17 -12.34 -37.87 -13.18
CA GLY I 17 -13.02 -39.12 -12.82
C GLY I 17 -14.20 -39.53 -13.68
N ASP I 18 -14.69 -38.63 -14.54
CA ASP I 18 -15.79 -38.97 -15.45
C ASP I 18 -15.32 -39.84 -16.59
N ARG I 19 -16.19 -40.74 -17.03
CA ARG I 19 -15.99 -41.48 -18.27
C ARG I 19 -16.67 -40.75 -19.43
N VAL I 20 -15.91 -40.53 -20.50
CA VAL I 20 -16.41 -39.86 -21.70
C VAL I 20 -16.27 -40.78 -22.91
N THR I 21 -17.29 -40.82 -23.75
CA THR I 21 -17.23 -41.55 -25.02
C THR I 21 -17.66 -40.62 -26.15
N ILE I 22 -16.76 -40.36 -27.10
CA ILE I 22 -17.03 -39.48 -28.24
C ILE I 22 -17.27 -40.32 -29.49
N THR I 23 -18.32 -40.01 -30.23
CA THR I 23 -18.66 -40.75 -31.45
C THR I 23 -18.24 -39.93 -32.67
N CYS I 24 -17.49 -40.55 -33.59
CA CYS I 24 -17.00 -39.84 -34.79
C CYS I 24 -18.16 -39.63 -35.77
N ARG I 25 -18.53 -38.37 -35.97
CA ARG I 25 -19.64 -37.99 -36.84
C ARG I 25 -19.23 -38.11 -38.31
N VAL I 30 -19.41 -43.99 -45.33
CA VAL I 30 -18.84 -44.94 -44.37
C VAL I 30 -17.31 -45.06 -44.55
N SER I 31 -16.58 -44.82 -43.47
CA SER I 31 -15.12 -44.81 -43.50
C SER I 31 -14.58 -46.23 -43.33
N SER I 32 -13.41 -46.48 -43.90
CA SER I 32 -12.72 -47.77 -43.73
C SER I 32 -11.96 -47.80 -42.40
N ALA I 33 -11.36 -46.67 -42.02
CA ALA I 33 -10.71 -46.54 -40.71
C ALA I 33 -10.79 -45.09 -40.16
N VAL I 34 -10.56 -44.96 -38.86
CA VAL I 34 -10.59 -43.66 -38.18
C VAL I 34 -9.44 -43.56 -37.17
N ALA I 35 -8.79 -42.39 -37.12
CA ALA I 35 -7.80 -42.11 -36.08
C ALA I 35 -8.27 -40.97 -35.17
N TRP I 36 -7.70 -40.89 -33.97
CA TRP I 36 -8.10 -39.92 -32.96
C TRP I 36 -6.94 -39.12 -32.44
N TYR I 37 -7.20 -37.83 -32.20
CA TYR I 37 -6.17 -36.89 -31.78
C TYR I 37 -6.62 -36.03 -30.61
N GLN I 38 -5.64 -35.59 -29.82
CA GLN I 38 -5.84 -34.60 -28.76
C GLN I 38 -5.06 -33.34 -29.15
N GLN I 39 -5.66 -32.18 -28.92
CA GLN I 39 -4.95 -30.92 -29.10
C GLN I 39 -5.21 -29.97 -27.96
N LYS I 40 -4.15 -29.29 -27.53
CA LYS I 40 -4.22 -28.27 -26.51
C LYS I 40 -3.84 -26.94 -27.15
N PRO I 41 -4.27 -25.81 -26.54
CA PRO I 41 -4.05 -24.51 -27.17
C PRO I 41 -2.58 -24.22 -27.48
N GLY I 42 -2.30 -23.79 -28.71
CA GLY I 42 -0.94 -23.43 -29.12
C GLY I 42 -0.02 -24.60 -29.41
N LYS I 43 -0.56 -25.81 -29.42
CA LYS I 43 0.23 -27.03 -29.60
C LYS I 43 -0.19 -27.76 -30.85
N ALA I 44 0.67 -28.65 -31.34
CA ALA I 44 0.32 -29.53 -32.46
C ALA I 44 -0.61 -30.63 -31.95
N PRO I 45 -1.47 -31.16 -32.83
CA PRO I 45 -2.27 -32.34 -32.46
C PRO I 45 -1.38 -33.53 -32.14
N LYS I 46 -1.81 -34.36 -31.18
CA LYS I 46 -1.08 -35.57 -30.84
C LYS I 46 -1.94 -36.79 -31.12
N LEU I 47 -1.34 -37.83 -31.70
CA LEU I 47 -2.07 -39.05 -32.05
C LEU I 47 -2.38 -39.85 -30.80
N LEU I 48 -3.66 -40.17 -30.61
CA LEU I 48 -4.10 -41.05 -29.52
C LEU I 48 -4.30 -42.48 -30.01
N ILE I 49 -5.23 -42.64 -30.95
CA ILE I 49 -5.61 -43.94 -31.49
C ILE I 49 -5.51 -43.92 -33.01
N TYR I 50 -4.93 -44.97 -33.59
CA TYR I 50 -4.86 -45.11 -35.04
C TYR I 50 -5.53 -46.41 -35.49
N SER I 51 -5.95 -46.45 -36.74
CA SER I 51 -6.65 -47.61 -37.32
C SER I 51 -7.80 -48.08 -36.43
N ALA I 52 -8.69 -47.15 -36.09
CA ALA I 52 -9.91 -47.44 -35.33
C ALA I 52 -9.67 -47.73 -33.84
N SER I 53 -8.75 -48.63 -33.53
CA SER I 53 -8.65 -49.15 -32.17
C SER I 53 -7.25 -49.38 -31.63
N SER I 54 -6.21 -48.90 -32.30
CA SER I 54 -4.83 -49.12 -31.86
C SER I 54 -4.31 -47.94 -31.05
N LEU I 55 -3.98 -48.22 -29.79
CA LEU I 55 -3.42 -47.22 -28.89
C LEU I 55 -2.00 -46.91 -29.36
N TYR I 56 -1.76 -45.65 -29.71
CA TYR I 56 -0.44 -45.24 -30.16
C TYR I 56 0.58 -45.33 -29.03
N SER I 57 1.84 -45.58 -29.39
CA SER I 57 2.92 -45.75 -28.43
C SER I 57 3.03 -44.54 -27.51
N GLY I 58 3.00 -44.78 -26.20
CA GLY I 58 3.19 -43.72 -25.20
C GLY I 58 1.91 -43.14 -24.65
N VAL I 59 0.79 -43.29 -25.37
CA VAL I 59 -0.49 -42.79 -24.89
C VAL I 59 -1.01 -43.63 -23.72
N PRO I 60 -1.49 -42.98 -22.64
CA PRO I 60 -2.02 -43.72 -21.47
C PRO I 60 -3.14 -44.71 -21.81
N SER I 61 -3.22 -45.78 -21.03
CA SER I 61 -4.14 -46.89 -21.29
C SER I 61 -5.62 -46.56 -21.08
N ARG I 62 -5.91 -45.45 -20.39
CA ARG I 62 -7.31 -45.00 -20.22
C ARG I 62 -7.96 -44.56 -21.54
N PHE I 63 -7.14 -44.28 -22.55
CA PHE I 63 -7.62 -44.00 -23.90
C PHE I 63 -7.82 -45.28 -24.69
N SER I 64 -9.03 -45.48 -25.19
CA SER I 64 -9.35 -46.62 -26.05
C SER I 64 -10.24 -46.17 -27.20
N GLY I 65 -10.10 -46.84 -28.34
CA GLY I 65 -10.92 -46.58 -29.51
C GLY I 65 -11.53 -47.87 -30.03
N SER I 66 -12.72 -47.78 -30.62
CA SER I 66 -13.46 -48.98 -30.98
C SER I 66 -14.43 -48.76 -32.14
N ARG I 67 -14.65 -49.82 -32.93
CA ARG I 67 -15.61 -49.79 -34.02
C ARG I 67 -16.81 -50.69 -33.71
N SER I 68 -18.00 -50.15 -33.96
CA SER I 68 -19.22 -50.92 -33.85
C SER I 68 -20.10 -50.58 -35.05
N GLY I 69 -20.18 -51.51 -35.99
CA GLY I 69 -20.87 -51.27 -37.27
C GLY I 69 -20.12 -50.22 -38.05
N THR I 70 -20.79 -49.10 -38.33
CA THR I 70 -20.18 -47.96 -39.00
C THR I 70 -19.85 -46.81 -38.04
N ASP I 71 -19.94 -47.07 -36.73
CA ASP I 71 -19.70 -46.04 -35.72
C ASP I 71 -18.39 -46.26 -34.98
N PHE I 72 -17.54 -45.25 -35.03
CA PHE I 72 -16.25 -45.26 -34.36
C PHE I 72 -16.33 -44.34 -33.14
N THR I 73 -15.79 -44.82 -32.02
CA THR I 73 -15.84 -44.09 -30.76
C THR I 73 -14.47 -44.00 -30.12
N LEU I 74 -14.25 -42.92 -29.36
CA LEU I 74 -13.09 -42.80 -28.46
C LEU I 74 -13.60 -42.77 -27.03
N THR I 75 -13.00 -43.58 -26.16
CA THR I 75 -13.37 -43.58 -24.75
C THR I 75 -12.20 -43.28 -23.85
N ILE I 76 -12.42 -42.38 -22.89
CA ILE I 76 -11.50 -42.12 -21.80
C ILE I 76 -12.15 -42.70 -20.56
N SER I 77 -11.58 -43.75 -19.99
CA SER I 77 -12.23 -44.51 -18.92
C SER I 77 -12.51 -43.64 -17.70
N SER I 78 -11.60 -42.72 -17.42
CA SER I 78 -11.72 -41.82 -16.30
C SER I 78 -10.85 -40.59 -16.52
N LEU I 79 -11.47 -39.42 -16.62
CA LEU I 79 -10.72 -38.19 -16.97
C LEU I 79 -9.71 -37.80 -15.91
N GLN I 80 -8.51 -37.50 -16.37
CA GLN I 80 -7.46 -36.90 -15.56
C GLN I 80 -7.39 -35.40 -15.86
N PRO I 81 -6.77 -34.63 -14.95
CA PRO I 81 -6.65 -33.18 -15.15
C PRO I 81 -6.05 -32.76 -16.49
N GLU I 82 -5.11 -33.54 -17.01
CA GLU I 82 -4.42 -33.19 -18.26
C GLU I 82 -5.18 -33.62 -19.51
N ASP I 83 -6.33 -34.27 -19.34
CA ASP I 83 -7.15 -34.75 -20.47
C ASP I 83 -8.16 -33.71 -20.98
N PHE I 84 -8.26 -32.57 -20.30
CA PHE I 84 -9.12 -31.49 -20.76
C PHE I 84 -8.42 -30.77 -21.90
N ALA I 85 -8.99 -30.95 -23.10
CA ALA I 85 -8.37 -30.53 -24.35
C ALA I 85 -9.40 -30.71 -25.46
N THR I 86 -8.97 -30.53 -26.70
CA THR I 86 -9.85 -30.70 -27.85
C THR I 86 -9.50 -31.98 -28.57
N TYR I 87 -10.53 -32.75 -28.90
CA TYR I 87 -10.35 -34.05 -29.50
C TYR I 87 -10.93 -34.04 -30.91
N TYR I 88 -10.22 -34.69 -31.84
CA TYR I 88 -10.61 -34.77 -33.26
C TYR I 88 -10.62 -36.21 -33.72
N CYS I 89 -11.64 -36.60 -34.49
CA CYS I 89 -11.56 -37.86 -35.22
C CYS I 89 -11.17 -37.54 -36.66
N GLN I 90 -10.49 -38.50 -37.29
CA GLN I 90 -10.02 -38.37 -38.68
C GLN I 90 -10.52 -39.56 -39.49
N GLN I 91 -11.43 -39.30 -40.43
CA GLN I 91 -12.02 -40.33 -41.27
C GLN I 91 -11.21 -40.57 -42.55
N PHE I 92 -10.88 -41.84 -42.79
CA PHE I 92 -10.24 -42.29 -44.03
C PHE I 92 -11.25 -43.07 -44.87
N LYS I 93 -11.52 -42.62 -46.09
CA LYS I 93 -12.43 -43.34 -47.01
C LYS I 93 -11.88 -43.42 -48.43
N ARG I 94 -12.36 -44.45 -49.15
CA ARG I 94 -11.93 -44.73 -50.53
C ARG I 94 -12.80 -43.96 -51.49
N GLN I 95 -12.67 -42.63 -51.44
CA GLN I 95 -13.65 -41.74 -52.03
C GLN I 95 -13.26 -40.32 -51.68
N LYS I 96 -13.60 -39.35 -52.54
CA LYS I 96 -13.28 -37.95 -52.27
C LYS I 96 -14.27 -37.40 -51.24
N GLU I 97 -13.82 -36.64 -50.23
CA GLU I 97 -12.40 -36.40 -49.93
C GLU I 97 -11.88 -37.59 -49.13
N PRO I 98 -10.68 -38.08 -49.48
CA PRO I 98 -10.16 -39.30 -48.85
C PRO I 98 -9.84 -39.18 -47.36
N ILE I 99 -9.40 -37.99 -46.93
CA ILE I 99 -9.00 -37.75 -45.55
C ILE I 99 -9.71 -36.51 -45.03
N THR I 100 -10.48 -36.69 -43.95
CA THR I 100 -11.26 -35.61 -43.36
C THR I 100 -11.17 -35.65 -41.85
N PHE I 101 -10.94 -34.49 -41.25
CA PHE I 101 -11.00 -34.33 -39.80
C PHE I 101 -12.41 -33.88 -39.46
N GLY I 102 -12.97 -34.46 -38.39
CA GLY I 102 -14.27 -34.03 -37.88
C GLY I 102 -14.15 -32.73 -37.11
N GLN I 103 -15.29 -32.15 -36.77
CA GLN I 103 -15.33 -31.00 -35.89
C GLN I 103 -14.70 -31.37 -34.55
N GLY I 104 -13.99 -30.43 -33.93
CA GLY I 104 -13.40 -30.67 -32.62
C GLY I 104 -14.43 -30.78 -31.51
N THR I 105 -14.10 -31.57 -30.48
CA THR I 105 -14.89 -31.64 -29.26
C THR I 105 -14.01 -31.16 -28.11
N LYS I 106 -14.30 -29.98 -27.59
CA LYS I 106 -13.54 -29.40 -26.49
C LYS I 106 -14.08 -29.90 -25.16
N VAL I 107 -13.32 -30.76 -24.48
CA VAL I 107 -13.72 -31.23 -23.16
C VAL I 107 -13.26 -30.19 -22.14
N GLU I 108 -14.21 -29.49 -21.53
CA GLU I 108 -13.92 -28.44 -20.53
C GLU I 108 -14.29 -28.92 -19.13
N ILE I 109 -13.63 -28.35 -18.12
CA ILE I 109 -13.78 -28.83 -16.74
C ILE I 109 -14.91 -28.12 -16.02
N LYS I 110 -15.72 -28.90 -15.31
CA LYS I 110 -16.88 -28.36 -14.64
C LYS I 110 -16.44 -27.67 -13.34
N ARG I 111 -17.20 -26.67 -12.90
CA ARG I 111 -17.03 -26.07 -11.58
C ARG I 111 -18.33 -25.42 -11.14
N THR I 112 -18.35 -24.90 -9.93
CA THR I 112 -19.54 -24.20 -9.43
C THR I 112 -19.85 -22.94 -10.26
N VAL I 113 -21.13 -22.62 -10.35
CA VAL I 113 -21.57 -21.43 -11.04
C VAL I 113 -20.96 -20.21 -10.35
N ALA I 114 -20.34 -19.33 -11.15
CA ALA I 114 -19.79 -18.08 -10.64
C ALA I 114 -20.33 -16.93 -11.49
N ALA I 115 -21.01 -15.97 -10.86
CA ALA I 115 -21.52 -14.82 -11.59
C ALA I 115 -20.35 -13.95 -11.98
N PRO I 116 -20.44 -13.28 -13.14
CA PRO I 116 -19.39 -12.34 -13.54
C PRO I 116 -19.42 -11.05 -12.74
N SER I 117 -18.25 -10.49 -12.46
CA SER I 117 -18.12 -9.11 -12.04
C SER I 117 -18.07 -8.28 -13.30
N VAL I 118 -18.94 -7.27 -13.38
CA VAL I 118 -19.13 -6.51 -14.59
C VAL I 118 -18.62 -5.09 -14.38
N PHE I 119 -17.97 -4.55 -15.43
CA PHE I 119 -17.39 -3.21 -15.40
C PHE I 119 -17.53 -2.61 -16.79
N ILE I 120 -17.91 -1.34 -16.86
CA ILE I 120 -18.03 -0.62 -18.11
C ILE I 120 -17.00 0.51 -18.15
N PHE I 121 -16.44 0.75 -19.34
CA PHE I 121 -15.41 1.78 -19.51
C PHE I 121 -15.72 2.67 -20.70
N PRO I 122 -15.75 3.99 -20.46
CA PRO I 122 -15.94 4.94 -21.55
C PRO I 122 -14.68 5.09 -22.41
N PRO I 123 -14.84 5.63 -23.63
CA PRO I 123 -13.67 5.97 -24.42
C PRO I 123 -12.86 7.10 -23.80
N SER I 124 -11.54 6.98 -23.85
CA SER I 124 -10.66 8.04 -23.40
C SER I 124 -10.82 9.25 -24.32
N ASP I 125 -10.49 10.43 -23.81
CA ASP I 125 -10.47 11.65 -24.62
C ASP I 125 -9.44 11.56 -25.74
N SER I 126 -8.32 10.86 -25.49
CA SER I 126 -7.31 10.66 -26.53
C SER I 126 -7.87 9.89 -27.75
N GLN I 127 -8.68 8.86 -27.51
CA GLN I 127 -9.27 8.14 -28.63
C GLN I 127 -10.25 9.02 -29.39
N LEU I 128 -11.09 9.76 -28.66
CA LEU I 128 -12.09 10.63 -29.30
C LEU I 128 -11.46 11.56 -30.36
N LYS I 129 -10.22 12.01 -30.11
CA LYS I 129 -9.50 12.82 -31.12
C LYS I 129 -9.28 12.08 -32.44
N SER I 130 -9.14 10.76 -32.40
CA SER I 130 -8.87 9.99 -33.61
C SER I 130 -10.10 9.82 -34.53
N GLY I 131 -11.30 10.17 -34.05
CA GLY I 131 -12.51 10.07 -34.85
C GLY I 131 -13.36 8.84 -34.57
N THR I 132 -12.96 8.06 -33.57
CA THR I 132 -13.69 6.85 -33.21
C THR I 132 -13.79 6.73 -31.69
N ALA I 133 -14.89 6.16 -31.23
CA ALA I 133 -15.12 5.88 -29.83
C ALA I 133 -15.30 4.37 -29.62
N SER I 134 -14.54 3.82 -28.68
CA SER I 134 -14.73 2.44 -28.27
C SER I 134 -15.18 2.38 -26.80
N VAL I 135 -16.34 1.77 -26.56
CA VAL I 135 -16.86 1.55 -25.21
C VAL I 135 -16.66 0.07 -24.86
N VAL I 136 -16.06 -0.23 -23.72
CA VAL I 136 -15.89 -1.64 -23.37
C VAL I 136 -16.58 -2.07 -22.08
N CYS I 137 -17.10 -3.28 -22.16
CA CYS I 137 -17.77 -3.94 -21.06
C CYS I 137 -16.99 -5.20 -20.75
N LEU I 138 -16.62 -5.37 -19.48
CA LEU I 138 -15.84 -6.51 -19.01
C LEU I 138 -16.73 -7.41 -18.15
N LEU I 139 -16.64 -8.72 -18.39
CA LEU I 139 -17.27 -9.71 -17.53
C LEU I 139 -16.13 -10.54 -16.98
N ASN I 140 -15.93 -10.47 -15.67
CA ASN I 140 -14.74 -11.01 -15.06
C ASN I 140 -15.01 -12.31 -14.28
N ASN I 141 -14.25 -13.35 -14.63
CA ASN I 141 -14.17 -14.61 -13.87
C ASN I 141 -15.51 -15.27 -13.58
N PHE I 142 -16.14 -15.78 -14.63
CA PHE I 142 -17.44 -16.39 -14.51
C PHE I 142 -17.45 -17.84 -15.01
N TYR I 143 -18.53 -18.55 -14.67
CA TYR I 143 -18.75 -19.91 -15.13
C TYR I 143 -20.26 -20.21 -14.94
N PRO I 144 -20.90 -20.82 -15.96
CA PRO I 144 -20.37 -21.36 -17.21
C PRO I 144 -20.01 -20.30 -18.25
N ARG I 145 -19.42 -20.76 -19.34
CA ARG I 145 -18.97 -19.90 -20.44
C ARG I 145 -20.08 -19.01 -21.01
N GLU I 146 -21.31 -19.51 -20.99
CA GLU I 146 -22.42 -18.86 -21.67
C GLU I 146 -22.85 -17.59 -20.95
N ALA I 147 -22.86 -16.47 -21.67
CA ALA I 147 -23.27 -15.20 -21.11
C ALA I 147 -23.86 -14.31 -22.20
N LYS I 148 -24.85 -13.50 -21.85
CA LYS I 148 -25.46 -12.58 -22.78
C LYS I 148 -25.10 -11.14 -22.42
N VAL I 149 -24.45 -10.45 -23.34
CA VAL I 149 -24.18 -9.03 -23.20
C VAL I 149 -25.06 -8.23 -24.14
N GLN I 150 -25.79 -7.24 -23.60
CA GLN I 150 -26.65 -6.37 -24.38
C GLN I 150 -26.27 -4.91 -24.16
N TRP I 151 -25.93 -4.22 -25.25
CA TRP I 151 -25.57 -2.81 -25.18
C TRP I 151 -26.79 -1.95 -25.34
N LYS I 152 -26.86 -0.90 -24.53
CA LYS I 152 -27.96 0.07 -24.62
C LYS I 152 -27.37 1.48 -24.67
N VAL I 153 -27.72 2.19 -25.73
CA VAL I 153 -27.33 3.58 -25.91
C VAL I 153 -28.61 4.40 -25.81
N ASP I 154 -28.66 5.32 -24.85
CA ASP I 154 -29.89 6.06 -24.50
C ASP I 154 -31.11 5.13 -24.50
N ASN I 155 -30.92 3.96 -23.90
CA ASN I 155 -31.93 2.91 -23.82
C ASN I 155 -32.36 2.26 -25.13
N ALA I 156 -31.80 2.69 -26.27
CA ALA I 156 -31.96 1.94 -27.51
C ALA I 156 -31.08 0.67 -27.49
N LEU I 157 -31.72 -0.48 -27.63
CA LEU I 157 -31.01 -1.77 -27.62
C LEU I 157 -30.21 -1.88 -28.91
N GLN I 158 -28.93 -2.21 -28.79
CA GLN I 158 -28.03 -2.26 -29.94
C GLN I 158 -27.84 -3.68 -30.46
N SER I 159 -27.42 -3.76 -31.72
CA SER I 159 -26.98 -5.00 -32.33
C SER I 159 -26.25 -4.69 -33.63
N GLY I 160 -25.08 -5.30 -33.80
CA GLY I 160 -24.27 -5.15 -35.00
C GLY I 160 -23.09 -4.22 -34.89
N ASN I 161 -22.97 -3.47 -33.80
CA ASN I 161 -21.86 -2.51 -33.64
C ASN I 161 -20.93 -2.88 -32.48
N SER I 162 -20.93 -4.15 -32.09
CA SER I 162 -20.08 -4.66 -31.02
C SER I 162 -19.42 -5.98 -31.42
N GLN I 163 -18.24 -6.23 -30.85
CA GLN I 163 -17.51 -7.48 -31.01
C GLN I 163 -17.14 -8.01 -29.62
N GLU I 164 -17.32 -9.31 -29.43
CA GLU I 164 -16.95 -10.00 -28.18
C GLU I 164 -15.66 -10.80 -28.32
N SER I 165 -14.96 -10.98 -27.20
CA SER I 165 -13.80 -11.82 -27.12
C SER I 165 -13.79 -12.52 -25.77
N VAL I 166 -13.56 -13.83 -25.76
CA VAL I 166 -13.55 -14.63 -24.53
C VAL I 166 -12.20 -15.30 -24.32
N THR I 167 -11.74 -15.33 -23.06
CA THR I 167 -10.49 -16.01 -22.74
C THR I 167 -10.68 -17.51 -22.79
N GLU I 168 -9.58 -18.24 -22.97
CA GLU I 168 -9.55 -19.67 -22.72
C GLU I 168 -9.95 -19.88 -21.26
N GLN I 169 -10.58 -21.02 -20.97
CA GLN I 169 -10.94 -21.37 -19.60
C GLN I 169 -9.67 -21.34 -18.76
N ASP I 170 -9.69 -20.57 -17.67
CA ASP I 170 -8.49 -20.42 -16.86
C ASP I 170 -8.03 -21.77 -16.32
N SER I 171 -6.76 -22.09 -16.52
CA SER I 171 -6.24 -23.40 -16.14
C SER I 171 -6.13 -23.62 -14.63
N LYS I 172 -6.30 -22.55 -13.84
CA LYS I 172 -6.24 -22.65 -12.38
C LYS I 172 -7.63 -22.63 -11.74
N ASP I 173 -8.40 -21.57 -11.99
CA ASP I 173 -9.70 -21.44 -11.33
C ASP I 173 -10.89 -21.82 -12.21
N SER I 174 -10.61 -22.29 -13.43
CA SER I 174 -11.63 -22.87 -14.34
C SER I 174 -12.72 -21.89 -14.75
N THR I 175 -12.37 -20.61 -14.74
CA THR I 175 -13.33 -19.55 -15.04
C THR I 175 -13.05 -18.93 -16.43
N TYR I 176 -14.06 -18.26 -16.97
CA TYR I 176 -13.93 -17.51 -18.21
C TYR I 176 -14.04 -16.04 -17.91
N SER I 177 -13.40 -15.21 -18.74
CA SER I 177 -13.67 -13.79 -18.76
C SER I 177 -14.01 -13.34 -20.19
N LEU I 178 -14.76 -12.26 -20.32
CA LEU I 178 -15.26 -11.80 -21.61
C LEU I 178 -15.14 -10.29 -21.74
N SER I 179 -14.71 -9.84 -22.93
CA SER I 179 -14.68 -8.44 -23.28
C SER I 179 -15.65 -8.21 -24.44
N SER I 180 -16.43 -7.14 -24.36
CA SER I 180 -17.31 -6.70 -25.44
C SER I 180 -17.02 -5.22 -25.67
N THR I 181 -16.71 -4.88 -26.91
CA THR I 181 -16.41 -3.51 -27.31
C THR I 181 -17.49 -3.02 -28.28
N LEU I 182 -18.17 -1.94 -27.90
CA LEU I 182 -19.10 -1.26 -28.80
C LEU I 182 -18.28 -0.18 -29.51
N THR I 183 -18.37 -0.12 -30.84
CA THR I 183 -17.62 0.89 -31.62
C THR I 183 -18.56 1.84 -32.35
N LEU I 184 -18.46 3.13 -32.03
CA LEU I 184 -19.21 4.17 -32.71
C LEU I 184 -18.24 5.19 -33.25
N SER I 185 -18.65 5.90 -34.29
CA SER I 185 -17.89 7.07 -34.74
C SER I 185 -17.95 8.11 -33.62
N LYS I 186 -17.00 9.03 -33.62
CA LYS I 186 -17.01 10.14 -32.67
C LYS I 186 -18.32 10.91 -32.77
N ALA I 187 -18.74 11.22 -33.99
CA ALA I 187 -19.96 12.00 -34.21
C ALA I 187 -21.17 11.33 -33.56
N ASP I 188 -21.31 10.03 -33.76
CA ASP I 188 -22.44 9.29 -33.18
C ASP I 188 -22.31 9.16 -31.67
N TYR I 189 -21.13 8.82 -31.18
CA TYR I 189 -20.87 8.75 -29.75
C TYR I 189 -21.31 10.04 -29.04
N GLU I 190 -21.03 11.18 -29.66
CA GLU I 190 -21.27 12.47 -29.02
C GLU I 190 -22.70 13.00 -29.15
N LYS I 191 -23.58 12.20 -29.76
CA LYS I 191 -25.01 12.50 -29.79
C LYS I 191 -25.78 11.86 -28.64
N HIS I 192 -25.13 11.02 -27.85
CA HIS I 192 -25.83 10.26 -26.81
C HIS I 192 -25.33 10.51 -25.42
N LYS I 193 -26.13 10.09 -24.45
CA LYS I 193 -25.89 10.38 -23.04
C LYS I 193 -25.53 9.13 -22.26
N VAL I 194 -26.48 8.18 -22.23
CA VAL I 194 -26.34 6.98 -21.41
C VAL I 194 -25.82 5.79 -22.21
N TYR I 195 -24.68 5.25 -21.75
CA TYR I 195 -24.13 4.03 -22.30
C TYR I 195 -24.22 2.93 -21.24
N ALA I 196 -24.83 1.80 -21.63
CA ALA I 196 -25.07 0.73 -20.67
C ALA I 196 -24.79 -0.63 -21.23
N CYS I 197 -24.29 -1.49 -20.35
CA CYS I 197 -23.98 -2.85 -20.67
C CYS I 197 -24.83 -3.75 -19.76
N GLU I 198 -25.79 -4.48 -20.32
CA GLU I 198 -26.63 -5.40 -19.54
C GLU I 198 -26.19 -6.85 -19.73
N VAL I 199 -25.85 -7.50 -18.61
CA VAL I 199 -25.31 -8.84 -18.62
C VAL I 199 -26.32 -9.81 -17.98
N THR I 200 -26.53 -10.93 -18.66
CA THR I 200 -27.39 -12.00 -18.16
C THR I 200 -26.55 -13.26 -18.12
N HIS I 201 -26.73 -14.04 -17.05
CA HIS I 201 -25.88 -15.19 -16.78
C HIS I 201 -26.50 -16.06 -15.72
N GLN I 202 -26.26 -17.36 -15.81
CA GLN I 202 -26.83 -18.34 -14.89
C GLN I 202 -26.59 -18.02 -13.42
N GLY I 203 -25.45 -17.41 -13.12
CA GLY I 203 -25.11 -17.00 -11.76
C GLY I 203 -25.77 -15.73 -11.28
N LEU I 204 -26.50 -15.05 -12.16
CA LEU I 204 -27.18 -13.80 -11.81
C LEU I 204 -28.69 -14.05 -11.75
N SER I 205 -29.28 -13.88 -10.57
CA SER I 205 -30.73 -14.11 -10.42
C SER I 205 -31.56 -13.13 -11.26
N SER I 206 -31.04 -11.94 -11.52
CA SER I 206 -31.59 -11.06 -12.54
C SER I 206 -30.46 -10.26 -13.22
N PRO I 207 -30.71 -9.74 -14.43
CA PRO I 207 -29.63 -9.07 -15.17
C PRO I 207 -28.96 -7.92 -14.42
N VAL I 208 -27.63 -7.85 -14.53
CA VAL I 208 -26.87 -6.75 -13.99
C VAL I 208 -26.54 -5.78 -15.10
N THR I 209 -26.81 -4.49 -14.87
CA THR I 209 -26.47 -3.44 -15.83
C THR I 209 -25.43 -2.52 -15.21
N LYS I 210 -24.42 -2.16 -15.99
CA LYS I 210 -23.45 -1.14 -15.60
C LYS I 210 -23.49 -0.05 -16.66
N SER I 211 -23.44 1.20 -16.23
CA SER I 211 -23.55 2.32 -17.13
C SER I 211 -22.73 3.52 -16.68
N PHE I 212 -22.50 4.41 -17.63
CA PHE I 212 -22.01 5.73 -17.34
C PHE I 212 -22.80 6.72 -18.18
N ASN I 213 -22.77 7.97 -17.75
CA ASN I 213 -23.37 9.07 -18.48
C ASN I 213 -22.24 9.91 -19.04
N ARG I 214 -22.31 10.24 -20.32
CA ARG I 214 -21.29 11.03 -20.99
C ARG I 214 -21.17 12.40 -20.31
N GLY I 215 -19.94 12.83 -20.04
CA GLY I 215 -19.69 14.15 -19.47
C GLY I 215 -20.16 14.33 -18.04
N GLU I 216 -19.92 13.32 -17.21
CA GLU I 216 -20.24 13.37 -15.77
C GLU I 216 -19.10 12.77 -14.95
N CYS I 217 -18.87 13.36 -13.77
CA CYS I 217 -17.74 12.98 -12.91
C CYS I 217 -18.25 12.34 -11.63
N ILE J 2 55.59 54.12 -3.95
CA ILE J 2 55.36 55.49 -3.41
C ILE J 2 53.99 56.00 -3.79
N SER J 3 53.18 56.34 -2.79
CA SER J 3 51.90 56.99 -3.02
C SER J 3 52.10 58.50 -3.16
N GLU J 4 51.27 59.13 -3.98
CA GLU J 4 51.32 60.58 -4.19
C GLU J 4 50.06 61.26 -3.63
N VAL J 5 48.90 60.65 -3.86
CA VAL J 5 47.65 61.11 -3.25
C VAL J 5 47.56 60.53 -1.84
N GLN J 6 47.00 61.30 -0.91
CA GLN J 6 46.88 60.84 0.46
C GLN J 6 45.83 61.62 1.27
N LEU J 7 45.19 60.92 2.21
CA LEU J 7 44.21 61.51 3.13
C LEU J 7 44.60 61.17 4.57
N VAL J 8 44.70 62.19 5.41
CA VAL J 8 45.15 62.02 6.78
C VAL J 8 44.10 62.57 7.71
N GLU J 9 43.63 61.72 8.62
CA GLU J 9 42.58 62.03 9.54
C GLU J 9 43.07 62.35 10.95
N SER J 10 42.28 63.14 11.67
CA SER J 10 42.55 63.48 13.05
C SER J 10 41.28 63.98 13.71
N GLY J 11 41.32 64.10 15.04
CA GLY J 11 40.21 64.65 15.79
C GLY J 11 39.36 63.61 16.49
N GLY J 12 39.73 62.34 16.36
CA GLY J 12 38.99 61.26 17.00
C GLY J 12 39.28 61.18 18.49
N GLY J 13 38.88 60.09 19.10
CA GLY J 13 39.18 59.84 20.49
C GLY J 13 37.92 59.60 21.29
N LEU J 14 37.90 60.11 22.52
CA LEU J 14 36.83 59.82 23.46
C LEU J 14 35.82 60.95 23.53
N VAL J 15 34.56 60.59 23.77
CA VAL J 15 33.49 61.55 23.96
C VAL J 15 32.35 60.82 24.69
N GLN J 16 31.49 61.58 25.37
CA GLN J 16 30.35 61.01 26.10
C GLN J 16 29.06 61.13 25.29
N PRO J 17 28.05 60.30 25.61
CA PRO J 17 26.73 60.44 24.96
C PRO J 17 26.21 61.87 25.10
N GLY J 18 25.64 62.41 24.03
CA GLY J 18 25.23 63.80 24.00
C GLY J 18 26.36 64.76 23.60
N GLY J 19 27.59 64.26 23.54
CA GLY J 19 28.75 65.13 23.25
C GLY J 19 29.01 65.38 21.78
N SER J 20 29.98 66.26 21.52
CA SER J 20 30.37 66.62 20.15
C SER J 20 31.83 66.31 19.87
N LEU J 21 32.12 66.02 18.62
CA LEU J 21 33.46 65.73 18.15
C LEU J 21 33.57 66.22 16.73
N ARG J 22 34.75 66.69 16.34
CA ARG J 22 34.98 67.13 14.96
C ARG J 22 36.20 66.43 14.37
N LEU J 23 35.98 65.71 13.27
CA LEU J 23 37.03 64.99 12.59
C LEU J 23 37.51 65.81 11.39
N SER J 24 38.78 65.63 11.04
CA SER J 24 39.41 66.32 9.91
C SER J 24 39.99 65.33 8.95
N CYS J 25 39.97 65.68 7.67
CA CYS J 25 40.54 64.86 6.62
C CYS J 25 41.33 65.77 5.69
N ALA J 26 42.64 65.89 5.96
CA ALA J 26 43.55 66.72 5.18
C ALA J 26 44.02 65.94 3.98
N ALA J 27 43.74 66.47 2.80
CA ALA J 27 44.08 65.83 1.54
C ALA J 27 45.35 66.46 0.95
N SER J 28 46.28 65.62 0.51
CA SER J 28 47.44 66.08 -0.25
C SER J 28 47.52 65.30 -1.56
N GLY J 29 48.27 65.83 -2.52
CA GLY J 29 48.45 65.17 -3.81
C GLY J 29 47.30 65.37 -4.77
N PHE J 30 46.23 66.01 -4.31
CA PHE J 30 45.09 66.33 -5.17
C PHE J 30 44.25 67.45 -4.57
N ASN J 31 43.40 68.01 -5.41
CA ASN J 31 42.57 69.15 -5.06
C ASN J 31 41.20 68.67 -4.58
N VAL J 32 40.86 69.00 -3.34
CA VAL J 32 39.54 68.69 -2.78
C VAL J 32 38.38 69.17 -3.66
N SER J 33 38.55 70.31 -4.32
CA SER J 33 37.50 70.84 -5.21
C SER J 33 37.44 70.15 -6.57
N SER J 34 38.32 69.19 -6.82
CA SER J 34 38.25 68.38 -8.05
C SER J 34 37.56 67.03 -7.84
N TYR J 35 37.48 66.56 -6.59
CA TYR J 35 36.88 65.26 -6.28
C TYR J 35 36.00 65.36 -5.05
N SER J 36 34.81 64.76 -5.09
CA SER J 36 33.97 64.71 -3.90
C SER J 36 34.57 63.75 -2.86
N ILE J 37 34.29 64.03 -1.59
CA ILE J 37 34.88 63.32 -0.45
C ILE J 37 33.76 62.77 0.41
N HIS J 38 33.94 61.55 0.90
CA HIS J 38 32.94 60.88 1.74
C HIS J 38 33.48 60.57 3.10
N TRP J 39 32.59 60.30 4.05
CA TRP J 39 32.95 59.66 5.31
C TRP J 39 32.27 58.32 5.39
N VAL J 40 33.01 57.32 5.86
CA VAL J 40 32.51 55.97 6.02
C VAL J 40 32.96 55.51 7.40
N ARG J 41 32.14 54.72 8.09
CA ARG J 41 32.52 54.27 9.43
C ARG J 41 32.31 52.77 9.62
N GLN J 42 33.02 52.23 10.60
CA GLN J 42 33.03 50.79 10.85
C GLN J 42 33.08 50.54 12.34
N ALA J 43 31.99 50.03 12.90
CA ALA J 43 31.94 49.67 14.31
C ALA J 43 32.81 48.44 14.51
N PRO J 44 33.42 48.27 15.71
CA PRO J 44 34.36 47.15 15.88
C PRO J 44 33.69 45.80 15.57
N GLY J 45 34.31 45.03 14.67
CA GLY J 45 33.79 43.71 14.28
C GLY J 45 32.63 43.72 13.30
N LYS J 46 32.23 44.90 12.83
CA LYS J 46 31.08 45.03 11.96
C LYS J 46 31.53 45.52 10.58
N GLY J 47 30.58 45.72 9.67
CA GLY J 47 30.87 46.16 8.32
C GLY J 47 31.01 47.66 8.12
N LEU J 48 31.13 48.05 6.86
CA LEU J 48 31.27 49.46 6.52
C LEU J 48 29.89 50.11 6.43
N GLU J 49 29.79 51.34 6.92
CA GLU J 49 28.59 52.15 6.77
C GLU J 49 28.95 53.50 6.21
N TRP J 50 28.47 53.78 5.00
CA TRP J 50 28.59 55.10 4.41
C TRP J 50 27.78 56.07 5.23
N VAL J 51 28.35 57.26 5.53
CA VAL J 51 27.67 58.21 6.44
C VAL J 51 27.41 59.59 5.86
N ALA J 52 28.33 60.14 5.06
CA ALA J 52 28.12 61.47 4.45
C ALA J 52 29.04 61.73 3.26
N TYR J 53 28.75 62.80 2.54
CA TYR J 53 29.42 63.10 1.29
C TYR J 53 29.39 64.60 0.99
N ILE J 54 30.47 65.11 0.40
CA ILE J 54 30.54 66.53 0.03
C ILE J 54 31.24 66.71 -1.32
N SER J 55 30.66 67.54 -2.18
CA SER J 55 31.35 68.00 -3.37
C SER J 55 31.74 69.45 -3.10
N SER J 56 33.00 69.66 -2.70
CA SER J 56 33.41 70.96 -2.16
C SER J 56 33.38 72.13 -3.16
N SER J 57 33.46 71.84 -4.45
CA SER J 57 33.38 72.88 -5.49
C SER J 57 32.06 73.64 -5.45
N SER J 58 30.95 72.91 -5.22
CA SER J 58 29.62 73.50 -5.13
C SER J 58 29.10 73.63 -3.68
N GLY J 59 29.70 72.89 -2.76
CA GLY J 59 29.24 72.85 -1.37
C GLY J 59 28.07 71.89 -1.20
N TYR J 60 27.80 71.09 -2.23
CA TYR J 60 26.74 70.10 -2.20
C TYR J 60 27.05 68.97 -1.22
N THR J 61 26.09 68.60 -0.38
CA THR J 61 26.28 67.57 0.64
C THR J 61 25.09 66.61 0.74
N TYR J 62 25.35 65.39 1.18
CA TYR J 62 24.29 64.41 1.43
C TYR J 62 24.66 63.53 2.62
N TYR J 63 23.65 63.11 3.38
CA TYR J 63 23.85 62.37 4.63
C TYR J 63 23.05 61.08 4.66
N ALA J 64 23.62 60.04 5.27
CA ALA J 64 22.85 58.84 5.61
C ALA J 64 21.84 59.21 6.67
N ASP J 65 20.66 58.58 6.62
CA ASP J 65 19.60 58.88 7.59
C ASP J 65 20.00 58.63 9.05
N SER J 66 20.95 57.71 9.26
CA SER J 66 21.45 57.40 10.59
C SER J 66 22.19 58.57 11.24
N VAL J 67 22.65 59.53 10.45
CA VAL J 67 23.41 60.66 10.97
C VAL J 67 22.82 62.04 10.63
N LYS J 68 21.81 62.07 9.74
CA LYS J 68 21.20 63.31 9.32
C LYS J 68 20.68 64.05 10.54
N GLY J 69 20.90 65.36 10.58
CA GLY J 69 20.44 66.17 11.71
C GLY J 69 21.46 66.33 12.82
N ARG J 70 22.37 65.37 12.96
CA ARG J 70 23.38 65.39 14.02
C ARG J 70 24.78 65.72 13.50
N PHE J 71 25.12 65.21 12.32
CA PHE J 71 26.46 65.37 11.75
C PHE J 71 26.41 66.42 10.66
N THR J 72 27.50 67.17 10.50
CA THR J 72 27.63 68.12 9.41
C THR J 72 28.97 67.92 8.72
N ILE J 73 28.92 67.78 7.40
CA ILE J 73 30.13 67.62 6.60
C ILE J 73 30.41 68.94 5.94
N SER J 74 31.69 69.30 5.84
CA SER J 74 32.09 70.59 5.29
C SER J 74 33.51 70.50 4.78
N ALA J 75 33.92 71.51 4.03
CA ALA J 75 35.25 71.55 3.43
C ALA J 75 35.81 72.96 3.49
N ASP J 76 37.14 73.04 3.64
CA ASP J 76 37.87 74.30 3.56
C ASP J 76 38.87 74.15 2.41
N THR J 77 38.54 74.75 1.27
CA THR J 77 39.32 74.58 0.06
C THR J 77 40.74 75.17 0.18
N SER J 78 40.88 76.25 0.95
CA SER J 78 42.20 76.86 1.14
C SER J 78 43.13 75.98 1.97
N LYS J 79 42.54 75.14 2.83
CA LYS J 79 43.30 74.14 3.58
C LYS J 79 43.20 72.74 2.95
N ASN J 80 42.46 72.62 1.85
CA ASN J 80 42.33 71.35 1.14
C ASN J 80 41.98 70.23 2.12
N THR J 81 41.03 70.53 3.01
CA THR J 81 40.67 69.67 4.12
C THR J 81 39.15 69.56 4.25
N ALA J 82 38.66 68.34 4.45
CA ALA J 82 37.25 68.10 4.72
C ALA J 82 37.06 67.83 6.20
N TYR J 83 35.86 68.13 6.70
CA TYR J 83 35.54 67.97 8.11
C TYR J 83 34.24 67.22 8.30
N LEU J 84 34.15 66.47 9.39
CA LEU J 84 32.87 65.94 9.84
C LEU J 84 32.64 66.38 11.28
N GLN J 85 31.72 67.32 11.46
CA GLN J 85 31.28 67.76 12.78
C GLN J 85 30.18 66.83 13.26
N MET J 86 30.39 66.19 14.41
CA MET J 86 29.47 65.17 14.93
C MET J 86 28.90 65.63 16.26
N ASN J 87 27.58 65.86 16.31
CA ASN J 87 26.89 66.31 17.51
C ASN J 87 25.92 65.25 18.03
N SER J 88 25.39 65.47 19.22
CA SER J 88 24.44 64.54 19.83
C SER J 88 24.87 63.08 19.62
N LEU J 89 26.14 62.80 19.91
CA LEU J 89 26.68 61.44 19.76
C LEU J 89 26.06 60.46 20.76
N ARG J 90 26.04 59.19 20.36
CA ARG J 90 25.49 58.10 21.16
C ARG J 90 26.44 56.92 21.10
N ALA J 91 26.21 55.95 21.97
CA ALA J 91 27.03 54.75 22.05
C ALA J 91 27.22 54.09 20.69
N GLU J 92 26.16 54.04 19.90
CA GLU J 92 26.20 53.33 18.62
C GLU J 92 26.95 54.07 17.51
N ASP J 93 27.39 55.30 17.77
CA ASP J 93 28.27 56.03 16.85
C ASP J 93 29.74 55.66 17.01
N THR J 94 30.03 54.84 18.03
CA THR J 94 31.38 54.30 18.28
C THR J 94 31.85 53.48 17.10
N ALA J 95 33.00 53.85 16.53
CA ALA J 95 33.46 53.27 15.27
C ALA J 95 34.79 53.86 14.87
N VAL J 96 35.47 53.18 13.93
CA VAL J 96 36.59 53.78 13.21
C VAL J 96 35.98 54.58 12.08
N TYR J 97 36.40 55.83 11.94
CA TYR J 97 35.87 56.72 10.93
C TYR J 97 36.92 56.93 9.85
N TYR J 98 36.52 56.69 8.60
CA TYR J 98 37.37 56.91 7.43
C TYR J 98 36.81 58.04 6.59
N CYS J 99 37.69 58.78 5.94
CA CYS J 99 37.30 59.62 4.81
C CYS J 99 37.84 58.96 3.55
N ALA J 100 37.19 59.26 2.43
CA ALA J 100 37.56 58.61 1.16
C ALA J 100 37.22 59.49 -0.04
N ARG J 101 37.95 59.30 -1.14
CA ARG J 101 37.80 60.11 -2.34
C ARG J 101 37.03 59.36 -3.43
N THR J 102 36.26 60.09 -4.23
CA THR J 102 35.46 59.50 -5.32
C THR J 102 36.32 59.15 -6.52
N TRP J 103 36.03 57.99 -7.10
CA TRP J 103 36.64 57.55 -8.35
C TRP J 103 35.57 56.86 -9.15
N TYR J 104 34.99 57.58 -10.09
CA TYR J 104 33.81 57.11 -10.82
C TYR J 104 32.81 56.53 -9.83
N TYR J 105 32.34 55.31 -10.06
CA TYR J 105 31.50 54.65 -9.09
C TYR J 105 32.41 53.80 -8.21
N GLY J 106 33.07 54.46 -7.26
CA GLY J 106 34.04 53.82 -6.37
C GLY J 106 34.77 54.84 -5.51
N PHE J 107 35.44 54.37 -4.45
CA PHE J 107 36.27 55.21 -3.60
C PHE J 107 37.71 54.72 -3.68
N ASP J 108 38.58 55.44 -4.38
CA ASP J 108 39.96 54.93 -4.57
C ASP J 108 40.91 55.19 -3.39
N TYR J 109 40.98 56.41 -2.87
CA TYR J 109 41.90 56.70 -1.76
C TYR J 109 41.15 56.82 -0.44
N TRP J 110 41.73 56.22 0.59
CA TRP J 110 41.13 56.17 1.92
C TRP J 110 42.09 56.69 2.92
N GLY J 111 41.57 57.34 3.96
CA GLY J 111 42.38 57.68 5.10
C GLY J 111 42.77 56.46 5.93
N GLN J 112 43.62 56.68 6.91
CA GLN J 112 44.08 55.62 7.79
C GLN J 112 42.99 55.21 8.80
N GLY J 113 42.00 56.07 8.98
CA GLY J 113 40.94 55.82 9.95
C GLY J 113 41.28 56.33 11.34
N THR J 114 40.28 56.87 12.04
CA THR J 114 40.44 57.28 13.43
C THR J 114 39.33 56.70 14.31
N LEU J 115 39.70 56.13 15.44
CA LEU J 115 38.74 55.49 16.35
C LEU J 115 38.01 56.53 17.19
N VAL J 116 36.68 56.50 17.14
CA VAL J 116 35.85 57.31 18.03
C VAL J 116 35.10 56.39 18.98
N THR J 117 35.31 56.57 20.29
CA THR J 117 34.60 55.79 21.31
C THR J 117 33.66 56.72 22.06
N VAL J 118 32.37 56.42 22.00
CA VAL J 118 31.33 57.21 22.67
C VAL J 118 30.86 56.45 23.92
N SER J 119 31.05 57.04 25.09
CA SER J 119 30.85 56.31 26.34
C SER J 119 30.88 57.27 27.52
N SER J 120 30.22 56.85 28.60
CA SER J 120 30.23 57.59 29.87
C SER J 120 31.46 57.27 30.72
N ALA J 121 32.20 56.23 30.34
CA ALA J 121 33.33 55.75 31.15
C ALA J 121 34.50 56.71 31.10
N SER J 122 35.23 56.80 32.21
CA SER J 122 36.47 57.57 32.30
C SER J 122 37.64 56.68 32.00
N THR J 123 38.71 57.25 31.45
CA THR J 123 39.91 56.50 31.13
C THR J 123 40.43 55.83 32.41
N LYS J 124 40.67 54.52 32.34
CA LYS J 124 41.07 53.75 33.51
C LYS J 124 41.97 52.62 33.06
N GLY J 125 43.08 52.42 33.77
CA GLY J 125 44.01 51.33 33.47
C GLY J 125 43.45 50.00 33.94
N PRO J 126 43.95 48.90 33.37
CA PRO J 126 43.47 47.58 33.75
C PRO J 126 44.08 47.11 35.06
N SER J 127 43.37 46.22 35.74
CA SER J 127 43.98 45.35 36.75
C SER J 127 44.40 44.09 35.99
N VAL J 128 45.55 43.56 36.34
CA VAL J 128 46.11 42.39 35.67
C VAL J 128 46.24 41.26 36.68
N PHE J 129 45.68 40.10 36.33
CA PHE J 129 45.68 38.93 37.20
C PHE J 129 46.30 37.73 36.46
N PRO J 130 47.10 36.93 37.18
CA PRO J 130 47.71 35.77 36.55
C PRO J 130 46.68 34.67 36.27
N LEU J 131 46.90 33.95 35.18
CA LEU J 131 46.21 32.70 34.88
C LEU J 131 47.27 31.64 35.04
N ALA J 132 47.31 31.07 36.25
CA ALA J 132 48.46 30.26 36.66
C ALA J 132 48.40 28.90 35.99
N PRO J 133 49.56 28.38 35.55
CA PRO J 133 49.57 27.06 34.92
C PRO J 133 49.15 26.00 35.94
N SER J 134 48.35 25.04 35.50
CA SER J 134 47.88 23.97 36.37
C SER J 134 49.05 23.12 36.88
N SER J 135 48.99 22.72 38.15
CA SER J 135 49.97 21.79 38.70
C SER J 135 49.84 20.41 38.06
N LYS J 136 48.65 20.12 37.53
CA LYS J 136 48.38 18.86 36.81
C LYS J 136 48.87 18.87 35.35
N SER J 137 49.67 19.86 34.98
CA SER J 137 50.31 19.91 33.66
C SER J 137 51.20 18.67 33.48
N THR J 138 50.75 17.73 32.65
CA THR J 138 51.43 16.44 32.49
C THR J 138 52.86 16.62 31.96
N SER J 139 53.82 15.95 32.59
CA SER J 139 55.24 16.11 32.28
C SER J 139 55.58 15.64 30.86
N GLY J 140 56.38 16.45 30.17
CA GLY J 140 56.72 16.19 28.78
C GLY J 140 55.71 16.73 27.76
N GLY J 141 54.58 17.24 28.25
CA GLY J 141 53.52 17.80 27.39
C GLY J 141 53.55 19.33 27.30
N THR J 142 52.36 19.91 27.10
CA THR J 142 52.22 21.36 26.95
C THR J 142 51.38 21.92 28.06
N ALA J 143 51.84 23.01 28.66
CA ALA J 143 51.07 23.75 29.65
C ALA J 143 50.61 25.06 29.07
N ALA J 144 49.63 25.67 29.70
CA ALA J 144 49.14 26.98 29.29
C ALA J 144 49.12 27.89 30.48
N LEU J 145 49.47 29.14 30.24
CA LEU J 145 49.36 30.16 31.26
C LEU J 145 48.99 31.47 30.57
N GLY J 146 48.59 32.47 31.35
CA GLY J 146 48.15 33.71 30.76
C GLY J 146 47.98 34.81 31.76
N CYS J 147 47.46 35.92 31.27
CA CYS J 147 47.10 37.07 32.09
C CYS J 147 45.71 37.53 31.78
N LEU J 148 44.92 37.79 32.82
CA LEU J 148 43.62 38.40 32.68
C LEU J 148 43.82 39.91 32.83
N VAL J 149 43.45 40.66 31.79
CA VAL J 149 43.55 42.13 31.77
C VAL J 149 42.15 42.70 31.85
N LYS J 150 41.79 43.25 33.00
CA LYS J 150 40.38 43.50 33.32
C LYS J 150 40.07 44.95 33.67
N ASP J 151 38.89 45.41 33.24
CA ASP J 151 38.31 46.68 33.66
C ASP J 151 39.18 47.88 33.27
N TYR J 152 39.40 48.03 31.96
CA TYR J 152 40.09 49.18 31.40
C TYR J 152 39.19 49.93 30.40
N PHE J 153 39.50 51.21 30.20
CA PHE J 153 38.83 52.03 29.19
C PHE J 153 39.79 53.14 28.75
N PRO J 154 39.88 53.44 27.44
CA PRO J 154 39.26 52.80 26.29
C PRO J 154 40.18 51.74 25.73
N GLU J 155 39.80 51.17 24.60
CA GLU J 155 40.73 50.41 23.79
C GLU J 155 41.84 51.35 23.31
N PRO J 156 43.01 50.80 22.93
CA PRO J 156 43.45 49.43 22.98
C PRO J 156 44.43 49.18 24.13
N VAL J 157 44.64 47.91 24.42
CA VAL J 157 45.73 47.44 25.29
C VAL J 157 46.65 46.56 24.43
N THR J 158 47.94 46.58 24.70
CA THR J 158 48.86 45.63 24.09
C THR J 158 49.42 44.72 25.17
N VAL J 159 49.69 43.48 24.79
CA VAL J 159 50.30 42.52 25.70
C VAL J 159 51.45 41.85 24.98
N SER J 160 52.61 41.85 25.62
CA SER J 160 53.74 41.09 25.13
C SER J 160 54.11 40.13 26.25
N TRP J 161 54.92 39.15 25.91
CA TRP J 161 55.40 38.17 26.87
C TRP J 161 56.90 38.19 26.96
N ASN J 162 57.42 38.16 28.18
CA ASN J 162 58.86 38.24 28.43
C ASN J 162 59.53 39.33 27.60
N SER J 163 58.97 40.53 27.71
CA SER J 163 59.43 41.73 27.01
C SER J 163 59.64 41.53 25.51
N GLY J 164 58.75 40.74 24.90
CA GLY J 164 58.80 40.48 23.46
C GLY J 164 59.66 39.29 23.09
N ALA J 165 60.35 38.68 24.07
CA ALA J 165 61.18 37.49 23.81
C ALA J 165 60.36 36.24 23.52
N LEU J 166 59.13 36.19 24.07
CA LEU J 166 58.25 35.05 23.87
C LEU J 166 57.13 35.49 22.94
N THR J 167 57.13 34.97 21.72
CA THR J 167 56.10 35.29 20.72
C THR J 167 55.34 34.04 20.26
N SER J 168 56.02 32.90 20.33
CA SER J 168 55.49 31.67 19.81
C SER J 168 54.40 31.13 20.73
N GLY J 169 53.22 30.88 20.16
CA GLY J 169 52.11 30.31 20.92
C GLY J 169 51.31 31.29 21.74
N VAL J 170 51.57 32.59 21.59
CA VAL J 170 50.83 33.61 22.29
C VAL J 170 49.51 33.88 21.57
N HIS J 171 48.42 33.94 22.33
CA HIS J 171 47.16 34.45 21.81
C HIS J 171 46.65 35.51 22.74
N THR J 172 46.49 36.71 22.20
CA THR J 172 45.84 37.79 22.92
C THR J 172 44.47 37.96 22.29
N PHE J 173 43.44 37.70 23.08
CA PHE J 173 42.09 37.70 22.58
C PHE J 173 41.51 39.10 22.41
N PRO J 174 40.59 39.26 21.46
CA PRO J 174 39.87 40.52 21.36
C PRO J 174 39.19 40.88 22.67
N ALA J 175 39.23 42.16 23.01
CA ALA J 175 38.55 42.66 24.19
C ALA J 175 37.06 42.51 24.04
N VAL J 176 36.37 42.30 25.15
CA VAL J 176 34.92 42.34 25.18
C VAL J 176 34.50 43.53 26.04
N LEU J 177 33.48 44.24 25.58
CA LEU J 177 32.90 45.33 26.35
C LEU J 177 31.93 44.76 27.39
N GLN J 178 32.24 44.98 28.67
CA GLN J 178 31.44 44.45 29.76
C GLN J 178 30.28 45.40 30.01
N SER J 179 29.23 44.91 30.67
CA SER J 179 28.06 45.73 30.98
C SER J 179 28.43 47.00 31.73
N SER J 180 29.47 46.90 32.57
CA SER J 180 30.02 48.04 33.30
C SER J 180 30.49 49.21 32.42
N GLY J 181 30.70 48.97 31.12
CA GLY J 181 31.32 49.96 30.25
C GLY J 181 32.84 49.83 30.18
N LEU J 182 33.41 48.87 30.90
CA LEU J 182 34.85 48.65 30.88
C LEU J 182 35.16 47.40 30.05
N TYR J 183 36.34 47.39 29.44
CA TYR J 183 36.78 46.28 28.60
C TYR J 183 37.54 45.23 29.41
N SER J 184 37.58 44.01 28.86
CA SER J 184 38.33 42.91 29.47
C SER J 184 38.84 41.96 28.40
N LEU J 185 40.03 41.41 28.62
CA LEU J 185 40.62 40.42 27.73
C LEU J 185 41.64 39.57 28.44
N SER J 186 41.96 38.43 27.82
CA SER J 186 43.01 37.56 28.28
C SER J 186 44.07 37.42 27.19
N SER J 187 45.33 37.38 27.62
CA SER J 187 46.41 36.92 26.77
C SER J 187 46.92 35.62 27.38
N VAL J 188 47.12 34.62 26.53
CA VAL J 188 47.62 33.34 26.96
C VAL J 188 48.80 32.90 26.11
N VAL J 189 49.55 31.95 26.63
CA VAL J 189 50.62 31.34 25.89
C VAL J 189 50.75 29.88 26.30
N THR J 190 51.03 29.02 25.33
CA THR J 190 51.33 27.64 25.61
C THR J 190 52.84 27.45 25.59
N VAL J 191 53.34 26.71 26.57
CA VAL J 191 54.77 26.45 26.70
C VAL J 191 54.96 24.98 27.11
N PRO J 192 56.19 24.46 26.96
CA PRO J 192 56.45 23.10 27.45
C PRO J 192 56.27 22.97 28.97
N SER J 193 55.62 21.89 29.41
CA SER J 193 55.40 21.63 30.84
C SER J 193 56.72 21.62 31.59
N SER J 194 57.75 21.02 30.99
CA SER J 194 59.08 20.93 31.61
C SER J 194 59.78 22.28 31.83
N SER J 195 59.22 23.38 31.31
CA SER J 195 59.79 24.71 31.51
C SER J 195 59.21 25.43 32.73
N LEU J 196 58.05 24.99 33.21
CA LEU J 196 57.35 25.69 34.30
C LEU J 196 58.19 25.79 35.57
N GLY J 197 59.04 24.81 35.79
CA GLY J 197 59.92 24.81 36.95
C GLY J 197 61.11 25.76 36.85
N THR J 198 61.52 26.10 35.62
CA THR J 198 62.80 26.79 35.39
C THR J 198 62.72 28.14 34.63
N GLN J 199 61.71 28.31 33.78
CA GLN J 199 61.54 29.56 33.03
C GLN J 199 60.58 30.50 33.73
N THR J 200 60.95 31.77 33.88
CA THR J 200 60.02 32.73 34.43
C THR J 200 59.21 33.33 33.28
N TYR J 201 57.92 33.48 33.51
CA TYR J 201 57.02 34.03 32.50
C TYR J 201 56.38 35.29 33.01
N ILE J 202 56.53 36.37 32.24
CA ILE J 202 55.98 37.67 32.61
C ILE J 202 55.17 38.21 31.45
N CYS J 203 53.94 38.62 31.73
CA CYS J 203 53.13 39.32 30.73
C CYS J 203 53.32 40.81 30.94
N ASN J 204 53.64 41.52 29.86
CA ASN J 204 53.81 42.97 29.91
C ASN J 204 52.58 43.63 29.30
N VAL J 205 51.76 44.26 30.13
CA VAL J 205 50.49 44.82 29.69
C VAL J 205 50.61 46.33 29.64
N ASN J 206 50.44 46.90 28.45
CA ASN J 206 50.54 48.35 28.27
C ASN J 206 49.19 48.96 27.90
N HIS J 207 48.76 49.96 28.66
CA HIS J 207 47.52 50.66 28.34
C HIS J 207 47.88 52.11 28.18
N LYS J 208 48.21 52.47 26.94
CA LYS J 208 48.75 53.79 26.63
C LYS J 208 47.80 54.94 27.01
N PRO J 209 46.48 54.79 26.79
CA PRO J 209 45.59 55.90 27.13
C PRO J 209 45.62 56.36 28.60
N SER J 210 45.93 55.46 29.52
CA SER J 210 45.97 55.77 30.95
C SER J 210 47.38 55.96 31.47
N ASN J 211 48.37 55.74 30.60
CA ASN J 211 49.77 55.67 30.99
C ASN J 211 50.01 54.58 32.07
N THR J 212 49.32 53.45 31.92
CA THR J 212 49.50 52.28 32.81
C THR J 212 50.31 51.20 32.10
N LYS J 213 51.32 50.66 32.77
CA LYS J 213 52.06 49.51 32.28
C LYS J 213 52.29 48.54 33.44
N VAL J 214 51.85 47.30 33.26
CA VAL J 214 51.97 46.30 34.32
C VAL J 214 52.76 45.10 33.82
N ASP J 215 53.75 44.68 34.61
CA ASP J 215 54.55 43.50 34.32
C ASP J 215 54.23 42.47 35.38
N LYS J 216 53.42 41.48 35.00
CA LYS J 216 52.92 40.50 35.96
C LYS J 216 53.56 39.16 35.72
N LYS J 217 54.25 38.66 36.74
CA LYS J 217 54.92 37.38 36.70
C LYS J 217 53.84 36.34 36.94
N VAL J 218 53.81 35.31 36.10
CA VAL J 218 52.80 34.26 36.18
C VAL J 218 53.49 32.97 36.54
N GLU J 219 53.16 32.44 37.73
CA GLU J 219 53.86 31.31 38.34
C GLU J 219 52.89 30.19 38.69
N PRO J 220 53.36 28.94 38.67
CA PRO J 220 52.53 27.87 39.21
C PRO J 220 52.08 28.22 40.62
N LYS J 221 50.80 27.99 40.93
CA LYS J 221 50.23 28.32 42.25
C LYS J 221 50.83 27.42 43.34
N SER J 222 51.69 28.00 44.19
CA SER J 222 52.37 27.26 45.24
C SER J 222 51.44 26.91 46.41
N CYS J 223 51.89 25.98 47.26
CA CYS J 223 51.07 25.48 48.37
C CYS J 223 51.89 25.41 49.66
N THR K 6 24.41 47.82 10.82
CA THR K 6 25.21 46.84 10.03
C THR K 6 25.55 45.60 10.85
N GLN K 7 26.09 44.58 10.19
CA GLN K 7 26.28 43.25 10.77
C GLN K 7 27.73 42.85 10.85
N SER K 8 27.98 41.76 11.57
CA SER K 8 29.24 41.06 11.49
C SER K 8 29.33 40.45 10.09
N PRO K 9 30.54 40.36 9.52
CA PRO K 9 30.64 39.72 8.21
C PRO K 9 30.27 38.24 8.25
N SER K 10 29.69 37.73 7.17
CA SER K 10 29.48 36.30 7.03
C SER K 10 30.80 35.67 6.60
N SER K 11 30.85 34.34 6.66
CA SER K 11 32.10 33.64 6.50
C SER K 11 31.99 32.55 5.45
N LEU K 12 33.08 32.37 4.71
CA LEU K 12 33.13 31.41 3.63
C LEU K 12 34.50 30.70 3.70
N SER K 13 34.49 29.37 3.64
CA SER K 13 35.71 28.57 3.64
C SER K 13 36.13 28.19 2.24
N ALA K 14 37.40 28.41 1.93
CA ALA K 14 37.95 28.16 0.60
C ALA K 14 39.40 27.67 0.67
N SER K 15 39.93 27.21 -0.46
CA SER K 15 41.33 26.81 -0.56
C SER K 15 42.04 27.63 -1.64
N VAL K 16 43.36 27.76 -1.50
CA VAL K 16 44.19 28.37 -2.55
C VAL K 16 43.81 27.68 -3.88
N GLY K 17 43.48 28.48 -4.89
CA GLY K 17 43.14 27.94 -6.19
C GLY K 17 41.64 27.87 -6.49
N ASP K 18 40.81 27.97 -5.46
CA ASP K 18 39.37 27.97 -5.67
C ASP K 18 38.95 29.22 -6.40
N ARG K 19 37.85 29.12 -7.13
CA ARG K 19 37.18 30.29 -7.65
C ARG K 19 36.08 30.68 -6.70
N VAL K 20 35.99 31.98 -6.41
CA VAL K 20 34.96 32.51 -5.53
C VAL K 20 34.21 33.62 -6.25
N THR K 21 32.89 33.51 -6.27
CA THR K 21 32.03 34.52 -6.87
C THR K 21 31.05 35.04 -5.83
N ILE K 22 31.15 36.33 -5.54
CA ILE K 22 30.33 36.95 -4.52
C ILE K 22 29.31 37.81 -5.21
N THR K 23 28.04 37.63 -4.85
CA THR K 23 26.95 38.40 -5.43
C THR K 23 26.58 39.54 -4.49
N CYS K 24 26.48 40.75 -5.03
CA CYS K 24 26.12 41.91 -4.21
C CYS K 24 24.64 41.85 -3.83
N ARG K 25 24.38 41.70 -2.53
CA ARG K 25 23.01 41.54 -2.01
C ARG K 25 22.47 42.86 -1.44
N ALA K 26 23.35 43.76 -1.02
CA ALA K 26 22.95 45.10 -0.61
C ALA K 26 24.16 46.01 -0.52
N SER K 29 16.40 47.64 -3.84
CA SER K 29 16.43 48.56 -4.96
C SER K 29 17.44 48.08 -6.00
N VAL K 30 17.14 48.33 -7.27
CA VAL K 30 18.06 47.99 -8.35
C VAL K 30 19.16 49.06 -8.43
N SER K 31 20.40 48.61 -8.65
CA SER K 31 21.58 49.48 -8.64
C SER K 31 22.00 49.88 -10.06
N SER K 32 22.58 51.08 -10.16
CA SER K 32 23.13 51.57 -11.44
C SER K 32 24.64 51.29 -11.55
N ALA K 33 25.30 51.08 -10.41
CA ALA K 33 26.70 50.68 -10.40
C ALA K 33 27.09 50.06 -9.06
N VAL K 34 28.17 49.28 -9.09
CA VAL K 34 28.69 48.66 -7.88
C VAL K 34 30.22 48.73 -7.88
N ALA K 35 30.78 48.87 -6.68
CA ALA K 35 32.21 48.83 -6.50
C ALA K 35 32.50 47.70 -5.51
N TRP K 36 33.69 47.14 -5.57
CA TRP K 36 34.09 46.06 -4.68
C TRP K 36 35.33 46.42 -3.92
N TYR K 37 35.39 46.02 -2.65
CA TYR K 37 36.54 46.32 -1.78
C TYR K 37 37.06 45.09 -1.05
N GLN K 38 38.36 45.11 -0.77
CA GLN K 38 39.03 44.14 0.07
C GLN K 38 39.47 44.85 1.35
N GLN K 39 39.28 44.20 2.49
CA GLN K 39 39.77 44.74 3.76
C GLN K 39 40.40 43.64 4.62
N LYS K 40 41.59 43.94 5.14
CA LYS K 40 42.29 43.03 6.04
C LYS K 40 42.32 43.63 7.44
N PRO K 41 42.49 42.78 8.48
CA PRO K 41 42.36 43.27 9.84
C PRO K 41 43.19 44.52 10.11
N GLY K 42 42.54 45.54 10.67
CA GLY K 42 43.21 46.75 11.11
C GLY K 42 43.62 47.71 10.00
N LYS K 43 43.23 47.42 8.76
CA LYS K 43 43.61 48.28 7.63
C LYS K 43 42.36 48.87 6.97
N ALA K 44 42.57 49.92 6.20
CA ALA K 44 41.52 50.54 5.41
C ALA K 44 41.10 49.60 4.29
N PRO K 45 39.84 49.70 3.83
CA PRO K 45 39.47 48.98 2.61
C PRO K 45 40.27 49.47 1.41
N LYS K 46 40.53 48.55 0.47
CA LYS K 46 41.19 48.84 -0.79
C LYS K 46 40.24 48.54 -1.96
N LEU K 47 40.16 49.48 -2.91
CA LEU K 47 39.31 49.33 -4.09
C LEU K 47 39.83 48.22 -5.01
N LEU K 48 38.93 47.36 -5.49
CA LEU K 48 39.29 46.30 -6.45
C LEU K 48 38.68 46.57 -7.82
N ILE K 49 37.36 46.72 -7.85
CA ILE K 49 36.58 46.94 -9.07
C ILE K 49 35.72 48.19 -8.89
N TYR K 50 35.67 49.07 -9.89
CA TYR K 50 34.74 50.21 -9.84
C TYR K 50 33.78 50.20 -11.02
N SER K 51 32.68 50.93 -10.87
CA SER K 51 31.55 50.93 -11.81
C SER K 51 31.33 49.56 -12.46
N ALA K 52 30.89 48.62 -11.64
CA ALA K 52 30.50 47.27 -12.05
C ALA K 52 31.65 46.35 -12.45
N SER K 53 32.53 46.79 -13.35
CA SER K 53 33.46 45.87 -14.02
C SER K 53 34.87 46.37 -14.29
N SER K 54 35.19 47.61 -13.94
CA SER K 54 36.53 48.15 -14.23
C SER K 54 37.55 47.79 -13.14
N LEU K 55 38.62 47.13 -13.56
CA LEU K 55 39.68 46.71 -12.63
C LEU K 55 40.52 47.90 -12.24
N TYR K 56 40.54 48.23 -10.95
CA TYR K 56 41.31 49.37 -10.48
C TYR K 56 42.80 49.16 -10.73
N SER K 57 43.51 50.27 -10.98
CA SER K 57 44.92 50.22 -11.29
C SER K 57 45.73 49.55 -10.18
N GLY K 58 46.57 48.59 -10.56
CA GLY K 58 47.43 47.87 -9.62
C GLY K 58 46.82 46.61 -9.01
N VAL K 59 45.54 46.36 -9.28
CA VAL K 59 44.87 45.17 -8.75
C VAL K 59 45.12 43.98 -9.70
N PRO K 60 45.46 42.79 -9.15
CA PRO K 60 45.68 41.65 -10.03
C PRO K 60 44.46 41.32 -10.90
N SER K 61 44.72 40.81 -12.10
CA SER K 61 43.66 40.54 -13.07
C SER K 61 42.81 39.29 -12.73
N ARG K 62 43.19 38.53 -11.71
CA ARG K 62 42.31 37.47 -11.19
C ARG K 62 41.02 38.02 -10.54
N PHE K 63 41.02 39.29 -10.16
CA PHE K 63 39.82 39.97 -9.72
C PHE K 63 39.04 40.54 -10.91
N SER K 64 37.76 40.21 -11.01
CA SER K 64 36.90 40.76 -12.05
C SER K 64 35.52 41.04 -11.51
N GLY K 65 34.85 42.01 -12.11
CA GLY K 65 33.48 42.33 -11.77
C GLY K 65 32.60 42.23 -12.99
N SER K 66 31.36 41.82 -12.79
CA SER K 66 30.45 41.62 -13.90
C SER K 66 29.02 41.97 -13.49
N ARG K 67 28.23 42.44 -14.46
CA ARG K 67 26.80 42.68 -14.22
C ARG K 67 25.98 41.79 -15.14
N SER K 68 24.99 41.14 -14.57
CA SER K 68 24.06 40.30 -15.31
C SER K 68 22.65 40.60 -14.81
N GLY K 69 21.88 41.32 -15.63
CA GLY K 69 20.60 41.85 -15.20
C GLY K 69 20.81 42.85 -14.08
N THR K 70 20.17 42.61 -12.93
CA THR K 70 20.37 43.43 -11.73
C THR K 70 21.31 42.77 -10.73
N ASP K 71 21.98 41.69 -11.15
CA ASP K 71 22.92 40.98 -10.30
C ASP K 71 24.35 41.41 -10.63
N PHE K 72 25.05 41.92 -9.61
CA PHE K 72 26.43 42.35 -9.74
C PHE K 72 27.30 41.37 -8.95
N THR K 73 28.34 40.84 -9.59
CA THR K 73 29.22 39.87 -8.94
C THR K 73 30.67 40.29 -9.00
N LEU K 74 31.41 39.87 -7.97
CA LEU K 74 32.87 39.91 -7.95
C LEU K 74 33.34 38.47 -8.00
N THR K 75 34.25 38.18 -8.90
CA THR K 75 34.84 36.85 -9.01
C THR K 75 36.33 36.94 -8.78
N ILE K 76 36.83 36.08 -7.91
CA ILE K 76 38.25 35.89 -7.75
C ILE K 76 38.50 34.55 -8.45
N SER K 77 39.14 34.58 -9.61
CA SER K 77 39.18 33.42 -10.49
C SER K 77 39.97 32.26 -9.89
N SER K 78 41.03 32.59 -9.14
CA SER K 78 41.88 31.58 -8.56
C SER K 78 42.55 32.15 -7.29
N LEU K 79 42.01 31.79 -6.12
CA LEU K 79 42.44 32.38 -4.85
C LEU K 79 43.93 32.20 -4.57
N GLN K 80 44.60 33.28 -4.22
CA GLN K 80 45.98 33.21 -3.72
C GLN K 80 45.99 33.37 -2.21
N PRO K 81 47.11 32.98 -1.54
CA PRO K 81 47.15 33.06 -0.08
C PRO K 81 46.85 34.45 0.46
N GLU K 82 47.15 35.49 -0.31
CA GLU K 82 46.96 36.87 0.14
C GLU K 82 45.52 37.38 -0.03
N ASP K 83 44.63 36.57 -0.63
CA ASP K 83 43.24 36.96 -0.90
C ASP K 83 42.28 36.59 0.22
N PHE K 84 42.78 35.87 1.23
CA PHE K 84 41.98 35.55 2.38
C PHE K 84 41.81 36.81 3.21
N ALA K 85 40.60 37.35 3.15
CA ALA K 85 40.29 38.69 3.62
C ALA K 85 38.79 38.89 3.62
N THR K 86 38.35 40.10 4.00
CA THR K 86 36.92 40.43 3.96
C THR K 86 36.62 41.28 2.73
N TYR K 87 35.56 40.92 2.03
CA TYR K 87 35.17 41.61 0.81
C TYR K 87 33.82 42.28 0.98
N TYR K 88 33.73 43.50 0.48
CA TYR K 88 32.51 44.31 0.55
C TYR K 88 32.10 44.79 -0.85
N CYS K 89 30.81 44.70 -1.18
CA CYS K 89 30.27 45.42 -2.34
C CYS K 89 29.70 46.75 -1.88
N GLN K 90 29.60 47.70 -2.80
CA GLN K 90 29.09 49.04 -2.53
C GLN K 90 28.12 49.47 -3.62
N GLN K 91 26.84 49.52 -3.28
CA GLN K 91 25.78 49.87 -4.25
C GLN K 91 25.66 51.38 -4.42
N PHE K 92 25.62 51.80 -5.68
CA PHE K 92 25.24 53.17 -6.05
C PHE K 92 23.88 53.15 -6.74
N LYS K 93 22.93 53.90 -6.20
CA LYS K 93 21.60 54.04 -6.83
C LYS K 93 21.08 55.46 -6.72
N ARG K 94 20.08 55.77 -7.55
CA ARG K 94 19.49 57.11 -7.67
C ARG K 94 18.30 57.22 -6.73
N GLN K 95 18.51 56.88 -5.46
CA GLN K 95 17.42 56.63 -4.53
C GLN K 95 17.99 56.48 -3.13
N LYS K 96 17.24 56.86 -2.10
CA LYS K 96 17.73 56.84 -0.72
C LYS K 96 17.72 55.41 -0.14
N GLU K 97 18.82 54.92 0.43
CA GLU K 97 20.12 55.61 0.52
C GLU K 97 20.86 55.44 -0.79
N PRO K 98 21.56 56.50 -1.24
CA PRO K 98 22.24 56.48 -2.53
C PRO K 98 23.52 55.62 -2.55
N ILE K 99 24.19 55.52 -1.40
CA ILE K 99 25.40 54.73 -1.28
C ILE K 99 25.26 53.82 -0.07
N THR K 100 25.24 52.51 -0.32
CA THR K 100 25.21 51.54 0.76
C THR K 100 26.24 50.44 0.49
N PHE K 101 26.96 50.06 1.54
CA PHE K 101 27.84 48.91 1.51
C PHE K 101 27.08 47.67 1.92
N GLY K 102 27.31 46.57 1.23
CA GLY K 102 26.74 45.29 1.62
C GLY K 102 27.46 44.70 2.81
N GLN K 103 26.85 43.65 3.37
CA GLN K 103 27.47 42.86 4.43
C GLN K 103 28.80 42.29 3.96
N GLY K 104 29.78 42.23 4.86
CA GLY K 104 31.08 41.70 4.51
C GLY K 104 31.01 40.20 4.27
N THR K 105 31.86 39.73 3.36
CA THR K 105 32.08 38.31 3.17
C THR K 105 33.54 38.03 3.52
N LYS K 106 33.74 37.35 4.64
CA LYS K 106 35.07 37.00 5.11
C LYS K 106 35.46 35.65 4.51
N VAL K 107 36.48 35.64 3.66
CA VAL K 107 36.92 34.41 3.01
C VAL K 107 38.08 33.83 3.83
N GLU K 108 37.83 32.67 4.45
CA GLU K 108 38.82 32.05 5.33
C GLU K 108 39.37 30.78 4.68
N ILE K 109 40.52 30.31 5.16
CA ILE K 109 41.19 29.20 4.52
C ILE K 109 40.79 27.87 5.14
N LYS K 110 40.50 26.91 4.26
CA LYS K 110 40.14 25.55 4.65
C LYS K 110 41.39 24.83 5.14
N ARG K 111 41.16 23.89 6.05
CA ARG K 111 42.21 23.26 6.83
C ARG K 111 41.62 21.95 7.37
N THR K 112 42.45 21.00 7.77
CA THR K 112 41.98 19.75 8.37
C THR K 112 41.52 19.98 9.80
N VAL K 113 40.74 19.06 10.34
CA VAL K 113 40.22 19.17 11.70
C VAL K 113 41.39 19.13 12.69
N ALA K 114 41.40 20.03 13.66
CA ALA K 114 42.36 20.01 14.78
C ALA K 114 41.60 20.17 16.10
N ALA K 115 41.83 19.26 17.03
CA ALA K 115 41.16 19.30 18.31
C ALA K 115 41.79 20.39 19.16
N PRO K 116 40.99 21.12 19.96
CA PRO K 116 41.63 22.07 20.86
C PRO K 116 42.32 21.36 22.02
N SER K 117 43.36 21.96 22.57
CA SER K 117 43.79 21.62 23.90
C SER K 117 43.07 22.58 24.82
N VAL K 118 42.54 22.05 25.92
CA VAL K 118 41.66 22.78 26.81
C VAL K 118 42.31 22.95 28.18
N PHE K 119 42.16 24.14 28.75
CA PHE K 119 42.75 24.49 30.03
C PHE K 119 41.76 25.32 30.82
N ILE K 120 41.72 25.10 32.14
CA ILE K 120 40.85 25.86 33.01
C ILE K 120 41.72 26.57 34.04
N PHE K 121 41.39 27.83 34.31
CA PHE K 121 42.11 28.67 35.25
C PHE K 121 41.17 29.19 36.32
N PRO K 122 41.50 28.92 37.59
CA PRO K 122 40.72 29.51 38.66
C PRO K 122 41.04 30.98 38.82
N PRO K 123 40.15 31.73 39.48
CA PRO K 123 40.44 33.12 39.79
C PRO K 123 41.61 33.23 40.76
N SER K 124 42.49 34.18 40.54
CA SER K 124 43.62 34.42 41.44
C SER K 124 43.15 34.99 42.77
N ASP K 125 43.99 34.85 43.79
CA ASP K 125 43.68 35.41 45.11
C ASP K 125 43.61 36.93 45.05
N SER K 126 44.49 37.54 44.26
CA SER K 126 44.49 38.99 44.13
C SER K 126 43.14 39.49 43.61
N GLN K 127 42.59 38.82 42.60
CA GLN K 127 41.27 39.22 42.10
C GLN K 127 40.19 39.02 43.14
N LEU K 128 40.20 37.88 43.83
CA LEU K 128 39.16 37.60 44.84
C LEU K 128 39.08 38.69 45.90
N LYS K 129 40.22 39.34 46.17
CA LYS K 129 40.31 40.41 47.14
C LYS K 129 39.39 41.61 46.83
N SER K 130 39.06 41.82 45.55
CA SER K 130 38.26 42.97 45.13
C SER K 130 36.77 42.67 44.90
N GLY K 131 36.34 41.43 45.15
CA GLY K 131 34.92 41.09 45.16
C GLY K 131 34.36 40.38 43.94
N THR K 132 35.23 40.01 43.01
CA THR K 132 34.79 39.29 41.82
C THR K 132 35.75 38.15 41.51
N ALA K 133 35.21 37.10 40.90
CA ALA K 133 35.98 35.94 40.48
C ALA K 133 35.72 35.72 38.99
N SER K 134 36.79 35.74 38.20
CA SER K 134 36.73 35.35 36.81
C SER K 134 37.38 33.98 36.69
N VAL K 135 36.70 33.06 36.01
CA VAL K 135 37.19 31.71 35.78
C VAL K 135 37.35 31.59 34.27
N VAL K 136 38.54 31.24 33.82
CA VAL K 136 38.80 31.21 32.39
C VAL K 136 39.00 29.79 31.86
N CYS K 137 38.34 29.51 30.74
CA CYS K 137 38.51 28.29 29.99
C CYS K 137 39.12 28.64 28.64
N LEU K 138 40.23 27.98 28.30
CA LEU K 138 40.98 28.23 27.08
C LEU K 138 40.87 27.04 26.14
N LEU K 139 40.49 27.31 24.90
CA LEU K 139 40.50 26.34 23.82
C LEU K 139 41.59 26.82 22.87
N ASN K 140 42.64 26.03 22.69
CA ASN K 140 43.86 26.47 22.01
C ASN K 140 44.08 25.76 20.68
N ASN K 141 44.24 26.55 19.61
CA ASN K 141 44.60 26.09 18.28
C ASN K 141 43.75 24.93 17.72
N PHE K 142 42.50 25.22 17.43
CA PHE K 142 41.58 24.22 16.91
C PHE K 142 41.01 24.65 15.54
N TYR K 143 40.46 23.67 14.82
CA TYR K 143 39.73 23.90 13.56
C TYR K 143 38.72 22.76 13.37
N PRO K 144 37.48 23.05 12.93
CA PRO K 144 36.90 24.35 12.56
C PRO K 144 36.61 25.25 13.75
N ARG K 145 36.16 26.48 13.46
CA ARG K 145 35.86 27.46 14.48
C ARG K 145 34.69 27.04 15.38
N GLU K 146 33.73 26.31 14.85
CA GLU K 146 32.56 25.91 15.65
C GLU K 146 32.96 25.05 16.85
N ALA K 147 32.48 25.42 18.01
CA ALA K 147 32.76 24.71 19.27
C ALA K 147 31.73 25.13 20.30
N LYS K 148 31.37 24.24 21.22
CA LYS K 148 30.50 24.58 22.33
C LYS K 148 31.29 24.47 23.62
N VAL K 149 31.20 25.51 24.45
CA VAL K 149 31.82 25.54 25.77
C VAL K 149 30.72 25.66 26.81
N GLN K 150 30.60 24.67 27.69
CA GLN K 150 29.54 24.64 28.71
C GLN K 150 30.13 24.66 30.11
N TRP K 151 29.75 25.67 30.90
CA TRP K 151 30.20 25.81 32.26
C TRP K 151 29.28 25.05 33.19
N LYS K 152 29.87 24.42 34.21
CA LYS K 152 29.11 23.78 35.28
C LYS K 152 29.71 24.20 36.61
N VAL K 153 28.86 24.62 37.54
CA VAL K 153 29.31 24.98 38.88
C VAL K 153 28.54 24.09 39.84
N ASP K 154 29.26 23.31 40.64
CA ASP K 154 28.65 22.23 41.44
C ASP K 154 27.67 21.41 40.58
N ASN K 155 28.12 21.05 39.39
CA ASN K 155 27.27 20.37 38.39
C ASN K 155 25.90 21.00 38.03
N ALA K 156 25.70 22.29 38.30
CA ALA K 156 24.59 23.03 37.73
C ALA K 156 25.10 23.65 36.44
N LEU K 157 24.48 23.30 35.32
CA LEU K 157 24.82 23.90 34.03
C LEU K 157 24.51 25.39 34.04
N GLN K 158 25.49 26.22 33.66
CA GLN K 158 25.35 27.67 33.69
C GLN K 158 24.95 28.25 32.33
N SER K 159 24.38 29.45 32.37
CA SER K 159 24.09 30.23 31.18
C SER K 159 23.81 31.66 31.59
N GLY K 160 24.37 32.62 30.87
CA GLY K 160 24.08 34.02 31.12
C GLY K 160 25.14 34.74 31.92
N ASN K 161 26.12 33.99 32.43
CA ASN K 161 27.20 34.55 33.24
C ASN K 161 28.58 34.33 32.66
N SER K 162 28.65 34.08 31.34
CA SER K 162 29.94 33.93 30.65
C SER K 162 29.97 34.62 29.30
N GLN K 163 31.18 34.98 28.87
CA GLN K 163 31.44 35.62 27.58
C GLN K 163 32.54 34.87 26.85
N GLU K 164 32.43 34.81 25.53
CA GLU K 164 33.45 34.20 24.68
C GLU K 164 34.18 35.23 23.82
N SER K 165 35.42 34.91 23.47
CA SER K 165 36.20 35.69 22.51
C SER K 165 37.05 34.74 21.67
N VAL K 166 37.07 34.94 20.36
CA VAL K 166 37.81 34.07 19.43
C VAL K 166 38.83 34.88 18.65
N THR K 167 39.97 34.29 18.35
CA THR K 167 41.01 34.97 17.57
C THR K 167 40.69 34.86 16.08
N GLU K 168 41.39 35.67 15.27
CA GLU K 168 41.40 35.49 13.84
C GLU K 168 42.19 34.23 13.52
N GLN K 169 41.91 33.68 12.35
CA GLN K 169 42.56 32.49 11.89
C GLN K 169 44.09 32.69 11.91
N ASP K 170 44.81 31.76 12.54
CA ASP K 170 46.26 31.90 12.71
C ASP K 170 46.95 31.94 11.36
N SER K 171 47.89 32.88 11.21
CA SER K 171 48.62 33.08 9.96
C SER K 171 49.52 31.90 9.58
N LYS K 172 49.96 31.11 10.56
CA LYS K 172 50.85 29.98 10.31
C LYS K 172 50.13 28.63 10.19
N ASP K 173 49.21 28.33 11.12
CA ASP K 173 48.56 27.02 11.13
C ASP K 173 47.05 27.03 10.84
N SER K 174 46.50 28.23 10.59
CA SER K 174 45.08 28.38 10.21
C SER K 174 44.07 27.87 11.24
N THR K 175 44.47 27.81 12.51
CA THR K 175 43.57 27.43 13.57
C THR K 175 42.97 28.68 14.22
N TYR K 176 42.01 28.44 15.10
CA TYR K 176 41.41 29.45 15.93
C TYR K 176 41.72 29.14 17.39
N SER K 177 41.66 30.17 18.22
CA SER K 177 41.70 29.94 19.67
C SER K 177 40.57 30.74 20.33
N LEU K 178 40.10 30.27 21.48
CA LEU K 178 38.94 30.83 22.11
C LEU K 178 39.09 30.84 23.62
N SER K 179 38.60 31.90 24.24
CA SER K 179 38.51 32.02 25.68
C SER K 179 37.05 32.18 26.04
N SER K 180 36.63 31.48 27.09
CA SER K 180 35.34 31.64 27.72
C SER K 180 35.60 32.08 29.16
N THR K 181 35.01 33.20 29.56
CA THR K 181 35.22 33.75 30.90
C THR K 181 33.91 33.71 31.66
N LEU K 182 33.89 32.97 32.75
CA LEU K 182 32.76 32.89 33.67
C LEU K 182 32.96 33.85 34.84
N THR K 183 31.99 34.75 35.04
CA THR K 183 32.12 35.79 36.05
C THR K 183 31.07 35.60 37.15
N LEU K 184 31.56 35.45 38.38
CA LEU K 184 30.74 35.33 39.56
C LEU K 184 31.19 36.37 40.57
N SER K 185 30.31 36.72 41.48
CA SER K 185 30.71 37.54 42.63
C SER K 185 31.66 36.69 43.48
N LYS K 186 32.43 37.31 44.35
CA LYS K 186 33.25 36.56 45.31
C LYS K 186 32.36 35.68 46.19
N ALA K 187 31.25 36.21 46.66
CA ALA K 187 30.33 35.45 47.51
C ALA K 187 29.84 34.20 46.82
N ASP K 188 29.40 34.31 45.57
CA ASP K 188 28.95 33.15 44.81
C ASP K 188 30.07 32.14 44.52
N TYR K 189 31.27 32.63 44.26
CA TYR K 189 32.41 31.75 44.01
C TYR K 189 32.74 30.90 45.25
N GLU K 190 32.67 31.53 46.41
CA GLU K 190 32.95 30.85 47.67
C GLU K 190 31.83 29.91 48.16
N LYS K 191 30.60 30.07 47.64
CA LYS K 191 29.50 29.15 47.95
C LYS K 191 29.65 27.78 47.31
N HIS K 192 30.43 27.68 46.23
CA HIS K 192 30.50 26.44 45.46
C HIS K 192 31.88 25.87 45.48
N LYS K 193 32.00 24.62 45.04
CA LYS K 193 33.22 23.84 45.17
C LYS K 193 33.83 23.42 43.84
N VAL K 194 32.99 22.89 42.95
CA VAL K 194 33.45 22.26 41.72
C VAL K 194 33.21 23.20 40.53
N TYR K 195 34.28 23.53 39.82
CA TYR K 195 34.21 24.39 38.63
C TYR K 195 34.70 23.65 37.40
N ALA K 196 33.88 23.61 36.35
CA ALA K 196 34.17 22.75 35.21
C ALA K 196 33.80 23.43 33.90
N CYS K 197 34.68 23.26 32.92
CA CYS K 197 34.47 23.74 31.58
C CYS K 197 34.38 22.51 30.69
N GLU K 198 33.26 22.32 30.00
CA GLU K 198 33.09 21.21 29.07
C GLU K 198 33.11 21.70 27.62
N VAL K 199 33.98 21.09 26.82
CA VAL K 199 34.21 21.53 25.45
C VAL K 199 33.78 20.46 24.47
N THR K 200 32.91 20.85 23.55
CA THR K 200 32.47 19.97 22.49
C THR K 200 33.00 20.50 21.15
N HIS K 201 33.65 19.63 20.38
CA HIS K 201 34.30 20.03 19.13
C HIS K 201 34.56 18.83 18.27
N GLN K 202 34.51 19.04 16.95
CA GLN K 202 34.66 17.96 15.98
C GLN K 202 35.94 17.11 16.16
N GLY K 203 37.03 17.76 16.56
CA GLY K 203 38.29 17.06 16.80
C GLY K 203 38.30 16.13 18.01
N LEU K 204 37.31 16.25 18.88
CA LEU K 204 37.21 15.41 20.09
C LEU K 204 36.11 14.35 19.92
N SER K 205 36.46 13.09 20.09
CA SER K 205 35.52 11.97 19.88
C SER K 205 34.32 12.09 20.83
N SER K 206 34.59 12.49 22.06
CA SER K 206 33.53 12.94 22.97
C SER K 206 33.96 14.22 23.70
N PRO K 207 33.00 14.94 24.28
CA PRO K 207 33.37 16.22 24.88
C PRO K 207 34.40 16.06 25.99
N VAL K 208 35.28 17.04 26.14
CA VAL K 208 36.31 16.99 27.18
C VAL K 208 35.94 17.98 28.26
N THR K 209 36.10 17.55 29.52
CA THR K 209 35.88 18.43 30.65
C THR K 209 37.18 18.70 31.39
N LYS K 210 37.46 19.97 31.66
CA LYS K 210 38.54 20.35 32.57
C LYS K 210 37.92 21.00 33.77
N SER K 211 38.36 20.60 34.96
CA SER K 211 37.76 21.09 36.18
C SER K 211 38.78 21.36 37.28
N PHE K 212 38.37 22.13 38.27
CA PHE K 212 39.11 22.23 39.54
C PHE K 212 38.11 22.36 40.68
N ASN K 213 38.59 22.03 41.87
CA ASN K 213 37.87 22.23 43.11
C ASN K 213 38.43 23.43 43.84
N ARG K 214 37.57 24.39 44.18
CA ARG K 214 38.00 25.59 44.89
C ARG K 214 38.80 25.19 46.12
N GLY K 215 40.05 25.61 46.20
CA GLY K 215 40.92 25.30 47.34
C GLY K 215 42.12 24.41 47.04
N GLU K 216 42.04 23.59 46.01
CA GLU K 216 43.20 22.78 45.61
C GLU K 216 44.23 23.66 44.90
N CYS K 217 45.43 23.12 44.68
CA CYS K 217 46.51 23.87 44.02
C CYS K 217 47.30 23.00 43.06
N MET L 5 -20.59 -19.36 -47.43
CA MET L 5 -20.73 -19.56 -45.96
C MET L 5 -21.74 -18.57 -45.38
N THR L 6 -23.03 -18.94 -45.43
CA THR L 6 -24.09 -18.21 -44.72
C THR L 6 -24.28 -18.83 -43.32
N GLN L 7 -25.02 -18.15 -42.46
CA GLN L 7 -25.13 -18.56 -41.05
C GLN L 7 -26.53 -18.33 -40.44
N SER L 8 -26.71 -18.84 -39.23
CA SER L 8 -27.94 -18.61 -38.46
C SER L 8 -27.96 -17.15 -38.02
N PRO L 9 -29.18 -16.59 -37.86
CA PRO L 9 -29.24 -15.20 -37.43
C PRO L 9 -28.84 -15.08 -35.97
N SER L 10 -28.24 -13.95 -35.61
CA SER L 10 -27.99 -13.65 -34.20
C SER L 10 -29.33 -13.38 -33.53
N SER L 11 -29.33 -13.37 -32.19
CA SER L 11 -30.54 -13.18 -31.42
C SER L 11 -30.46 -11.91 -30.58
N LEU L 12 -31.59 -11.21 -30.46
CA LEU L 12 -31.69 -10.00 -29.65
C LEU L 12 -32.99 -10.02 -28.84
N SER L 13 -32.87 -10.03 -27.51
CA SER L 13 -34.05 -10.03 -26.61
C SER L 13 -34.57 -8.60 -26.35
N ALA L 14 -35.87 -8.39 -26.55
CA ALA L 14 -36.48 -7.07 -26.35
C ALA L 14 -37.92 -7.20 -25.89
N SER L 15 -38.51 -6.09 -25.44
CA SER L 15 -39.91 -6.05 -24.98
C SER L 15 -40.70 -5.04 -25.79
N VAL L 16 -42.02 -5.24 -25.85
CA VAL L 16 -42.92 -4.30 -26.52
C VAL L 16 -42.68 -2.90 -25.96
N GLY L 17 -42.56 -1.92 -26.84
CA GLY L 17 -42.25 -0.55 -26.42
C GLY L 17 -40.77 -0.19 -26.43
N ASP L 18 -39.87 -1.18 -26.44
CA ASP L 18 -38.43 -0.89 -26.52
C ASP L 18 -38.07 -0.26 -27.84
N ARG L 19 -36.99 0.51 -27.83
CA ARG L 19 -36.36 0.95 -29.07
C ARG L 19 -35.23 -0.01 -29.37
N VAL L 20 -35.14 -0.43 -30.62
CA VAL L 20 -34.07 -1.30 -31.07
C VAL L 20 -33.41 -0.63 -32.27
N THR L 21 -32.08 -0.58 -32.26
CA THR L 21 -31.29 -0.03 -33.37
C THR L 21 -30.32 -1.07 -33.88
N ILE L 22 -30.47 -1.47 -35.14
CA ILE L 22 -29.59 -2.47 -35.72
C ILE L 22 -28.61 -1.78 -36.65
N THR L 23 -27.33 -2.13 -36.53
CA THR L 23 -26.27 -1.55 -37.35
C THR L 23 -25.83 -2.57 -38.40
N CYS L 24 -25.76 -2.13 -39.66
CA CYS L 24 -25.38 -3.04 -40.74
C CYS L 24 -23.87 -3.32 -40.64
N ARG L 25 -23.52 -4.60 -40.48
CA ARG L 25 -22.15 -5.01 -40.17
C ARG L 25 -21.52 -5.72 -41.35
N VAL L 30 -17.05 -0.76 -47.94
CA VAL L 30 -17.76 0.52 -47.81
C VAL L 30 -18.95 0.60 -48.77
N SER L 31 -20.16 0.54 -48.20
CA SER L 31 -21.38 0.52 -48.98
C SER L 31 -21.78 1.90 -49.46
N SER L 32 -22.35 1.96 -50.67
CA SER L 32 -22.89 3.21 -51.22
C SER L 32 -24.36 3.37 -50.90
N ALA L 33 -25.04 2.25 -50.63
CA ALA L 33 -26.42 2.26 -50.16
C ALA L 33 -26.73 0.96 -49.41
N VAL L 34 -27.80 0.98 -48.62
CA VAL L 34 -28.23 -0.18 -47.84
C VAL L 34 -29.75 -0.25 -47.81
N ALA L 35 -30.29 -1.47 -47.95
CA ALA L 35 -31.72 -1.70 -47.78
C ALA L 35 -31.93 -2.54 -46.54
N TRP L 36 -33.16 -2.52 -46.01
CA TRP L 36 -33.50 -3.34 -44.84
C TRP L 36 -34.74 -4.14 -45.09
N TYR L 37 -34.76 -5.37 -44.56
CA TYR L 37 -35.88 -6.30 -44.73
C TYR L 37 -36.31 -6.90 -43.41
N GLN L 38 -37.58 -7.26 -43.32
CA GLN L 38 -38.11 -8.07 -42.23
C GLN L 38 -38.50 -9.42 -42.79
N GLN L 39 -38.22 -10.50 -42.05
CA GLN L 39 -38.71 -11.82 -42.43
C GLN L 39 -39.30 -12.54 -41.22
N LYS L 40 -40.47 -13.17 -41.42
CA LYS L 40 -41.12 -14.01 -40.42
C LYS L 40 -41.16 -15.44 -40.95
N PRO L 41 -41.25 -16.44 -40.05
CA PRO L 41 -41.08 -17.85 -40.48
C PRO L 41 -42.00 -18.25 -41.63
N GLY L 42 -41.41 -18.90 -42.64
CA GLY L 42 -42.18 -19.42 -43.78
C GLY L 42 -42.58 -18.39 -44.83
N LYS L 43 -42.21 -17.13 -44.67
CA LYS L 43 -42.59 -16.10 -45.64
C LYS L 43 -41.36 -15.53 -46.35
N ALA L 44 -41.60 -14.91 -47.50
CA ALA L 44 -40.57 -14.14 -48.19
C ALA L 44 -40.22 -12.89 -47.37
N PRO L 45 -39.02 -12.32 -47.58
CA PRO L 45 -38.68 -11.05 -46.93
C PRO L 45 -39.56 -9.90 -47.41
N LYS L 46 -39.81 -8.92 -46.53
CA LYS L 46 -40.53 -7.69 -46.88
C LYS L 46 -39.57 -6.50 -46.81
N LEU L 47 -39.57 -5.66 -47.85
CA LEU L 47 -38.74 -4.45 -47.85
C LEU L 47 -39.27 -3.43 -46.85
N LEU L 48 -38.39 -2.91 -46.00
CA LEU L 48 -38.76 -1.90 -44.99
C LEU L 48 -38.23 -0.53 -45.40
N ILE L 49 -36.95 -0.49 -45.74
CA ILE L 49 -36.24 0.73 -46.07
C ILE L 49 -35.40 0.45 -47.32
N TYR L 50 -35.36 1.43 -48.22
CA TYR L 50 -34.52 1.34 -49.41
C TYR L 50 -33.76 2.64 -49.58
N SER L 51 -32.61 2.57 -50.27
CA SER L 51 -31.73 3.72 -50.46
C SER L 51 -31.33 4.37 -49.13
N ALA L 52 -30.95 3.52 -48.18
CA ALA L 52 -30.46 3.92 -46.85
C ALA L 52 -31.57 4.37 -45.91
N SER L 53 -32.47 5.24 -46.37
CA SER L 53 -33.39 5.92 -45.47
C SER L 53 -34.80 6.20 -46.01
N SER L 54 -35.15 5.66 -47.17
CA SER L 54 -36.50 5.86 -47.69
C SER L 54 -37.40 4.74 -47.19
N LEU L 55 -38.43 5.12 -46.44
CA LEU L 55 -39.43 4.20 -45.95
C LEU L 55 -40.20 3.67 -47.14
N TYR L 56 -40.35 2.35 -47.23
CA TYR L 56 -41.09 1.75 -48.34
C TYR L 56 -42.58 1.91 -48.08
N SER L 57 -43.33 2.15 -49.15
CA SER L 57 -44.76 2.42 -49.05
C SER L 57 -45.49 1.29 -48.34
N GLY L 58 -46.35 1.65 -47.38
CA GLY L 58 -47.09 0.68 -46.60
C GLY L 58 -46.43 0.31 -45.28
N VAL L 59 -45.14 0.61 -45.13
CA VAL L 59 -44.40 0.26 -43.91
C VAL L 59 -44.64 1.32 -42.82
N PRO L 60 -45.01 0.90 -41.60
CA PRO L 60 -45.29 1.85 -40.51
C PRO L 60 -44.11 2.78 -40.22
N SER L 61 -44.41 4.01 -39.80
CA SER L 61 -43.38 5.04 -39.65
C SER L 61 -42.43 4.84 -38.46
N ARG L 62 -42.73 3.89 -37.58
CA ARG L 62 -41.81 3.54 -36.48
C ARG L 62 -40.50 2.90 -36.98
N PHE L 63 -40.48 2.43 -38.23
CA PHE L 63 -39.25 1.99 -38.87
C PHE L 63 -38.58 3.15 -39.55
N SER L 64 -37.28 3.30 -39.29
CA SER L 64 -36.48 4.30 -39.99
C SER L 64 -35.06 3.82 -40.23
N GLY L 65 -34.44 4.35 -41.28
CA GLY L 65 -33.08 4.02 -41.64
C GLY L 65 -32.26 5.29 -41.74
N SER L 66 -30.97 5.18 -41.46
CA SER L 66 -30.11 6.34 -41.48
C SER L 66 -28.67 5.95 -41.82
N ARG L 67 -27.98 6.87 -42.48
CA ARG L 67 -26.56 6.74 -42.73
C ARG L 67 -25.86 7.78 -41.87
N SER L 68 -24.81 7.35 -41.19
CA SER L 68 -23.93 8.26 -40.47
C SER L 68 -22.52 7.84 -40.81
N GLY L 69 -21.87 8.64 -41.64
CA GLY L 69 -20.56 8.28 -42.16
C GLY L 69 -20.74 7.04 -43.02
N THR L 70 -20.00 5.99 -42.68
CA THR L 70 -20.09 4.73 -43.40
C THR L 70 -20.88 3.69 -42.62
N ASP L 71 -21.65 4.13 -41.61
CA ASP L 71 -22.45 3.22 -40.78
C ASP L 71 -23.93 3.39 -41.09
N PHE L 72 -24.60 2.29 -41.41
CA PHE L 72 -26.01 2.33 -41.74
C PHE L 72 -26.80 1.64 -40.63
N THR L 73 -27.87 2.28 -40.16
CA THR L 73 -28.69 1.71 -39.11
C THR L 73 -30.16 1.62 -39.47
N LEU L 74 -30.83 0.63 -38.89
CA LEU L 74 -32.27 0.55 -38.86
C LEU L 74 -32.69 0.77 -37.41
N THR L 75 -33.62 1.69 -37.17
CA THR L 75 -34.20 1.85 -35.85
C THR L 75 -35.68 1.52 -35.87
N ILE L 76 -36.11 0.67 -34.95
CA ILE L 76 -37.53 0.49 -34.66
C ILE L 76 -37.77 1.29 -33.37
N SER L 77 -38.49 2.40 -33.49
CA SER L 77 -38.56 3.40 -32.43
C SER L 77 -39.28 2.92 -31.17
N SER L 78 -40.40 2.22 -31.33
CA SER L 78 -41.03 1.51 -30.22
C SER L 78 -41.65 0.22 -30.72
N LEU L 79 -41.11 -0.89 -30.22
CA LEU L 79 -41.40 -2.23 -30.73
C LEU L 79 -42.85 -2.65 -30.42
N GLN L 80 -43.58 -3.05 -31.46
CA GLN L 80 -44.93 -3.62 -31.33
C GLN L 80 -44.86 -5.14 -31.35
N PRO L 81 -45.92 -5.83 -30.85
CA PRO L 81 -46.00 -7.29 -30.90
C PRO L 81 -45.67 -7.91 -32.26
N GLU L 82 -46.06 -7.25 -33.35
CA GLU L 82 -45.87 -7.77 -34.71
C GLU L 82 -44.46 -7.54 -35.30
N ASP L 83 -43.61 -6.81 -34.56
CA ASP L 83 -42.24 -6.50 -35.01
C ASP L 83 -41.23 -7.56 -34.62
N PHE L 84 -41.65 -8.51 -33.80
CA PHE L 84 -40.78 -9.61 -33.42
C PHE L 84 -40.63 -10.53 -34.64
N ALA L 85 -39.39 -10.71 -35.09
CA ALA L 85 -39.10 -11.20 -36.42
C ALA L 85 -37.61 -11.07 -36.69
N THR L 86 -37.19 -11.51 -37.87
CA THR L 86 -35.79 -11.45 -38.24
C THR L 86 -35.56 -10.29 -39.18
N TYR L 87 -34.40 -9.63 -39.04
CA TYR L 87 -34.08 -8.45 -39.84
C TYR L 87 -32.74 -8.62 -40.55
N TYR L 88 -32.71 -8.15 -41.81
CA TYR L 88 -31.53 -8.26 -42.67
C TYR L 88 -31.20 -6.90 -43.26
N CYS L 89 -29.93 -6.54 -43.28
CA CYS L 89 -29.50 -5.39 -44.06
C CYS L 89 -28.92 -5.92 -45.36
N GLN L 90 -29.06 -5.12 -46.41
CA GLN L 90 -28.58 -5.47 -47.73
C GLN L 90 -27.63 -4.37 -48.22
N GLN L 91 -26.39 -4.74 -48.50
CA GLN L 91 -25.36 -3.77 -48.93
C GLN L 91 -25.28 -3.70 -50.46
N PHE L 92 -25.23 -2.48 -51.00
CA PHE L 92 -24.96 -2.27 -52.42
C PHE L 92 -23.65 -1.52 -52.61
N LYS L 93 -22.68 -2.15 -53.26
CA LYS L 93 -21.38 -1.49 -53.55
C LYS L 93 -20.89 -1.72 -54.98
N ARG L 94 -19.96 -0.86 -55.42
CA ARG L 94 -19.37 -0.94 -56.77
C ARG L 94 -18.05 -1.70 -56.75
N GLN L 95 -18.06 -2.88 -56.12
CA GLN L 95 -16.87 -3.71 -55.96
C GLN L 95 -17.33 -5.12 -55.58
N LYS L 96 -16.84 -6.13 -56.28
CA LYS L 96 -17.31 -7.51 -56.10
C LYS L 96 -17.22 -7.98 -54.64
N GLU L 97 -18.28 -8.58 -54.07
CA GLU L 97 -19.59 -8.80 -54.70
C GLU L 97 -20.42 -7.53 -54.57
N PRO L 98 -21.21 -7.20 -55.61
CA PRO L 98 -21.95 -5.93 -55.60
C PRO L 98 -23.17 -5.87 -54.68
N ILE L 99 -23.78 -7.03 -54.39
CA ILE L 99 -24.95 -7.11 -53.53
C ILE L 99 -24.73 -8.17 -52.47
N THR L 100 -24.80 -7.79 -51.20
CA THR L 100 -24.64 -8.74 -50.09
C THR L 100 -25.67 -8.50 -49.01
N PHE L 101 -26.26 -9.59 -48.52
CA PHE L 101 -27.11 -9.55 -47.35
C PHE L 101 -26.26 -9.85 -46.13
N GLY L 102 -26.44 -9.10 -45.06
CA GLY L 102 -25.77 -9.40 -43.79
C GLY L 102 -26.49 -10.51 -43.04
N GLN L 103 -25.90 -10.95 -41.93
CA GLN L 103 -26.49 -11.95 -41.05
C GLN L 103 -27.83 -11.45 -40.51
N GLY L 104 -28.80 -12.35 -40.41
CA GLY L 104 -30.08 -11.99 -39.80
C GLY L 104 -29.93 -11.61 -38.33
N THR L 105 -30.73 -10.64 -37.90
CA THR L 105 -30.89 -10.34 -36.48
C THR L 105 -32.33 -10.70 -36.11
N LYS L 106 -32.48 -11.72 -35.28
CA LYS L 106 -33.79 -12.20 -34.87
C LYS L 106 -34.16 -11.54 -33.56
N VAL L 107 -35.17 -10.68 -33.60
CA VAL L 107 -35.68 -9.99 -32.42
C VAL L 107 -36.74 -10.84 -31.72
N GLU L 108 -36.42 -11.31 -30.51
CA GLU L 108 -37.30 -12.24 -29.76
C GLU L 108 -37.82 -11.55 -28.51
N ILE L 109 -38.91 -12.09 -27.94
CA ILE L 109 -39.59 -11.43 -26.85
C ILE L 109 -39.03 -11.85 -25.50
N LYS L 110 -38.88 -10.85 -24.63
CA LYS L 110 -38.30 -11.06 -23.30
C LYS L 110 -39.40 -11.59 -22.38
N ARG L 111 -38.99 -12.33 -21.37
CA ARG L 111 -39.92 -13.12 -20.58
C ARG L 111 -39.20 -13.54 -19.31
N THR L 112 -39.94 -13.88 -18.26
CA THR L 112 -39.30 -14.37 -17.03
C THR L 112 -38.71 -15.77 -17.26
N VAL L 113 -37.61 -16.04 -16.57
CA VAL L 113 -36.97 -17.35 -16.63
C VAL L 113 -37.99 -18.44 -16.28
N ALA L 114 -38.05 -19.47 -17.13
CA ALA L 114 -38.92 -20.61 -16.90
C ALA L 114 -38.10 -21.85 -17.14
N ALA L 115 -38.04 -22.74 -16.16
CA ALA L 115 -37.27 -23.96 -16.27
C ALA L 115 -38.02 -24.97 -17.13
N PRO L 116 -37.30 -25.82 -17.87
CA PRO L 116 -37.98 -26.82 -18.69
C PRO L 116 -38.57 -27.95 -17.87
N SER L 117 -39.68 -28.51 -18.34
CA SER L 117 -40.07 -29.86 -17.92
C SER L 117 -39.31 -30.83 -18.80
N VAL L 118 -38.65 -31.79 -18.18
CA VAL L 118 -37.84 -32.75 -18.92
C VAL L 118 -38.54 -34.10 -18.96
N PHE L 119 -38.62 -34.68 -20.16
CA PHE L 119 -39.14 -36.03 -20.35
C PHE L 119 -38.15 -36.85 -21.19
N ILE L 120 -38.05 -38.14 -20.88
CA ILE L 120 -37.17 -39.04 -21.65
C ILE L 120 -38.01 -40.19 -22.23
N PHE L 121 -37.75 -40.53 -23.49
CA PHE L 121 -38.49 -41.59 -24.17
C PHE L 121 -37.54 -42.66 -24.67
N PRO L 122 -37.74 -43.91 -24.22
CA PRO L 122 -36.95 -44.99 -24.78
C PRO L 122 -37.40 -45.32 -26.21
N PRO L 123 -36.55 -46.05 -26.95
CA PRO L 123 -36.94 -46.56 -28.27
C PRO L 123 -38.08 -47.57 -28.19
N SER L 124 -38.97 -47.56 -29.18
CA SER L 124 -40.11 -48.45 -29.24
C SER L 124 -39.61 -49.81 -29.71
N ASP L 125 -40.36 -50.86 -29.38
CA ASP L 125 -39.97 -52.21 -29.81
C ASP L 125 -39.95 -52.30 -31.34
N SER L 126 -40.92 -51.65 -31.99
CA SER L 126 -40.97 -51.64 -33.45
C SER L 126 -39.71 -51.05 -34.09
N GLN L 127 -39.17 -49.96 -33.54
CA GLN L 127 -37.92 -49.40 -34.09
C GLN L 127 -36.76 -50.37 -33.93
N LEU L 128 -36.67 -50.96 -32.73
CA LEU L 128 -35.58 -51.88 -32.40
C LEU L 128 -35.49 -53.07 -33.36
N LYS L 129 -36.66 -53.57 -33.78
CA LYS L 129 -36.72 -54.56 -34.86
C LYS L 129 -35.87 -54.11 -36.05
N SER L 130 -35.99 -52.83 -36.42
CA SER L 130 -35.32 -52.27 -37.60
C SER L 130 -33.79 -52.14 -37.48
N GLY L 131 -33.23 -52.39 -36.31
CA GLY L 131 -31.78 -52.39 -36.13
C GLY L 131 -31.20 -51.09 -35.61
N THR L 132 -32.06 -50.10 -35.37
CA THR L 132 -31.66 -48.79 -34.83
C THR L 132 -32.47 -48.46 -33.59
N ALA L 133 -31.88 -47.66 -32.70
CA ALA L 133 -32.54 -47.21 -31.48
C ALA L 133 -32.37 -45.70 -31.33
N SER L 134 -33.49 -45.00 -31.33
CA SER L 134 -33.53 -43.56 -31.11
C SER L 134 -34.04 -43.31 -29.70
N VAL L 135 -33.25 -42.62 -28.89
CA VAL L 135 -33.69 -42.21 -27.57
C VAL L 135 -33.96 -40.72 -27.64
N VAL L 136 -35.15 -40.30 -27.25
CA VAL L 136 -35.51 -38.88 -27.31
C VAL L 136 -35.61 -38.25 -25.93
N CYS L 137 -35.03 -37.06 -25.80
CA CYS L 137 -35.19 -36.24 -24.61
C CYS L 137 -35.92 -34.97 -25.00
N LEU L 138 -37.00 -34.66 -24.27
CA LEU L 138 -37.83 -33.47 -24.52
C LEU L 138 -37.67 -32.46 -23.37
N LEU L 139 -37.27 -31.24 -23.71
CA LEU L 139 -37.28 -30.11 -22.77
C LEU L 139 -38.45 -29.23 -23.19
N ASN L 140 -39.46 -29.11 -22.33
CA ASN L 140 -40.72 -28.47 -22.67
C ASN L 140 -40.91 -27.09 -22.04
N ASN L 141 -41.26 -26.11 -22.86
CA ASN L 141 -41.70 -24.78 -22.41
C ASN L 141 -40.74 -24.08 -21.43
N PHE L 142 -39.54 -23.76 -21.92
CA PHE L 142 -38.54 -23.10 -21.12
C PHE L 142 -38.17 -21.73 -21.72
N TYR L 143 -37.49 -20.93 -20.91
CA TYR L 143 -37.00 -19.62 -21.33
C TYR L 143 -35.90 -19.19 -20.33
N PRO L 144 -34.75 -18.68 -20.84
CA PRO L 144 -34.42 -18.38 -22.24
C PRO L 144 -34.12 -19.62 -23.07
N ARG L 145 -33.86 -19.40 -24.35
CA ARG L 145 -33.66 -20.45 -25.34
C ARG L 145 -32.42 -21.29 -25.07
N GLU L 146 -31.38 -20.69 -24.50
CA GLU L 146 -30.13 -21.38 -24.23
C GLU L 146 -30.35 -22.48 -23.19
N ALA L 147 -29.90 -23.69 -23.50
CA ALA L 147 -30.05 -24.85 -22.62
C ALA L 147 -29.07 -25.93 -23.05
N LYS L 148 -28.50 -26.64 -22.07
CA LYS L 148 -27.56 -27.73 -22.34
C LYS L 148 -28.22 -29.08 -22.07
N VAL L 149 -28.12 -29.98 -23.05
CA VAL L 149 -28.54 -31.36 -22.89
C VAL L 149 -27.31 -32.26 -22.99
N GLN L 150 -27.04 -33.02 -21.94
CA GLN L 150 -25.92 -33.96 -21.93
C GLN L 150 -26.44 -35.39 -21.81
N TRP L 151 -26.13 -36.22 -22.80
CA TRP L 151 -26.52 -37.63 -22.76
C TRP L 151 -25.53 -38.45 -21.99
N LYS L 152 -26.03 -39.46 -21.27
CA LYS L 152 -25.18 -40.41 -20.56
C LYS L 152 -25.71 -41.82 -20.75
N VAL L 153 -24.80 -42.74 -21.03
CA VAL L 153 -25.13 -44.16 -21.22
C VAL L 153 -24.26 -44.97 -20.26
N ASP L 154 -24.89 -45.68 -19.32
CA ASP L 154 -24.19 -46.31 -18.20
C ASP L 154 -23.24 -45.30 -17.55
N ASN L 155 -23.74 -44.08 -17.37
CA ASN L 155 -22.98 -42.98 -16.76
C ASN L 155 -21.74 -42.51 -17.55
N ALA L 156 -21.58 -42.93 -18.81
CA ALA L 156 -20.52 -42.39 -19.68
C ALA L 156 -21.08 -41.20 -20.43
N LEU L 157 -20.35 -40.08 -20.41
CA LEU L 157 -20.80 -38.87 -21.09
C LEU L 157 -20.66 -39.03 -22.60
N GLN L 158 -21.74 -38.75 -23.34
CA GLN L 158 -21.76 -38.89 -24.79
C GLN L 158 -21.46 -37.59 -25.54
N SER L 159 -21.00 -37.73 -26.78
CA SER L 159 -20.85 -36.62 -27.69
C SER L 159 -20.70 -37.13 -29.11
N GLY L 160 -21.39 -36.49 -30.05
CA GLY L 160 -21.26 -36.86 -31.45
C GLY L 160 -22.35 -37.78 -31.97
N ASN L 161 -23.15 -38.37 -31.08
CA ASN L 161 -24.20 -39.31 -31.47
C ASN L 161 -25.63 -38.82 -31.17
N SER L 162 -25.80 -37.51 -31.07
CA SER L 162 -27.13 -36.94 -30.95
C SER L 162 -27.31 -35.70 -31.84
N GLN L 163 -28.56 -35.36 -32.09
CA GLN L 163 -28.94 -34.14 -32.81
C GLN L 163 -30.08 -33.44 -32.03
N GLU L 164 -30.01 -32.12 -31.94
CA GLU L 164 -31.06 -31.28 -31.33
C GLU L 164 -31.86 -30.53 -32.36
N SER L 165 -33.06 -30.15 -31.95
CA SER L 165 -33.90 -29.25 -32.72
C SER L 165 -34.71 -28.40 -31.74
N VAL L 166 -34.89 -27.11 -32.04
CA VAL L 166 -35.63 -26.22 -31.14
C VAL L 166 -36.79 -25.56 -31.87
N THR L 167 -37.93 -25.43 -31.18
CA THR L 167 -39.08 -24.76 -31.78
C THR L 167 -38.88 -23.25 -31.79
N GLU L 168 -39.68 -22.58 -32.61
CA GLU L 168 -39.82 -21.13 -32.56
C GLU L 168 -40.48 -20.73 -31.26
N GLN L 169 -40.27 -19.47 -30.86
CA GLN L 169 -40.85 -18.95 -29.64
C GLN L 169 -42.38 -19.06 -29.68
N ASP L 170 -42.97 -19.59 -28.63
CA ASP L 170 -44.41 -19.81 -28.61
C ASP L 170 -45.14 -18.47 -28.58
N SER L 171 -46.12 -18.32 -29.47
CA SER L 171 -46.84 -17.06 -29.63
C SER L 171 -47.72 -16.72 -28.44
N LYS L 172 -48.08 -17.74 -27.66
CA LYS L 172 -48.91 -17.54 -26.46
C LYS L 172 -48.09 -17.33 -25.20
N ASP L 173 -47.14 -18.20 -24.90
CA ASP L 173 -46.38 -18.11 -23.64
C ASP L 173 -44.90 -17.72 -23.76
N SER L 174 -44.45 -17.42 -24.97
CA SER L 174 -43.07 -16.95 -25.22
C SER L 174 -41.94 -17.91 -24.81
N THR L 175 -42.26 -19.19 -24.65
CA THR L 175 -41.26 -20.20 -24.33
C THR L 175 -40.73 -20.91 -25.59
N TYR L 176 -39.67 -21.67 -25.40
CA TYR L 176 -39.13 -22.57 -26.40
C TYR L 176 -39.27 -23.99 -25.90
N SER L 177 -39.22 -24.92 -26.83
CA SER L 177 -39.07 -26.32 -26.51
C SER L 177 -37.97 -26.90 -27.37
N LEU L 178 -37.40 -28.00 -26.91
CA LEU L 178 -36.22 -28.55 -27.52
C LEU L 178 -36.33 -30.03 -27.50
N SER L 179 -35.90 -30.64 -28.58
CA SER L 179 -35.91 -32.07 -28.73
C SER L 179 -34.48 -32.46 -29.01
N SER L 180 -34.05 -33.57 -28.43
CA SER L 180 -32.70 -34.07 -28.65
C SER L 180 -32.82 -35.57 -28.78
N THR L 181 -32.28 -36.10 -29.88
CA THR L 181 -32.37 -37.51 -30.16
C THR L 181 -30.98 -38.09 -30.10
N LEU L 182 -30.85 -39.19 -29.38
CA LEU L 182 -29.62 -39.97 -29.32
C LEU L 182 -29.86 -41.22 -30.16
N THR L 183 -29.00 -41.45 -31.14
CA THR L 183 -29.16 -42.60 -32.03
C THR L 183 -28.00 -43.57 -31.88
N LEU L 184 -28.33 -44.82 -31.60
CA LEU L 184 -27.36 -45.91 -31.54
C LEU L 184 -27.88 -47.06 -32.36
N SER L 185 -26.99 -47.94 -32.81
CA SER L 185 -27.42 -49.20 -33.41
C SER L 185 -28.16 -50.02 -32.35
N LYS L 186 -28.99 -50.95 -32.80
CA LYS L 186 -29.67 -51.89 -31.89
C LYS L 186 -28.63 -52.61 -31.02
N ALA L 187 -27.53 -53.02 -31.65
CA ALA L 187 -26.48 -53.78 -30.96
C ALA L 187 -25.88 -52.98 -29.82
N ASP L 188 -25.50 -51.74 -30.10
CA ASP L 188 -24.94 -50.84 -29.09
C ASP L 188 -25.96 -50.52 -28.01
N TYR L 189 -27.21 -50.30 -28.41
CA TYR L 189 -28.28 -50.04 -27.44
C TYR L 189 -28.40 -51.15 -26.40
N GLU L 190 -28.32 -52.40 -26.86
CA GLU L 190 -28.51 -53.56 -25.98
C GLU L 190 -27.28 -53.90 -25.15
N LYS L 191 -26.14 -53.28 -25.46
CA LYS L 191 -24.92 -53.45 -24.68
C LYS L 191 -24.91 -52.59 -23.41
N HIS L 192 -25.94 -51.77 -23.20
CA HIS L 192 -25.96 -50.85 -22.05
C HIS L 192 -27.28 -50.83 -21.36
N LYS L 193 -27.27 -50.33 -20.13
CA LYS L 193 -28.44 -50.39 -19.25
C LYS L 193 -29.09 -49.03 -19.01
N VAL L 194 -28.33 -48.09 -18.44
CA VAL L 194 -28.89 -46.80 -18.01
C VAL L 194 -28.75 -45.73 -19.09
N TYR L 195 -29.87 -45.17 -19.51
CA TYR L 195 -29.91 -44.07 -20.48
C TYR L 195 -30.43 -42.81 -19.79
N ALA L 196 -29.61 -41.77 -19.77
CA ALA L 196 -29.91 -40.58 -18.99
C ALA L 196 -29.72 -39.32 -19.82
N CYS L 197 -30.67 -38.41 -19.68
CA CYS L 197 -30.61 -37.10 -20.30
C CYS L 197 -30.47 -36.03 -19.21
N GLU L 198 -29.28 -35.42 -19.09
CA GLU L 198 -29.04 -34.37 -18.10
C GLU L 198 -29.22 -32.96 -18.69
N VAL L 199 -30.07 -32.18 -18.05
CA VAL L 199 -30.43 -30.85 -18.52
C VAL L 199 -29.92 -29.76 -17.56
N THR L 200 -29.11 -28.84 -18.10
CA THR L 200 -28.71 -27.63 -17.36
C THR L 200 -29.37 -26.43 -18.03
N HIS L 201 -29.84 -25.49 -17.20
CA HIS L 201 -30.59 -24.33 -17.68
C HIS L 201 -30.68 -23.28 -16.61
N GLN L 202 -30.75 -22.02 -17.04
CA GLN L 202 -30.80 -20.87 -16.15
C GLN L 202 -31.83 -21.01 -15.02
N GLY L 203 -33.01 -21.53 -15.34
CA GLY L 203 -34.09 -21.69 -14.37
C GLY L 203 -34.00 -22.91 -13.47
N LEU L 204 -32.93 -23.69 -13.60
CA LEU L 204 -32.69 -24.84 -12.74
C LEU L 204 -31.44 -24.57 -11.88
N SER L 205 -31.59 -24.66 -10.56
CA SER L 205 -30.47 -24.36 -9.65
C SER L 205 -29.43 -25.45 -9.68
N SER L 206 -29.83 -26.68 -10.01
CA SER L 206 -28.90 -27.76 -10.33
C SER L 206 -29.49 -28.61 -11.45
N PRO L 207 -28.65 -29.43 -12.12
CA PRO L 207 -29.13 -30.18 -13.28
C PRO L 207 -30.28 -31.16 -12.99
N VAL L 208 -31.24 -31.22 -13.90
CA VAL L 208 -32.28 -32.24 -13.86
C VAL L 208 -31.87 -33.39 -14.76
N THR L 209 -31.91 -34.62 -14.22
CA THR L 209 -31.59 -35.81 -15.00
C THR L 209 -32.81 -36.72 -15.06
N LYS L 210 -33.24 -37.02 -16.28
CA LYS L 210 -34.31 -37.99 -16.51
C LYS L 210 -33.70 -39.22 -17.16
N SER L 211 -34.09 -40.40 -16.70
CA SER L 211 -33.50 -41.63 -17.19
C SER L 211 -34.43 -42.85 -17.09
N PHE L 212 -33.99 -43.93 -17.71
CA PHE L 212 -34.68 -45.21 -17.64
C PHE L 212 -33.64 -46.30 -17.76
N ASN L 213 -34.01 -47.50 -17.32
CA ASN L 213 -33.23 -48.69 -17.55
C ASN L 213 -33.86 -49.47 -18.68
N ARG L 214 -33.05 -49.93 -19.63
CA ARG L 214 -33.50 -50.80 -20.70
C ARG L 214 -33.71 -52.20 -20.13
N GLY L 215 -34.93 -52.74 -20.10
CA GLY L 215 -36.19 -52.04 -20.35
C GLY L 215 -37.17 -52.48 -19.27
N GLU L 216 -37.44 -51.60 -18.31
CA GLU L 216 -38.28 -51.93 -17.16
C GLU L 216 -39.76 -51.61 -17.44
N CYS L 217 -40.61 -51.70 -16.41
CA CYS L 217 -42.08 -51.49 -16.48
C CYS L 217 -42.80 -52.82 -16.72
N GLY M 3 -0.32 -54.71 5.88
CA GLY M 3 0.72 -55.79 5.71
C GLY M 3 2.12 -55.19 5.78
N SER M 4 2.76 -55.02 4.62
CA SER M 4 3.99 -54.25 4.56
C SER M 4 3.69 -52.76 4.75
N ALA M 5 2.44 -52.35 4.52
CA ALA M 5 2.01 -50.96 4.74
C ALA M 5 2.08 -50.56 6.21
N THR M 6 1.79 -51.50 7.10
CA THR M 6 1.79 -51.23 8.55
C THR M 6 3.13 -51.52 9.26
N ARG M 7 4.04 -52.19 8.59
CA ARG M 7 5.24 -52.75 9.24
C ARG M 7 6.22 -51.69 9.80
N GLU M 8 6.51 -50.65 9.04
CA GLU M 8 7.52 -49.68 9.43
C GLU M 8 7.13 -48.94 10.70
N LEU M 9 5.92 -48.41 10.73
CA LEU M 9 5.43 -47.68 11.89
C LEU M 9 5.28 -48.60 13.09
N ASP M 10 4.76 -49.81 12.87
CA ASP M 10 4.64 -50.78 13.96
C ASP M 10 6.01 -51.11 14.58
N GLU M 11 7.03 -51.32 13.75
CA GLU M 11 8.39 -51.55 14.26
C GLU M 11 8.95 -50.31 14.97
N LEU M 12 8.70 -49.12 14.42
CA LEU M 12 9.06 -47.88 15.09
C LEU M 12 8.45 -47.83 16.49
N MET M 13 7.15 -48.10 16.62
CA MET M 13 6.47 -47.99 17.92
C MET M 13 6.98 -49.04 18.93
N ALA M 14 7.15 -50.27 18.45
CA ALA M 14 7.59 -51.38 19.29
C ALA M 14 9.01 -51.16 19.85
N SER M 15 9.84 -50.45 19.09
CA SER M 15 11.23 -50.19 19.48
C SER M 15 11.44 -49.08 20.51
N LEU M 16 10.39 -48.32 20.83
CA LEU M 16 10.54 -47.14 21.70
C LEU M 16 10.92 -47.52 23.14
N SER M 17 11.79 -46.70 23.75
CA SER M 17 12.22 -46.94 25.14
C SER M 17 12.13 -45.69 26.05
N ASP M 18 11.68 -44.55 25.52
CA ASP M 18 11.61 -43.31 26.29
C ASP M 18 10.86 -42.22 25.54
N ALA N 5 -5.66 -4.76 58.29
CA ALA N 5 -5.40 -4.82 56.84
C ALA N 5 -5.54 -6.25 56.33
N THR N 6 -4.68 -7.13 56.82
CA THR N 6 -4.63 -8.53 56.37
C THR N 6 -5.75 -9.40 56.96
N ARG N 7 -6.51 -8.85 57.91
CA ARG N 7 -7.57 -9.59 58.61
C ARG N 7 -8.66 -10.11 57.66
N GLU N 8 -8.93 -9.38 56.59
CA GLU N 8 -9.98 -9.76 55.62
C GLU N 8 -9.58 -10.91 54.70
N LEU N 9 -8.41 -10.79 54.08
CA LEU N 9 -7.94 -11.81 53.13
C LEU N 9 -7.61 -13.13 53.82
N ASP N 10 -6.95 -13.06 54.97
CA ASP N 10 -6.54 -14.25 55.71
C ASP N 10 -7.75 -15.08 56.18
N GLU N 11 -8.86 -14.42 56.50
CA GLU N 11 -10.12 -15.10 56.84
C GLU N 11 -10.71 -15.84 55.64
N LEU N 12 -10.65 -15.19 54.48
CA LEU N 12 -11.14 -15.78 53.23
C LEU N 12 -10.31 -17.00 52.82
N MET N 13 -9.00 -16.93 53.01
CA MET N 13 -8.09 -18.04 52.68
C MET N 13 -8.24 -19.22 53.64
N ALA N 14 -8.70 -18.95 54.86
CA ALA N 14 -8.94 -20.00 55.85
C ALA N 14 -10.03 -20.97 55.41
N SER N 15 -11.13 -20.45 54.85
CA SER N 15 -12.24 -21.29 54.39
C SER N 15 -11.88 -22.03 53.11
N GLY O 2 -5.01 40.80 43.64
CA GLY O 2 -6.07 41.83 43.55
C GLY O 2 -5.48 43.23 43.47
N GLY O 3 -5.79 44.05 44.48
CA GLY O 3 -5.20 45.39 44.60
C GLY O 3 -3.73 45.33 44.96
N SER O 4 -3.37 44.44 45.88
CA SER O 4 -1.97 44.26 46.28
C SER O 4 -1.16 43.51 45.20
N ALA O 5 -1.82 42.84 44.27
CA ALA O 5 -1.11 42.15 43.19
C ALA O 5 -0.60 43.13 42.12
N THR O 6 -1.29 44.25 41.96
CA THR O 6 -0.91 45.24 40.96
C THR O 6 -0.14 46.42 41.54
N ARG O 7 -0.13 46.56 42.86
CA ARG O 7 0.35 47.76 43.53
C ARG O 7 1.82 48.06 43.28
N GLU O 8 2.68 47.06 43.48
CA GLU O 8 4.12 47.29 43.46
C GLU O 8 4.62 47.77 42.10
N LEU O 9 4.20 47.10 41.03
CA LEU O 9 4.59 47.52 39.69
C LEU O 9 3.97 48.88 39.32
N ASP O 10 2.73 49.12 39.70
CA ASP O 10 2.08 50.41 39.45
C ASP O 10 2.79 51.56 40.17
N GLU O 11 3.21 51.32 41.41
CA GLU O 11 3.97 52.34 42.16
C GLU O 11 5.32 52.61 41.48
N LEU O 12 5.94 51.57 40.93
CA LEU O 12 7.23 51.69 40.26
C LEU O 12 7.08 52.51 38.98
N MET O 13 6.12 52.12 38.14
CA MET O 13 5.86 52.84 36.89
C MET O 13 5.53 54.32 37.15
N ALA O 14 4.66 54.57 38.12
CA ALA O 14 4.29 55.95 38.49
C ALA O 14 5.51 56.80 38.87
N SER O 15 6.47 56.18 39.54
CA SER O 15 7.66 56.87 40.06
C SER O 15 8.66 57.30 38.99
N LEU O 16 8.60 56.69 37.81
CA LEU O 16 9.60 56.94 36.77
C LEU O 16 9.81 58.42 36.42
N SER O 17 11.07 58.83 36.43
CA SER O 17 11.52 60.12 35.90
C SER O 17 12.74 59.95 34.98
N ASP O 18 13.54 58.90 35.23
CA ASP O 18 14.63 58.50 34.33
C ASP O 18 14.06 57.84 33.08
N SER P 4 5.09 -50.89 -44.72
CA SER P 4 4.42 -51.54 -43.57
C SER P 4 3.59 -50.54 -42.78
N ALA P 5 4.23 -49.46 -42.34
CA ALA P 5 3.56 -48.39 -41.60
C ALA P 5 2.84 -47.43 -42.53
N THR P 6 3.34 -47.28 -43.76
CA THR P 6 2.75 -46.36 -44.73
C THR P 6 1.89 -47.05 -45.81
N ARG P 7 1.89 -48.40 -45.84
CA ARG P 7 1.35 -49.15 -46.98
C ARG P 7 -0.19 -49.07 -47.15
N GLU P 8 -0.92 -49.06 -46.04
CA GLU P 8 -2.39 -49.06 -46.10
C GLU P 8 -3.00 -47.73 -46.57
N LEU P 9 -2.46 -46.61 -46.08
CA LEU P 9 -2.93 -45.28 -46.52
C LEU P 9 -2.51 -44.98 -47.97
N ASP P 10 -1.29 -45.38 -48.34
CA ASP P 10 -0.83 -45.20 -49.72
C ASP P 10 -1.71 -46.01 -50.69
N GLU P 11 -2.03 -47.25 -50.34
CA GLU P 11 -2.96 -48.07 -51.14
C GLU P 11 -4.35 -47.41 -51.26
N LEU P 12 -4.83 -46.79 -50.17
CA LEU P 12 -6.10 -46.06 -50.20
C LEU P 12 -6.02 -44.86 -51.16
N MET P 13 -4.97 -44.06 -51.03
CA MET P 13 -4.80 -42.88 -51.88
C MET P 13 -4.60 -43.23 -53.36
N ALA P 14 -3.81 -44.27 -53.63
CA ALA P 14 -3.54 -44.75 -54.99
C ALA P 14 -4.78 -45.24 -55.72
N SER P 15 -5.78 -45.72 -54.97
CA SER P 15 -7.01 -46.29 -55.56
C SER P 15 -8.08 -45.27 -55.92
N LEU P 16 -7.85 -43.98 -55.62
CA LEU P 16 -8.85 -42.93 -55.83
C LEU P 16 -9.01 -42.51 -57.30
N SER P 17 -10.14 -41.86 -57.59
CA SER P 17 -10.51 -41.36 -58.92
C SER P 17 -10.22 -42.35 -60.05
N SER Q 4 -35.84 5.22 -63.74
CA SER Q 4 -36.11 5.88 -62.42
C SER Q 4 -35.95 4.89 -61.27
N ALA Q 5 -36.82 3.88 -61.25
CA ALA Q 5 -36.82 2.88 -60.19
C ALA Q 5 -35.69 1.86 -60.35
N THR Q 6 -35.42 1.45 -61.58
CA THR Q 6 -34.36 0.47 -61.87
C THR Q 6 -33.00 1.11 -62.21
N ARG Q 7 -33.00 2.41 -62.51
CA ARG Q 7 -31.81 3.13 -63.02
C ARG Q 7 -30.54 3.01 -62.17
N GLU Q 8 -30.66 3.25 -60.86
CA GLU Q 8 -29.48 3.40 -60.00
C GLU Q 8 -28.71 2.10 -59.78
N LEU Q 9 -29.43 1.02 -59.48
CA LEU Q 9 -28.81 -0.29 -59.28
C LEU Q 9 -28.21 -0.85 -60.58
N ASP Q 10 -28.91 -0.65 -61.70
CA ASP Q 10 -28.44 -1.13 -63.01
C ASP Q 10 -27.11 -0.47 -63.43
N GLU Q 11 -27.00 0.85 -63.22
CA GLU Q 11 -25.76 1.58 -63.53
C GLU Q 11 -24.57 1.10 -62.67
N LEU Q 12 -24.84 0.78 -61.40
CA LEU Q 12 -23.83 0.22 -60.49
C LEU Q 12 -23.34 -1.16 -60.93
N MET Q 13 -24.28 -2.03 -61.34
CA MET Q 13 -23.94 -3.38 -61.81
C MET Q 13 -23.16 -3.34 -63.12
N ALA Q 14 -23.44 -2.35 -63.97
CA ALA Q 14 -22.69 -2.13 -65.22
C ALA Q 14 -21.24 -1.66 -64.99
N SER Q 15 -20.94 -1.10 -63.81
CA SER Q 15 -19.58 -0.68 -63.47
C SER Q 15 -19.07 -1.42 -62.23
N ALA R 5 36.11 61.84 -13.66
CA ALA R 5 36.55 61.06 -12.46
C ALA R 5 35.48 61.11 -11.37
N THR R 6 35.07 62.33 -11.01
CA THR R 6 34.00 62.55 -10.03
C THR R 6 32.64 62.82 -10.71
N ARG R 7 32.63 62.93 -12.04
CA ARG R 7 31.45 63.34 -12.81
C ARG R 7 30.23 62.40 -12.68
N GLU R 8 30.45 61.10 -12.82
CA GLU R 8 29.35 60.11 -12.80
C GLU R 8 28.61 60.07 -11.45
N LEU R 9 29.36 60.07 -10.36
CA LEU R 9 28.79 59.98 -9.01
C LEU R 9 28.05 61.26 -8.63
N ASP R 10 28.65 62.41 -8.94
CA ASP R 10 28.07 63.71 -8.60
C ASP R 10 26.70 63.92 -9.26
N GLU R 11 26.54 63.44 -10.49
CA GLU R 11 25.26 63.48 -11.20
C GLU R 11 24.21 62.59 -10.53
N LEU R 12 24.64 61.43 -10.04
CA LEU R 12 23.75 60.46 -9.37
C LEU R 12 23.28 60.97 -8.00
N MET R 13 24.21 61.58 -7.25
CA MET R 13 23.88 62.19 -5.96
C MET R 13 23.02 63.42 -6.19
N ALA R 14 23.42 64.27 -7.14
CA ALA R 14 22.68 65.49 -7.49
C ALA R 14 21.49 65.21 -8.43
N SER R 15 20.76 64.13 -8.18
CA SER R 15 19.51 63.83 -8.88
C SER R 15 18.62 62.90 -8.05
N LEU R 16 18.57 63.14 -6.74
CA LEU R 16 17.72 62.39 -5.82
C LEU R 16 16.39 63.13 -5.58
C1 GOL S . 2.88 -27.72 17.57
O1 GOL S . 3.80 -28.82 17.44
C2 GOL S . 1.46 -28.27 17.56
O2 GOL S . 1.24 -29.00 18.78
C3 GOL S . 0.43 -27.14 17.45
O3 GOL S . -0.75 -27.56 16.74
C1 GOL T . -20.65 -17.34 5.04
O1 GOL T . -20.34 -16.56 6.20
C2 GOL T . -19.40 -17.53 4.18
O2 GOL T . -18.80 -16.24 3.90
C3 GOL T . -18.41 -18.44 4.91
O3 GOL T . -17.20 -18.58 4.16
C1 GOL U . 13.94 3.09 2.76
O1 GOL U . 12.66 2.55 3.09
C2 GOL U . 14.78 1.93 2.28
O2 GOL U . 14.33 1.51 0.98
C3 GOL U . 16.23 2.39 2.24
O3 GOL U . 17.04 1.31 1.80
C1 GOL V . 19.11 7.87 9.37
O1 GOL V . 18.05 7.11 8.77
C2 GOL V . 18.59 9.25 9.73
O2 GOL V . 19.63 9.97 10.40
C3 GOL V . 18.15 10.02 8.49
O3 GOL V . 19.28 10.29 7.64
C1 GOL W . 24.68 -12.67 -0.90
O1 GOL W . 25.27 -13.90 -1.34
C2 GOL W . 25.38 -11.50 -1.58
O2 GOL W . 25.62 -11.78 -2.96
C3 GOL W . 24.51 -10.25 -1.46
O3 GOL W . 25.39 -9.13 -1.34
P PO4 X . 14.45 -2.03 -4.12
O1 PO4 X . 15.63 -2.94 -3.99
O2 PO4 X . 14.48 -1.40 -5.48
O3 PO4 X . 13.17 -2.77 -3.93
O4 PO4 X . 14.53 -0.99 -3.02
C1 GOL Y . 4.98 24.79 32.28
O1 GOL Y . 4.64 25.95 33.09
C2 GOL Y . 6.30 24.20 32.76
O2 GOL Y . 6.27 23.92 34.15
C3 GOL Y . 6.60 22.89 32.03
O3 GOL Y . 8.02 22.70 31.96
C1 GOL Z . 26.11 33.12 -11.31
O1 GOL Z . 26.66 32.87 -10.01
C2 GOL Z . 27.22 33.12 -12.35
O2 GOL Z . 26.69 33.43 -13.65
C3 GOL Z . 28.32 34.13 -11.98
O3 GOL Z . 27.72 35.37 -11.60
C1 GOL AA . 12.94 27.49 3.59
O1 GOL AA . 11.55 27.23 3.61
C2 GOL AA . 13.35 27.88 2.19
O2 GOL AA . 12.80 29.16 1.84
C3 GOL AA . 14.87 27.94 2.12
O3 GOL AA . 15.29 26.87 1.28
P PO4 BA . 22.95 9.67 -2.50
O1 PO4 BA . 22.35 8.41 -3.02
O2 PO4 BA . 24.42 9.70 -2.72
O3 PO4 BA . 22.66 9.78 -1.02
O4 PO4 BA . 22.40 10.85 -3.24
C ACT CA . 29.51 40.50 39.19
O ACT CA . 28.66 39.58 39.22
OXT ACT CA . 30.36 40.63 40.11
CH3 ACT CA . 29.50 41.46 38.04
N1 LDA DA . 25.80 30.35 40.49
O1 LDA DA . 26.95 29.89 40.54
CM1 LDA DA . 25.81 31.34 39.41
CM2 LDA DA . 25.44 30.99 41.76
C1 LDA DA . 24.82 29.30 40.14
C2 LDA DA . 24.76 28.17 41.18
C3 LDA DA . 24.27 26.86 40.57
C4 LDA DA . 23.34 26.06 41.50
C5 LDA DA . 24.09 24.95 42.24
C6 LDA DA . 23.39 24.56 43.54
C7 LDA DA . 24.00 23.31 44.16
C8 LDA DA . 23.22 22.87 45.40
C9 LDA DA . 22.00 22.02 45.06
C10 LDA DA . 22.16 20.52 45.30
C11 LDA DA . 20.95 19.86 45.95
C12 LDA DA . 20.76 18.44 45.48
C1 GOL EA . 23.37 39.15 49.41
O1 GOL EA . 22.47 38.55 48.48
C2 GOL EA . 23.09 40.66 49.50
O2 GOL EA . 21.87 40.90 50.21
C3 GOL EA . 24.25 41.36 50.22
O3 GOL EA . 25.06 42.05 49.26
C1 GOL FA . 10.12 -39.40 -57.22
O1 GOL FA . 10.56 -40.33 -58.21
C2 GOL FA . 10.27 -37.98 -57.77
O2 GOL FA . 9.03 -37.28 -57.62
C3 GOL FA . 11.36 -37.20 -57.02
O3 GOL FA . 12.63 -37.86 -57.13
C1 GOL GA . -57.87 -26.98 -23.05
O1 GOL GA . -58.70 -27.26 -24.18
C2 GOL GA . -56.87 -25.87 -23.37
O2 GOL GA . -57.13 -25.28 -24.65
C3 GOL GA . -56.93 -24.78 -22.30
O3 GOL GA . -56.06 -23.68 -22.62
C1 GOL HA . -36.96 -33.27 -33.48
O1 GOL HA . -37.52 -33.03 -34.76
C2 GOL HA . -35.77 -34.23 -33.59
O2 GOL HA . -35.05 -33.95 -34.78
C3 GOL HA . -34.91 -34.11 -32.33
O3 GOL HA . -33.55 -34.54 -32.52
C1 GOL IA . -16.19 -13.68 -9.25
O1 GOL IA . -17.13 -14.44 -10.01
C2 GOL IA . -15.50 -12.68 -10.18
O2 GOL IA . -16.43 -11.69 -10.58
C3 GOL IA . -14.30 -12.01 -9.51
O3 GOL IA . -13.70 -11.04 -10.40
C1 GOL JA . -6.27 -16.95 -17.82
O1 GOL JA . -7.61 -16.66 -17.38
C2 GOL JA . -6.11 -16.67 -19.31
O2 GOL JA . -6.77 -17.71 -20.05
C3 GOL JA . -6.68 -15.31 -19.66
O3 GOL JA . -6.30 -14.33 -18.68
C1 GOL KA . -13.27 -6.49 -27.48
O1 GOL KA . -14.14 -7.59 -27.22
C2 GOL KA . -11.92 -6.93 -28.00
O2 GOL KA . -11.28 -5.78 -28.59
C3 GOL KA . -11.06 -7.49 -26.86
O3 GOL KA . -10.03 -8.34 -27.37
C ACE LA . 42.85 50.79 38.40
O ACE LA . 43.98 50.65 37.95
CH3 ACE LA . 42.45 49.97 39.60
C1 GOL MA . 47.75 34.30 15.48
O1 GOL MA . 47.03 33.08 15.67
C2 GOL MA . 47.02 35.32 16.32
O2 GOL MA . 45.76 35.54 15.68
C3 GOL MA . 46.83 34.73 17.69
O3 GOL MA . 46.39 35.73 18.62
C1 GOL NA . 32.11 12.50 15.76
O1 GOL NA . 32.11 12.90 14.39
C2 GOL NA . 33.08 13.36 16.54
O2 GOL NA . 34.07 13.93 15.65
C3 GOL NA . 32.31 14.47 17.22
O3 GOL NA . 33.19 15.47 17.70
C1 GOL OA . 41.72 15.11 16.65
O1 GOL OA . 40.87 14.99 15.51
C2 GOL OA . 43.18 15.15 16.23
O2 GOL OA . 43.48 16.48 15.79
C3 GOL OA . 44.09 14.73 17.38
O3 GOL OA . 44.30 15.82 18.29
C1 GOL PA . -39.31 -44.81 -30.42
O1 GOL PA . -38.39 -45.56 -31.24
C2 GOL PA . -39.10 -43.31 -30.52
O2 GOL PA . -40.39 -42.73 -30.69
C3 GOL PA . -38.45 -42.70 -29.27
O3 GOL PA . -37.25 -43.34 -28.88
C1 GOL QA . -37.35 8.63 -34.06
O1 GOL QA . -37.62 7.47 -33.27
C2 GOL QA . -36.22 8.36 -35.04
O2 GOL QA . -35.78 9.61 -35.59
C3 GOL QA . -35.06 7.65 -34.34
O3 GOL QA . -33.81 8.03 -34.96
C ACE RA . -46.34 3.62 -35.02
O ACE RA . -45.80 3.41 -36.10
CH3 ACE RA . -46.83 2.45 -34.20
#